data_6JQN
#
_entry.id   6JQN
#
_cell.length_a   1.0
_cell.length_b   1.0
_cell.length_c   1.0
_cell.angle_alpha   90.00
_cell.angle_beta   90.00
_cell.angle_gamma   90.00
#
_symmetry.space_group_name_H-M   'P 1'
#
loop_
_entity.id
_entity.type
_entity.pdbx_description
1 polymer 'Bifunctional protein PaaZ'
2 non-polymer 'NADP NICOTINAMIDE-ADENINE-DINUCLEOTIDE PHOSPHATE'
3 non-polymer 'OCTANOYL-COENZYME A'
#
_entity_poly.entity_id   1
_entity_poly.type   'polypeptide(L)'
_entity_poly.pdbx_seq_one_letter_code
;MGHHHHHHQQLASFLSGTWQSGRGRSRLIHHAISGEALWEVTSEGLDMAAARQFAIEKGAPALRAMTFIERAAMLKAVAK
HLLSEKERFYALSAQTGATRADSWVDIEGGIGTLFTYASLGSRELPDDTLWPEDELIPLSKEGGFAARHLLTSKSGVAVH
INAFNFPCWGMLEKLAPTWLGGMPAIIKPATATAQLTQAMVKSIVDSGLVPEGAISLICGSAGDLLDHLDSQDVVTFTGS
AATGQMLRVQPNIVAKSIPFTMEADSLNCCVLGEDVTPDQPEFALFIREVVREMTTKAGQKCTAIRRIIVPQALVNAVSD
ALVARLQKVVVGDPAQEGVKMGALVNAEQRADVQEKVNILLAAGCEIRLGGQADLSAAGAFFPPTLLYCPQPDETPAVHA
TEAFGPVATLMPAQNQRHALQLACAGGGSLAGTLVTADPQIARQFIADAARTHGRIQILNEESAKESTGHGSPLPQLVHG
GPGRAGGGEELGGLRAVKHYMQRTAVQGSPTMLAAISKQWVRGAKVEEDRIHPFRKYFEELQPGDSLLTPRRTMTEADIV
NFACLSGDHFYAHMDKIAAAESIFGERVVHGYFVLSAAAGLFVDAGVGPVIANYGLESLRFIEPVKPGDTIQVRLTCKRK
TLKKQRSAEEKPTGVVEWAVEVFNQHQTPVALYSILTLVARQHGDFVD
;
_entity_poly.pdbx_strand_id   A,B,C,D,E,F
#
# COMPACT_ATOMS: atom_id res chain seq x y z
N GLN A 9 -83.31 14.77 14.30
CA GLN A 9 -82.10 15.44 14.76
C GLN A 9 -81.21 15.81 13.58
N GLN A 10 -80.79 17.07 13.51
CA GLN A 10 -80.02 17.56 12.38
C GLN A 10 -78.60 17.02 12.42
N LEU A 11 -78.10 16.60 11.25
CA LEU A 11 -76.71 16.22 11.06
C LEU A 11 -76.10 17.32 10.19
N ALA A 12 -75.23 18.11 10.80
CA ALA A 12 -74.89 19.44 10.29
C ALA A 12 -73.82 19.37 9.21
N SER A 13 -74.13 19.87 8.02
CA SER A 13 -73.14 20.04 6.99
C SER A 13 -72.19 21.19 7.35
N PHE A 14 -70.98 21.13 6.82
CA PHE A 14 -69.93 22.10 7.12
C PHE A 14 -69.55 22.81 5.83
N LEU A 15 -70.13 23.99 5.60
CA LEU A 15 -69.86 24.78 4.42
C LEU A 15 -69.46 26.19 4.81
N SER A 16 -68.43 26.71 4.12
CA SER A 16 -67.92 28.08 4.27
C SER A 16 -67.46 28.37 5.70
N GLY A 17 -66.98 27.35 6.41
CA GLY A 17 -66.50 27.51 7.75
C GLY A 17 -67.55 27.45 8.84
N THR A 18 -68.83 27.33 8.48
CA THR A 18 -69.92 27.37 9.43
C THR A 18 -70.72 26.07 9.34
N TRP A 19 -71.00 25.46 10.49
CA TRP A 19 -71.72 24.20 10.56
C TRP A 19 -73.21 24.45 10.29
N GLN A 20 -73.54 24.51 9.00
CA GLN A 20 -74.90 24.84 8.58
C GLN A 20 -75.77 23.60 8.58
N SER A 21 -77.01 23.76 8.12
CA SER A 21 -77.97 22.65 8.06
C SER A 21 -79.02 22.97 7.01
N GLY A 22 -79.49 21.95 6.32
CA GLY A 22 -80.40 22.14 5.21
C GLY A 22 -81.83 22.41 5.64
N ARG A 23 -82.64 22.83 4.67
CA ARG A 23 -84.06 23.16 4.89
C ARG A 23 -84.85 22.57 3.72
N GLY A 24 -85.35 21.35 3.89
CA GLY A 24 -86.13 20.75 2.83
C GLY A 24 -86.59 19.36 3.23
N ARG A 25 -86.97 18.59 2.21
CA ARG A 25 -87.37 17.20 2.39
C ARG A 25 -86.15 16.38 2.82
N SER A 26 -86.17 15.89 4.05
CA SER A 26 -84.99 15.34 4.70
C SER A 26 -85.05 13.82 4.71
N ARG A 27 -83.98 13.19 4.24
CA ARG A 27 -83.78 11.76 4.45
C ARG A 27 -83.26 11.52 5.86
N LEU A 28 -83.49 10.31 6.36
CA LEU A 28 -83.19 9.98 7.75
C LEU A 28 -82.35 8.73 7.84
N ILE A 29 -81.50 8.69 8.86
CA ILE A 29 -80.54 7.61 9.06
C ILE A 29 -81.13 6.63 10.05
N HIS A 30 -81.46 5.44 9.58
CA HIS A 30 -81.86 4.36 10.48
C HIS A 30 -80.67 3.83 11.25
N HIS A 31 -80.91 3.43 12.49
CA HIS A 31 -79.90 2.67 13.21
C HIS A 31 -79.86 1.26 12.62
N ALA A 32 -78.66 0.70 12.54
CA ALA A 32 -78.52 -0.56 11.81
C ALA A 32 -78.96 -1.76 12.64
N ILE A 33 -78.54 -1.83 13.90
CA ILE A 33 -78.75 -3.03 14.69
C ILE A 33 -80.09 -3.01 15.41
N SER A 34 -80.74 -1.86 15.50
CA SER A 34 -81.97 -1.72 16.27
C SER A 34 -83.14 -1.19 15.45
N GLY A 35 -82.90 -0.27 14.52
CA GLY A 35 -83.90 0.10 13.53
C GLY A 35 -84.51 1.47 13.68
N GLU A 36 -84.19 2.21 14.74
CA GLU A 36 -84.79 3.52 14.90
C GLU A 36 -84.02 4.57 14.11
N ALA A 37 -84.65 5.73 13.95
CA ALA A 37 -84.03 6.87 13.29
C ALA A 37 -83.47 7.80 14.37
N LEU A 38 -82.15 7.90 14.43
CA LEU A 38 -81.50 8.78 15.39
C LEU A 38 -80.69 9.88 14.73
N TRP A 39 -80.77 9.99 13.40
CA TRP A 39 -80.37 11.19 12.69
C TRP A 39 -81.32 11.41 11.52
N GLU A 40 -81.25 12.60 10.94
CA GLU A 40 -81.89 12.91 9.68
C GLU A 40 -81.07 13.96 8.95
N VAL A 41 -80.91 13.77 7.65
CA VAL A 41 -79.97 14.56 6.86
C VAL A 41 -80.72 15.40 5.85
N THR A 42 -80.18 16.59 5.60
CA THR A 42 -80.74 17.53 4.62
C THR A 42 -79.66 18.52 4.24
N SER A 43 -79.72 19.00 3.00
CA SER A 43 -78.78 20.00 2.53
C SER A 43 -79.45 21.02 1.61
N GLU A 44 -80.79 21.07 1.59
CA GLU A 44 -81.49 22.00 0.72
C GLU A 44 -81.37 23.43 1.25
N GLY A 45 -81.16 24.37 0.33
CA GLY A 45 -80.98 25.76 0.69
C GLY A 45 -79.55 26.16 0.96
N LEU A 46 -78.63 25.21 1.07
CA LEU A 46 -77.23 25.53 1.32
C LEU A 46 -76.58 26.04 0.05
N ASP A 47 -75.95 27.21 0.13
CA ASP A 47 -75.34 27.85 -1.03
C ASP A 47 -74.05 27.11 -1.35
N MET A 48 -74.08 26.32 -2.43
CA MET A 48 -72.89 25.55 -2.81
C MET A 48 -71.88 26.39 -3.56
N ALA A 49 -72.36 27.40 -4.31
CA ALA A 49 -71.46 28.32 -4.98
C ALA A 49 -70.62 29.10 -3.99
N ALA A 50 -71.22 29.51 -2.87
CA ALA A 50 -70.47 30.18 -1.82
C ALA A 50 -69.48 29.24 -1.14
N ALA A 51 -69.81 27.95 -1.08
CA ALA A 51 -68.90 26.97 -0.49
C ALA A 51 -67.66 26.79 -1.37
N ARG A 52 -67.87 26.60 -2.67
CA ARG A 52 -66.74 26.49 -3.60
C ARG A 52 -65.95 27.79 -3.67
N GLN A 53 -66.65 28.94 -3.57
CA GLN A 53 -66.01 30.25 -3.52
C GLN A 53 -65.10 30.39 -2.31
N PHE A 54 -65.60 30.04 -1.13
CA PHE A 54 -64.80 30.12 0.09
C PHE A 54 -63.63 29.14 0.05
N ALA A 55 -63.84 27.96 -0.53
CA ALA A 55 -62.77 26.97 -0.61
C ALA A 55 -61.65 27.45 -1.53
N ILE A 56 -61.99 27.92 -2.73
CA ILE A 56 -60.99 28.33 -3.71
C ILE A 56 -60.26 29.60 -3.27
N GLU A 57 -60.97 30.59 -2.72
CA GLU A 57 -60.31 31.81 -2.33
C GLU A 57 -59.88 31.85 -0.86
N LYS A 58 -60.03 30.75 -0.12
CA LYS A 58 -59.49 30.72 1.23
C LYS A 58 -58.49 29.59 1.45
N GLY A 59 -58.88 28.35 1.17
CA GLY A 59 -58.10 27.22 1.60
C GLY A 59 -57.16 26.72 0.53
N ALA A 60 -57.51 26.98 -0.73
CA ALA A 60 -56.61 26.65 -1.83
C ALA A 60 -55.31 27.45 -1.80
N PRO A 61 -55.28 28.79 -1.61
CA PRO A 61 -53.96 29.44 -1.52
C PRO A 61 -53.23 29.12 -0.24
N ALA A 62 -53.95 28.82 0.84
CA ALA A 62 -53.29 28.45 2.09
C ALA A 62 -52.64 27.09 2.01
N LEU A 63 -53.24 26.15 1.27
CA LEU A 63 -52.59 24.88 1.03
C LEU A 63 -51.46 25.00 0.02
N ARG A 64 -51.67 25.76 -1.04
CA ARG A 64 -50.65 25.90 -2.08
C ARG A 64 -49.45 26.72 -1.62
N ALA A 65 -49.60 27.54 -0.58
CA ALA A 65 -48.44 28.26 -0.05
C ALA A 65 -47.54 27.38 0.80
N MET A 66 -48.04 26.22 1.24
CA MET A 66 -47.19 25.30 1.97
C MET A 66 -46.29 24.55 1.01
N THR A 67 -45.18 24.05 1.55
CA THR A 67 -44.39 23.07 0.81
C THR A 67 -45.02 21.70 0.96
N PHE A 68 -44.49 20.73 0.22
CA PHE A 68 -45.00 19.37 0.34
C PHE A 68 -44.62 18.74 1.67
N ILE A 69 -43.46 19.11 2.22
CA ILE A 69 -43.03 18.61 3.51
C ILE A 69 -43.92 19.13 4.62
N GLU A 70 -44.35 20.39 4.51
CA GLU A 70 -45.28 20.95 5.49
C GLU A 70 -46.65 20.29 5.39
N ARG A 71 -47.07 19.94 4.17
CA ARG A 71 -48.36 19.28 4.04
C ARG A 71 -48.30 17.83 4.52
N ALA A 72 -47.16 17.17 4.36
CA ALA A 72 -47.00 15.83 4.92
C ALA A 72 -46.95 15.87 6.45
N ALA A 73 -46.30 16.88 7.02
CA ALA A 73 -46.30 17.04 8.46
C ALA A 73 -47.69 17.40 8.99
N MET A 74 -48.48 18.14 8.20
CA MET A 74 -49.87 18.40 8.58
C MET A 74 -50.70 17.13 8.54
N LEU A 75 -50.45 16.25 7.56
CA LEU A 75 -51.16 14.98 7.53
C LEU A 75 -50.80 14.11 8.72
N LYS A 76 -49.51 14.11 9.12
CA LYS A 76 -49.10 13.36 10.29
C LYS A 76 -49.70 13.94 11.57
N ALA A 77 -49.84 15.27 11.64
CA ALA A 77 -50.44 15.90 12.82
C ALA A 77 -51.93 15.58 12.92
N VAL A 78 -52.64 15.63 11.80
CA VAL A 78 -54.06 15.26 11.81
C VAL A 78 -54.23 13.76 12.08
N ALA A 79 -53.27 12.94 11.64
CA ALA A 79 -53.33 11.51 11.95
C ALA A 79 -53.14 11.24 13.44
N LYS A 80 -52.18 11.92 14.07
CA LYS A 80 -51.99 11.75 15.52
C LYS A 80 -53.10 12.40 16.34
N HIS A 81 -53.78 13.41 15.80
CA HIS A 81 -54.94 13.97 16.47
C HIS A 81 -56.16 13.06 16.35
N LEU A 82 -56.32 12.40 15.21
CA LEU A 82 -57.41 11.44 15.01
C LEU A 82 -57.16 10.12 15.72
N LEU A 83 -55.90 9.78 15.99
CA LEU A 83 -55.60 8.56 16.71
C LEU A 83 -55.84 8.71 18.20
N SER A 84 -55.72 9.93 18.73
CA SER A 84 -55.85 10.15 20.17
C SER A 84 -57.29 10.13 20.64
N GLU A 85 -58.27 10.18 19.73
CA GLU A 85 -59.67 10.20 20.10
C GLU A 85 -60.48 9.25 19.23
N LYS A 86 -59.92 8.05 18.99
CA LYS A 86 -60.57 7.06 18.16
C LYS A 86 -61.76 6.38 18.83
N GLU A 87 -61.92 6.55 20.15
CA GLU A 87 -62.96 5.80 20.86
C GLU A 87 -64.36 6.32 20.54
N ARG A 88 -64.51 7.62 20.36
CA ARG A 88 -65.78 8.14 19.85
C ARG A 88 -66.02 7.73 18.40
N PHE A 89 -64.95 7.46 17.65
CA PHE A 89 -65.12 6.95 16.29
C PHE A 89 -65.63 5.51 16.31
N TYR A 90 -65.15 4.70 17.27
CA TYR A 90 -65.71 3.36 17.44
C TYR A 90 -67.15 3.42 17.92
N ALA A 91 -67.47 4.38 18.80
CA ALA A 91 -68.84 4.53 19.29
C ALA A 91 -69.79 4.95 18.16
N LEU A 92 -69.33 5.81 17.26
CA LEU A 92 -70.16 6.20 16.12
C LEU A 92 -70.21 5.10 15.06
N SER A 93 -69.15 4.30 14.92
CA SER A 93 -69.13 3.26 13.91
C SER A 93 -69.87 2.01 14.34
N ALA A 94 -70.13 1.84 15.64
CA ALA A 94 -70.99 0.75 16.10
C ALA A 94 -72.44 0.95 15.67
N GLN A 95 -72.83 2.18 15.32
CA GLN A 95 -74.18 2.44 14.85
C GLN A 95 -74.41 1.92 13.43
N THR A 96 -73.35 1.61 12.70
CA THR A 96 -73.45 1.09 11.34
C THR A 96 -73.57 -0.42 11.29
N GLY A 97 -73.81 -1.07 12.43
CA GLY A 97 -73.94 -2.50 12.49
C GLY A 97 -72.64 -3.28 12.43
N ALA A 98 -71.51 -2.59 12.35
CA ALA A 98 -70.22 -3.26 12.24
C ALA A 98 -69.76 -3.76 13.61
N THR A 99 -68.92 -4.78 13.59
CA THR A 99 -68.37 -5.34 14.82
C THR A 99 -67.18 -4.49 15.26
N ARG A 100 -66.49 -4.94 16.31
CA ARG A 100 -65.30 -4.21 16.74
C ARG A 100 -64.14 -4.42 15.78
N ALA A 101 -64.04 -5.61 15.17
CA ALA A 101 -62.98 -5.87 14.20
C ALA A 101 -63.21 -5.11 12.91
N ASP A 102 -64.47 -5.04 12.47
CA ASP A 102 -64.81 -4.33 11.24
C ASP A 102 -64.60 -2.82 11.40
N SER A 103 -65.04 -2.27 12.53
CA SER A 103 -64.79 -0.87 12.82
C SER A 103 -63.30 -0.59 13.04
N TRP A 104 -62.56 -1.57 13.56
CA TRP A 104 -61.12 -1.41 13.69
C TRP A 104 -60.46 -1.30 12.32
N VAL A 105 -60.87 -2.17 11.39
CA VAL A 105 -60.38 -2.11 10.01
C VAL A 105 -60.69 -0.76 9.39
N ASP A 106 -61.92 -0.29 9.53
CA ASP A 106 -62.33 1.00 8.97
C ASP A 106 -61.54 2.17 9.55
N ILE A 107 -61.58 2.35 10.88
CA ILE A 107 -60.96 3.51 11.52
C ILE A 107 -59.44 3.47 11.39
N GLU A 108 -58.83 2.34 11.73
CA GLU A 108 -57.39 2.28 11.72
C GLU A 108 -56.80 2.17 10.31
N GLY A 109 -57.55 1.66 9.33
CA GLY A 109 -57.08 1.77 7.96
C GLY A 109 -57.17 3.18 7.44
N GLY A 110 -58.23 3.91 7.81
CA GLY A 110 -58.32 5.32 7.45
C GLY A 110 -57.24 6.17 8.06
N ILE A 111 -56.81 5.85 9.28
CA ILE A 111 -55.74 6.64 9.90
C ILE A 111 -54.36 6.15 9.44
N GLY A 112 -54.23 4.85 9.13
CA GLY A 112 -52.97 4.36 8.60
C GLY A 112 -52.68 4.83 7.19
N THR A 113 -53.74 5.13 6.43
CA THR A 113 -53.55 5.83 5.15
C THR A 113 -52.95 7.21 5.36
N LEU A 114 -53.40 7.91 6.41
CA LEU A 114 -52.83 9.22 6.74
C LEU A 114 -51.37 9.13 7.16
N PHE A 115 -51.03 8.13 7.98
CA PHE A 115 -49.63 7.96 8.34
C PHE A 115 -48.77 7.53 7.15
N THR A 116 -49.33 6.72 6.25
CA THR A 116 -48.59 6.29 5.07
C THR A 116 -48.33 7.46 4.11
N TYR A 117 -49.34 8.28 3.85
CA TYR A 117 -49.12 9.45 3.01
C TYR A 117 -48.24 10.49 3.68
N ALA A 118 -48.24 10.58 5.01
CA ALA A 118 -47.29 11.44 5.69
C ALA A 118 -45.86 10.94 5.49
N SER A 119 -45.65 9.62 5.59
CA SER A 119 -44.32 9.06 5.38
C SER A 119 -43.85 9.22 3.94
N LEU A 120 -44.75 8.99 2.97
CA LEU A 120 -44.38 9.12 1.56
C LEU A 120 -44.12 10.57 1.17
N GLY A 121 -44.97 11.50 1.63
CA GLY A 121 -44.72 12.89 1.34
C GLY A 121 -43.56 13.49 2.10
N SER A 122 -43.13 12.87 3.19
CA SER A 122 -41.93 13.34 3.85
C SER A 122 -40.68 12.74 3.24
N ARG A 123 -40.74 11.53 2.69
CA ARG A 123 -39.55 10.90 2.16
C ARG A 123 -39.29 11.21 0.69
N GLU A 124 -40.32 11.35 -0.13
CA GLU A 124 -40.11 11.43 -1.58
C GLU A 124 -40.71 12.67 -2.23
N LEU A 125 -41.10 13.68 -1.46
CA LEU A 125 -41.62 14.92 -2.00
C LEU A 125 -40.70 16.08 -1.65
N PRO A 126 -40.54 17.07 -2.53
CA PRO A 126 -39.50 18.07 -2.34
C PRO A 126 -39.89 19.11 -1.29
N ASP A 127 -38.88 19.88 -0.89
CA ASP A 127 -39.07 21.01 0.02
C ASP A 127 -39.39 22.25 -0.83
N ASP A 128 -40.56 22.20 -1.46
CA ASP A 128 -40.88 23.14 -2.52
C ASP A 128 -42.39 23.17 -2.67
N THR A 129 -42.87 24.22 -3.34
CA THR A 129 -44.27 24.30 -3.74
C THR A 129 -44.52 23.42 -4.97
N LEU A 130 -43.55 23.34 -5.87
CA LEU A 130 -43.64 22.59 -7.10
C LEU A 130 -42.93 21.25 -6.96
N TRP A 131 -43.10 20.41 -7.98
CA TRP A 131 -42.47 19.10 -7.92
C TRP A 131 -42.08 18.60 -9.31
N PRO A 132 -40.77 18.57 -9.61
CA PRO A 132 -40.29 17.97 -10.86
C PRO A 132 -40.16 16.47 -10.72
N GLU A 133 -40.95 15.74 -11.51
CA GLU A 133 -40.93 14.29 -11.39
C GLU A 133 -39.87 13.63 -12.27
N ASP A 134 -39.41 14.31 -13.31
CA ASP A 134 -38.37 13.75 -14.16
C ASP A 134 -37.00 14.12 -13.62
N GLU A 135 -35.97 13.54 -14.23
CA GLU A 135 -34.61 13.99 -13.97
C GLU A 135 -34.31 15.20 -14.85
N LEU A 136 -34.23 14.98 -16.17
CA LEU A 136 -34.01 15.98 -17.20
C LEU A 136 -34.13 15.31 -18.55
N ILE A 137 -34.67 16.02 -19.53
CA ILE A 137 -34.79 15.54 -20.90
C ILE A 137 -33.96 16.46 -21.79
N PRO A 138 -32.74 16.07 -22.14
CA PRO A 138 -31.92 16.93 -23.01
C PRO A 138 -32.39 16.93 -24.45
N LEU A 139 -32.87 18.08 -24.90
CA LEU A 139 -33.50 18.20 -26.21
C LEU A 139 -32.60 18.85 -27.25
N SER A 140 -31.31 19.01 -26.96
CA SER A 140 -30.43 19.70 -27.88
C SER A 140 -29.04 19.11 -27.80
N LYS A 141 -28.29 19.26 -28.88
CA LYS A 141 -26.94 18.70 -28.95
C LYS A 141 -25.97 19.52 -28.12
N GLU A 142 -26.09 20.84 -28.15
CA GLU A 142 -25.20 21.68 -27.36
C GLU A 142 -25.55 21.61 -25.88
N GLY A 143 -26.83 21.53 -25.57
CA GLY A 143 -27.28 21.48 -24.19
C GLY A 143 -27.86 22.76 -23.66
N GLY A 144 -28.16 23.73 -24.52
CA GLY A 144 -28.76 24.98 -24.10
C GLY A 144 -30.26 25.00 -24.14
N PHE A 145 -30.90 23.90 -24.55
CA PHE A 145 -32.34 23.78 -24.58
C PHE A 145 -32.73 22.41 -24.08
N ALA A 146 -33.42 22.35 -22.96
CA ALA A 146 -33.87 21.10 -22.39
C ALA A 146 -35.30 21.30 -21.90
N ALA A 147 -35.83 20.28 -21.23
CA ALA A 147 -37.15 20.36 -20.65
C ALA A 147 -37.25 19.35 -19.53
N ARG A 148 -38.14 19.62 -18.58
CA ARG A 148 -38.45 18.65 -17.56
C ARG A 148 -39.90 18.83 -17.15
N HIS A 149 -40.48 17.77 -16.61
CA HIS A 149 -41.90 17.75 -16.28
C HIS A 149 -42.12 18.22 -14.85
N LEU A 150 -42.83 19.32 -14.71
CA LEU A 150 -43.22 19.87 -13.42
C LEU A 150 -44.63 19.40 -13.08
N LEU A 151 -44.88 19.16 -11.80
CA LEU A 151 -46.20 18.86 -11.30
C LEU A 151 -46.62 19.97 -10.35
N THR A 152 -47.19 21.04 -10.91
CA THR A 152 -47.84 22.03 -10.06
C THR A 152 -49.20 21.49 -9.65
N SER A 153 -49.74 22.07 -8.59
CA SER A 153 -51.02 21.64 -8.05
C SER A 153 -52.16 22.18 -8.90
N LYS A 154 -53.39 22.09 -8.41
CA LYS A 154 -54.52 22.70 -9.08
C LYS A 154 -55.17 23.73 -8.16
N SER A 155 -55.64 24.83 -8.75
CA SER A 155 -56.20 25.94 -8.01
C SER A 155 -57.71 25.83 -7.84
N GLY A 156 -58.24 24.61 -7.80
CA GLY A 156 -59.66 24.42 -7.60
C GLY A 156 -59.95 23.53 -6.42
N VAL A 157 -61.07 22.82 -6.44
CA VAL A 157 -61.48 21.95 -5.34
C VAL A 157 -61.57 20.52 -5.83
N ALA A 158 -61.62 19.60 -4.88
CA ALA A 158 -61.81 18.18 -5.16
C ALA A 158 -63.14 17.76 -4.53
N VAL A 159 -64.10 17.40 -5.36
CA VAL A 159 -65.39 16.93 -4.89
C VAL A 159 -65.32 15.42 -4.74
N HIS A 160 -65.50 14.92 -3.52
CA HIS A 160 -65.43 13.49 -3.23
C HIS A 160 -66.82 13.00 -2.89
N ILE A 161 -67.32 12.04 -3.66
CA ILE A 161 -68.66 11.51 -3.52
C ILE A 161 -68.50 10.04 -3.13
N ASN A 162 -68.67 9.75 -1.84
CA ASN A 162 -68.27 8.49 -1.25
C ASN A 162 -69.46 7.55 -1.07
N ALA A 163 -69.15 6.26 -0.92
CA ALA A 163 -70.16 5.25 -0.65
C ALA A 163 -70.40 5.17 0.85
N PHE A 164 -71.28 4.25 1.26
CA PHE A 164 -71.66 4.15 2.67
C PHE A 164 -70.79 3.18 3.47
N ASN A 165 -69.88 2.47 2.82
CA ASN A 165 -69.25 1.32 3.44
C ASN A 165 -68.16 1.72 4.43
N PHE A 166 -67.26 2.59 3.99
CA PHE A 166 -66.15 3.05 4.79
C PHE A 166 -66.32 4.55 4.96
N PRO A 167 -67.00 4.99 6.03
CA PRO A 167 -67.20 6.43 6.21
C PRO A 167 -65.93 7.14 6.61
N CYS A 168 -65.18 6.54 7.55
CA CYS A 168 -63.85 7.04 7.88
C CYS A 168 -62.88 6.80 6.75
N TRP A 169 -62.69 5.53 6.37
CA TRP A 169 -61.63 5.16 5.43
C TRP A 169 -61.88 5.72 4.04
N GLY A 170 -63.07 5.50 3.48
CA GLY A 170 -63.34 5.89 2.11
C GLY A 170 -63.36 7.39 1.89
N MET A 171 -63.51 8.16 2.95
CA MET A 171 -63.28 9.60 2.89
C MET A 171 -61.80 9.92 3.08
N LEU A 172 -61.15 9.23 4.00
CA LEU A 172 -59.87 9.67 4.51
C LEU A 172 -58.71 9.11 3.71
N GLU A 173 -58.96 8.21 2.76
CA GLU A 173 -57.99 7.82 1.75
C GLU A 173 -58.11 8.65 0.47
N LYS A 174 -59.15 9.46 0.35
CA LYS A 174 -59.22 10.48 -0.69
C LYS A 174 -58.75 11.83 -0.18
N LEU A 175 -58.95 12.09 1.11
CA LEU A 175 -58.57 13.37 1.69
C LEU A 175 -57.07 13.52 1.83
N ALA A 176 -56.34 12.43 1.97
CA ALA A 176 -54.89 12.52 2.12
C ALA A 176 -54.14 12.81 0.80
N PRO A 177 -54.45 12.18 -0.35
CA PRO A 177 -53.78 12.64 -1.58
C PRO A 177 -54.24 14.01 -2.03
N THR A 178 -55.48 14.39 -1.71
CA THR A 178 -55.98 15.71 -2.06
C THR A 178 -55.25 16.79 -1.28
N TRP A 179 -55.09 16.59 0.03
CA TRP A 179 -54.36 17.54 0.85
C TRP A 179 -52.87 17.52 0.55
N LEU A 180 -52.31 16.35 0.25
CA LEU A 180 -50.90 16.30 -0.09
C LEU A 180 -50.62 16.90 -1.46
N GLY A 181 -51.64 16.97 -2.31
CA GLY A 181 -51.57 17.68 -3.57
C GLY A 181 -52.03 19.12 -3.51
N GLY A 182 -52.30 19.65 -2.33
CA GLY A 182 -52.60 21.08 -2.17
C GLY A 182 -53.91 21.56 -2.75
N MET A 183 -54.98 20.81 -2.54
CA MET A 183 -56.32 21.22 -2.95
C MET A 183 -57.28 21.06 -1.79
N PRO A 184 -58.26 21.93 -1.65
CA PRO A 184 -59.30 21.73 -0.65
C PRO A 184 -60.35 20.74 -1.16
N ALA A 185 -60.90 19.97 -0.22
CA ALA A 185 -61.84 18.91 -0.54
C ALA A 185 -63.23 19.26 -0.04
N ILE A 186 -64.23 18.89 -0.82
CA ILE A 186 -65.63 19.03 -0.43
C ILE A 186 -66.21 17.62 -0.46
N ILE A 187 -66.24 16.97 0.70
CA ILE A 187 -66.66 15.58 0.79
C ILE A 187 -68.18 15.52 0.83
N LYS A 188 -68.77 14.74 -0.08
CA LYS A 188 -70.19 14.40 -0.03
C LYS A 188 -70.28 12.95 0.40
N PRO A 189 -70.44 12.67 1.69
CA PRO A 189 -70.58 11.28 2.13
C PRO A 189 -71.97 10.76 1.80
N ALA A 190 -72.08 9.44 1.81
CA ALA A 190 -73.38 8.82 1.61
C ALA A 190 -74.27 9.11 2.81
N THR A 191 -75.55 9.38 2.53
CA THR A 191 -76.48 9.80 3.57
C THR A 191 -76.79 8.68 4.56
N ALA A 192 -76.61 7.43 4.16
CA ALA A 192 -76.92 6.29 5.02
C ALA A 192 -75.96 6.14 6.20
N THR A 193 -74.82 6.81 6.20
CA THR A 193 -73.86 6.63 7.29
C THR A 193 -73.12 7.90 7.70
N ALA A 194 -73.57 9.08 7.27
CA ALA A 194 -72.80 10.33 7.36
C ALA A 194 -72.50 10.81 8.78
N GLN A 195 -73.00 10.15 9.83
CA GLN A 195 -72.71 10.58 11.19
C GLN A 195 -71.24 10.34 11.55
N LEU A 196 -70.66 9.22 11.11
CA LEU A 196 -69.25 8.97 11.35
C LEU A 196 -68.37 9.90 10.53
N THR A 197 -68.82 10.26 9.33
CA THR A 197 -68.08 11.22 8.51
C THR A 197 -68.10 12.61 9.13
N GLN A 198 -69.23 13.02 9.72
CA GLN A 198 -69.23 14.31 10.42
C GLN A 198 -68.40 14.24 11.69
N ALA A 199 -68.34 13.08 12.35
CA ALA A 199 -67.43 12.92 13.49
C ALA A 199 -65.98 13.13 13.07
N MET A 200 -65.60 12.57 11.91
CA MET A 200 -64.24 12.74 11.40
C MET A 200 -63.95 14.19 11.02
N VAL A 201 -64.88 14.82 10.29
CA VAL A 201 -64.69 16.19 9.83
C VAL A 201 -64.66 17.17 11.00
N LYS A 202 -65.51 16.93 12.02
CA LYS A 202 -65.50 17.76 13.22
C LYS A 202 -64.20 17.59 14.00
N SER A 203 -63.70 16.36 14.09
CA SER A 203 -62.42 16.13 14.77
C SER A 203 -61.26 16.78 14.01
N ILE A 204 -61.37 16.89 12.68
CA ILE A 204 -60.32 17.57 11.92
C ILE A 204 -60.41 19.08 12.09
N VAL A 205 -61.61 19.63 11.94
CA VAL A 205 -61.78 21.09 11.92
C VAL A 205 -61.56 21.68 13.31
N ASP A 206 -62.07 21.03 14.36
CA ASP A 206 -61.89 21.56 15.70
C ASP A 206 -60.56 21.10 16.30
N SER A 207 -59.46 21.32 15.58
CA SER A 207 -58.12 21.05 16.09
C SER A 207 -57.12 22.14 15.76
N GLY A 208 -57.43 23.05 14.83
CA GLY A 208 -56.50 24.09 14.45
C GLY A 208 -55.31 23.64 13.64
N LEU A 209 -55.32 22.41 13.13
CA LEU A 209 -54.18 21.86 12.41
C LEU A 209 -54.23 22.19 10.92
N VAL A 210 -55.40 22.05 10.30
CA VAL A 210 -55.56 22.35 8.88
C VAL A 210 -55.89 23.82 8.72
N PRO A 211 -55.64 24.43 7.56
CA PRO A 211 -56.11 25.79 7.33
C PRO A 211 -57.62 25.85 7.20
N GLU A 212 -58.15 27.05 7.35
CA GLU A 212 -59.57 27.26 7.15
C GLU A 212 -59.92 27.18 5.67
N GLY A 213 -61.06 26.58 5.37
CA GLY A 213 -61.45 26.38 3.99
C GLY A 213 -60.76 25.24 3.29
N ALA A 214 -59.99 24.42 3.99
CA ALA A 214 -59.29 23.29 3.39
C ALA A 214 -60.13 22.02 3.38
N ILE A 215 -61.29 22.02 4.01
CA ILE A 215 -62.18 20.86 4.00
C ILE A 215 -63.60 21.35 4.18
N SER A 216 -64.53 20.75 3.43
CA SER A 216 -65.95 21.00 3.57
C SER A 216 -66.66 19.66 3.77
N LEU A 217 -67.98 19.72 3.91
CA LEU A 217 -68.78 18.53 4.18
C LEU A 217 -70.23 18.87 3.85
N ILE A 218 -70.87 18.04 3.05
CA ILE A 218 -72.28 18.19 2.75
C ILE A 218 -72.99 16.89 3.12
N CYS A 219 -73.54 16.87 4.34
CA CYS A 219 -74.43 15.79 4.75
C CYS A 219 -75.76 15.97 4.04
N GLY A 220 -76.02 15.12 3.06
CA GLY A 220 -77.16 15.26 2.19
C GLY A 220 -76.73 15.38 0.74
N SER A 221 -77.67 15.77 -0.11
CA SER A 221 -77.41 15.85 -1.53
C SER A 221 -76.60 17.09 -1.87
N ALA A 222 -75.80 16.99 -2.93
CA ALA A 222 -75.06 18.15 -3.42
C ALA A 222 -75.97 19.10 -4.19
N GLY A 223 -76.70 18.58 -5.16
CA GLY A 223 -77.70 19.36 -5.87
C GLY A 223 -77.15 20.37 -6.84
N ASP A 224 -76.53 21.42 -6.32
CA ASP A 224 -76.05 22.54 -7.12
C ASP A 224 -74.55 22.72 -6.95
N LEU A 225 -73.82 21.61 -6.92
CA LEU A 225 -72.36 21.64 -6.80
C LEU A 225 -71.65 21.25 -8.07
N LEU A 226 -72.12 20.20 -8.76
CA LEU A 226 -71.49 19.79 -10.01
C LEU A 226 -71.78 20.75 -11.15
N ASP A 227 -72.78 21.62 -11.01
CA ASP A 227 -73.07 22.65 -11.99
C ASP A 227 -72.26 23.92 -11.78
N HIS A 228 -71.37 23.93 -10.79
CA HIS A 228 -70.58 25.11 -10.49
C HIS A 228 -69.08 24.90 -10.64
N LEU A 229 -68.64 23.71 -11.03
CA LEU A 229 -67.23 23.38 -11.00
C LEU A 229 -66.52 23.91 -12.24
N ASP A 230 -65.34 24.50 -12.01
CA ASP A 230 -64.50 25.02 -13.07
C ASP A 230 -63.56 23.90 -13.54
N SER A 231 -62.76 24.18 -14.57
CA SER A 231 -61.90 23.17 -15.16
C SER A 231 -60.71 22.79 -14.27
N GLN A 232 -60.41 23.60 -13.25
CA GLN A 232 -59.37 23.27 -12.28
C GLN A 232 -59.89 22.41 -11.14
N ASP A 233 -61.08 21.85 -11.27
CA ASP A 233 -61.69 21.00 -10.25
C ASP A 233 -61.61 19.55 -10.68
N VAL A 234 -61.54 18.66 -9.70
CA VAL A 234 -61.59 17.22 -9.96
C VAL A 234 -62.74 16.64 -9.15
N VAL A 235 -63.33 15.56 -9.66
CA VAL A 235 -64.40 14.86 -8.97
C VAL A 235 -63.99 13.40 -8.85
N THR A 236 -64.03 12.88 -7.62
CA THR A 236 -63.70 11.48 -7.36
C THR A 236 -64.94 10.80 -6.81
N PHE A 237 -65.46 9.82 -7.56
CA PHE A 237 -66.71 9.16 -7.22
C PHE A 237 -66.46 7.79 -6.62
N THR A 238 -67.33 7.38 -5.71
CA THR A 238 -67.30 6.04 -5.13
C THR A 238 -68.74 5.62 -4.85
N GLY A 239 -69.21 4.64 -5.61
CA GLY A 239 -70.57 4.18 -5.50
C GLY A 239 -70.85 3.08 -6.50
N SER A 240 -72.11 2.91 -6.90
CA SER A 240 -72.45 1.90 -7.87
C SER A 240 -72.23 2.44 -9.29
N ALA A 241 -72.21 1.51 -10.24
CA ALA A 241 -72.02 1.86 -11.65
C ALA A 241 -73.28 2.38 -12.31
N ALA A 242 -74.41 2.42 -11.61
CA ALA A 242 -75.61 3.03 -12.16
C ALA A 242 -75.64 4.53 -11.89
N THR A 243 -75.01 4.96 -10.80
CA THR A 243 -75.01 6.37 -10.42
C THR A 243 -73.89 7.13 -11.12
N GLY A 244 -72.68 6.56 -11.12
CA GLY A 244 -71.53 7.28 -11.65
C GLY A 244 -71.56 7.45 -13.15
N GLN A 245 -72.25 6.57 -13.86
CA GLN A 245 -72.39 6.74 -15.30
C GLN A 245 -73.40 7.83 -15.64
N MET A 246 -74.29 8.17 -14.70
CA MET A 246 -75.14 9.34 -14.87
C MET A 246 -74.44 10.61 -14.42
N LEU A 247 -73.53 10.49 -13.46
CA LEU A 247 -72.72 11.63 -13.06
C LEU A 247 -71.58 11.92 -14.03
N ARG A 248 -71.20 10.95 -14.86
CA ARG A 248 -70.17 11.22 -15.87
C ARG A 248 -70.71 12.04 -17.02
N VAL A 249 -71.99 11.86 -17.36
CA VAL A 249 -72.61 12.57 -18.48
C VAL A 249 -73.25 13.87 -17.99
N GLN A 250 -72.88 14.30 -16.79
CA GLN A 250 -73.32 15.59 -16.27
C GLN A 250 -72.74 16.68 -17.16
N PRO A 251 -73.55 17.67 -17.57
CA PRO A 251 -73.11 18.56 -18.66
C PRO A 251 -71.98 19.51 -18.31
N ASN A 252 -71.84 19.91 -17.06
CA ASN A 252 -70.71 20.77 -16.71
C ASN A 252 -69.41 19.99 -16.60
N ILE A 253 -69.51 18.72 -16.19
CA ILE A 253 -68.32 17.87 -16.08
C ILE A 253 -67.76 17.56 -17.46
N VAL A 254 -68.62 17.39 -18.47
CA VAL A 254 -68.11 17.18 -19.82
C VAL A 254 -67.85 18.49 -20.55
N ALA A 255 -68.49 19.59 -20.15
CA ALA A 255 -68.24 20.87 -20.81
C ALA A 255 -66.90 21.46 -20.40
N LYS A 256 -66.68 21.58 -19.09
CA LYS A 256 -65.39 22.08 -18.59
C LYS A 256 -64.30 21.03 -18.61
N SER A 257 -64.64 19.78 -18.94
CA SER A 257 -63.70 18.66 -19.13
C SER A 257 -62.88 18.39 -17.87
N ILE A 258 -63.58 18.24 -16.75
CA ILE A 258 -62.92 18.08 -15.47
C ILE A 258 -62.67 16.61 -15.24
N PRO A 259 -61.61 16.24 -14.52
CA PRO A 259 -61.33 14.82 -14.28
C PRO A 259 -62.34 14.14 -13.36
N PHE A 260 -63.14 13.24 -13.92
CA PHE A 260 -64.11 12.48 -13.15
C PHE A 260 -63.55 11.07 -12.97
N THR A 261 -62.95 10.83 -11.80
CA THR A 261 -62.35 9.54 -11.50
C THR A 261 -63.43 8.66 -10.90
N MET A 262 -64.14 7.93 -11.76
CA MET A 262 -65.20 7.04 -11.32
C MET A 262 -64.59 5.72 -10.86
N GLU A 263 -65.15 5.15 -9.81
CA GLU A 263 -64.67 3.87 -9.31
C GLU A 263 -65.82 3.14 -8.65
N ALA A 264 -66.25 2.03 -9.27
CA ALA A 264 -67.55 1.44 -8.98
C ALA A 264 -67.49 -0.02 -8.58
N ASP A 265 -68.64 -0.69 -8.58
CA ASP A 265 -68.76 -2.06 -8.11
C ASP A 265 -68.03 -3.04 -9.01
N SER A 266 -67.72 -4.21 -8.45
CA SER A 266 -66.95 -5.19 -9.20
C SER A 266 -67.26 -6.58 -8.65
N LEU A 267 -67.37 -7.55 -9.55
CA LEU A 267 -67.48 -8.95 -9.20
C LEU A 267 -66.07 -9.52 -9.09
N ASN A 268 -65.69 -9.93 -7.88
CA ASN A 268 -64.30 -10.20 -7.56
C ASN A 268 -64.08 -11.69 -7.56
N CYS A 269 -63.25 -12.17 -8.48
CA CYS A 269 -62.99 -13.60 -8.59
C CYS A 269 -62.11 -14.08 -7.45
N CYS A 270 -62.20 -15.37 -7.17
CA CYS A 270 -61.24 -16.03 -6.27
C CYS A 270 -61.02 -17.43 -6.82
N VAL A 271 -59.96 -17.59 -7.61
CA VAL A 271 -59.75 -18.80 -8.39
C VAL A 271 -58.91 -19.78 -7.59
N LEU A 272 -59.42 -20.98 -7.40
CA LEU A 272 -58.62 -22.08 -6.87
C LEU A 272 -57.91 -22.77 -8.03
N GLY A 273 -56.65 -23.13 -7.81
CA GLY A 273 -55.86 -23.72 -8.87
C GLY A 273 -55.95 -25.23 -8.90
N GLU A 274 -55.41 -25.79 -9.99
CA GLU A 274 -55.48 -27.23 -10.19
C GLU A 274 -54.54 -27.99 -9.27
N ASP A 275 -53.43 -27.38 -8.88
CA ASP A 275 -52.45 -28.06 -8.05
C ASP A 275 -52.91 -28.22 -6.60
N VAL A 276 -53.90 -27.46 -6.17
CA VAL A 276 -54.36 -27.51 -4.78
C VAL A 276 -55.32 -28.67 -4.63
N THR A 277 -54.99 -29.60 -3.74
CA THR A 277 -55.75 -30.75 -3.29
C THR A 277 -56.15 -30.55 -1.82
N PRO A 278 -57.27 -31.14 -1.37
CA PRO A 278 -57.77 -30.84 -0.01
C PRO A 278 -56.89 -31.31 1.15
N ASP A 279 -55.83 -32.09 0.89
CA ASP A 279 -54.90 -32.44 1.96
C ASP A 279 -53.92 -31.32 2.28
N GLN A 280 -53.69 -30.41 1.34
CA GLN A 280 -52.70 -29.37 1.49
C GLN A 280 -53.20 -28.29 2.46
N PRO A 281 -52.29 -27.48 3.02
CA PRO A 281 -52.73 -26.27 3.72
C PRO A 281 -53.33 -25.21 2.81
N GLU A 282 -53.05 -25.30 1.50
CA GLU A 282 -53.55 -24.32 0.54
C GLU A 282 -55.06 -24.34 0.45
N PHE A 283 -55.66 -25.53 0.53
CA PHE A 283 -57.11 -25.66 0.51
C PHE A 283 -57.73 -25.04 1.75
N ALA A 284 -57.11 -25.27 2.91
CA ALA A 284 -57.63 -24.72 4.17
C ALA A 284 -57.53 -23.21 4.20
N LEU A 285 -56.42 -22.65 3.71
CA LEU A 285 -56.33 -21.18 3.67
C LEU A 285 -57.18 -20.58 2.55
N PHE A 286 -57.47 -21.34 1.49
CA PHE A 286 -58.44 -20.90 0.49
C PHE A 286 -59.83 -20.74 1.10
N ILE A 287 -60.26 -21.77 1.83
CA ILE A 287 -61.57 -21.72 2.48
C ILE A 287 -61.61 -20.64 3.56
N ARG A 288 -60.52 -20.50 4.32
CA ARG A 288 -60.43 -19.47 5.35
C ARG A 288 -60.47 -18.08 4.75
N GLU A 289 -59.80 -17.88 3.62
CA GLU A 289 -59.77 -16.57 2.99
C GLU A 289 -61.12 -16.18 2.42
N VAL A 290 -61.80 -17.14 1.77
CA VAL A 290 -63.13 -16.86 1.22
C VAL A 290 -64.13 -16.59 2.34
N VAL A 291 -64.05 -17.34 3.44
CA VAL A 291 -64.99 -17.17 4.55
C VAL A 291 -64.73 -15.84 5.27
N ARG A 292 -63.47 -15.52 5.56
CA ARG A 292 -63.17 -14.26 6.25
C ARG A 292 -63.48 -13.06 5.37
N GLU A 293 -63.24 -13.18 4.07
CA GLU A 293 -63.52 -12.08 3.16
C GLU A 293 -65.01 -11.90 2.93
N MET A 294 -65.79 -12.98 3.02
CA MET A 294 -67.22 -12.84 2.84
C MET A 294 -67.92 -12.42 4.13
N THR A 295 -67.33 -12.68 5.29
CA THR A 295 -67.95 -12.30 6.56
C THR A 295 -67.43 -10.99 7.14
N THR A 296 -66.34 -10.43 6.60
CA THR A 296 -65.87 -9.14 7.11
C THR A 296 -66.78 -8.03 6.60
N LYS A 297 -67.22 -7.15 7.52
CA LYS A 297 -68.13 -6.03 7.28
C LYS A 297 -69.49 -6.52 6.74
N ALA A 298 -69.84 -7.77 7.10
CA ALA A 298 -71.02 -8.49 6.58
C ALA A 298 -71.05 -8.52 5.05
N GLY A 299 -69.86 -8.63 4.44
CA GLY A 299 -69.75 -8.63 3.00
C GLY A 299 -70.07 -7.30 2.34
N GLN A 300 -70.01 -6.20 3.08
CA GLN A 300 -70.29 -4.87 2.54
C GLN A 300 -69.02 -4.11 2.20
N LYS A 301 -68.02 -4.76 1.64
CA LYS A 301 -66.91 -4.05 1.04
C LYS A 301 -66.84 -4.37 -0.44
N CYS A 302 -66.31 -3.42 -1.20
CA CYS A 302 -66.21 -3.56 -2.65
C CYS A 302 -65.25 -4.67 -3.05
N THR A 303 -64.18 -4.85 -2.28
CA THR A 303 -63.16 -5.84 -2.53
C THR A 303 -63.46 -7.17 -1.85
N ALA A 304 -64.73 -7.51 -1.68
CA ALA A 304 -65.12 -8.80 -1.14
C ALA A 304 -65.29 -9.82 -2.25
N ILE A 305 -65.01 -11.07 -1.93
CA ILE A 305 -65.11 -12.16 -2.90
C ILE A 305 -66.57 -12.44 -3.19
N ARG A 306 -66.95 -12.31 -4.47
CA ARG A 306 -68.33 -12.54 -4.88
C ARG A 306 -68.48 -13.58 -5.96
N ARG A 307 -67.37 -14.10 -6.50
CA ARG A 307 -67.40 -15.24 -7.40
C ARG A 307 -66.25 -16.15 -7.01
N ILE A 308 -66.55 -17.42 -6.72
CA ILE A 308 -65.54 -18.40 -6.36
C ILE A 308 -65.42 -19.39 -7.51
N ILE A 309 -64.28 -19.38 -8.20
CA ILE A 309 -64.01 -20.28 -9.30
C ILE A 309 -63.19 -21.44 -8.76
N VAL A 310 -63.69 -22.67 -8.93
CA VAL A 310 -63.04 -23.86 -8.42
C VAL A 310 -62.86 -24.84 -9.55
N PRO A 311 -61.91 -25.77 -9.43
CA PRO A 311 -61.83 -26.87 -10.40
C PRO A 311 -63.04 -27.79 -10.30
N GLN A 312 -63.31 -28.48 -11.41
CA GLN A 312 -64.53 -29.27 -11.55
C GLN A 312 -64.55 -30.46 -10.60
N ALA A 313 -63.39 -31.10 -10.39
CA ALA A 313 -63.30 -32.26 -9.53
C ALA A 313 -63.29 -31.91 -8.04
N LEU A 314 -63.30 -30.63 -7.68
CA LEU A 314 -63.21 -30.21 -6.29
C LEU A 314 -64.41 -29.40 -5.82
N VAL A 315 -65.50 -29.37 -6.61
CA VAL A 315 -66.63 -28.52 -6.30
C VAL A 315 -67.34 -28.97 -5.04
N ASN A 316 -67.56 -30.29 -4.91
CA ASN A 316 -68.24 -30.82 -3.73
C ASN A 316 -67.39 -30.64 -2.47
N ALA A 317 -66.06 -30.76 -2.61
CA ALA A 317 -65.18 -30.57 -1.46
C ALA A 317 -65.15 -29.12 -1.02
N VAL A 318 -65.06 -28.18 -1.96
CA VAL A 318 -65.09 -26.76 -1.63
C VAL A 318 -66.44 -26.38 -1.03
N SER A 319 -67.53 -26.91 -1.59
CA SER A 319 -68.86 -26.57 -1.10
C SER A 319 -69.12 -27.13 0.29
N ASP A 320 -68.69 -28.37 0.55
CA ASP A 320 -68.82 -28.93 1.89
C ASP A 320 -67.93 -28.22 2.91
N ALA A 321 -66.72 -27.80 2.51
CA ALA A 321 -65.87 -27.04 3.42
C ALA A 321 -66.47 -25.68 3.73
N LEU A 322 -67.05 -25.01 2.73
CA LEU A 322 -67.64 -23.69 2.95
C LEU A 322 -68.92 -23.79 3.78
N VAL A 323 -69.70 -24.85 3.61
CA VAL A 323 -70.88 -25.04 4.45
C VAL A 323 -70.47 -25.36 5.88
N ALA A 324 -69.47 -26.23 6.05
CA ALA A 324 -69.01 -26.58 7.39
C ALA A 324 -68.32 -25.43 8.12
N ARG A 325 -67.76 -24.46 7.39
CA ARG A 325 -67.12 -23.33 8.04
C ARG A 325 -68.09 -22.17 8.27
N LEU A 326 -68.98 -21.91 7.31
CA LEU A 326 -69.86 -20.75 7.37
C LEU A 326 -71.05 -20.92 8.30
N GLN A 327 -71.40 -22.16 8.67
CA GLN A 327 -72.46 -22.34 9.66
C GLN A 327 -71.98 -22.02 11.07
N LYS A 328 -70.67 -21.93 11.28
CA LYS A 328 -70.12 -21.48 12.55
C LYS A 328 -70.19 -19.96 12.72
N VAL A 329 -70.54 -19.23 11.66
CA VAL A 329 -70.64 -17.78 11.72
C VAL A 329 -71.93 -17.41 12.43
N VAL A 330 -71.82 -16.65 13.51
CA VAL A 330 -72.97 -16.23 14.31
C VAL A 330 -73.30 -14.79 13.96
N VAL A 331 -74.48 -14.56 13.41
CA VAL A 331 -74.94 -13.23 13.02
C VAL A 331 -75.76 -12.66 14.17
N GLY A 332 -75.43 -11.44 14.59
CA GLY A 332 -76.18 -10.81 15.65
C GLY A 332 -75.68 -9.44 16.04
N ASP A 333 -75.94 -9.06 17.28
CA ASP A 333 -75.52 -7.75 17.77
C ASP A 333 -74.01 -7.73 17.99
N PRO A 334 -73.33 -6.65 17.62
CA PRO A 334 -71.86 -6.63 17.79
C PRO A 334 -71.42 -6.50 19.23
N ALA A 335 -72.20 -5.85 20.09
CA ALA A 335 -71.78 -5.65 21.47
C ALA A 335 -71.87 -6.92 22.31
N GLN A 336 -72.87 -7.76 22.05
CA GLN A 336 -72.98 -9.01 22.78
C GLN A 336 -71.92 -9.99 22.30
N GLU A 337 -71.60 -10.94 23.16
CA GLU A 337 -70.46 -11.83 22.95
C GLU A 337 -70.84 -13.01 22.07
N GLY A 338 -69.83 -13.60 21.44
CA GLY A 338 -70.02 -14.75 20.60
C GLY A 338 -70.64 -14.46 19.25
N VAL A 339 -70.47 -13.25 18.74
CA VAL A 339 -71.05 -12.82 17.47
C VAL A 339 -69.91 -12.45 16.53
N LYS A 340 -69.85 -13.12 15.38
CA LYS A 340 -68.79 -12.89 14.40
C LYS A 340 -69.19 -11.85 13.37
N MET A 341 -70.26 -12.14 12.61
CA MET A 341 -70.76 -11.21 11.61
C MET A 341 -71.72 -10.23 12.24
N GLY A 342 -71.55 -8.94 11.93
CA GLY A 342 -72.51 -7.94 12.32
C GLY A 342 -73.74 -7.91 11.43
N ALA A 343 -74.22 -6.72 11.09
CA ALA A 343 -75.40 -6.62 10.25
C ALA A 343 -75.13 -5.75 9.03
N LEU A 344 -76.16 -5.44 8.27
CA LEU A 344 -76.06 -4.46 7.20
C LEU A 344 -76.30 -3.08 7.80
N VAL A 345 -76.55 -2.06 7.00
CA VAL A 345 -76.75 -0.72 7.52
C VAL A 345 -78.19 -0.24 7.42
N ASN A 346 -79.00 -0.80 6.53
CA ASN A 346 -80.36 -0.34 6.33
C ASN A 346 -81.26 -1.52 6.00
N ALA A 347 -82.56 -1.35 6.25
CA ALA A 347 -83.54 -2.27 5.70
C ALA A 347 -83.63 -2.13 4.18
N GLU A 348 -83.35 -0.94 3.66
CA GLU A 348 -83.33 -0.73 2.22
C GLU A 348 -82.16 -1.48 1.58
N GLN A 349 -81.00 -1.48 2.25
CA GLN A 349 -79.87 -2.27 1.76
C GLN A 349 -80.15 -3.76 1.85
N ARG A 350 -80.87 -4.19 2.88
CA ARG A 350 -81.25 -5.60 3.00
C ARG A 350 -82.20 -6.01 1.88
N ALA A 351 -83.16 -5.15 1.56
CA ALA A 351 -84.08 -5.42 0.45
C ALA A 351 -83.36 -5.41 -0.89
N ASP A 352 -82.36 -4.53 -1.03
CA ASP A 352 -81.57 -4.50 -2.26
C ASP A 352 -80.74 -5.77 -2.44
N VAL A 353 -80.11 -6.24 -1.36
CA VAL A 353 -79.34 -7.49 -1.41
C VAL A 353 -80.25 -8.67 -1.74
N GLN A 354 -81.43 -8.72 -1.11
CA GLN A 354 -82.33 -9.84 -1.38
C GLN A 354 -82.92 -9.80 -2.78
N GLU A 355 -83.19 -8.61 -3.32
CA GLU A 355 -83.68 -8.55 -4.68
C GLU A 355 -82.57 -8.76 -5.72
N LYS A 356 -81.30 -8.61 -5.32
CA LYS A 356 -80.22 -9.09 -6.20
C LYS A 356 -80.08 -10.60 -6.10
N VAL A 357 -80.32 -11.18 -4.92
CA VAL A 357 -80.26 -12.63 -4.74
C VAL A 357 -81.34 -13.30 -5.58
N ASN A 358 -82.54 -12.71 -5.63
CA ASN A 358 -83.60 -13.29 -6.46
C ASN A 358 -83.28 -13.21 -7.95
N ILE A 359 -82.50 -12.20 -8.36
CA ILE A 359 -82.04 -12.13 -9.74
C ILE A 359 -81.01 -13.23 -10.02
N LEU A 360 -80.08 -13.45 -9.07
CA LEU A 360 -79.12 -14.53 -9.21
C LEU A 360 -79.78 -15.91 -9.11
N LEU A 361 -80.93 -16.01 -8.46
CA LEU A 361 -81.68 -17.25 -8.36
C LEU A 361 -82.64 -17.45 -9.52
N ALA A 362 -82.91 -16.41 -10.32
CA ALA A 362 -83.72 -16.58 -11.51
C ALA A 362 -83.01 -17.35 -12.61
N ALA A 363 -81.68 -17.48 -12.54
CA ALA A 363 -80.94 -18.27 -13.51
C ALA A 363 -79.81 -19.08 -12.86
N GLY A 364 -79.83 -19.26 -11.54
CA GLY A 364 -78.76 -19.95 -10.86
C GLY A 364 -79.22 -21.16 -10.05
N CYS A 365 -78.66 -21.33 -8.86
CA CYS A 365 -79.01 -22.45 -7.99
C CYS A 365 -78.82 -22.00 -6.54
N GLU A 366 -78.77 -22.95 -5.62
CA GLU A 366 -78.69 -22.63 -4.20
C GLU A 366 -77.87 -23.70 -3.48
N ILE A 367 -77.08 -23.27 -2.49
CA ILE A 367 -76.37 -24.18 -1.61
C ILE A 367 -76.81 -24.03 -0.16
N ARG A 368 -76.95 -22.80 0.33
CA ARG A 368 -77.18 -22.54 1.74
C ARG A 368 -78.47 -21.73 1.94
N LEU A 369 -78.62 -21.19 3.14
CA LEU A 369 -79.74 -20.30 3.46
C LEU A 369 -79.51 -18.98 2.75
N GLY A 370 -80.20 -18.79 1.63
CA GLY A 370 -80.00 -17.63 0.78
C GLY A 370 -81.05 -16.56 0.96
N GLY A 371 -82.04 -16.56 0.06
CA GLY A 371 -83.05 -15.52 0.00
C GLY A 371 -84.05 -15.51 1.15
N GLN A 372 -83.96 -16.47 2.07
CA GLN A 372 -84.83 -16.48 3.25
C GLN A 372 -84.26 -15.48 4.26
N ALA A 373 -84.59 -14.21 4.03
CA ALA A 373 -84.19 -13.12 4.90
C ALA A 373 -85.44 -12.42 5.41
N ASP A 374 -85.51 -12.19 6.72
CA ASP A 374 -86.67 -11.55 7.31
C ASP A 374 -86.64 -10.05 7.01
N LEU A 375 -87.64 -9.58 6.29
CA LEU A 375 -87.77 -8.17 5.95
C LEU A 375 -88.62 -7.41 6.97
N SER A 376 -88.93 -8.01 8.12
CA SER A 376 -89.73 -7.37 9.14
C SER A 376 -89.02 -7.28 10.47
N ALA A 377 -87.71 -7.52 10.51
CA ALA A 377 -86.98 -7.49 11.77
C ALA A 377 -86.60 -6.06 12.12
N ALA A 378 -86.25 -5.87 13.40
CA ALA A 378 -85.73 -4.60 13.89
C ALA A 378 -84.21 -4.55 13.80
N GLY A 379 -83.72 -4.79 12.59
CA GLY A 379 -82.29 -4.90 12.35
C GLY A 379 -82.01 -5.34 10.93
N ALA A 380 -80.87 -4.94 10.39
CA ALA A 380 -80.55 -5.22 8.99
C ALA A 380 -79.70 -6.50 8.88
N PHE A 381 -80.30 -7.61 9.32
CA PHE A 381 -79.61 -8.88 9.35
C PHE A 381 -79.84 -9.62 8.04
N PHE A 382 -78.76 -10.15 7.47
CA PHE A 382 -78.84 -10.99 6.29
C PHE A 382 -77.96 -12.21 6.56
N PRO A 383 -78.46 -13.42 6.31
CA PRO A 383 -77.66 -14.61 6.60
C PRO A 383 -76.57 -14.81 5.56
N PRO A 384 -75.46 -15.47 5.94
CA PRO A 384 -74.38 -15.71 4.97
C PRO A 384 -74.82 -16.67 3.88
N THR A 385 -74.64 -16.25 2.63
CA THR A 385 -75.22 -16.91 1.47
C THR A 385 -74.11 -17.43 0.56
N LEU A 386 -74.20 -18.71 0.19
CA LEU A 386 -73.34 -19.32 -0.80
C LEU A 386 -74.23 -19.85 -1.91
N LEU A 387 -73.97 -19.44 -3.14
CA LEU A 387 -74.77 -19.85 -4.28
C LEU A 387 -74.00 -20.85 -5.13
N TYR A 388 -74.61 -21.25 -6.24
CA TYR A 388 -74.00 -22.22 -7.13
C TYR A 388 -74.47 -21.97 -8.55
N CYS A 389 -73.57 -22.17 -9.51
CA CYS A 389 -73.86 -21.96 -10.92
C CYS A 389 -73.29 -23.13 -11.70
N PRO A 390 -74.10 -24.12 -12.07
CA PRO A 390 -73.57 -25.29 -12.76
C PRO A 390 -73.17 -25.02 -14.20
N GLN A 391 -73.63 -23.94 -14.81
CA GLN A 391 -73.24 -23.55 -16.15
C GLN A 391 -72.70 -22.13 -16.09
N PRO A 392 -71.41 -21.96 -15.77
CA PRO A 392 -70.89 -20.60 -15.57
C PRO A 392 -70.69 -19.83 -16.86
N ASP A 393 -70.32 -20.50 -17.96
CA ASP A 393 -70.13 -19.84 -19.24
C ASP A 393 -71.41 -19.72 -20.04
N GLU A 394 -72.57 -19.96 -19.43
CA GLU A 394 -73.86 -19.86 -20.09
C GLU A 394 -74.80 -18.88 -19.41
N THR A 395 -74.52 -18.48 -18.18
CA THR A 395 -75.40 -17.57 -17.44
C THR A 395 -74.73 -16.20 -17.33
N PRO A 396 -75.15 -15.20 -18.12
CA PRO A 396 -74.54 -13.87 -18.00
C PRO A 396 -75.01 -13.07 -16.80
N ALA A 397 -76.06 -13.52 -16.10
CA ALA A 397 -76.52 -12.81 -14.92
C ALA A 397 -75.58 -13.01 -13.74
N VAL A 398 -74.77 -14.06 -13.74
CA VAL A 398 -73.77 -14.25 -12.70
C VAL A 398 -72.65 -13.23 -12.86
N HIS A 399 -72.27 -12.95 -14.11
CA HIS A 399 -71.17 -12.04 -14.41
C HIS A 399 -71.63 -10.60 -14.61
N ALA A 400 -72.83 -10.25 -14.17
CA ALA A 400 -73.31 -8.88 -14.31
C ALA A 400 -74.11 -8.37 -13.12
N THR A 401 -74.26 -9.15 -12.05
CA THR A 401 -75.10 -8.77 -10.93
C THR A 401 -74.33 -9.02 -9.64
N GLU A 402 -74.17 -7.97 -8.85
CA GLU A 402 -73.51 -8.06 -7.56
C GLU A 402 -74.54 -7.92 -6.44
N ALA A 403 -74.58 -8.89 -5.55
CA ALA A 403 -75.44 -8.85 -4.37
C ALA A 403 -74.58 -8.38 -3.22
N PHE A 404 -74.77 -7.13 -2.81
CA PHE A 404 -73.76 -6.43 -2.02
C PHE A 404 -73.97 -6.70 -0.52
N GLY A 405 -73.74 -7.96 -0.17
CA GLY A 405 -73.81 -8.41 1.20
C GLY A 405 -72.97 -9.65 1.40
N PRO A 406 -73.46 -10.60 2.19
CA PRO A 406 -72.72 -11.84 2.44
C PRO A 406 -72.86 -12.88 1.34
N VAL A 407 -73.28 -12.45 0.16
CA VAL A 407 -73.61 -13.37 -0.92
C VAL A 407 -72.38 -13.55 -1.81
N ALA A 408 -72.07 -14.80 -2.13
CA ALA A 408 -70.97 -15.10 -3.03
C ALA A 408 -71.27 -16.39 -3.77
N THR A 409 -71.25 -16.33 -5.10
CA THR A 409 -71.60 -17.49 -5.90
C THR A 409 -70.37 -18.36 -6.18
N LEU A 410 -70.64 -19.62 -6.49
CA LEU A 410 -69.60 -20.60 -6.76
C LEU A 410 -69.89 -21.28 -8.09
N MET A 411 -68.83 -21.64 -8.81
CA MET A 411 -68.98 -22.17 -10.17
C MET A 411 -67.72 -22.91 -10.55
N PRO A 412 -67.83 -23.99 -11.34
CA PRO A 412 -66.66 -24.82 -11.65
C PRO A 412 -65.89 -24.35 -12.88
N ALA A 413 -64.63 -24.81 -12.95
CA ALA A 413 -63.73 -24.50 -14.05
C ALA A 413 -63.13 -25.79 -14.59
N GLN A 414 -62.42 -25.68 -15.72
CA GLN A 414 -61.85 -26.83 -16.43
C GLN A 414 -60.37 -26.58 -16.77
N ASN A 415 -59.50 -26.84 -15.78
CA ASN A 415 -58.05 -27.03 -15.96
C ASN A 415 -57.36 -25.76 -16.47
N GLN A 416 -57.54 -24.66 -15.72
CA GLN A 416 -56.78 -23.41 -15.82
C GLN A 416 -56.85 -22.73 -17.18
N ARG A 417 -57.77 -23.11 -18.05
CA ARG A 417 -58.06 -22.34 -19.25
C ARG A 417 -59.50 -21.88 -19.30
N HIS A 418 -60.37 -22.50 -18.50
CA HIS A 418 -61.71 -21.99 -18.26
C HIS A 418 -61.74 -21.08 -17.03
N ALA A 419 -60.82 -21.31 -16.09
CA ALA A 419 -60.76 -20.48 -14.89
C ALA A 419 -60.30 -19.07 -15.21
N LEU A 420 -59.37 -18.93 -16.17
CA LEU A 420 -58.93 -17.61 -16.60
C LEU A 420 -60.04 -16.88 -17.34
N GLN A 421 -60.82 -17.60 -18.13
CA GLN A 421 -61.94 -16.99 -18.84
C GLN A 421 -63.05 -16.59 -17.88
N LEU A 422 -63.30 -17.40 -16.85
CA LEU A 422 -64.30 -17.03 -15.85
C LEU A 422 -63.80 -15.91 -14.94
N ALA A 423 -62.50 -15.76 -14.79
CA ALA A 423 -61.97 -14.61 -14.06
C ALA A 423 -62.07 -13.33 -14.89
N CYS A 424 -61.79 -13.43 -16.19
CA CYS A 424 -61.87 -12.28 -17.07
C CYS A 424 -63.29 -11.95 -17.52
N ALA A 425 -64.26 -12.82 -17.28
CA ALA A 425 -65.63 -12.58 -17.69
C ALA A 425 -66.40 -11.67 -16.75
N GLY A 426 -65.76 -11.12 -15.73
CA GLY A 426 -66.43 -10.21 -14.82
C GLY A 426 -66.67 -8.81 -15.34
N GLY A 427 -66.29 -8.53 -16.58
CA GLY A 427 -66.51 -7.22 -17.15
C GLY A 427 -65.58 -6.15 -16.64
N GLY A 428 -64.42 -6.53 -16.12
CA GLY A 428 -63.53 -5.58 -15.51
C GLY A 428 -63.77 -5.51 -14.02
N SER A 429 -62.79 -5.94 -13.22
CA SER A 429 -63.03 -6.15 -11.80
C SER A 429 -62.00 -5.48 -10.93
N LEU A 430 -62.01 -5.84 -9.65
CA LEU A 430 -61.12 -5.31 -8.64
C LEU A 430 -60.87 -6.44 -7.64
N ALA A 431 -59.62 -6.56 -7.19
CA ALA A 431 -59.20 -7.52 -6.17
C ALA A 431 -59.52 -8.96 -6.57
N GLY A 432 -58.80 -9.44 -7.57
CA GLY A 432 -58.81 -10.87 -7.84
C GLY A 432 -57.87 -11.62 -6.90
N THR A 433 -57.95 -12.94 -6.94
CA THR A 433 -57.10 -13.79 -6.12
C THR A 433 -56.99 -15.19 -6.71
N LEU A 434 -55.76 -15.62 -6.96
CA LEU A 434 -55.46 -17.02 -7.22
C LEU A 434 -54.84 -17.63 -5.97
N VAL A 435 -55.22 -18.86 -5.65
CA VAL A 435 -54.63 -19.61 -4.55
C VAL A 435 -53.99 -20.85 -5.15
N THR A 436 -52.66 -20.80 -5.33
CA THR A 436 -51.88 -21.92 -5.84
C THR A 436 -50.58 -22.01 -5.07
N ALA A 437 -49.74 -22.97 -5.47
CA ALA A 437 -48.35 -23.04 -5.08
C ALA A 437 -47.39 -23.14 -6.24
N ASP A 438 -47.83 -23.62 -7.39
CA ASP A 438 -47.02 -23.64 -8.61
C ASP A 438 -46.83 -22.21 -9.09
N PRO A 439 -45.59 -21.74 -9.28
CA PRO A 439 -45.40 -20.36 -9.71
C PRO A 439 -45.72 -20.10 -11.17
N GLN A 440 -45.61 -21.12 -12.04
CA GLN A 440 -45.97 -20.90 -13.44
C GLN A 440 -47.48 -20.81 -13.65
N ILE A 441 -48.27 -21.42 -12.77
CA ILE A 441 -49.71 -21.21 -12.81
C ILE A 441 -50.04 -19.76 -12.46
N ALA A 442 -49.33 -19.19 -11.49
CA ALA A 442 -49.51 -17.77 -11.17
C ALA A 442 -49.02 -16.87 -12.31
N ARG A 443 -47.96 -17.28 -13.00
CA ARG A 443 -47.47 -16.52 -14.15
C ARG A 443 -48.50 -16.51 -15.28
N GLN A 444 -49.08 -17.68 -15.59
CA GLN A 444 -50.11 -17.75 -16.61
C GLN A 444 -51.39 -17.06 -16.16
N PHE A 445 -51.64 -16.98 -14.86
CA PHE A 445 -52.81 -16.28 -14.36
C PHE A 445 -52.65 -14.77 -14.50
N ILE A 446 -51.47 -14.24 -14.18
CA ILE A 446 -51.25 -12.80 -14.31
C ILE A 446 -51.15 -12.41 -15.77
N ALA A 447 -50.63 -13.29 -16.63
CA ALA A 447 -50.51 -12.97 -18.04
C ALA A 447 -51.84 -12.84 -18.77
N ASP A 448 -52.95 -13.24 -18.15
CA ASP A 448 -54.24 -13.17 -18.82
C ASP A 448 -55.28 -12.41 -17.98
N ALA A 449 -55.23 -12.53 -16.67
CA ALA A 449 -56.27 -12.00 -15.80
C ALA A 449 -55.91 -10.68 -15.13
N ALA A 450 -54.73 -10.12 -15.42
CA ALA A 450 -54.38 -8.79 -14.95
C ALA A 450 -54.84 -7.71 -15.91
N ARG A 451 -55.59 -8.07 -16.94
CA ARG A 451 -56.18 -7.09 -17.84
C ARG A 451 -57.49 -6.55 -17.29
N THR A 452 -58.11 -7.29 -16.37
CA THR A 452 -59.41 -6.94 -15.85
C THR A 452 -59.41 -6.63 -14.36
N HIS A 453 -58.35 -6.98 -13.63
CA HIS A 453 -58.28 -6.77 -12.20
C HIS A 453 -57.27 -5.69 -11.87
N GLY A 454 -57.64 -4.79 -10.96
CA GLY A 454 -56.71 -3.77 -10.51
C GLY A 454 -55.79 -4.20 -9.39
N ARG A 455 -56.02 -5.38 -8.82
CA ARG A 455 -55.18 -5.91 -7.75
C ARG A 455 -55.40 -7.41 -7.72
N ILE A 456 -54.33 -8.18 -7.60
CA ILE A 456 -54.42 -9.64 -7.60
C ILE A 456 -53.50 -10.17 -6.51
N GLN A 457 -54.08 -10.82 -5.50
CA GLN A 457 -53.32 -11.43 -4.43
C GLN A 457 -53.12 -12.90 -4.75
N ILE A 458 -51.87 -13.29 -5.00
CA ILE A 458 -51.54 -14.70 -5.20
C ILE A 458 -51.25 -15.28 -3.82
N LEU A 459 -52.21 -15.99 -3.26
CA LEU A 459 -52.16 -16.43 -1.87
C LEU A 459 -51.65 -17.86 -1.81
N ASN A 460 -50.50 -18.05 -1.17
CA ASN A 460 -49.96 -19.38 -0.89
C ASN A 460 -49.70 -19.51 0.60
N GLU A 461 -48.98 -20.57 0.97
CA GLU A 461 -48.70 -20.83 2.38
C GLU A 461 -47.73 -19.80 2.95
N GLU A 462 -46.79 -19.31 2.14
CA GLU A 462 -45.86 -18.30 2.62
C GLU A 462 -46.54 -16.94 2.77
N SER A 463 -47.49 -16.64 1.91
CA SER A 463 -48.16 -15.34 1.94
C SER A 463 -49.10 -15.23 3.13
N ALA A 464 -49.83 -16.30 3.45
CA ALA A 464 -50.98 -16.24 4.34
C ALA A 464 -50.63 -15.97 5.80
N LYS A 465 -49.34 -16.03 6.18
CA LYS A 465 -48.98 -15.76 7.56
C LYS A 465 -49.13 -14.28 7.90
N GLU A 466 -48.56 -13.40 7.06
CA GLU A 466 -48.63 -11.97 7.28
C GLU A 466 -49.33 -11.26 6.12
N SER A 467 -50.28 -11.94 5.48
CA SER A 467 -51.07 -11.32 4.43
C SER A 467 -52.03 -10.30 5.01
N THR A 468 -52.17 -9.17 4.31
CA THR A 468 -53.16 -8.17 4.71
C THR A 468 -54.57 -8.62 4.41
N GLY A 469 -54.75 -9.54 3.48
CA GLY A 469 -56.06 -10.08 3.15
C GLY A 469 -56.50 -9.67 1.75
N HIS A 470 -57.63 -10.25 1.35
CA HIS A 470 -58.22 -9.97 0.05
C HIS A 470 -58.83 -8.57 0.02
N GLY A 471 -59.52 -8.18 1.08
CA GLY A 471 -60.27 -6.95 1.05
C GLY A 471 -59.65 -5.81 1.84
N SER A 472 -58.32 -5.73 1.81
CA SER A 472 -57.59 -4.65 2.46
C SER A 472 -56.87 -3.86 1.38
N PRO A 473 -57.49 -2.78 0.87
CA PRO A 473 -56.78 -1.92 -0.07
C PRO A 473 -55.64 -1.18 0.61
N LEU A 474 -54.41 -1.53 0.26
CA LEU A 474 -53.26 -0.88 0.85
C LEU A 474 -53.16 0.56 0.33
N PRO A 475 -52.71 1.50 1.16
CA PRO A 475 -52.59 2.90 0.70
C PRO A 475 -51.48 3.15 -0.28
N GLN A 476 -50.64 2.15 -0.56
CA GLN A 476 -49.54 2.27 -1.50
C GLN A 476 -49.63 1.24 -2.62
N LEU A 477 -50.84 0.79 -2.93
CA LEU A 477 -51.13 -0.05 -4.08
C LEU A 477 -52.34 0.50 -4.80
N VAL A 478 -52.32 0.40 -6.12
CA VAL A 478 -53.36 0.99 -6.97
C VAL A 478 -54.70 0.29 -6.70
N HIS A 479 -55.64 1.06 -6.19
CA HIS A 479 -56.97 0.58 -5.87
C HIS A 479 -57.91 1.01 -7.00
N GLY A 480 -58.40 0.03 -7.75
CA GLY A 480 -59.30 0.31 -8.85
C GLY A 480 -58.94 -0.42 -10.12
N GLY A 481 -59.93 -1.00 -10.78
CA GLY A 481 -59.70 -1.74 -11.99
C GLY A 481 -60.50 -1.19 -13.14
N PRO A 482 -60.36 -1.79 -14.31
CA PRO A 482 -61.03 -1.28 -15.51
C PRO A 482 -62.47 -1.73 -15.55
N GLY A 483 -63.16 -1.33 -16.62
CA GLY A 483 -64.47 -1.84 -16.95
C GLY A 483 -65.57 -1.52 -15.97
N ARG A 484 -66.13 -2.55 -15.35
CA ARG A 484 -67.21 -2.36 -14.39
C ARG A 484 -66.74 -1.71 -13.11
N ALA A 485 -65.45 -1.87 -12.77
CA ALA A 485 -64.90 -1.28 -11.56
C ALA A 485 -64.72 0.22 -11.65
N GLY A 486 -64.97 0.84 -12.80
CA GLY A 486 -64.94 2.28 -12.91
C GLY A 486 -63.89 2.78 -13.88
N GLY A 487 -62.72 2.15 -13.85
CA GLY A 487 -61.59 2.61 -14.62
C GLY A 487 -60.69 3.58 -13.89
N GLY A 488 -61.13 4.12 -12.76
CA GLY A 488 -60.30 4.99 -11.99
C GLY A 488 -59.27 4.25 -11.16
N GLU A 489 -58.27 4.99 -10.70
CA GLU A 489 -57.20 4.43 -9.89
C GLU A 489 -56.99 5.33 -8.68
N GLU A 490 -56.91 4.73 -7.50
CA GLU A 490 -56.63 5.45 -6.26
C GLU A 490 -55.48 4.74 -5.54
N LEU A 491 -54.94 5.45 -4.55
CA LEU A 491 -54.02 4.90 -3.55
C LEU A 491 -52.74 4.36 -4.14
N GLY A 492 -52.30 4.87 -5.27
CA GLY A 492 -51.17 4.25 -5.94
C GLY A 492 -49.80 4.60 -5.39
N GLY A 493 -49.73 4.95 -4.12
CA GLY A 493 -48.54 5.56 -3.56
C GLY A 493 -48.60 7.04 -3.87
N LEU A 494 -47.60 7.53 -4.59
CA LEU A 494 -47.62 8.90 -5.07
C LEU A 494 -48.34 9.04 -6.40
N ARG A 495 -48.90 7.93 -6.91
CA ARG A 495 -49.73 8.02 -8.11
C ARG A 495 -51.04 8.72 -7.83
N ALA A 496 -51.51 8.66 -6.58
CA ALA A 496 -52.80 9.24 -6.24
C ALA A 496 -52.72 10.76 -6.13
N VAL A 497 -51.58 11.31 -5.70
CA VAL A 497 -51.47 12.76 -5.57
C VAL A 497 -51.28 13.44 -6.91
N LYS A 498 -51.10 12.68 -7.99
CA LYS A 498 -50.94 13.23 -9.32
C LYS A 498 -52.27 13.37 -10.06
N HIS A 499 -53.36 12.87 -9.47
CA HIS A 499 -54.69 13.22 -9.97
C HIS A 499 -55.09 14.63 -9.57
N TYR A 500 -54.44 15.18 -8.56
CA TYR A 500 -54.77 16.49 -8.02
C TYR A 500 -53.77 17.53 -8.45
N MET A 501 -52.95 17.22 -9.45
CA MET A 501 -51.90 18.08 -9.94
C MET A 501 -51.98 18.16 -11.45
N GLN A 502 -51.37 19.21 -12.00
CA GLN A 502 -51.24 19.39 -13.43
C GLN A 502 -49.80 19.13 -13.84
N ARG A 503 -49.62 18.15 -14.72
CA ARG A 503 -48.29 17.81 -15.23
C ARG A 503 -47.97 18.72 -16.41
N THR A 504 -46.87 19.48 -16.30
CA THR A 504 -46.50 20.49 -17.27
C THR A 504 -45.05 20.26 -17.69
N ALA A 505 -44.83 20.09 -18.99
CA ALA A 505 -43.48 20.00 -19.51
C ALA A 505 -42.95 21.41 -19.72
N VAL A 506 -42.04 21.85 -18.86
CA VAL A 506 -41.49 23.19 -18.93
C VAL A 506 -40.22 23.15 -19.75
N GLN A 507 -40.26 23.75 -20.94
CA GLN A 507 -39.09 23.82 -21.80
C GLN A 507 -38.26 25.05 -21.45
N GLY A 508 -37.02 25.08 -21.94
CA GLY A 508 -36.15 26.21 -21.69
C GLY A 508 -34.71 25.83 -21.44
N SER A 509 -33.86 26.82 -21.17
CA SER A 509 -32.46 26.55 -20.88
C SER A 509 -32.33 25.90 -19.50
N PRO A 510 -31.28 25.11 -19.29
CA PRO A 510 -31.09 24.48 -17.96
C PRO A 510 -30.84 25.48 -16.85
N THR A 511 -30.25 26.62 -17.16
CA THR A 511 -30.10 27.67 -16.15
C THR A 511 -31.40 28.36 -15.83
N MET A 512 -32.44 28.15 -16.63
CA MET A 512 -33.79 28.62 -16.35
C MET A 512 -34.60 27.55 -15.63
N LEU A 513 -34.43 26.28 -16.04
CA LEU A 513 -35.09 25.17 -15.38
C LEU A 513 -34.59 24.98 -13.96
N ALA A 514 -33.35 25.39 -13.68
CA ALA A 514 -32.83 25.37 -12.33
C ALA A 514 -33.55 26.36 -11.43
N ALA A 515 -33.82 27.56 -11.94
CA ALA A 515 -34.52 28.55 -11.13
C ALA A 515 -36.00 28.23 -11.00
N ILE A 516 -36.58 27.61 -12.04
CA ILE A 516 -37.98 27.18 -11.97
C ILE A 516 -38.16 26.05 -10.96
N SER A 517 -37.32 25.02 -11.07
CA SER A 517 -37.50 23.82 -10.27
C SER A 517 -36.95 23.95 -8.85
N LYS A 518 -36.24 25.05 -8.55
CA LYS A 518 -35.47 25.25 -7.31
C LYS A 518 -34.49 24.11 -7.06
N GLN A 519 -33.90 23.62 -8.14
CA GLN A 519 -32.87 22.57 -8.08
C GLN A 519 -31.74 22.97 -9.00
N TRP A 520 -30.81 22.06 -9.26
CA TRP A 520 -29.79 22.25 -10.28
C TRP A 520 -30.02 21.20 -11.35
N VAL A 521 -29.66 21.50 -12.60
CA VAL A 521 -30.19 20.65 -13.64
C VAL A 521 -29.13 19.81 -14.34
N ARG A 522 -28.38 20.37 -15.29
CA ARG A 522 -27.17 19.72 -15.79
C ARG A 522 -26.17 20.75 -16.31
N GLY A 523 -26.70 21.85 -16.81
CA GLY A 523 -25.91 22.83 -17.52
C GLY A 523 -26.29 24.21 -17.05
N ALA A 524 -26.83 24.27 -15.84
CA ALA A 524 -27.19 25.54 -15.25
C ALA A 524 -25.94 26.31 -14.83
N LYS A 525 -26.14 27.59 -14.54
CA LYS A 525 -25.04 28.38 -14.00
C LYS A 525 -24.74 27.93 -12.57
N VAL A 526 -23.50 28.17 -12.16
CA VAL A 526 -22.99 27.67 -10.89
C VAL A 526 -22.61 28.85 -10.00
N GLU A 527 -22.58 28.60 -8.70
CA GLU A 527 -22.25 29.62 -7.71
C GLU A 527 -21.00 29.14 -6.98
N GLU A 528 -19.84 29.41 -7.56
CA GLU A 528 -18.54 29.09 -6.96
C GLU A 528 -18.15 30.26 -6.07
N ASP A 529 -18.12 30.05 -4.76
CA ASP A 529 -17.96 31.17 -3.84
C ASP A 529 -16.82 30.95 -2.86
N ARG A 530 -15.70 30.41 -3.34
CA ARG A 530 -14.37 30.52 -2.74
C ARG A 530 -14.20 29.71 -1.46
N ILE A 531 -15.28 29.18 -0.89
CA ILE A 531 -15.22 28.26 0.24
C ILE A 531 -15.94 26.99 -0.14
N HIS A 532 -15.74 25.96 0.65
CA HIS A 532 -16.13 24.61 0.28
C HIS A 532 -17.60 24.39 0.61
N PRO A 533 -18.40 23.84 -0.31
CA PRO A 533 -19.80 23.54 0.01
C PRO A 533 -20.01 22.50 1.10
N PHE A 534 -19.00 21.73 1.48
CA PHE A 534 -19.16 20.88 2.66
C PHE A 534 -18.96 21.63 3.95
N ARG A 535 -18.47 22.87 3.90
CA ARG A 535 -18.38 23.71 5.08
C ARG A 535 -19.68 24.42 5.39
N LYS A 536 -20.58 24.51 4.42
CA LYS A 536 -21.83 25.23 4.60
C LYS A 536 -22.84 24.37 5.34
N TYR A 537 -23.63 25.01 6.20
CA TYR A 537 -24.75 24.33 6.82
C TYR A 537 -25.88 24.17 5.81
N PHE A 538 -26.97 23.53 6.27
CA PHE A 538 -28.07 23.19 5.38
C PHE A 538 -28.80 24.41 4.88
N GLU A 539 -28.93 25.44 5.72
CA GLU A 539 -29.72 26.61 5.35
C GLU A 539 -28.98 27.54 4.41
N GLU A 540 -27.65 27.43 4.32
CA GLU A 540 -26.87 28.27 3.43
C GLU A 540 -26.34 27.51 2.22
N LEU A 541 -26.78 26.27 2.01
CA LEU A 541 -26.56 25.56 0.76
C LEU A 541 -27.65 25.95 -0.23
N GLN A 542 -27.25 26.46 -1.37
CA GLN A 542 -28.19 26.74 -2.44
C GLN A 542 -28.03 25.68 -3.53
N PRO A 543 -29.12 25.29 -4.19
CA PRO A 543 -28.99 24.37 -5.31
C PRO A 543 -28.30 25.03 -6.49
N GLY A 544 -27.03 24.68 -6.68
CA GLY A 544 -26.20 25.32 -7.67
C GLY A 544 -24.84 25.66 -7.10
N ASP A 545 -24.68 25.50 -5.79
CA ASP A 545 -23.41 25.72 -5.12
C ASP A 545 -22.41 24.67 -5.58
N SER A 546 -21.43 25.09 -6.38
CA SER A 546 -20.57 24.16 -7.07
C SER A 546 -19.17 24.15 -6.48
N LEU A 547 -18.35 23.25 -7.00
CA LEU A 547 -16.97 23.07 -6.57
C LEU A 547 -16.20 22.41 -7.68
N LEU A 548 -15.20 23.08 -8.23
CA LEU A 548 -14.30 22.48 -9.19
C LEU A 548 -13.07 22.00 -8.44
N THR A 549 -12.95 20.69 -8.30
CA THR A 549 -11.91 20.08 -7.50
C THR A 549 -10.57 20.13 -8.24
N PRO A 550 -9.45 19.94 -7.54
CA PRO A 550 -8.18 19.72 -8.23
C PRO A 550 -8.16 18.37 -8.94
N ARG A 551 -7.11 18.16 -9.72
CA ARG A 551 -7.04 16.98 -10.57
C ARG A 551 -6.31 15.83 -9.88
N ARG A 552 -6.31 14.69 -10.55
CA ARG A 552 -5.55 13.52 -10.15
C ARG A 552 -5.27 12.69 -11.38
N THR A 553 -4.01 12.43 -11.67
CA THR A 553 -3.61 11.69 -12.86
C THR A 553 -3.70 10.20 -12.57
N MET A 554 -4.52 9.50 -13.34
CA MET A 554 -4.67 8.07 -13.20
C MET A 554 -3.47 7.38 -13.84
N THR A 555 -2.79 6.54 -13.06
CA THR A 555 -1.63 5.83 -13.53
C THR A 555 -1.86 4.32 -13.39
N GLU A 556 -0.89 3.55 -13.84
CA GLU A 556 -0.96 2.10 -13.72
C GLU A 556 -0.84 1.66 -12.27
N ALA A 557 -0.10 2.43 -11.47
CA ALA A 557 0.03 2.13 -10.05
C ALA A 557 -1.28 2.33 -9.30
N ASP A 558 -2.10 3.28 -9.73
CA ASP A 558 -3.43 3.45 -9.15
C ASP A 558 -4.30 2.23 -9.41
N ILE A 559 -4.27 1.71 -10.64
CA ILE A 559 -5.01 0.50 -10.98
C ILE A 559 -4.53 -0.68 -10.16
N VAL A 560 -3.21 -0.81 -10.00
CA VAL A 560 -2.64 -1.93 -9.26
C VAL A 560 -3.02 -1.86 -7.79
N ASN A 561 -2.87 -0.69 -7.18
CA ASN A 561 -3.19 -0.55 -5.75
C ASN A 561 -4.67 -0.68 -5.48
N PHE A 562 -5.53 -0.23 -6.39
CA PHE A 562 -6.96 -0.42 -6.13
C PHE A 562 -7.41 -1.85 -6.39
N ALA A 563 -6.85 -2.51 -7.40
CA ALA A 563 -7.18 -3.91 -7.63
C ALA A 563 -6.67 -4.80 -6.51
N CYS A 564 -5.54 -4.44 -5.91
CA CYS A 564 -5.05 -5.18 -4.75
C CYS A 564 -5.92 -4.94 -3.53
N LEU A 565 -6.23 -3.67 -3.25
CA LEU A 565 -6.94 -3.33 -2.02
C LEU A 565 -8.38 -3.81 -2.03
N SER A 566 -9.08 -3.62 -3.14
CA SER A 566 -10.45 -4.12 -3.25
C SER A 566 -10.46 -5.64 -3.39
N GLY A 567 -9.59 -6.19 -4.22
CA GLY A 567 -9.65 -7.57 -4.61
C GLY A 567 -10.27 -7.79 -5.97
N ASP A 568 -10.73 -6.73 -6.62
CA ASP A 568 -11.30 -6.78 -7.95
C ASP A 568 -10.16 -6.94 -8.95
N HIS A 569 -9.83 -8.19 -9.26
CA HIS A 569 -8.75 -8.51 -10.20
C HIS A 569 -9.29 -8.84 -11.57
N PHE A 570 -10.32 -8.11 -12.00
CA PHE A 570 -10.96 -8.29 -13.29
C PHE A 570 -9.96 -8.09 -14.44
N TYR A 571 -10.17 -8.83 -15.52
CA TYR A 571 -9.13 -8.99 -16.54
C TYR A 571 -8.87 -7.73 -17.35
N ALA A 572 -9.83 -6.80 -17.41
CA ALA A 572 -9.62 -5.53 -18.09
C ALA A 572 -8.78 -4.56 -17.26
N HIS A 573 -8.35 -4.96 -16.07
CA HIS A 573 -7.57 -4.12 -15.18
C HIS A 573 -6.22 -4.73 -14.84
N MET A 574 -6.11 -6.06 -14.81
CA MET A 574 -4.91 -6.75 -14.36
C MET A 574 -4.23 -7.58 -15.44
N ASP A 575 -4.77 -7.64 -16.65
CA ASP A 575 -4.18 -8.43 -17.71
C ASP A 575 -3.92 -7.53 -18.91
N LYS A 576 -2.67 -7.50 -19.37
CA LYS A 576 -2.31 -6.73 -20.55
C LYS A 576 -2.80 -7.39 -21.83
N ILE A 577 -2.88 -8.72 -21.83
CA ILE A 577 -3.25 -9.45 -23.03
C ILE A 577 -4.75 -9.40 -23.26
N ALA A 578 -5.52 -9.75 -22.22
CA ALA A 578 -6.97 -9.87 -22.35
C ALA A 578 -7.64 -8.52 -22.53
N ALA A 579 -7.05 -7.46 -21.97
CA ALA A 579 -7.62 -6.13 -22.18
C ALA A 579 -7.36 -5.63 -23.59
N ALA A 580 -6.30 -6.13 -24.23
CA ALA A 580 -6.07 -5.79 -25.63
C ALA A 580 -7.05 -6.47 -26.56
N GLU A 581 -7.67 -7.55 -26.12
CA GLU A 581 -8.67 -8.28 -26.91
C GLU A 581 -10.09 -8.01 -26.43
N SER A 582 -10.29 -6.99 -25.60
CA SER A 582 -11.58 -6.64 -25.05
C SER A 582 -12.14 -5.44 -25.80
N ILE A 583 -13.27 -4.91 -25.30
CA ILE A 583 -13.88 -3.74 -25.93
C ILE A 583 -13.11 -2.46 -25.64
N PHE A 584 -12.21 -2.49 -24.67
CA PHE A 584 -11.51 -1.28 -24.25
C PHE A 584 -10.22 -1.04 -25.00
N GLY A 585 -9.58 -2.08 -25.51
CA GLY A 585 -8.35 -1.95 -26.25
C GLY A 585 -7.09 -2.03 -25.42
N GLU A 586 -7.16 -1.57 -24.17
CA GLU A 586 -6.06 -1.70 -23.23
C GLU A 586 -6.63 -1.72 -21.82
N ARG A 587 -5.76 -1.73 -20.82
CA ARG A 587 -6.21 -1.80 -19.45
C ARG A 587 -6.79 -0.46 -19.01
N VAL A 588 -7.91 -0.51 -18.32
CA VAL A 588 -8.62 0.68 -17.90
C VAL A 588 -8.65 0.74 -16.39
N VAL A 589 -8.89 1.96 -15.88
CA VAL A 589 -9.06 2.16 -14.44
C VAL A 589 -10.41 1.59 -14.02
N HIS A 590 -10.45 1.00 -12.83
CA HIS A 590 -11.70 0.58 -12.20
C HIS A 590 -12.69 1.73 -12.14
N GLY A 591 -13.96 1.42 -12.39
CA GLY A 591 -14.99 2.42 -12.22
C GLY A 591 -15.22 2.79 -10.77
N TYR A 592 -15.04 1.82 -9.86
CA TYR A 592 -15.15 2.12 -8.44
C TYR A 592 -13.97 2.95 -7.96
N PHE A 593 -12.82 2.85 -8.62
CA PHE A 593 -11.73 3.72 -8.23
C PHE A 593 -11.92 5.13 -8.76
N VAL A 594 -12.59 5.31 -9.90
CA VAL A 594 -13.00 6.64 -10.31
C VAL A 594 -14.00 7.21 -9.33
N LEU A 595 -14.93 6.37 -8.87
CA LEU A 595 -15.93 6.74 -7.88
C LEU A 595 -15.33 7.11 -6.54
N SER A 596 -14.22 6.47 -6.16
CA SER A 596 -13.55 6.72 -4.89
C SER A 596 -12.55 7.86 -4.97
N ALA A 597 -11.87 8.03 -6.10
CA ALA A 597 -10.98 9.16 -6.28
C ALA A 597 -11.74 10.46 -6.45
N ALA A 598 -12.98 10.38 -6.95
CA ALA A 598 -13.87 11.53 -6.95
C ALA A 598 -14.09 12.04 -5.53
N ALA A 599 -14.55 11.15 -4.64
CA ALA A 599 -14.75 11.51 -3.24
C ALA A 599 -13.45 11.85 -2.54
N GLY A 600 -12.33 11.33 -3.02
CA GLY A 600 -11.05 11.85 -2.56
C GLY A 600 -10.82 13.28 -2.98
N LEU A 601 -11.38 13.69 -4.12
CA LEU A 601 -11.18 15.05 -4.60
C LEU A 601 -12.18 16.07 -4.04
N PHE A 602 -13.40 15.69 -3.66
CA PHE A 602 -14.33 16.72 -3.19
C PHE A 602 -14.67 16.70 -1.70
N VAL A 603 -14.20 15.75 -0.91
CA VAL A 603 -14.66 15.66 0.48
C VAL A 603 -13.78 16.52 1.38
N ASP A 604 -14.42 17.39 2.16
CA ASP A 604 -13.74 18.11 3.21
C ASP A 604 -13.35 17.16 4.33
N ALA A 605 -12.07 17.21 4.72
CA ALA A 605 -11.61 16.35 5.80
C ALA A 605 -12.10 16.81 7.16
N GLY A 606 -12.29 18.13 7.33
CA GLY A 606 -12.57 18.67 8.64
C GLY A 606 -13.98 18.36 9.12
N VAL A 607 -14.18 18.61 10.42
CA VAL A 607 -15.49 18.40 11.04
C VAL A 607 -16.42 19.52 10.61
N GLY A 608 -17.55 19.14 10.02
CA GLY A 608 -18.48 20.13 9.54
C GLY A 608 -19.92 19.67 9.59
N PRO A 609 -20.79 20.31 8.80
CA PRO A 609 -22.20 19.95 8.79
C PRO A 609 -22.49 18.61 8.15
N VAL A 610 -21.61 18.13 7.27
CA VAL A 610 -21.84 16.85 6.59
C VAL A 610 -21.71 15.72 7.61
N ILE A 611 -22.75 14.90 7.72
CA ILE A 611 -22.82 13.88 8.75
C ILE A 611 -22.46 12.52 8.19
N ALA A 612 -23.20 12.07 7.18
CA ALA A 612 -23.09 10.71 6.70
C ALA A 612 -23.04 10.71 5.18
N ASN A 613 -23.15 9.52 4.60
CA ASN A 613 -23.04 9.31 3.17
C ASN A 613 -24.36 8.87 2.55
N TYR A 614 -25.10 7.99 3.22
CA TYR A 614 -26.54 7.77 3.05
C TYR A 614 -26.92 7.08 1.74
N GLY A 615 -25.99 6.94 0.80
CA GLY A 615 -26.29 6.29 -0.45
C GLY A 615 -25.82 7.10 -1.64
N LEU A 616 -26.09 6.56 -2.81
CA LEU A 616 -25.64 7.10 -4.09
C LEU A 616 -26.76 6.86 -5.09
N GLU A 617 -27.24 7.93 -5.72
CA GLU A 617 -28.53 7.87 -6.40
C GLU A 617 -28.48 7.09 -7.71
N SER A 618 -27.68 7.53 -8.68
CA SER A 618 -27.74 6.91 -10.01
C SER A 618 -26.40 7.10 -10.71
N LEU A 619 -25.60 6.03 -10.74
CA LEU A 619 -24.29 6.05 -11.37
C LEU A 619 -24.35 5.48 -12.78
N ARG A 620 -23.64 6.13 -13.69
CA ARG A 620 -23.42 5.63 -15.04
C ARG A 620 -21.98 5.91 -15.43
N PHE A 621 -21.33 4.92 -16.02
CA PHE A 621 -20.02 5.12 -16.61
C PHE A 621 -20.21 5.30 -18.11
N ILE A 622 -19.45 6.22 -18.69
CA ILE A 622 -19.69 6.71 -20.04
C ILE A 622 -18.49 6.47 -20.94
N GLU A 623 -17.31 6.90 -20.51
CA GLU A 623 -16.09 6.60 -21.24
C GLU A 623 -15.09 5.94 -20.29
N PRO A 624 -14.26 5.04 -20.79
CA PRO A 624 -13.28 4.39 -19.91
C PRO A 624 -12.15 5.32 -19.53
N VAL A 625 -11.72 5.22 -18.27
CA VAL A 625 -10.60 6.00 -17.76
C VAL A 625 -9.36 5.13 -17.86
N LYS A 626 -8.29 5.68 -18.40
CA LYS A 626 -7.08 4.97 -18.75
C LYS A 626 -5.90 5.42 -17.89
N PRO A 627 -4.77 4.73 -17.96
CA PRO A 627 -3.53 5.31 -17.43
C PRO A 627 -3.08 6.49 -18.28
N GLY A 628 -2.48 7.48 -17.61
CA GLY A 628 -2.09 8.70 -18.27
C GLY A 628 -3.29 9.51 -18.69
N ASP A 629 -4.18 9.77 -17.73
CA ASP A 629 -5.49 10.33 -18.02
C ASP A 629 -5.95 10.99 -16.73
N THR A 630 -5.97 12.32 -16.70
CA THR A 630 -6.31 13.03 -15.48
C THR A 630 -7.81 12.95 -15.22
N ILE A 631 -8.19 13.29 -13.99
CA ILE A 631 -9.56 13.19 -13.52
C ILE A 631 -9.88 14.45 -12.71
N GLN A 632 -10.90 15.18 -13.13
CA GLN A 632 -11.33 16.37 -12.41
C GLN A 632 -12.82 16.27 -12.18
N VAL A 633 -13.25 16.65 -10.98
CA VAL A 633 -14.59 16.38 -10.48
C VAL A 633 -15.30 17.71 -10.24
N ARG A 634 -16.57 17.78 -10.60
CA ARG A 634 -17.38 18.98 -10.42
C ARG A 634 -18.53 18.66 -9.48
N LEU A 635 -18.28 18.83 -8.18
CA LEU A 635 -19.33 18.65 -7.19
C LEU A 635 -20.23 19.88 -7.17
N THR A 636 -21.54 19.66 -7.25
CA THR A 636 -22.48 20.77 -7.20
C THR A 636 -23.79 20.34 -6.55
N CYS A 637 -24.38 21.24 -5.77
CA CYS A 637 -25.57 20.94 -4.99
C CYS A 637 -26.80 20.87 -5.89
N LYS A 638 -27.69 19.96 -5.57
CA LYS A 638 -28.81 19.73 -6.47
C LYS A 638 -30.17 19.78 -5.80
N ARG A 639 -30.32 19.21 -4.60
CA ARG A 639 -31.61 19.16 -3.90
C ARG A 639 -31.34 19.28 -2.41
N LYS A 640 -32.33 19.74 -1.66
CA LYS A 640 -32.11 19.95 -0.22
C LYS A 640 -32.97 19.06 0.66
N THR A 641 -34.30 19.17 0.61
CA THR A 641 -35.30 18.22 1.15
C THR A 641 -35.04 17.80 2.60
N LEU A 642 -35.23 18.75 3.52
CA LEU A 642 -34.91 18.53 4.93
C LEU A 642 -35.78 17.44 5.57
N LYS A 643 -35.16 16.70 6.47
CA LYS A 643 -35.85 15.74 7.33
C LYS A 643 -36.51 16.48 8.49
N LYS A 644 -37.26 15.75 9.33
CA LYS A 644 -38.18 16.40 10.25
C LYS A 644 -37.92 16.13 11.73
N GLN A 645 -36.79 15.49 12.07
CA GLN A 645 -36.28 15.39 13.45
C GLN A 645 -37.28 14.67 14.36
N ARG A 646 -37.41 13.36 14.11
CA ARG A 646 -38.46 12.53 14.71
C ARG A 646 -38.42 12.46 16.23
N SER A 647 -37.30 12.79 16.86
CA SER A 647 -37.19 12.80 18.32
C SER A 647 -36.70 14.17 18.78
N ALA A 648 -36.64 14.34 20.09
CA ALA A 648 -36.07 15.54 20.68
C ALA A 648 -34.58 15.42 20.92
N GLU A 649 -34.03 14.21 20.87
CA GLU A 649 -32.60 14.00 21.04
C GLU A 649 -31.84 14.04 19.72
N GLU A 650 -32.49 13.65 18.63
CA GLU A 650 -31.83 13.61 17.33
C GLU A 650 -31.56 15.01 16.81
N LYS A 651 -30.45 15.15 16.10
CA LYS A 651 -29.99 16.43 15.60
C LYS A 651 -30.84 16.90 14.43
N PRO A 652 -31.04 18.21 14.28
CA PRO A 652 -31.74 18.71 13.09
C PRO A 652 -30.86 18.58 11.85
N THR A 653 -31.37 17.84 10.86
CA THR A 653 -30.54 17.49 9.72
C THR A 653 -31.42 17.42 8.46
N GLY A 654 -30.76 17.46 7.31
CA GLY A 654 -31.43 17.38 6.03
C GLY A 654 -30.58 16.63 5.04
N VAL A 655 -31.21 16.10 4.00
CA VAL A 655 -30.50 15.21 3.08
C VAL A 655 -30.25 15.88 1.74
N VAL A 656 -29.09 16.50 1.61
CA VAL A 656 -28.71 17.23 0.40
C VAL A 656 -28.23 16.23 -0.64
N GLU A 657 -28.72 16.37 -1.86
CA GLU A 657 -28.24 15.58 -2.99
C GLU A 657 -27.27 16.42 -3.80
N TRP A 658 -26.09 15.86 -4.08
CA TRP A 658 -25.06 16.50 -4.88
C TRP A 658 -24.91 15.78 -6.21
N ALA A 659 -24.94 16.54 -7.30
CA ALA A 659 -24.66 15.98 -8.61
C ALA A 659 -23.16 16.03 -8.87
N VAL A 660 -22.57 14.89 -9.20
CA VAL A 660 -21.14 14.77 -9.37
C VAL A 660 -20.83 14.55 -10.84
N GLU A 661 -19.95 15.38 -11.39
CA GLU A 661 -19.59 15.34 -12.81
C GLU A 661 -18.07 15.21 -12.89
N VAL A 662 -17.60 13.96 -12.88
CA VAL A 662 -16.21 13.69 -13.15
C VAL A 662 -15.95 13.90 -14.64
N PHE A 663 -14.75 14.36 -14.99
CA PHE A 663 -14.34 14.41 -16.39
C PHE A 663 -12.82 14.27 -16.47
N ASN A 664 -12.31 14.23 -17.69
CA ASN A 664 -10.89 14.03 -17.96
C ASN A 664 -10.30 15.26 -18.65
N GLN A 665 -9.08 15.12 -19.16
CA GLN A 665 -8.38 16.26 -19.76
C GLN A 665 -9.03 16.75 -21.05
N HIS A 666 -9.82 15.93 -21.72
CA HIS A 666 -10.55 16.37 -22.90
C HIS A 666 -11.93 16.90 -22.55
N GLN A 667 -12.22 17.05 -21.26
CA GLN A 667 -13.53 17.49 -20.72
C GLN A 667 -14.68 16.62 -21.21
N THR A 668 -14.42 15.33 -21.46
CA THR A 668 -15.62 14.55 -21.68
C THR A 668 -16.04 13.86 -20.40
N PRO A 669 -17.33 13.85 -20.08
CA PRO A 669 -17.75 13.43 -18.74
C PRO A 669 -17.69 11.93 -18.51
N VAL A 670 -16.55 11.41 -18.08
CA VAL A 670 -16.52 10.06 -17.54
C VAL A 670 -17.26 10.08 -16.20
N ALA A 671 -18.20 9.13 -16.02
CA ALA A 671 -18.79 8.80 -14.72
C ALA A 671 -19.50 10.00 -14.06
N LEU A 672 -20.60 10.43 -14.69
CA LEU A 672 -21.44 11.45 -14.06
C LEU A 672 -22.54 10.76 -13.27
N TYR A 673 -22.79 11.23 -12.06
CA TYR A 673 -23.68 10.54 -11.14
C TYR A 673 -24.18 11.54 -10.10
N SER A 674 -24.74 11.02 -9.02
CA SER A 674 -25.44 11.85 -8.05
C SER A 674 -25.39 11.16 -6.69
N ILE A 675 -24.75 11.79 -5.72
CA ILE A 675 -24.67 11.27 -4.36
C ILE A 675 -25.71 11.94 -3.49
N LEU A 676 -26.33 11.17 -2.62
CA LEU A 676 -27.02 11.73 -1.47
C LEU A 676 -26.01 11.95 -0.36
N THR A 677 -26.38 12.83 0.58
CA THR A 677 -25.53 13.16 1.71
C THR A 677 -26.40 13.81 2.78
N LEU A 678 -26.28 13.33 4.01
CA LEU A 678 -27.01 13.88 5.13
C LEU A 678 -26.22 15.05 5.72
N VAL A 679 -26.84 16.22 5.74
CA VAL A 679 -26.19 17.47 6.14
C VAL A 679 -26.93 18.05 7.33
N ALA A 680 -26.18 18.43 8.37
CA ALA A 680 -26.79 18.95 9.59
C ALA A 680 -27.33 20.36 9.39
N ARG A 681 -28.51 20.61 9.94
CA ARG A 681 -29.13 21.92 9.90
C ARG A 681 -28.63 22.80 11.04
N GLN A 682 -28.64 24.12 10.79
CA GLN A 682 -28.27 25.06 11.84
C GLN A 682 -29.45 25.32 12.77
N HIS A 683 -30.67 25.39 12.22
CA HIS A 683 -31.87 25.64 12.99
C HIS A 683 -32.88 24.52 12.74
N GLY A 684 -33.47 24.03 13.82
CA GLY A 684 -34.48 23.00 13.76
C GLY A 684 -35.89 23.56 13.70
N ASP A 685 -36.85 22.69 13.99
CA ASP A 685 -38.26 23.08 14.04
C ASP A 685 -38.84 23.10 15.44
N PHE A 686 -38.30 22.32 16.37
CA PHE A 686 -38.76 22.31 17.75
C PHE A 686 -38.37 23.59 18.47
N GLN B 9 -63.06 9.39 -57.55
CA GLN B 9 -62.02 8.42 -57.26
C GLN B 9 -62.19 7.87 -55.84
N GLN B 10 -62.10 6.55 -55.69
CA GLN B 10 -62.40 5.91 -54.42
C GLN B 10 -61.20 5.92 -53.49
N LEU B 11 -61.44 6.27 -52.24
CA LEU B 11 -60.43 6.27 -51.19
C LEU B 11 -60.69 5.03 -50.33
N ALA B 12 -59.78 4.07 -50.37
CA ALA B 12 -60.03 2.75 -49.83
C ALA B 12 -59.66 2.68 -48.35
N SER B 13 -60.61 2.24 -47.54
CA SER B 13 -60.36 1.95 -46.13
C SER B 13 -59.63 0.61 -46.00
N PHE B 14 -59.29 0.24 -44.77
CA PHE B 14 -58.58 -1.01 -44.51
C PHE B 14 -59.23 -1.66 -43.28
N LEU B 15 -60.21 -2.51 -43.52
CA LEU B 15 -60.95 -3.17 -42.46
C LEU B 15 -60.92 -4.68 -42.65
N SER B 16 -60.73 -5.39 -41.53
CA SER B 16 -60.75 -6.86 -41.45
C SER B 16 -59.70 -7.49 -42.35
N GLY B 17 -58.55 -6.84 -42.47
CA GLY B 17 -57.42 -7.36 -43.20
C GLY B 17 -57.38 -7.03 -44.68
N THR B 18 -58.50 -6.65 -45.26
CA THR B 18 -58.60 -6.40 -46.69
C THR B 18 -58.95 -4.94 -46.96
N TRP B 19 -58.37 -4.39 -48.03
CA TRP B 19 -58.68 -3.04 -48.44
C TRP B 19 -60.08 -2.99 -49.02
N GLN B 20 -60.97 -2.28 -48.34
CA GLN B 20 -62.38 -2.21 -48.70
C GLN B 20 -62.75 -0.77 -49.01
N SER B 21 -64.03 -0.55 -49.31
CA SER B 21 -64.52 0.80 -49.61
C SER B 21 -66.01 0.86 -49.31
N GLY B 22 -66.50 2.08 -49.10
CA GLY B 22 -67.87 2.27 -48.70
C GLY B 22 -68.83 2.42 -49.86
N ARG B 23 -70.12 2.28 -49.55
CA ARG B 23 -71.21 2.39 -50.52
C ARG B 23 -72.33 3.22 -49.91
N GLY B 24 -72.49 4.45 -50.38
CA GLY B 24 -73.61 5.26 -49.91
C GLY B 24 -73.29 6.74 -50.07
N ARG B 25 -73.91 7.54 -49.19
CA ARG B 25 -73.69 8.97 -49.18
C ARG B 25 -72.26 9.29 -48.75
N SER B 26 -71.69 10.34 -49.35
CA SER B 26 -70.26 10.54 -49.31
C SER B 26 -69.91 11.99 -49.03
N ARG B 27 -68.71 12.19 -48.50
CA ARG B 27 -68.02 13.46 -48.49
C ARG B 27 -66.81 13.36 -49.40
N LEU B 28 -66.24 14.51 -49.74
CA LEU B 28 -65.19 14.53 -50.75
C LEU B 28 -64.05 15.47 -50.34
N ILE B 29 -62.86 15.13 -50.81
CA ILE B 29 -61.63 15.82 -50.44
C ILE B 29 -61.32 16.83 -51.52
N HIS B 30 -61.57 18.10 -51.24
CA HIS B 30 -61.16 19.17 -52.14
C HIS B 30 -59.65 19.30 -52.14
N HIS B 31 -59.10 19.65 -53.31
CA HIS B 31 -57.70 20.05 -53.36
C HIS B 31 -57.59 21.43 -52.74
N ALA B 32 -56.44 21.70 -52.14
CA ALA B 32 -56.31 22.93 -51.37
C ALA B 32 -55.90 24.11 -52.22
N ILE B 33 -54.88 23.94 -53.07
CA ILE B 33 -54.32 25.11 -53.76
C ILE B 33 -55.13 25.46 -55.00
N SER B 34 -55.95 24.53 -55.52
CA SER B 34 -56.74 24.79 -56.71
C SER B 34 -58.24 24.67 -56.45
N GLY B 35 -58.70 23.56 -55.90
CA GLY B 35 -60.07 23.49 -55.43
C GLY B 35 -60.95 22.39 -56.01
N GLU B 36 -60.36 21.42 -56.70
CA GLU B 36 -61.12 20.32 -57.26
C GLU B 36 -61.12 19.13 -56.31
N ALA B 37 -62.03 18.19 -56.58
CA ALA B 37 -62.14 16.97 -55.77
C ALA B 37 -61.36 15.86 -56.47
N LEU B 38 -60.20 15.53 -55.92
CA LEU B 38 -59.38 14.45 -56.45
C LEU B 38 -59.38 13.22 -55.56
N TRP B 39 -60.14 13.23 -54.46
CA TRP B 39 -60.56 12.03 -53.76
C TRP B 39 -61.96 12.25 -53.23
N GLU B 40 -62.57 11.17 -52.74
CA GLU B 40 -63.83 11.26 -52.02
C GLU B 40 -63.90 10.11 -51.02
N VAL B 41 -64.45 10.38 -49.85
CA VAL B 41 -64.44 9.42 -48.76
C VAL B 41 -65.81 8.74 -48.69
N THR B 42 -65.80 7.49 -48.25
CA THR B 42 -67.02 6.72 -47.98
C THR B 42 -66.68 5.56 -47.07
N SER B 43 -67.57 5.30 -46.11
CA SER B 43 -67.42 4.13 -45.24
C SER B 43 -68.75 3.45 -44.94
N GLU B 44 -69.82 3.80 -45.65
CA GLU B 44 -71.11 3.18 -45.41
C GLU B 44 -71.13 1.76 -45.93
N GLY B 45 -71.82 0.88 -45.20
CA GLY B 45 -71.87 -0.53 -45.56
C GLY B 45 -70.72 -1.35 -45.06
N LEU B 46 -69.63 -0.73 -44.60
CA LEU B 46 -68.52 -1.47 -44.03
C LEU B 46 -68.90 -1.96 -42.64
N ASP B 47 -68.58 -3.22 -42.34
CA ASP B 47 -68.92 -3.80 -41.06
C ASP B 47 -67.86 -3.40 -40.04
N MET B 48 -68.29 -2.68 -39.00
CA MET B 48 -67.36 -2.21 -37.99
C MET B 48 -67.13 -3.26 -36.92
N ALA B 49 -68.17 -4.03 -36.59
CA ALA B 49 -68.06 -5.11 -35.62
C ALA B 49 -67.11 -6.19 -36.11
N ALA B 50 -67.17 -6.50 -37.41
CA ALA B 50 -66.26 -7.49 -37.98
C ALA B 50 -64.81 -6.98 -37.98
N ALA B 51 -64.61 -5.68 -38.16
CA ALA B 51 -63.26 -5.13 -38.14
C ALA B 51 -62.68 -5.15 -36.72
N ARG B 52 -63.48 -4.79 -35.72
CA ARG B 52 -63.03 -4.89 -34.33
C ARG B 52 -62.80 -6.35 -33.93
N GLN B 53 -63.66 -7.25 -34.42
CA GLN B 53 -63.50 -8.68 -34.21
C GLN B 53 -62.18 -9.20 -34.78
N PHE B 54 -61.87 -8.80 -36.02
CA PHE B 54 -60.63 -9.25 -36.65
C PHE B 54 -59.41 -8.68 -35.96
N ALA B 55 -59.48 -7.42 -35.53
CA ALA B 55 -58.37 -6.80 -34.82
C ALA B 55 -58.10 -7.50 -33.49
N ILE B 56 -59.15 -7.72 -32.69
CA ILE B 56 -58.99 -8.28 -31.36
C ILE B 56 -58.58 -9.75 -31.43
N GLU B 57 -59.19 -10.55 -32.30
CA GLU B 57 -58.85 -11.96 -32.34
C GLU B 57 -57.79 -12.32 -33.37
N LYS B 58 -57.17 -11.33 -34.03
CA LYS B 58 -56.02 -11.63 -34.89
C LYS B 58 -54.78 -10.86 -34.50
N GLY B 59 -54.84 -9.54 -34.43
CA GLY B 59 -53.63 -8.75 -34.30
C GLY B 59 -53.30 -8.41 -32.87
N ALA B 60 -54.31 -8.47 -31.99
CA ALA B 60 -54.04 -8.26 -30.57
C ALA B 60 -53.21 -9.39 -29.96
N PRO B 61 -53.49 -10.70 -30.16
CA PRO B 61 -52.54 -11.70 -29.63
C PRO B 61 -51.24 -11.77 -30.39
N ALA B 62 -51.20 -11.29 -31.63
CA ALA B 62 -49.94 -11.22 -32.36
C ALA B 62 -49.02 -10.15 -31.81
N LEU B 63 -49.60 -9.06 -31.27
CA LEU B 63 -48.79 -8.06 -30.59
C LEU B 63 -48.48 -8.47 -29.17
N ARG B 64 -49.44 -9.07 -28.47
CA ARG B 64 -49.22 -9.46 -27.08
C ARG B 64 -48.30 -10.66 -26.94
N ALA B 65 -48.08 -11.43 -28.01
CA ALA B 65 -47.08 -12.48 -27.97
C ALA B 65 -45.67 -11.94 -28.10
N MET B 66 -45.51 -10.75 -28.68
CA MET B 66 -44.20 -10.13 -28.76
C MET B 66 -43.77 -9.63 -27.39
N THR B 67 -42.46 -9.46 -27.23
CA THR B 67 -41.95 -8.75 -26.08
C THR B 67 -41.91 -7.26 -26.38
N PHE B 68 -41.56 -6.46 -25.38
CA PHE B 68 -41.46 -5.03 -25.60
C PHE B 68 -40.26 -4.67 -26.48
N ILE B 69 -39.19 -5.46 -26.39
CA ILE B 69 -38.01 -5.26 -27.23
C ILE B 69 -38.34 -5.55 -28.69
N GLU B 70 -39.10 -6.61 -28.95
CA GLU B 70 -39.52 -6.91 -30.31
C GLU B 70 -40.50 -5.88 -30.85
N ARG B 71 -41.34 -5.31 -29.99
CA ARG B 71 -42.26 -4.29 -30.46
C ARG B 71 -41.54 -2.98 -30.75
N ALA B 72 -40.52 -2.64 -29.96
CA ALA B 72 -39.72 -1.46 -30.26
C ALA B 72 -38.88 -1.66 -31.52
N ALA B 73 -38.40 -2.89 -31.74
CA ALA B 73 -37.68 -3.19 -32.98
C ALA B 73 -38.61 -3.12 -34.18
N MET B 74 -39.87 -3.53 -34.01
CA MET B 74 -40.86 -3.38 -35.08
C MET B 74 -41.15 -1.92 -35.38
N LEU B 75 -41.21 -1.09 -34.34
CA LEU B 75 -41.40 0.34 -34.55
C LEU B 75 -40.22 0.96 -35.28
N LYS B 76 -38.99 0.52 -34.95
CA LYS B 76 -37.81 1.02 -35.65
C LYS B 76 -37.78 0.57 -37.10
N ALA B 77 -38.22 -0.67 -37.37
CA ALA B 77 -38.27 -1.17 -38.73
C ALA B 77 -39.29 -0.41 -39.57
N VAL B 78 -40.48 -0.17 -39.02
CA VAL B 78 -41.48 0.64 -39.72
C VAL B 78 -41.00 2.08 -39.89
N ALA B 79 -40.24 2.61 -38.93
CA ALA B 79 -39.71 3.96 -39.03
C ALA B 79 -38.70 4.08 -40.16
N LYS B 80 -37.81 3.09 -40.31
CA LYS B 80 -36.85 3.12 -41.40
C LYS B 80 -37.52 2.89 -42.75
N HIS B 81 -38.51 1.99 -42.80
CA HIS B 81 -39.22 1.73 -44.05
C HIS B 81 -40.06 2.92 -44.49
N LEU B 82 -40.55 3.72 -43.55
CA LEU B 82 -41.32 4.92 -43.86
C LEU B 82 -40.43 6.13 -44.12
N LEU B 83 -39.24 6.16 -43.53
CA LEU B 83 -38.27 7.19 -43.86
C LEU B 83 -37.67 6.96 -45.25
N SER B 84 -37.63 5.71 -45.70
CA SER B 84 -37.09 5.41 -47.02
C SER B 84 -37.99 5.98 -48.12
N GLU B 85 -39.24 5.53 -48.17
CA GLU B 85 -40.17 6.00 -49.20
C GLU B 85 -40.97 7.22 -48.74
N LYS B 86 -40.26 8.22 -48.21
CA LYS B 86 -40.87 9.44 -47.73
C LYS B 86 -41.21 10.41 -48.85
N GLU B 87 -40.70 10.19 -50.06
CA GLU B 87 -40.83 11.19 -51.11
C GLU B 87 -42.23 11.23 -51.72
N ARG B 88 -42.94 10.10 -51.70
CA ARG B 88 -44.34 10.12 -52.11
C ARG B 88 -45.21 10.83 -51.07
N PHE B 89 -44.76 10.85 -49.82
CA PHE B 89 -45.53 11.48 -48.76
C PHE B 89 -45.53 13.00 -48.89
N TYR B 90 -44.44 13.57 -49.39
CA TYR B 90 -44.42 15.02 -49.64
C TYR B 90 -45.35 15.40 -50.79
N ALA B 91 -45.42 14.56 -51.82
CA ALA B 91 -46.34 14.82 -52.92
C ALA B 91 -47.79 14.66 -52.48
N LEU B 92 -48.06 13.69 -51.60
CA LEU B 92 -49.40 13.55 -51.05
C LEU B 92 -49.75 14.67 -50.07
N SER B 93 -48.74 15.24 -49.42
CA SER B 93 -48.96 16.29 -48.43
C SER B 93 -49.03 17.69 -49.03
N ALA B 94 -48.45 17.88 -50.22
CA ALA B 94 -48.58 19.15 -50.93
C ALA B 94 -49.99 19.41 -51.43
N GLN B 95 -50.86 18.40 -51.44
CA GLN B 95 -52.27 18.56 -51.74
C GLN B 95 -53.04 19.24 -50.62
N THR B 96 -52.44 19.37 -49.44
CA THR B 96 -53.07 20.00 -48.29
C THR B 96 -52.76 21.49 -48.18
N GLY B 97 -52.13 22.08 -49.19
CA GLY B 97 -51.78 23.48 -49.16
C GLY B 97 -50.60 23.80 -48.28
N ALA B 98 -49.86 22.81 -47.81
CA ALA B 98 -48.71 23.02 -46.95
C ALA B 98 -47.46 23.26 -47.79
N THR B 99 -46.50 23.96 -47.21
CA THR B 99 -45.25 24.26 -47.90
C THR B 99 -44.31 23.07 -47.79
N ARG B 100 -43.06 23.24 -48.24
CA ARG B 100 -42.10 22.17 -48.12
C ARG B 100 -41.61 22.02 -46.69
N ALA B 101 -41.41 23.15 -45.98
CA ALA B 101 -40.95 23.09 -44.60
C ALA B 101 -42.04 22.60 -43.67
N ASP B 102 -43.29 22.97 -43.93
CA ASP B 102 -44.41 22.52 -43.11
C ASP B 102 -44.64 21.03 -43.27
N SER B 103 -44.64 20.55 -44.51
CA SER B 103 -44.73 19.11 -44.77
C SER B 103 -43.51 18.38 -44.24
N TRP B 104 -42.35 19.04 -44.21
CA TRP B 104 -41.16 18.42 -43.63
C TRP B 104 -41.32 18.22 -42.14
N VAL B 105 -41.84 19.24 -41.45
CA VAL B 105 -42.17 19.14 -40.02
C VAL B 105 -43.15 18.00 -39.78
N ASP B 106 -44.20 17.92 -40.61
CA ASP B 106 -45.22 16.89 -40.47
C ASP B 106 -44.65 15.48 -40.65
N ILE B 107 -44.02 15.22 -41.81
CA ILE B 107 -43.55 13.87 -42.13
C ILE B 107 -42.40 13.45 -41.21
N GLU B 108 -41.39 14.30 -41.06
CA GLU B 108 -40.24 13.92 -40.25
C GLU B 108 -40.54 13.94 -38.77
N GLY B 109 -41.53 14.71 -38.30
CA GLY B 109 -41.95 14.60 -36.92
C GLY B 109 -42.70 13.29 -36.68
N GLY B 110 -43.58 12.91 -37.61
CA GLY B 110 -44.28 11.65 -37.48
C GLY B 110 -43.41 10.42 -37.61
N ILE B 111 -42.24 10.55 -38.23
CA ILE B 111 -41.34 9.41 -38.33
C ILE B 111 -40.30 9.45 -37.20
N GLY B 112 -39.91 10.65 -36.78
CA GLY B 112 -38.98 10.77 -35.67
C GLY B 112 -39.62 10.44 -34.34
N THR B 113 -40.95 10.59 -34.24
CA THR B 113 -41.67 10.05 -33.10
C THR B 113 -41.54 8.53 -33.02
N LEU B 114 -41.61 7.86 -34.17
CA LEU B 114 -41.43 6.42 -34.23
C LEU B 114 -40.02 6.00 -33.85
N PHE B 115 -39.01 6.72 -34.35
CA PHE B 115 -37.63 6.45 -33.95
C PHE B 115 -37.42 6.70 -32.46
N THR B 116 -38.05 7.74 -31.90
CA THR B 116 -37.89 8.06 -30.50
C THR B 116 -38.54 7.01 -29.61
N TYR B 117 -39.76 6.59 -29.94
CA TYR B 117 -40.40 5.52 -29.19
C TYR B 117 -39.70 4.18 -29.36
N ALA B 118 -39.07 3.94 -30.52
CA ALA B 118 -38.27 2.73 -30.66
C ALA B 118 -37.04 2.76 -29.77
N SER B 119 -36.38 3.92 -29.67
CA SER B 119 -35.24 4.04 -28.77
C SER B 119 -35.63 3.91 -27.31
N LEU B 120 -36.73 4.54 -26.91
CA LEU B 120 -37.19 4.45 -25.51
C LEU B 120 -37.65 3.04 -25.16
N GLY B 121 -38.38 2.37 -26.07
CA GLY B 121 -38.78 1.00 -25.80
C GLY B 121 -37.63 0.02 -25.86
N SER B 122 -36.57 0.36 -26.59
CA SER B 122 -35.38 -0.48 -26.56
C SER B 122 -34.62 -0.30 -25.26
N ARG B 123 -34.56 0.94 -24.75
CA ARG B 123 -33.70 1.20 -23.60
C ARG B 123 -34.36 0.91 -22.26
N GLU B 124 -35.66 1.21 -22.10
CA GLU B 124 -36.24 1.21 -20.75
C GLU B 124 -37.43 0.25 -20.62
N LEU B 125 -37.58 -0.70 -21.53
CA LEU B 125 -38.63 -1.70 -21.47
C LEU B 125 -38.04 -3.11 -21.49
N PRO B 126 -38.60 -4.04 -20.74
CA PRO B 126 -37.95 -5.33 -20.55
C PRO B 126 -38.16 -6.27 -21.73
N ASP B 127 -37.35 -7.32 -21.76
CA ASP B 127 -37.53 -8.44 -22.69
C ASP B 127 -38.56 -9.37 -22.07
N ASP B 128 -39.81 -8.94 -22.12
CA ASP B 128 -40.88 -9.61 -21.40
C ASP B 128 -42.19 -9.19 -22.02
N THR B 129 -43.23 -9.98 -21.76
CA THR B 129 -44.58 -9.61 -22.14
C THR B 129 -45.15 -8.58 -21.16
N LEU B 130 -44.77 -8.67 -19.90
CA LEU B 130 -45.27 -7.83 -18.83
C LEU B 130 -44.19 -6.84 -18.41
N TRP B 131 -44.61 -5.64 -18.04
CA TRP B 131 -43.66 -4.63 -17.59
C TRP B 131 -43.90 -4.27 -16.14
N PRO B 132 -43.01 -4.66 -15.22
CA PRO B 132 -43.10 -4.23 -13.82
C PRO B 132 -42.47 -2.86 -13.66
N GLU B 133 -43.26 -1.89 -13.19
CA GLU B 133 -42.77 -0.52 -13.12
C GLU B 133 -42.21 -0.14 -11.76
N ASP B 134 -42.59 -0.84 -10.70
CA ASP B 134 -42.07 -0.55 -9.37
C ASP B 134 -40.90 -1.47 -9.04
N GLU B 135 -40.23 -1.15 -7.93
CA GLU B 135 -39.15 -1.99 -7.45
C GLU B 135 -39.70 -3.16 -6.64
N LEU B 136 -40.28 -2.85 -5.48
CA LEU B 136 -40.93 -3.76 -4.55
C LEU B 136 -41.54 -2.92 -3.45
N ILE B 137 -42.71 -3.32 -2.98
CA ILE B 137 -43.37 -2.69 -1.85
C ILE B 137 -43.51 -3.71 -0.75
N PRO B 138 -42.65 -3.67 0.27
CA PRO B 138 -42.73 -4.66 1.35
C PRO B 138 -43.89 -4.40 2.29
N LEU B 139 -44.88 -5.31 2.27
CA LEU B 139 -46.10 -5.13 3.02
C LEU B 139 -46.13 -5.94 4.31
N SER B 140 -45.02 -6.58 4.67
CA SER B 140 -44.98 -7.45 5.83
C SER B 140 -43.75 -7.14 6.67
N LYS B 141 -43.84 -7.46 7.96
CA LYS B 141 -42.72 -7.22 8.86
C LYS B 141 -41.61 -8.24 8.64
N GLU B 142 -41.95 -9.48 8.31
CA GLU B 142 -40.94 -10.49 8.05
C GLU B 142 -40.35 -10.32 6.66
N GLY B 143 -41.18 -10.48 5.63
CA GLY B 143 -40.71 -10.42 4.26
C GLY B 143 -41.35 -11.48 3.39
N GLY B 144 -42.29 -12.24 3.94
CA GLY B 144 -42.98 -13.27 3.21
C GLY B 144 -44.18 -12.82 2.41
N PHE B 145 -44.53 -11.54 2.50
CA PHE B 145 -45.67 -10.98 1.78
C PHE B 145 -45.30 -9.60 1.29
N ALA B 146 -45.46 -9.35 0.00
CA ALA B 146 -45.06 -8.09 -0.60
C ALA B 146 -45.92 -7.85 -1.83
N ALA B 147 -45.62 -6.76 -2.53
CA ALA B 147 -46.38 -6.43 -3.72
C ALA B 147 -45.56 -5.56 -4.65
N ARG B 148 -45.93 -5.59 -5.93
CA ARG B 148 -45.37 -4.67 -6.91
C ARG B 148 -46.39 -4.48 -8.02
N HIS B 149 -46.27 -3.36 -8.71
CA HIS B 149 -47.21 -3.01 -9.76
C HIS B 149 -46.78 -3.57 -11.10
N LEU B 150 -47.76 -4.05 -11.86
CA LEU B 150 -47.55 -4.64 -13.17
C LEU B 150 -48.37 -3.88 -14.19
N LEU B 151 -47.79 -3.64 -15.36
CA LEU B 151 -48.50 -3.07 -16.49
C LEU B 151 -48.63 -4.14 -17.56
N THR B 152 -49.84 -4.67 -17.72
CA THR B 152 -50.14 -5.62 -18.77
C THR B 152 -50.92 -4.92 -19.87
N SER B 153 -50.64 -5.29 -21.10
CA SER B 153 -51.31 -4.69 -22.24
C SER B 153 -52.77 -5.14 -22.30
N LYS B 154 -53.66 -4.22 -22.65
CA LYS B 154 -55.08 -4.53 -22.76
C LYS B 154 -55.36 -5.41 -23.98
N SER B 155 -56.53 -6.03 -23.96
CA SER B 155 -56.92 -7.04 -24.94
C SER B 155 -57.98 -6.52 -25.90
N GLY B 156 -57.84 -5.28 -26.35
CA GLY B 156 -58.80 -4.72 -27.26
C GLY B 156 -58.20 -3.79 -28.30
N VAL B 157 -59.02 -2.93 -28.90
CA VAL B 157 -58.55 -2.03 -29.95
C VAL B 157 -58.31 -0.65 -29.38
N ALA B 158 -57.63 0.20 -30.14
CA ALA B 158 -57.37 1.58 -29.78
C ALA B 158 -57.94 2.45 -30.89
N VAL B 159 -59.17 2.92 -30.70
CA VAL B 159 -59.86 3.72 -31.70
C VAL B 159 -59.27 5.12 -31.66
N HIS B 160 -58.48 5.47 -32.66
CA HIS B 160 -57.85 6.78 -32.75
C HIS B 160 -58.62 7.65 -33.72
N ILE B 161 -59.11 8.79 -33.23
CA ILE B 161 -59.85 9.74 -34.03
C ILE B 161 -59.00 11.00 -34.14
N ASN B 162 -58.48 11.26 -35.33
CA ASN B 162 -57.51 12.32 -35.55
C ASN B 162 -58.17 13.56 -36.11
N ALA B 163 -57.39 14.63 -36.19
CA ALA B 163 -57.79 15.87 -36.82
C ALA B 163 -57.13 15.98 -38.20
N PHE B 164 -57.45 17.06 -38.92
CA PHE B 164 -56.95 17.21 -40.28
C PHE B 164 -55.58 17.87 -40.35
N ASN B 165 -54.98 18.19 -39.22
CA ASN B 165 -53.83 19.07 -39.24
C ASN B 165 -52.51 18.34 -39.44
N PHE B 166 -52.40 17.13 -38.90
CA PHE B 166 -51.19 16.33 -39.05
C PHE B 166 -51.61 14.92 -39.38
N PRO B 167 -51.77 14.60 -40.67
CA PRO B 167 -52.15 13.23 -41.05
C PRO B 167 -51.02 12.25 -40.82
N CYS B 168 -49.77 12.69 -40.90
CA CYS B 168 -48.63 11.83 -40.64
C CYS B 168 -48.17 11.90 -39.19
N TRP B 169 -48.01 13.11 -38.65
CA TRP B 169 -47.59 13.23 -37.26
C TRP B 169 -48.67 12.75 -36.32
N GLY B 170 -49.85 13.38 -36.36
CA GLY B 170 -50.95 13.14 -35.44
C GLY B 170 -51.52 11.73 -35.49
N MET B 171 -51.22 10.97 -36.54
CA MET B 171 -51.60 9.56 -36.57
C MET B 171 -50.48 8.67 -36.02
N LEU B 172 -49.23 8.98 -36.36
CA LEU B 172 -48.12 8.14 -35.90
C LEU B 172 -47.65 8.48 -34.50
N GLU B 173 -48.08 9.60 -33.92
CA GLU B 173 -47.77 9.86 -32.51
C GLU B 173 -48.75 9.17 -31.56
N LYS B 174 -49.88 8.72 -32.08
CA LYS B 174 -50.80 7.88 -31.32
C LYS B 174 -50.55 6.41 -31.56
N LEU B 175 -49.84 6.07 -32.64
CA LEU B 175 -49.70 4.70 -33.09
C LEU B 175 -48.47 4.03 -32.53
N ALA B 176 -47.41 4.79 -32.31
CA ALA B 176 -46.21 4.25 -31.68
C ALA B 176 -46.41 3.89 -30.21
N PRO B 177 -47.10 4.67 -29.36
CA PRO B 177 -47.39 4.14 -28.02
C PRO B 177 -48.43 3.04 -28.03
N THR B 178 -49.33 3.03 -29.00
CA THR B 178 -50.33 1.97 -29.09
C THR B 178 -49.67 0.63 -29.42
N TRP B 179 -48.81 0.62 -30.42
CA TRP B 179 -48.09 -0.60 -30.78
C TRP B 179 -47.06 -0.96 -29.74
N LEU B 180 -46.38 0.03 -29.15
CA LEU B 180 -45.42 -0.27 -28.11
C LEU B 180 -46.12 -0.73 -26.84
N GLY B 181 -47.35 -0.29 -26.63
CA GLY B 181 -48.18 -0.76 -25.55
C GLY B 181 -48.97 -2.01 -25.85
N GLY B 182 -48.68 -2.70 -26.96
CA GLY B 182 -49.24 -4.02 -27.21
C GLY B 182 -50.71 -4.04 -27.60
N MET B 183 -51.22 -2.97 -28.19
CA MET B 183 -52.60 -2.99 -28.66
C MET B 183 -52.67 -2.72 -30.16
N PRO B 184 -53.64 -3.29 -30.86
CA PRO B 184 -53.87 -2.89 -32.24
C PRO B 184 -54.72 -1.64 -32.29
N ALA B 185 -54.61 -0.92 -33.40
CA ALA B 185 -55.26 0.37 -33.54
C ALA B 185 -56.19 0.39 -34.74
N ILE B 186 -57.21 1.23 -34.64
CA ILE B 186 -58.10 1.53 -35.75
C ILE B 186 -58.12 3.05 -35.88
N ILE B 187 -57.49 3.57 -36.92
CA ILE B 187 -57.35 5.00 -37.10
C ILE B 187 -58.55 5.53 -37.87
N LYS B 188 -59.21 6.55 -37.33
CA LYS B 188 -60.24 7.30 -38.05
C LYS B 188 -59.66 8.67 -38.36
N PRO B 189 -59.05 8.85 -39.53
CA PRO B 189 -58.52 10.18 -39.88
C PRO B 189 -59.64 11.12 -40.29
N ALA B 190 -59.33 12.41 -40.22
CA ALA B 190 -60.27 13.41 -40.68
C ALA B 190 -60.41 13.32 -42.19
N THR B 191 -61.64 13.46 -42.67
CA THR B 191 -61.97 13.23 -44.07
C THR B 191 -61.60 14.40 -44.97
N ALA B 192 -60.88 15.40 -44.47
CA ALA B 192 -60.39 16.48 -45.32
C ALA B 192 -59.00 16.21 -45.88
N THR B 193 -58.24 15.30 -45.26
CA THR B 193 -56.89 15.02 -45.72
C THR B 193 -56.51 13.55 -45.56
N ALA B 194 -57.46 12.63 -45.69
CA ALA B 194 -57.22 11.22 -45.40
C ALA B 194 -56.35 10.53 -46.45
N GLN B 195 -55.98 11.21 -47.54
CA GLN B 195 -55.13 10.59 -48.56
C GLN B 195 -53.71 10.33 -48.04
N LEU B 196 -53.15 11.25 -47.26
CA LEU B 196 -51.82 11.04 -46.71
C LEU B 196 -51.84 9.99 -45.62
N THR B 197 -52.93 9.93 -44.85
CA THR B 197 -53.08 8.89 -43.85
C THR B 197 -53.20 7.52 -44.49
N GLN B 198 -53.91 7.41 -45.62
CA GLN B 198 -53.97 6.13 -46.32
C GLN B 198 -52.62 5.79 -46.95
N ALA B 199 -51.85 6.80 -47.38
CA ALA B 199 -50.50 6.54 -47.86
C ALA B 199 -49.62 5.96 -46.77
N MET B 200 -49.74 6.50 -45.55
CA MET B 200 -48.95 5.99 -44.42
C MET B 200 -49.39 4.57 -44.06
N VAL B 201 -50.70 4.32 -43.98
CA VAL B 201 -51.23 3.01 -43.60
C VAL B 201 -50.86 1.96 -44.66
N LYS B 202 -50.94 2.33 -45.94
CA LYS B 202 -50.58 1.42 -47.02
C LYS B 202 -49.09 1.12 -47.01
N SER B 203 -48.26 2.14 -46.71
CA SER B 203 -46.83 1.91 -46.62
C SER B 203 -46.46 1.03 -45.43
N ILE B 204 -47.25 1.09 -44.36
CA ILE B 204 -47.00 0.21 -43.21
C ILE B 204 -47.44 -1.21 -43.53
N VAL B 205 -48.64 -1.38 -44.09
CA VAL B 205 -49.21 -2.71 -44.34
C VAL B 205 -48.42 -3.45 -45.42
N ASP B 206 -48.05 -2.75 -46.49
CA ASP B 206 -47.28 -3.38 -47.57
C ASP B 206 -45.78 -3.37 -47.28
N SER B 207 -45.40 -3.85 -46.10
CA SER B 207 -44.00 -4.07 -45.76
C SER B 207 -43.73 -5.39 -45.07
N GLY B 208 -44.74 -6.04 -44.49
CA GLY B 208 -44.53 -7.27 -43.75
C GLY B 208 -43.93 -7.07 -42.38
N LEU B 209 -43.92 -5.85 -41.86
CA LEU B 209 -43.25 -5.55 -40.59
C LEU B 209 -44.20 -5.63 -39.41
N VAL B 210 -45.45 -5.19 -39.56
CA VAL B 210 -46.44 -5.36 -38.52
C VAL B 210 -47.29 -6.58 -38.85
N PRO B 211 -47.84 -7.28 -37.87
CA PRO B 211 -48.72 -8.41 -38.16
C PRO B 211 -50.06 -7.94 -38.74
N GLU B 212 -50.81 -8.91 -39.24
CA GLU B 212 -52.14 -8.62 -39.76
C GLU B 212 -53.10 -8.33 -38.61
N GLY B 213 -53.95 -7.31 -38.80
CA GLY B 213 -54.86 -6.88 -37.77
C GLY B 213 -54.31 -5.83 -36.82
N ALA B 214 -53.01 -5.55 -36.87
CA ALA B 214 -52.41 -4.59 -35.96
C ALA B 214 -52.72 -3.14 -36.32
N ILE B 215 -53.30 -2.89 -37.49
CA ILE B 215 -53.62 -1.54 -37.92
C ILE B 215 -54.84 -1.62 -38.83
N SER B 216 -55.69 -0.61 -38.74
CA SER B 216 -56.86 -0.51 -39.60
C SER B 216 -57.01 0.95 -40.01
N LEU B 217 -58.06 1.24 -40.77
CA LEU B 217 -58.27 2.56 -41.32
C LEU B 217 -59.72 2.69 -41.72
N ILE B 218 -60.36 3.81 -41.36
CA ILE B 218 -61.73 4.09 -41.77
C ILE B 218 -61.76 5.51 -42.35
N CYS B 219 -61.59 5.60 -43.67
CA CYS B 219 -61.78 6.83 -44.40
C CYS B 219 -63.27 7.09 -44.51
N GLY B 220 -63.79 7.99 -43.68
CA GLY B 220 -65.20 8.24 -43.58
C GLY B 220 -65.69 8.11 -42.15
N SER B 221 -67.00 8.26 -42.00
CA SER B 221 -67.60 8.24 -40.66
C SER B 221 -67.62 6.83 -40.10
N ALA B 222 -67.25 6.71 -38.82
CA ALA B 222 -67.31 5.41 -38.15
C ALA B 222 -68.75 5.04 -37.81
N GLY B 223 -69.40 5.84 -36.97
CA GLY B 223 -70.81 5.66 -36.68
C GLY B 223 -71.13 4.48 -35.80
N ASP B 224 -70.94 3.27 -36.32
CA ASP B 224 -71.28 2.05 -35.62
C ASP B 224 -70.11 1.48 -34.83
N LEU B 225 -68.94 2.11 -34.88
CA LEU B 225 -67.77 1.58 -34.21
C LEU B 225 -67.82 1.80 -32.71
N LEU B 226 -68.23 2.99 -32.27
CA LEU B 226 -68.23 3.31 -30.85
C LEU B 226 -69.35 2.59 -30.11
N ASP B 227 -70.35 2.08 -30.82
CA ASP B 227 -71.42 1.31 -30.21
C ASP B 227 -71.06 -0.16 -30.00
N HIS B 228 -69.84 -0.56 -30.32
CA HIS B 228 -69.44 -1.95 -30.29
C HIS B 228 -68.24 -2.22 -29.41
N LEU B 229 -67.74 -1.23 -28.68
CA LEU B 229 -66.45 -1.34 -28.03
C LEU B 229 -66.55 -2.01 -26.67
N ASP B 230 -65.67 -2.97 -26.43
CA ASP B 230 -65.54 -3.65 -25.15
C ASP B 230 -64.82 -2.73 -24.17
N SER B 231 -64.85 -3.10 -22.89
CA SER B 231 -64.22 -2.31 -21.84
C SER B 231 -62.70 -2.37 -21.86
N GLN B 232 -62.10 -3.25 -22.65
CA GLN B 232 -60.66 -3.31 -22.83
C GLN B 232 -60.17 -2.42 -23.96
N ASP B 233 -61.01 -1.54 -24.47
CA ASP B 233 -60.66 -0.64 -25.56
C ASP B 233 -60.30 0.73 -25.01
N VAL B 234 -59.61 1.51 -25.82
CA VAL B 234 -59.38 2.92 -25.55
C VAL B 234 -59.79 3.71 -26.77
N VAL B 235 -60.24 4.94 -26.54
CA VAL B 235 -60.57 5.88 -27.61
C VAL B 235 -59.77 7.14 -27.36
N THR B 236 -59.01 7.57 -28.37
CA THR B 236 -58.16 8.75 -28.26
C THR B 236 -58.63 9.75 -29.29
N PHE B 237 -59.28 10.81 -28.83
CA PHE B 237 -59.85 11.81 -29.72
C PHE B 237 -58.90 12.98 -29.92
N THR B 238 -58.94 13.56 -31.12
CA THR B 238 -58.22 14.78 -31.43
C THR B 238 -59.05 15.60 -32.40
N GLY B 239 -59.47 16.79 -31.96
CA GLY B 239 -60.31 17.63 -32.80
C GLY B 239 -60.74 18.85 -32.03
N SER B 240 -61.89 19.39 -32.43
CA SER B 240 -62.47 20.48 -31.66
C SER B 240 -63.09 19.95 -30.38
N ALA B 241 -63.41 20.87 -29.47
CA ALA B 241 -64.01 20.46 -28.22
C ALA B 241 -65.48 20.07 -28.41
N ALA B 242 -66.16 20.70 -29.37
CA ALA B 242 -67.58 20.48 -29.57
C ALA B 242 -67.89 19.07 -30.05
N THR B 243 -66.96 18.44 -30.76
CA THR B 243 -67.17 17.06 -31.19
C THR B 243 -66.87 16.08 -30.07
N GLY B 244 -65.74 16.28 -29.39
CA GLY B 244 -65.33 15.35 -28.35
C GLY B 244 -66.22 15.39 -27.12
N GLN B 245 -66.88 16.53 -26.88
CA GLN B 245 -67.89 16.57 -25.83
C GLN B 245 -69.16 15.86 -26.25
N MET B 246 -69.39 15.66 -27.54
CA MET B 246 -70.49 14.81 -27.99
C MET B 246 -70.10 13.34 -27.97
N LEU B 247 -68.82 13.02 -28.17
CA LEU B 247 -68.37 11.64 -28.18
C LEU B 247 -67.98 11.12 -26.80
N ARG B 248 -67.73 12.01 -25.83
CA ARG B 248 -67.49 11.55 -24.47
C ARG B 248 -68.76 11.01 -23.84
N VAL B 249 -69.91 11.59 -24.18
CA VAL B 249 -71.20 11.20 -23.60
C VAL B 249 -71.88 10.14 -24.45
N GLN B 250 -71.10 9.49 -25.33
CA GLN B 250 -71.61 8.38 -26.11
C GLN B 250 -71.95 7.24 -25.15
N PRO B 251 -73.13 6.62 -25.27
CA PRO B 251 -73.63 5.77 -24.18
C PRO B 251 -72.86 4.48 -23.96
N ASN B 252 -72.24 3.90 -25.00
CA ASN B 252 -71.42 2.72 -24.77
C ASN B 252 -70.11 3.09 -24.09
N ILE B 253 -69.58 4.28 -24.38
CA ILE B 253 -68.32 4.72 -23.79
C ILE B 253 -68.49 4.98 -22.30
N VAL B 254 -69.63 5.55 -21.91
CA VAL B 254 -69.86 5.74 -20.48
C VAL B 254 -70.36 4.47 -19.82
N ALA B 255 -71.01 3.57 -20.57
CA ALA B 255 -71.58 2.36 -19.97
C ALA B 255 -70.48 1.34 -19.67
N LYS B 256 -69.69 0.98 -20.68
CA LYS B 256 -68.57 0.07 -20.50
C LYS B 256 -67.36 0.73 -19.83
N SER B 257 -67.42 2.04 -19.63
CA SER B 257 -66.42 2.82 -18.88
C SER B 257 -65.03 2.71 -19.49
N ILE B 258 -64.97 2.88 -20.80
CA ILE B 258 -63.70 2.75 -21.52
C ILE B 258 -62.97 4.08 -21.38
N PRO B 259 -61.64 4.09 -21.43
CA PRO B 259 -60.92 5.37 -21.36
C PRO B 259 -61.11 6.18 -22.63
N PHE B 260 -61.54 7.43 -22.46
CA PHE B 260 -61.72 8.36 -23.56
C PHE B 260 -60.79 9.54 -23.33
N THR B 261 -59.62 9.50 -23.96
CA THR B 261 -58.63 10.57 -23.83
C THR B 261 -58.93 11.63 -24.87
N MET B 262 -59.71 12.63 -24.47
CA MET B 262 -60.01 13.74 -25.36
C MET B 262 -58.90 14.76 -25.28
N GLU B 263 -58.52 15.31 -26.43
CA GLU B 263 -57.54 16.38 -26.47
C GLU B 263 -57.94 17.35 -27.57
N ALA B 264 -58.19 18.60 -27.19
CA ALA B 264 -58.98 19.50 -28.02
C ALA B 264 -58.30 20.82 -28.33
N ASP B 265 -59.07 21.76 -28.85
CA ASP B 265 -58.57 23.07 -29.26
C ASP B 265 -58.16 23.90 -28.05
N SER B 266 -57.34 24.92 -28.32
CA SER B 266 -56.75 25.67 -27.22
C SER B 266 -56.36 27.07 -27.69
N LEU B 267 -56.38 28.01 -26.75
CA LEU B 267 -55.91 29.38 -26.95
C LEU B 267 -54.56 29.51 -26.27
N ASN B 268 -53.50 29.38 -27.05
CA ASN B 268 -52.15 29.33 -26.54
C ASN B 268 -51.61 30.74 -26.38
N CYS B 269 -51.13 31.05 -25.17
CA CYS B 269 -50.64 32.39 -24.90
C CYS B 269 -49.17 32.50 -25.25
N CYS B 270 -48.68 33.74 -25.32
CA CYS B 270 -47.26 34.01 -25.46
C CYS B 270 -46.98 35.32 -24.73
N VAL B 271 -46.60 35.21 -23.47
CA VAL B 271 -46.50 36.36 -22.58
C VAL B 271 -45.11 36.96 -22.69
N LEU B 272 -45.05 38.27 -22.93
CA LEU B 272 -43.80 39.00 -22.91
C LEU B 272 -43.59 39.57 -21.51
N GLY B 273 -42.42 39.35 -20.94
CA GLY B 273 -42.15 39.82 -19.60
C GLY B 273 -41.87 41.30 -19.54
N GLU B 274 -41.91 41.83 -18.32
CA GLU B 274 -41.68 43.26 -18.11
C GLU B 274 -40.22 43.63 -18.32
N ASP B 275 -39.30 42.70 -18.10
CA ASP B 275 -37.88 43.00 -18.21
C ASP B 275 -37.40 43.18 -19.65
N VAL B 276 -38.19 42.77 -20.63
CA VAL B 276 -37.79 42.88 -22.03
C VAL B 276 -38.03 44.29 -22.52
N THR B 277 -36.99 44.91 -23.07
CA THR B 277 -37.04 46.20 -23.74
C THR B 277 -36.68 46.02 -25.21
N PRO B 278 -37.15 46.88 -26.12
CA PRO B 278 -36.94 46.62 -27.56
C PRO B 278 -35.50 46.74 -28.03
N ASP B 279 -34.58 47.25 -27.22
CA ASP B 279 -33.17 47.27 -27.58
C ASP B 279 -32.42 46.03 -27.10
N GLN B 280 -33.12 44.93 -26.88
CA GLN B 280 -32.55 43.65 -26.46
C GLN B 280 -32.80 42.58 -27.50
N PRO B 281 -31.96 41.54 -27.55
CA PRO B 281 -32.25 40.42 -28.46
C PRO B 281 -33.48 39.62 -28.06
N GLU B 282 -33.90 39.72 -26.80
CA GLU B 282 -35.10 39.03 -26.32
C GLU B 282 -36.34 39.48 -27.06
N PHE B 283 -36.44 40.79 -27.32
CA PHE B 283 -37.57 41.35 -28.07
C PHE B 283 -37.58 40.83 -29.50
N ALA B 284 -36.41 40.74 -30.13
CA ALA B 284 -36.34 40.29 -31.51
C ALA B 284 -36.69 38.81 -31.63
N LEU B 285 -36.22 37.99 -30.69
CA LEU B 285 -36.59 36.58 -30.76
C LEU B 285 -38.04 36.36 -30.33
N PHE B 286 -38.60 37.26 -29.52
CA PHE B 286 -40.04 37.22 -29.23
C PHE B 286 -40.87 37.44 -30.49
N ILE B 287 -40.55 38.51 -31.24
CA ILE B 287 -41.29 38.81 -32.47
C ILE B 287 -41.07 37.70 -33.50
N ARG B 288 -39.85 37.17 -33.57
CA ARG B 288 -39.53 36.09 -34.50
C ARG B 288 -40.30 34.82 -34.16
N GLU B 289 -40.38 34.48 -32.87
CA GLU B 289 -41.08 33.28 -32.43
C GLU B 289 -42.58 33.40 -32.67
N VAL B 290 -43.16 34.57 -32.38
CA VAL B 290 -44.60 34.76 -32.57
C VAL B 290 -44.96 34.72 -34.06
N VAL B 291 -44.15 35.37 -34.91
CA VAL B 291 -44.45 35.40 -36.33
C VAL B 291 -44.22 34.03 -36.98
N ARG B 292 -43.14 33.35 -36.61
CA ARG B 292 -42.87 32.02 -37.16
C ARG B 292 -43.92 31.01 -36.69
N GLU B 293 -44.38 31.14 -35.45
CA GLU B 293 -45.39 30.24 -34.94
C GLU B 293 -46.75 30.51 -35.59
N MET B 294 -47.06 31.76 -35.87
CA MET B 294 -48.34 32.08 -36.47
C MET B 294 -48.36 31.80 -37.97
N THR B 295 -47.21 31.79 -38.63
CA THR B 295 -47.16 31.53 -40.06
C THR B 295 -46.76 30.10 -40.42
N THR B 296 -46.32 29.30 -39.45
CA THR B 296 -46.01 27.90 -39.74
C THR B 296 -47.31 27.12 -39.93
N LYS B 297 -47.42 26.43 -41.08
CA LYS B 297 -48.58 25.62 -41.48
C LYS B 297 -49.84 26.48 -41.56
N ALA B 298 -49.66 27.77 -41.88
CA ALA B 298 -50.72 28.77 -42.00
C ALA B 298 -51.58 28.87 -40.74
N GLY B 299 -50.98 28.64 -39.58
CA GLY B 299 -51.72 28.65 -38.33
C GLY B 299 -52.68 27.50 -38.15
N GLN B 300 -52.45 26.39 -38.85
CA GLN B 300 -53.27 25.19 -38.72
C GLN B 300 -52.61 24.14 -37.84
N LYS B 301 -51.98 24.56 -36.76
CA LYS B 301 -51.59 23.61 -35.72
C LYS B 301 -52.21 24.04 -34.40
N CYS B 302 -52.43 23.03 -33.55
CA CYS B 302 -53.01 23.26 -32.24
C CYS B 302 -52.11 24.10 -31.34
N THR B 303 -50.80 23.92 -31.48
CA THR B 303 -49.82 24.60 -30.65
C THR B 303 -49.34 25.91 -31.27
N ALA B 304 -50.22 26.59 -32.01
CA ALA B 304 -49.91 27.90 -32.55
C ALA B 304 -50.31 28.97 -31.55
N ILE B 305 -49.50 30.03 -31.50
CA ILE B 305 -49.74 31.15 -30.59
C ILE B 305 -50.97 31.93 -31.06
N ARG B 306 -51.95 32.10 -30.15
CA ARG B 306 -53.18 32.78 -30.50
C ARG B 306 -53.55 33.90 -29.55
N ARG B 307 -52.76 34.14 -28.50
CA ARG B 307 -52.96 35.28 -27.62
C ARG B 307 -51.60 35.84 -27.26
N ILE B 308 -51.32 37.08 -27.65
CA ILE B 308 -50.06 37.72 -27.33
C ILE B 308 -50.29 38.72 -26.22
N ILE B 309 -49.62 38.51 -25.09
CA ILE B 309 -49.76 39.35 -23.91
C ILE B 309 -48.45 40.12 -23.75
N VAL B 310 -48.52 41.43 -23.91
CA VAL B 310 -47.34 42.28 -23.84
C VAL B 310 -47.55 43.26 -22.69
N PRO B 311 -46.47 43.84 -22.16
CA PRO B 311 -46.63 44.94 -21.22
C PRO B 311 -47.26 46.17 -21.87
N GLN B 312 -47.82 47.04 -21.02
CA GLN B 312 -48.62 48.16 -21.50
C GLN B 312 -47.76 49.19 -22.22
N ALA B 313 -46.52 49.38 -21.76
CA ALA B 313 -45.62 50.33 -22.41
C ALA B 313 -45.05 49.81 -23.73
N LEU B 314 -45.24 48.53 -24.05
CA LEU B 314 -44.65 47.91 -25.23
C LEU B 314 -45.67 47.57 -26.29
N VAL B 315 -46.93 48.00 -26.13
CA VAL B 315 -48.00 47.57 -27.02
C VAL B 315 -47.79 48.10 -28.43
N ASN B 316 -47.49 49.39 -28.55
CA ASN B 316 -47.27 49.99 -29.86
C ASN B 316 -46.01 49.48 -30.51
N ALA B 317 -44.96 49.21 -29.72
CA ALA B 317 -43.71 48.69 -30.29
C ALA B 317 -43.88 47.28 -30.81
N VAL B 318 -44.58 46.42 -30.06
CA VAL B 318 -44.85 45.07 -30.53
C VAL B 318 -45.78 45.09 -31.74
N SER B 319 -46.80 45.95 -31.71
CA SER B 319 -47.74 46.02 -32.82
C SER B 319 -47.13 46.65 -34.07
N ASP B 320 -46.05 47.42 -33.92
CA ASP B 320 -45.35 47.93 -35.09
C ASP B 320 -44.24 46.99 -35.57
N ALA B 321 -43.71 46.15 -34.68
CA ALA B 321 -42.67 45.21 -35.10
C ALA B 321 -43.25 43.96 -35.73
N LEU B 322 -44.38 43.48 -35.20
CA LEU B 322 -45.02 42.28 -35.74
C LEU B 322 -45.51 42.50 -37.16
N VAL B 323 -46.09 43.67 -37.44
CA VAL B 323 -46.61 43.95 -38.78
C VAL B 323 -45.48 44.08 -39.79
N ALA B 324 -44.39 44.77 -39.40
CA ALA B 324 -43.23 44.89 -40.29
C ALA B 324 -42.52 43.56 -40.49
N ARG B 325 -42.63 42.64 -39.54
CA ARG B 325 -42.10 41.29 -39.73
C ARG B 325 -43.04 40.44 -40.58
N LEU B 326 -44.35 40.71 -40.52
CA LEU B 326 -45.36 39.92 -41.19
C LEU B 326 -45.70 40.36 -42.60
N GLN B 327 -45.40 41.60 -42.98
CA GLN B 327 -45.65 42.02 -44.34
C GLN B 327 -44.70 41.39 -45.34
N LYS B 328 -43.57 40.83 -44.87
CA LYS B 328 -42.67 40.07 -45.72
C LYS B 328 -43.14 38.63 -45.93
N VAL B 329 -44.20 38.20 -45.27
CA VAL B 329 -44.69 36.84 -45.41
C VAL B 329 -45.52 36.74 -46.68
N VAL B 330 -45.05 35.92 -47.62
CA VAL B 330 -45.68 35.77 -48.92
C VAL B 330 -46.67 34.62 -48.85
N VAL B 331 -47.94 34.90 -49.18
CA VAL B 331 -48.99 33.91 -49.17
C VAL B 331 -49.28 33.51 -50.60
N GLY B 332 -49.19 32.22 -50.90
CA GLY B 332 -49.42 31.77 -52.26
C GLY B 332 -49.21 30.28 -52.41
N ASP B 333 -49.04 29.87 -53.67
CA ASP B 333 -48.76 28.48 -53.98
C ASP B 333 -47.37 28.09 -53.47
N PRO B 334 -47.21 26.86 -52.95
CA PRO B 334 -45.89 26.45 -52.46
C PRO B 334 -44.91 26.13 -53.57
N ALA B 335 -45.38 25.64 -54.72
CA ALA B 335 -44.45 25.21 -55.77
C ALA B 335 -43.79 26.38 -56.47
N GLN B 336 -44.46 27.52 -56.54
CA GLN B 336 -43.80 28.73 -57.05
C GLN B 336 -42.88 29.28 -55.96
N GLU B 337 -41.74 29.81 -56.39
CA GLU B 337 -40.69 30.17 -55.45
C GLU B 337 -41.00 31.50 -54.78
N GLY B 338 -40.31 31.74 -53.66
CA GLY B 338 -40.45 32.97 -52.92
C GLY B 338 -41.69 33.05 -52.04
N VAL B 339 -42.38 31.95 -51.80
CA VAL B 339 -43.60 31.91 -51.02
C VAL B 339 -43.31 31.22 -49.70
N LYS B 340 -43.68 31.86 -48.59
CA LYS B 340 -43.39 31.36 -47.25
C LYS B 340 -44.61 30.69 -46.60
N MET B 341 -45.74 31.38 -46.54
CA MET B 341 -46.97 30.81 -46.02
C MET B 341 -47.73 30.10 -47.13
N GLY B 342 -48.18 28.88 -46.85
CA GLY B 342 -49.03 28.14 -47.77
C GLY B 342 -50.49 28.53 -47.64
N ALA B 343 -51.37 27.60 -47.98
CA ALA B 343 -52.80 27.82 -47.95
C ALA B 343 -53.43 26.99 -46.84
N LEU B 344 -54.74 27.12 -46.70
CA LEU B 344 -55.49 26.27 -45.78
C LEU B 344 -55.86 24.98 -46.51
N VAL B 345 -56.75 24.18 -45.94
CA VAL B 345 -57.10 22.91 -46.57
C VAL B 345 -58.46 22.92 -47.26
N ASN B 346 -59.37 23.80 -46.86
CA ASN B 346 -60.72 23.78 -47.41
C ASN B 346 -61.26 25.19 -47.54
N ALA B 347 -62.22 25.35 -48.44
CA ALA B 347 -63.05 26.56 -48.42
C ALA B 347 -63.97 26.55 -47.20
N GLU B 348 -64.35 25.36 -46.72
CA GLU B 348 -65.08 25.26 -45.47
C GLU B 348 -64.24 25.74 -44.30
N GLN B 349 -62.96 25.36 -44.26
CA GLN B 349 -62.07 25.84 -43.21
C GLN B 349 -61.79 27.33 -43.34
N ARG B 350 -61.70 27.84 -44.57
CA ARG B 350 -61.52 29.27 -44.78
C ARG B 350 -62.73 30.07 -44.28
N ALA B 351 -63.93 29.57 -44.56
CA ALA B 351 -65.14 30.21 -44.06
C ALA B 351 -65.23 30.11 -42.55
N ASP B 352 -64.75 29.01 -41.97
CA ASP B 352 -64.73 28.87 -40.52
C ASP B 352 -63.76 29.85 -39.87
N VAL B 353 -62.58 30.04 -40.48
CA VAL B 353 -61.61 31.01 -39.97
C VAL B 353 -62.18 32.42 -40.03
N GLN B 354 -62.82 32.77 -41.16
CA GLN B 354 -63.35 34.13 -41.29
C GLN B 354 -64.56 34.36 -40.38
N GLU B 355 -65.39 33.34 -40.13
CA GLU B 355 -66.50 33.57 -39.20
C GLU B 355 -66.03 33.62 -37.75
N LYS B 356 -64.95 32.89 -37.39
CA LYS B 356 -64.38 33.10 -36.06
C LYS B 356 -63.72 34.47 -35.93
N VAL B 357 -63.14 34.98 -37.02
CA VAL B 357 -62.63 36.35 -37.02
C VAL B 357 -63.76 37.35 -36.80
N ASN B 358 -64.89 37.17 -37.50
CA ASN B 358 -66.02 38.08 -37.32
C ASN B 358 -66.65 37.96 -35.95
N ILE B 359 -66.55 36.80 -35.29
CA ILE B 359 -66.94 36.72 -33.88
C ILE B 359 -65.95 37.48 -33.00
N LEU B 360 -64.65 37.40 -33.30
CA LEU B 360 -63.66 38.13 -32.52
C LEU B 360 -63.73 39.65 -32.74
N LEU B 361 -64.23 40.08 -33.89
CA LEU B 361 -64.37 41.50 -34.21
C LEU B 361 -65.63 42.12 -33.63
N ALA B 362 -66.50 41.32 -33.00
CA ALA B 362 -67.67 41.89 -32.35
C ALA B 362 -67.30 42.67 -31.09
N ALA B 363 -66.16 42.37 -30.47
CA ALA B 363 -65.71 43.10 -29.30
C ALA B 363 -64.20 43.32 -29.32
N GLY B 364 -63.60 43.42 -30.50
CA GLY B 364 -62.17 43.59 -30.61
C GLY B 364 -61.75 44.80 -31.42
N CYS B 365 -60.62 44.69 -32.11
CA CYS B 365 -60.09 45.76 -32.93
C CYS B 365 -59.41 45.13 -34.14
N GLU B 366 -58.56 45.90 -34.82
CA GLU B 366 -57.95 45.40 -36.05
C GLU B 366 -56.60 46.08 -36.24
N ILE B 367 -55.59 45.30 -36.62
CA ILE B 367 -54.25 45.83 -36.86
C ILE B 367 -53.85 45.55 -38.30
N ARG B 368 -54.34 44.46 -38.87
CA ARG B 368 -53.90 44.03 -40.19
C ARG B 368 -55.13 43.61 -40.99
N LEU B 369 -54.89 42.85 -42.06
CA LEU B 369 -55.96 42.37 -42.92
C LEU B 369 -56.63 41.17 -42.26
N GLY B 370 -57.83 41.38 -41.71
CA GLY B 370 -58.56 40.34 -41.03
C GLY B 370 -59.68 39.77 -41.87
N GLY B 371 -60.91 40.27 -41.64
CA GLY B 371 -62.09 39.79 -42.34
C GLY B 371 -62.10 40.02 -43.83
N GLN B 372 -61.19 40.85 -44.36
CA GLN B 372 -60.99 40.98 -45.80
C GLN B 372 -60.27 39.73 -46.30
N ALA B 373 -61.07 38.70 -46.58
CA ALA B 373 -60.57 37.44 -47.13
C ALA B 373 -61.43 37.10 -48.34
N ASP B 374 -60.78 36.90 -49.48
CA ASP B 374 -61.49 36.67 -50.74
C ASP B 374 -62.04 35.24 -50.74
N LEU B 375 -63.34 35.12 -50.43
CA LEU B 375 -63.98 33.80 -50.42
C LEU B 375 -64.22 33.26 -51.82
N SER B 376 -64.17 34.11 -52.84
CA SER B 376 -64.39 33.70 -54.23
C SER B 376 -63.10 33.27 -54.92
N ALA B 377 -62.10 32.84 -54.18
CA ALA B 377 -60.82 32.44 -54.75
C ALA B 377 -60.77 30.94 -54.97
N ALA B 378 -59.98 30.53 -55.96
CA ALA B 378 -59.76 29.11 -56.27
C ALA B 378 -58.54 28.59 -55.50
N GLY B 379 -58.62 28.73 -54.18
CA GLY B 379 -57.56 28.32 -53.29
C GLY B 379 -57.85 28.81 -51.88
N ALA B 380 -57.63 27.95 -50.89
CA ALA B 380 -58.01 28.27 -49.50
C ALA B 380 -56.95 29.16 -48.86
N PHE B 381 -56.93 30.42 -49.28
CA PHE B 381 -56.00 31.40 -48.77
C PHE B 381 -56.67 32.28 -47.74
N PHE B 382 -55.95 32.55 -46.64
CA PHE B 382 -56.42 33.51 -45.66
C PHE B 382 -55.24 34.41 -45.33
N PRO B 383 -55.43 35.74 -45.29
CA PRO B 383 -54.31 36.63 -45.05
C PRO B 383 -53.87 36.58 -43.60
N PRO B 384 -52.57 36.75 -43.33
CA PRO B 384 -52.07 36.65 -41.95
C PRO B 384 -52.58 37.81 -41.10
N THR B 385 -53.32 37.48 -40.05
CA THR B 385 -54.14 38.42 -39.31
C THR B 385 -53.59 38.66 -37.91
N LEU B 386 -53.38 39.92 -37.56
CA LEU B 386 -53.06 40.34 -36.21
C LEU B 386 -54.19 41.22 -35.70
N LEU B 387 -54.76 40.85 -34.56
CA LEU B 387 -55.88 41.58 -33.98
C LEU B 387 -55.41 42.39 -32.77
N TYR B 388 -56.37 43.04 -32.13
CA TYR B 388 -56.08 43.88 -30.97
C TYR B 388 -57.28 43.89 -30.06
N CYS B 389 -57.00 43.95 -28.75
CA CYS B 389 -58.06 43.96 -27.73
C CYS B 389 -57.67 44.97 -26.66
N PRO B 390 -58.22 46.19 -26.73
CA PRO B 390 -57.86 47.20 -25.73
C PRO B 390 -58.44 46.93 -24.35
N GLN B 391 -59.52 46.17 -24.25
CA GLN B 391 -60.10 45.78 -22.96
C GLN B 391 -60.00 44.26 -22.85
N PRO B 392 -58.87 43.72 -22.38
CA PRO B 392 -58.70 42.25 -22.42
C PRO B 392 -59.52 41.50 -21.38
N ASP B 393 -59.61 42.01 -20.15
CA ASP B 393 -60.33 41.29 -19.11
C ASP B 393 -61.82 41.56 -19.11
N GLU B 394 -62.30 42.47 -19.96
CA GLU B 394 -63.74 42.70 -20.09
C GLU B 394 -64.39 41.82 -21.15
N THR B 395 -63.62 41.31 -22.10
CA THR B 395 -64.18 40.55 -23.21
C THR B 395 -63.89 39.06 -23.00
N PRO B 396 -64.90 38.24 -22.72
CA PRO B 396 -64.66 36.80 -22.63
C PRO B 396 -64.55 36.11 -23.98
N ALA B 397 -64.91 36.78 -25.08
CA ALA B 397 -64.85 36.14 -26.39
C ALA B 397 -63.43 35.97 -26.88
N VAL B 398 -62.51 36.81 -26.40
CA VAL B 398 -61.09 36.64 -26.74
C VAL B 398 -60.54 35.40 -26.06
N HIS B 399 -60.96 35.14 -24.83
CA HIS B 399 -60.51 34.00 -24.06
C HIS B 399 -61.37 32.77 -24.26
N ALA B 400 -62.17 32.71 -25.32
CA ALA B 400 -62.99 31.52 -25.57
C ALA B 400 -63.14 31.17 -27.04
N THR B 401 -62.54 31.90 -27.97
CA THR B 401 -62.72 31.66 -29.39
C THR B 401 -61.36 31.59 -30.07
N GLU B 402 -61.08 30.48 -30.73
CA GLU B 402 -59.85 30.30 -31.48
C GLU B 402 -60.18 30.34 -32.97
N ALA B 403 -59.65 31.34 -33.66
CA ALA B 403 -59.76 31.42 -35.11
C ALA B 403 -58.65 30.58 -35.70
N PHE B 404 -59.00 29.40 -36.23
CA PHE B 404 -58.01 28.37 -36.48
C PHE B 404 -57.32 28.59 -37.81
N GLY B 405 -56.51 29.65 -37.85
CA GLY B 405 -55.72 30.00 -39.00
C GLY B 405 -54.58 30.89 -38.59
N PRO B 406 -54.23 31.86 -39.44
CA PRO B 406 -53.10 32.76 -39.13
C PRO B 406 -53.46 33.89 -38.17
N VAL B 407 -54.54 33.74 -37.41
CA VAL B 407 -55.08 34.80 -36.58
C VAL B 407 -54.52 34.66 -35.17
N ALA B 408 -54.04 35.77 -34.62
CA ALA B 408 -53.64 35.81 -33.23
C ALA B 408 -53.87 37.20 -32.68
N THR B 409 -54.62 37.29 -31.59
CA THR B 409 -54.95 38.58 -31.01
C THR B 409 -53.76 39.14 -30.22
N LEU B 410 -53.86 40.42 -29.88
CA LEU B 410 -52.86 41.09 -29.07
C LEU B 410 -53.58 41.91 -28.01
N MET B 411 -52.98 42.00 -26.82
CA MET B 411 -53.64 42.61 -25.68
C MET B 411 -52.59 42.98 -24.63
N PRO B 412 -52.78 44.07 -23.89
CA PRO B 412 -51.75 44.54 -22.97
C PRO B 412 -51.80 43.81 -21.62
N ALA B 413 -50.93 44.25 -20.71
CA ALA B 413 -50.85 43.67 -19.37
C ALA B 413 -50.40 44.74 -18.39
N GLN B 414 -50.44 44.39 -17.10
CA GLN B 414 -50.08 45.31 -16.01
C GLN B 414 -49.12 44.62 -15.03
N ASN B 415 -47.83 44.60 -15.40
CA ASN B 415 -46.69 44.37 -14.49
C ASN B 415 -46.72 42.97 -13.85
N GLN B 416 -46.77 41.96 -14.72
CA GLN B 416 -46.61 40.53 -14.39
C GLN B 416 -47.59 40.01 -13.34
N ARG B 417 -48.71 40.67 -13.14
CA ARG B 417 -49.81 40.11 -12.38
C ARG B 417 -51.06 40.03 -13.23
N HIS B 418 -51.31 41.04 -14.06
CA HIS B 418 -52.37 40.96 -15.05
C HIS B 418 -51.97 40.02 -16.17
N ALA B 419 -50.67 39.89 -16.44
CA ALA B 419 -50.20 39.00 -17.51
C ALA B 419 -50.43 37.53 -17.14
N LEU B 420 -50.20 37.18 -15.87
CA LEU B 420 -50.45 35.82 -15.42
C LEU B 420 -51.94 35.48 -15.47
N GLN B 421 -52.79 36.44 -15.10
CA GLN B 421 -54.23 36.19 -15.12
C GLN B 421 -54.76 36.13 -16.53
N LEU B 422 -54.21 36.94 -17.44
CA LEU B 422 -54.63 36.83 -18.84
C LEU B 422 -54.08 35.58 -19.51
N ALA B 423 -52.94 35.06 -19.03
CA ALA B 423 -52.45 33.80 -19.53
C ALA B 423 -53.28 32.64 -19.03
N CYS B 424 -53.75 32.71 -17.78
CA CYS B 424 -54.59 31.66 -17.22
C CYS B 424 -56.06 31.81 -17.57
N ALA B 425 -56.47 32.93 -18.16
CA ALA B 425 -57.88 33.15 -18.49
C ALA B 425 -58.34 32.37 -19.71
N GLY B 426 -57.45 31.65 -20.39
CA GLY B 426 -57.83 30.85 -21.54
C GLY B 426 -58.58 29.57 -21.21
N GLY B 427 -58.86 29.29 -19.94
CA GLY B 427 -59.62 28.13 -19.56
C GLY B 427 -58.88 26.83 -19.75
N GLY B 428 -57.58 26.82 -19.50
CA GLY B 428 -56.77 25.66 -19.79
C GLY B 428 -56.28 25.70 -21.22
N SER B 429 -54.97 25.60 -21.42
CA SER B 429 -54.38 25.74 -22.73
C SER B 429 -53.48 24.55 -22.99
N LEU B 430 -52.84 24.56 -24.16
CA LEU B 430 -52.00 23.47 -24.60
C LEU B 430 -50.53 23.81 -24.63
N ALA B 431 -50.20 25.06 -24.95
CA ALA B 431 -48.82 25.52 -24.92
C ALA B 431 -48.81 26.98 -24.53
N GLY B 432 -47.65 27.43 -24.06
CA GLY B 432 -47.47 28.82 -23.67
C GLY B 432 -46.01 29.18 -23.80
N THR B 433 -45.74 30.48 -23.71
CA THR B 433 -44.37 30.97 -23.79
C THR B 433 -44.22 32.23 -22.98
N LEU B 434 -43.27 32.22 -22.06
CA LEU B 434 -42.78 33.44 -21.44
C LEU B 434 -41.42 33.77 -22.03
N VAL B 435 -41.30 34.93 -22.64
CA VAL B 435 -40.01 35.43 -23.14
C VAL B 435 -39.48 36.42 -22.12
N THR B 436 -38.47 36.00 -21.37
CA THR B 436 -37.79 36.85 -20.40
C THR B 436 -36.30 36.57 -20.42
N ALA B 437 -35.58 37.28 -19.57
CA ALA B 437 -34.21 36.94 -19.20
C ALA B 437 -34.02 36.83 -17.70
N ASP B 438 -34.91 37.40 -16.89
CA ASP B 438 -34.85 37.28 -15.44
C ASP B 438 -35.35 35.90 -15.03
N PRO B 439 -34.53 35.06 -14.39
CA PRO B 439 -34.99 33.72 -14.00
C PRO B 439 -35.94 33.70 -12.81
N GLN B 440 -36.21 34.83 -12.17
CA GLN B 440 -37.20 34.89 -11.09
C GLN B 440 -38.58 35.27 -11.59
N ILE B 441 -38.68 35.83 -12.79
CA ILE B 441 -39.98 36.08 -13.40
C ILE B 441 -40.56 34.77 -13.92
N ALA B 442 -39.71 33.90 -14.46
CA ALA B 442 -40.15 32.60 -14.93
C ALA B 442 -40.60 31.70 -13.80
N ARG B 443 -40.02 31.86 -12.60
CA ARG B 443 -40.48 31.12 -11.43
C ARG B 443 -41.92 31.48 -11.08
N GLN B 444 -42.22 32.77 -11.07
CA GLN B 444 -43.58 33.23 -10.84
C GLN B 444 -44.52 32.84 -11.96
N PHE B 445 -44.02 32.73 -13.18
CA PHE B 445 -44.86 32.34 -14.30
C PHE B 445 -45.21 30.86 -14.26
N ILE B 446 -44.25 30.01 -13.87
CA ILE B 446 -44.53 28.59 -13.76
C ILE B 446 -45.39 28.31 -12.54
N ALA B 447 -45.17 29.03 -11.45
CA ALA B 447 -45.91 28.78 -10.21
C ALA B 447 -47.38 29.18 -10.28
N ASP B 448 -47.81 29.86 -11.34
CA ASP B 448 -49.21 30.27 -11.45
C ASP B 448 -49.83 29.87 -12.77
N ALA B 449 -49.02 29.77 -13.83
CA ALA B 449 -49.52 29.54 -15.17
C ALA B 449 -49.38 28.10 -15.64
N ALA B 450 -48.60 27.27 -14.95
CA ALA B 450 -48.51 25.88 -15.32
C ALA B 450 -49.67 25.05 -14.80
N ARG B 451 -50.61 25.66 -14.08
CA ARG B 451 -51.84 24.99 -13.71
C ARG B 451 -52.75 24.82 -14.91
N THR B 452 -52.60 25.66 -15.93
CA THR B 452 -53.49 25.70 -17.07
C THR B 452 -52.83 25.31 -18.38
N HIS B 453 -51.50 25.29 -18.44
CA HIS B 453 -50.77 24.95 -19.66
C HIS B 453 -50.17 23.57 -19.52
N GLY B 454 -50.31 22.75 -20.56
CA GLY B 454 -49.64 21.47 -20.57
C GLY B 454 -48.18 21.53 -20.93
N ARG B 455 -47.74 22.63 -21.53
CA ARG B 455 -46.36 22.78 -21.94
C ARG B 455 -46.03 24.26 -21.94
N ILE B 456 -44.88 24.64 -21.39
CA ILE B 456 -44.46 26.03 -21.32
C ILE B 456 -43.01 26.10 -21.78
N GLN B 457 -42.72 27.00 -22.71
CA GLN B 457 -41.37 27.24 -23.17
C GLN B 457 -40.91 28.61 -22.67
N ILE B 458 -39.96 28.63 -21.75
CA ILE B 458 -39.37 29.87 -21.28
C ILE B 458 -38.24 30.20 -22.24
N LEU B 459 -38.48 31.13 -23.14
CA LEU B 459 -37.58 31.38 -24.26
C LEU B 459 -36.69 32.58 -23.97
N ASN B 460 -35.38 32.34 -23.91
CA ASN B 460 -34.41 33.43 -23.84
C ASN B 460 -33.36 33.30 -24.93
N GLU B 461 -32.30 34.11 -24.86
CA GLU B 461 -31.29 34.13 -25.91
C GLU B 461 -30.49 32.83 -25.95
N GLU B 462 -30.27 32.19 -24.79
CA GLU B 462 -29.60 30.90 -24.78
C GLU B 462 -30.48 29.80 -25.35
N SER B 463 -31.78 29.86 -25.06
CA SER B 463 -32.69 28.81 -25.53
C SER B 463 -32.97 28.93 -27.01
N ALA B 464 -32.98 30.15 -27.56
CA ALA B 464 -33.49 30.40 -28.91
C ALA B 464 -32.59 29.85 -30.01
N LYS B 465 -31.36 29.41 -29.68
CA LYS B 465 -30.47 28.88 -30.70
C LYS B 465 -30.94 27.51 -31.18
N GLU B 466 -30.99 26.53 -30.27
CA GLU B 466 -31.36 25.17 -30.62
C GLU B 466 -32.73 24.78 -30.07
N SER B 467 -33.63 25.76 -29.98
CA SER B 467 -35.02 25.48 -29.61
C SER B 467 -35.74 24.76 -30.76
N THR B 468 -36.81 24.07 -30.41
CA THR B 468 -37.69 23.47 -31.40
C THR B 468 -38.90 24.33 -31.68
N GLY B 469 -39.15 25.35 -30.87
CA GLY B 469 -40.22 26.30 -31.11
C GLY B 469 -41.41 26.07 -30.20
N HIS B 470 -42.36 27.01 -30.28
CA HIS B 470 -43.60 26.90 -29.53
C HIS B 470 -44.47 25.77 -30.06
N GLY B 471 -44.42 25.52 -31.35
CA GLY B 471 -45.35 24.59 -31.96
C GLY B 471 -44.74 23.28 -32.39
N SER B 472 -43.85 22.73 -31.56
CA SER B 472 -43.25 21.43 -31.82
C SER B 472 -43.50 20.55 -30.60
N PRO B 473 -44.56 19.76 -30.59
CA PRO B 473 -44.74 18.77 -29.52
C PRO B 473 -43.72 17.65 -29.63
N LEU B 474 -42.77 17.62 -28.70
CA LEU B 474 -41.75 16.59 -28.70
C LEU B 474 -42.37 15.25 -28.31
N PRO B 475 -41.87 14.14 -28.87
CA PRO B 475 -42.42 12.82 -28.52
C PRO B 475 -42.09 12.33 -27.13
N GLN B 476 -41.29 13.07 -26.37
CA GLN B 476 -40.96 12.72 -24.99
C GLN B 476 -41.31 13.86 -24.04
N LEU B 477 -42.24 14.72 -24.43
CA LEU B 477 -42.82 15.73 -23.56
C LEU B 477 -44.33 15.61 -23.63
N VAL B 478 -44.98 15.87 -22.49
CA VAL B 478 -46.43 15.71 -22.36
C VAL B 478 -47.13 16.72 -23.25
N HIS B 479 -47.85 16.22 -24.24
CA HIS B 479 -48.66 17.03 -25.13
C HIS B 479 -50.11 16.85 -24.71
N GLY B 480 -50.66 17.87 -24.06
CA GLY B 480 -52.01 17.81 -23.54
C GLY B 480 -52.17 18.75 -22.38
N GLY B 481 -53.26 19.50 -22.36
CA GLY B 481 -53.49 20.47 -21.32
C GLY B 481 -54.87 20.32 -20.73
N PRO B 482 -55.12 20.96 -19.59
CA PRO B 482 -56.40 20.77 -18.91
C PRO B 482 -57.51 21.62 -19.54
N GLY B 483 -58.73 21.31 -19.15
CA GLY B 483 -59.88 22.12 -19.48
C GLY B 483 -60.27 22.18 -20.94
N ARG B 484 -60.08 23.35 -21.55
CA ARG B 484 -60.45 23.54 -22.94
C ARG B 484 -59.57 22.72 -23.87
N ALA B 485 -58.32 22.49 -23.50
CA ALA B 485 -57.40 21.69 -24.29
C ALA B 485 -57.74 20.21 -24.31
N GLY B 486 -58.65 19.76 -23.44
CA GLY B 486 -59.12 18.40 -23.49
C GLY B 486 -59.06 17.69 -22.16
N GLY B 487 -58.03 17.98 -21.37
CA GLY B 487 -57.78 17.30 -20.14
C GLY B 487 -56.88 16.09 -20.27
N GLY B 488 -56.98 15.36 -21.38
CA GLY B 488 -56.15 14.19 -21.58
C GLY B 488 -54.79 14.54 -22.11
N GLU B 489 -53.81 13.69 -21.82
CA GLU B 489 -52.42 13.94 -22.15
C GLU B 489 -51.89 12.85 -23.08
N GLU B 490 -50.89 13.21 -23.85
CA GLU B 490 -50.24 12.30 -24.78
C GLU B 490 -48.75 12.54 -24.75
N LEU B 491 -48.02 11.63 -25.40
CA LEU B 491 -46.61 11.79 -25.78
C LEU B 491 -45.66 11.97 -24.60
N GLY B 492 -46.02 11.53 -23.41
CA GLY B 492 -45.17 11.81 -22.28
C GLY B 492 -43.97 10.91 -22.11
N GLY B 493 -43.35 10.50 -23.22
CA GLY B 493 -42.36 9.46 -23.16
C GLY B 493 -43.06 8.13 -22.97
N LEU B 494 -42.66 7.41 -21.92
CA LEU B 494 -43.31 6.16 -21.60
C LEU B 494 -44.57 6.34 -20.78
N ARG B 495 -44.97 7.59 -20.49
CA ARG B 495 -46.28 7.84 -19.94
C ARG B 495 -47.36 7.59 -20.98
N ALA B 496 -47.01 7.68 -22.26
CA ALA B 496 -47.99 7.52 -23.33
C ALA B 496 -48.29 6.06 -23.62
N VAL B 497 -47.38 5.15 -23.29
CA VAL B 497 -47.67 3.73 -23.50
C VAL B 497 -48.44 3.14 -22.32
N LYS B 498 -48.59 3.88 -21.23
CA LYS B 498 -49.30 3.40 -20.06
C LYS B 498 -50.80 3.62 -20.13
N HIS B 499 -51.28 4.44 -21.08
CA HIS B 499 -52.71 4.52 -21.32
C HIS B 499 -53.23 3.27 -22.01
N TYR B 500 -52.36 2.56 -22.72
CA TYR B 500 -52.73 1.39 -23.48
C TYR B 500 -52.48 0.12 -22.69
N MET B 501 -52.23 0.24 -21.40
CA MET B 501 -51.96 -0.88 -20.52
C MET B 501 -52.85 -0.78 -19.30
N GLN B 502 -52.98 -1.91 -18.60
CA GLN B 502 -53.74 -1.97 -17.36
C GLN B 502 -52.79 -2.13 -16.19
N ARG B 503 -52.85 -1.22 -15.23
CA ARG B 503 -51.99 -1.25 -14.07
C ARG B 503 -52.62 -2.09 -12.97
N THR B 504 -51.90 -3.12 -12.53
CA THR B 504 -52.39 -4.08 -11.55
C THR B 504 -51.35 -4.20 -10.44
N ALA B 505 -51.80 -4.13 -9.19
CA ALA B 505 -50.94 -4.33 -8.05
C ALA B 505 -51.00 -5.80 -7.64
N VAL B 506 -49.94 -6.55 -7.96
CA VAL B 506 -49.93 -7.98 -7.69
C VAL B 506 -49.37 -8.21 -6.30
N GLN B 507 -50.14 -8.86 -5.44
CA GLN B 507 -49.73 -9.19 -4.09
C GLN B 507 -49.34 -10.65 -3.98
N GLY B 508 -48.41 -10.94 -3.08
CA GLY B 508 -48.02 -12.32 -2.85
C GLY B 508 -46.64 -12.38 -2.22
N SER B 509 -46.13 -13.59 -2.14
CA SER B 509 -44.79 -13.81 -1.64
C SER B 509 -43.77 -13.35 -2.68
N PRO B 510 -42.56 -12.94 -2.26
CA PRO B 510 -41.55 -12.51 -3.23
C PRO B 510 -41.08 -13.61 -4.16
N THR B 511 -41.13 -14.87 -3.73
CA THR B 511 -40.82 -15.97 -4.63
C THR B 511 -41.91 -16.19 -5.67
N MET B 512 -43.08 -15.61 -5.47
CA MET B 512 -44.16 -15.68 -6.44
C MET B 512 -44.15 -14.47 -7.34
N LEU B 513 -43.88 -13.29 -6.76
CA LEU B 513 -43.73 -12.06 -7.54
C LEU B 513 -42.53 -12.14 -8.47
N ALA B 514 -41.49 -12.88 -8.09
CA ALA B 514 -40.33 -13.04 -8.94
C ALA B 514 -40.65 -13.87 -10.17
N ALA B 515 -41.49 -14.89 -10.02
CA ALA B 515 -41.86 -15.70 -11.16
C ALA B 515 -42.93 -15.02 -12.01
N ILE B 516 -43.78 -14.19 -11.40
CA ILE B 516 -44.74 -13.40 -12.17
C ILE B 516 -44.04 -12.34 -13.00
N SER B 517 -43.14 -11.60 -12.38
CA SER B 517 -42.44 -10.52 -13.07
C SER B 517 -41.31 -11.00 -13.98
N LYS B 518 -40.95 -12.29 -13.90
CA LYS B 518 -39.76 -12.88 -14.53
C LYS B 518 -38.50 -12.11 -14.19
N GLN B 519 -38.40 -11.71 -12.91
CA GLN B 519 -37.21 -11.07 -12.37
C GLN B 519 -36.86 -11.77 -11.07
N TRP B 520 -35.91 -11.24 -10.31
CA TRP B 520 -35.70 -11.61 -8.92
C TRP B 520 -35.95 -10.35 -8.10
N VAL B 521 -36.62 -10.48 -6.96
CA VAL B 521 -37.14 -9.24 -6.43
C VAL B 521 -36.45 -8.79 -5.14
N ARG B 522 -36.75 -9.42 -4.00
CA ARG B 522 -35.99 -9.11 -2.80
C ARG B 522 -35.81 -10.31 -1.89
N GLY B 523 -36.80 -11.21 -1.90
CA GLY B 523 -36.84 -12.26 -0.92
C GLY B 523 -37.29 -13.55 -1.55
N ALA B 524 -37.07 -13.66 -2.85
CA ALA B 524 -37.42 -14.86 -3.58
C ALA B 524 -36.45 -15.99 -3.25
N LYS B 525 -36.81 -17.20 -3.67
CA LYS B 525 -35.86 -18.29 -3.59
C LYS B 525 -34.79 -18.12 -4.66
N VAL B 526 -33.60 -18.59 -4.34
CA VAL B 526 -32.42 -18.39 -5.17
C VAL B 526 -32.03 -19.70 -5.81
N GLU B 527 -31.27 -19.61 -6.89
CA GLU B 527 -30.83 -20.79 -7.63
C GLU B 527 -29.29 -20.77 -7.64
N GLU B 528 -28.70 -21.35 -6.61
CA GLU B 528 -27.26 -21.45 -6.49
C GLU B 528 -26.81 -22.79 -7.07
N ASP B 529 -26.00 -22.76 -8.11
CA ASP B 529 -25.72 -23.95 -8.90
C ASP B 529 -24.23 -24.13 -9.16
N ARG B 530 -23.43 -24.01 -8.09
CA ARG B 530 -22.11 -24.63 -7.94
C ARG B 530 -21.03 -23.98 -8.81
N ILE B 531 -21.41 -23.13 -9.76
CA ILE B 531 -20.47 -22.38 -10.57
C ILE B 531 -20.85 -20.90 -10.48
N HIS B 532 -20.13 -20.09 -11.20
CA HIS B 532 -20.15 -18.66 -10.96
C HIS B 532 -21.11 -17.98 -11.93
N PRO B 533 -21.99 -17.10 -11.46
CA PRO B 533 -22.87 -16.36 -12.39
C PRO B 533 -22.14 -15.44 -13.36
N PHE B 534 -20.91 -15.02 -13.08
CA PHE B 534 -20.18 -14.27 -14.08
C PHE B 534 -19.57 -15.16 -15.15
N ARG B 535 -19.59 -16.48 -14.98
CA ARG B 535 -19.10 -17.39 -16.00
C ARG B 535 -20.17 -17.75 -17.01
N LYS B 536 -21.44 -17.68 -16.63
CA LYS B 536 -22.53 -18.00 -17.54
C LYS B 536 -22.67 -16.91 -18.60
N TYR B 537 -23.07 -17.32 -19.79
CA TYR B 537 -23.42 -16.37 -20.84
C TYR B 537 -24.79 -15.76 -20.55
N PHE B 538 -25.25 -14.92 -21.49
CA PHE B 538 -26.50 -14.21 -21.29
C PHE B 538 -27.70 -15.14 -21.34
N GLU B 539 -27.71 -16.08 -22.28
CA GLU B 539 -28.89 -16.91 -22.48
C GLU B 539 -29.05 -17.97 -21.40
N GLU B 540 -27.98 -18.28 -20.66
CA GLU B 540 -28.04 -19.25 -19.58
C GLU B 540 -28.03 -18.60 -18.21
N LEU B 541 -27.96 -17.27 -18.13
CA LEU B 541 -28.32 -16.57 -16.91
C LEU B 541 -29.82 -16.59 -16.72
N GLN B 542 -30.24 -16.76 -15.47
CA GLN B 542 -31.64 -16.63 -15.10
C GLN B 542 -31.75 -15.66 -13.94
N PRO B 543 -32.83 -14.88 -13.87
CA PRO B 543 -33.04 -14.04 -12.69
C PRO B 543 -33.31 -14.87 -11.45
N GLY B 544 -32.32 -14.94 -10.57
CA GLY B 544 -32.37 -15.81 -9.43
C GLY B 544 -31.03 -16.47 -9.19
N ASP B 545 -30.12 -16.33 -10.14
CA ASP B 545 -28.78 -16.92 -10.05
C ASP B 545 -27.95 -16.22 -9.00
N SER B 546 -27.96 -16.74 -7.78
CA SER B 546 -27.31 -16.07 -6.67
C SER B 546 -25.88 -16.55 -6.48
N LEU B 547 -25.21 -15.89 -5.54
CA LEU B 547 -23.82 -16.18 -5.23
C LEU B 547 -23.57 -15.74 -3.79
N LEU B 548 -23.35 -16.69 -2.90
CA LEU B 548 -22.96 -16.35 -1.53
C LEU B 548 -21.43 -16.32 -1.51
N THR B 549 -20.87 -15.12 -1.47
CA THR B 549 -19.44 -14.93 -1.59
C THR B 549 -18.76 -15.31 -0.26
N PRO B 550 -17.44 -15.56 -0.28
CA PRO B 550 -16.70 -15.66 0.98
C PRO B 550 -16.64 -14.32 1.70
N ARG B 551 -16.26 -14.38 2.97
CA ARG B 551 -16.28 -13.21 3.81
C ARG B 551 -14.98 -12.43 3.70
N ARG B 552 -15.03 -11.19 4.16
CA ARG B 552 -13.84 -10.36 4.32
C ARG B 552 -14.01 -9.54 5.58
N THR B 553 -13.06 -9.65 6.50
CA THR B 553 -13.15 -8.94 7.76
C THR B 553 -12.64 -7.52 7.58
N MET B 554 -13.52 -6.55 7.82
CA MET B 554 -13.10 -5.16 7.83
C MET B 554 -12.29 -4.87 9.07
N THR B 555 -11.17 -4.18 8.89
CA THR B 555 -10.28 -3.88 10.00
C THR B 555 -9.87 -2.41 9.91
N GLU B 556 -9.07 -1.99 10.88
CA GLU B 556 -8.60 -0.61 10.92
C GLU B 556 -7.61 -0.35 9.78
N ALA B 557 -6.81 -1.36 9.44
CA ALA B 557 -5.87 -1.23 8.33
C ALA B 557 -6.60 -1.08 7.00
N ASP B 558 -7.78 -1.69 6.87
CA ASP B 558 -8.61 -1.50 5.69
C ASP B 558 -9.06 -0.05 5.55
N ILE B 559 -9.53 0.56 6.65
CA ILE B 559 -9.92 1.96 6.65
C ILE B 559 -8.74 2.85 6.31
N VAL B 560 -7.57 2.54 6.87
CA VAL B 560 -6.38 3.37 6.66
C VAL B 560 -5.92 3.29 5.21
N ASN B 561 -5.81 2.07 4.66
CA ASN B 561 -5.37 1.93 3.29
C ASN B 561 -6.36 2.48 2.28
N PHE B 562 -7.67 2.38 2.55
CA PHE B 562 -8.60 2.97 1.61
C PHE B 562 -8.66 4.49 1.71
N ALA B 563 -8.51 5.06 2.91
CA ALA B 563 -8.49 6.51 3.04
C ALA B 563 -7.21 7.08 2.46
N CYS B 564 -6.11 6.33 2.49
CA CYS B 564 -4.90 6.77 1.85
C CYS B 564 -5.02 6.71 0.32
N LEU B 565 -5.48 5.56 -0.20
CA LEU B 565 -5.51 5.35 -1.64
C LEU B 565 -6.53 6.25 -2.33
N SER B 566 -7.75 6.32 -1.79
CA SER B 566 -8.79 7.14 -2.41
C SER B 566 -8.53 8.62 -2.21
N GLY B 567 -7.99 9.00 -1.07
CA GLY B 567 -7.84 10.38 -0.69
C GLY B 567 -8.95 10.91 0.19
N ASP B 568 -9.88 10.06 0.59
CA ASP B 568 -11.06 10.46 1.36
C ASP B 568 -10.70 10.41 2.83
N HIS B 569 -10.32 11.56 3.38
CA HIS B 569 -9.86 11.67 4.76
C HIS B 569 -10.93 12.28 5.66
N PHE B 570 -12.18 11.88 5.46
CA PHE B 570 -13.31 12.35 6.26
C PHE B 570 -13.12 12.01 7.74
N TYR B 571 -13.69 12.85 8.62
CA TYR B 571 -13.35 12.78 10.03
C TYR B 571 -13.91 11.54 10.71
N ALA B 572 -14.98 10.97 10.17
CA ALA B 572 -15.55 9.75 10.74
C ALA B 572 -14.73 8.52 10.43
N HIS B 573 -13.65 8.64 9.66
CA HIS B 573 -12.81 7.52 9.30
C HIS B 573 -11.38 7.68 9.79
N MET B 574 -10.85 8.91 9.83
CA MET B 574 -9.45 9.15 10.14
C MET B 574 -9.21 9.88 11.45
N ASP B 575 -10.26 10.35 12.12
CA ASP B 575 -10.13 10.99 13.42
C ASP B 575 -10.75 10.08 14.47
N LYS B 576 -10.03 9.88 15.56
CA LYS B 576 -10.52 9.07 16.67
C LYS B 576 -11.38 9.88 17.61
N ILE B 577 -11.12 11.17 17.73
CA ILE B 577 -11.85 12.02 18.67
C ILE B 577 -13.23 12.39 18.11
N ALA B 578 -13.25 12.94 16.90
CA ALA B 578 -14.49 13.42 16.31
C ALA B 578 -15.42 12.30 15.90
N ALA B 579 -14.90 11.09 15.68
CA ALA B 579 -15.78 9.96 15.41
C ALA B 579 -16.54 9.55 16.66
N ALA B 580 -15.99 9.82 17.84
CA ALA B 580 -16.74 9.60 19.07
C ALA B 580 -17.79 10.68 19.28
N GLU B 581 -17.56 11.86 18.73
CA GLU B 581 -18.49 12.98 18.82
C GLU B 581 -19.48 13.02 17.67
N SER B 582 -19.49 12.00 16.83
CA SER B 582 -20.34 11.94 15.65
C SER B 582 -21.55 11.08 15.94
N ILE B 583 -22.35 10.80 14.89
CA ILE B 583 -23.52 9.97 15.04
C ILE B 583 -23.17 8.49 15.11
N PHE B 584 -21.94 8.12 14.74
CA PHE B 584 -21.57 6.72 14.66
C PHE B 584 -20.96 6.17 15.94
N GLY B 585 -20.40 7.02 16.79
CA GLY B 585 -19.82 6.60 18.05
C GLY B 585 -18.36 6.22 17.99
N GLU B 586 -17.90 5.69 16.85
CA GLU B 586 -16.48 5.42 16.65
C GLU B 586 -16.20 5.50 15.15
N ARG B 587 -14.96 5.19 14.78
CA ARG B 587 -14.57 5.22 13.39
C ARG B 587 -15.23 4.08 12.62
N VAL B 588 -15.74 4.41 11.44
CA VAL B 588 -16.46 3.46 10.61
C VAL B 588 -15.71 3.25 9.30
N VAL B 589 -16.00 2.13 8.66
CA VAL B 589 -15.45 1.83 7.34
C VAL B 589 -16.13 2.72 6.32
N HIS B 590 -15.36 3.21 5.34
CA HIS B 590 -15.87 3.96 4.20
C HIS B 590 -16.99 3.20 3.50
N GLY B 591 -17.99 3.94 3.02
CA GLY B 591 -19.05 3.31 2.26
C GLY B 591 -18.57 2.83 0.90
N TYR B 592 -17.65 3.57 0.29
CA TYR B 592 -17.09 3.14 -0.97
C TYR B 592 -16.12 2.00 -0.81
N PHE B 593 -15.56 1.81 0.38
CA PHE B 593 -14.75 0.62 0.57
C PHE B 593 -15.60 -0.62 0.76
N VAL B 594 -16.79 -0.47 1.36
CA VAL B 594 -17.75 -1.57 1.36
C VAL B 594 -18.16 -1.89 -0.08
N LEU B 595 -18.42 -0.85 -0.87
CA LEU B 595 -18.81 -1.00 -2.27
C LEU B 595 -17.69 -1.61 -3.12
N SER B 596 -16.43 -1.39 -2.76
CA SER B 596 -15.29 -1.90 -3.52
C SER B 596 -14.85 -3.29 -3.06
N ALA B 597 -14.89 -3.55 -1.76
CA ALA B 597 -14.59 -4.88 -1.26
C ALA B 597 -15.67 -5.88 -1.61
N ALA B 598 -16.91 -5.41 -1.79
CA ALA B 598 -17.96 -6.28 -2.32
C ALA B 598 -17.60 -6.80 -3.71
N ALA B 599 -17.23 -5.89 -4.62
CA ALA B 599 -16.75 -6.29 -5.93
C ALA B 599 -15.44 -7.03 -5.87
N GLY B 600 -14.66 -6.87 -4.81
CA GLY B 600 -13.56 -7.77 -4.58
C GLY B 600 -14.04 -9.19 -4.29
N LEU B 601 -15.20 -9.32 -3.64
CA LEU B 601 -15.71 -10.63 -3.28
C LEU B 601 -16.49 -11.35 -4.38
N PHE B 602 -17.22 -10.66 -5.27
CA PHE B 602 -18.00 -11.44 -6.24
C PHE B 602 -17.43 -11.44 -7.67
N VAL B 603 -16.49 -10.59 -8.02
CA VAL B 603 -16.10 -10.49 -9.43
C VAL B 603 -15.13 -11.61 -9.78
N ASP B 604 -15.46 -12.34 -10.85
CA ASP B 604 -14.53 -13.31 -11.43
C ASP B 604 -13.36 -12.59 -12.08
N ALA B 605 -12.15 -13.05 -11.79
CA ALA B 605 -10.98 -12.46 -12.41
C ALA B 605 -10.84 -12.89 -13.87
N GLY B 606 -11.37 -14.07 -14.22
CA GLY B 606 -11.08 -14.65 -15.51
C GLY B 606 -11.84 -14.01 -16.65
N VAL B 607 -11.38 -14.32 -17.86
CA VAL B 607 -12.02 -13.81 -19.07
C VAL B 607 -13.32 -14.56 -19.28
N GLY B 608 -14.42 -13.83 -19.33
CA GLY B 608 -15.72 -14.44 -19.47
C GLY B 608 -16.70 -13.59 -20.24
N PRO B 609 -17.99 -13.88 -20.09
CA PRO B 609 -19.01 -13.10 -20.81
C PRO B 609 -19.21 -11.70 -20.27
N VAL B 610 -18.78 -11.42 -19.05
CA VAL B 610 -18.94 -10.08 -18.49
C VAL B 610 -17.97 -9.13 -19.16
N ILE B 611 -18.51 -8.05 -19.73
CA ILE B 611 -17.72 -7.13 -20.55
C ILE B 611 -17.40 -5.87 -19.76
N ALA B 612 -18.43 -5.15 -19.32
CA ALA B 612 -18.21 -3.85 -18.71
C ALA B 612 -18.88 -3.71 -17.36
N ASN B 613 -18.85 -2.50 -16.80
CA ASN B 613 -19.46 -2.20 -15.51
C ASN B 613 -20.69 -1.32 -15.63
N TYR B 614 -20.66 -0.34 -16.54
CA TYR B 614 -21.83 0.30 -17.14
C TYR B 614 -22.63 1.19 -16.19
N GLY B 615 -22.35 1.15 -14.90
CA GLY B 615 -23.07 1.97 -13.95
C GLY B 615 -23.56 1.17 -12.76
N LEU B 616 -24.31 1.86 -11.91
CA LEU B 616 -24.80 1.32 -10.65
C LEU B 616 -26.15 1.94 -10.38
N GLU B 617 -27.15 1.11 -10.06
CA GLU B 617 -28.53 1.56 -10.15
C GLU B 617 -28.94 2.43 -8.96
N SER B 618 -28.89 1.87 -7.73
CA SER B 618 -29.44 2.59 -6.58
C SER B 618 -28.78 2.09 -5.31
N LEU B 619 -27.86 2.87 -4.75
CA LEU B 619 -27.12 2.51 -3.57
C LEU B 619 -27.69 3.20 -2.34
N ARG B 620 -27.77 2.44 -1.23
CA ARG B 620 -28.14 2.98 0.07
C ARG B 620 -27.30 2.29 1.13
N PHE B 621 -26.71 3.07 2.03
CA PHE B 621 -25.98 2.52 3.16
C PHE B 621 -26.91 2.54 4.37
N ILE B 622 -27.17 1.36 4.93
CA ILE B 622 -28.20 1.18 5.93
C ILE B 622 -27.65 1.20 7.34
N GLU B 623 -26.63 0.40 7.61
CA GLU B 623 -25.96 0.42 8.90
C GLU B 623 -24.47 0.62 8.68
N PRO B 624 -23.78 1.30 9.59
CA PRO B 624 -22.34 1.51 9.40
C PRO B 624 -21.52 0.27 9.69
N VAL B 625 -20.43 0.14 8.95
CA VAL B 625 -19.51 -0.98 9.09
C VAL B 625 -18.30 -0.49 9.87
N LYS B 626 -17.87 -1.25 10.86
CA LYS B 626 -16.84 -0.89 11.82
C LYS B 626 -15.58 -1.72 11.60
N PRO B 627 -14.48 -1.40 12.30
CA PRO B 627 -13.38 -2.38 12.35
C PRO B 627 -13.77 -3.62 13.14
N GLY B 628 -13.29 -4.76 12.67
CA GLY B 628 -13.66 -6.02 13.29
C GLY B 628 -15.09 -6.39 12.93
N ASP B 629 -15.35 -6.52 11.64
CA ASP B 629 -16.71 -6.63 11.14
C ASP B 629 -16.62 -7.32 9.79
N THR B 630 -17.01 -8.59 9.75
CA THR B 630 -16.94 -9.34 8.50
C THR B 630 -18.03 -8.85 7.55
N ILE B 631 -17.78 -9.07 6.26
CA ILE B 631 -18.65 -8.58 5.18
C ILE B 631 -18.86 -9.72 4.20
N GLN B 632 -20.11 -10.05 3.93
CA GLN B 632 -20.45 -11.12 3.02
C GLN B 632 -21.48 -10.61 2.03
N VAL B 633 -21.33 -10.98 0.77
CA VAL B 633 -22.04 -10.38 -0.34
C VAL B 633 -22.92 -11.45 -0.98
N ARG B 634 -24.13 -11.07 -1.38
CA ARG B 634 -25.07 -11.97 -2.04
C ARG B 634 -25.35 -11.40 -3.44
N LEU B 635 -24.52 -11.78 -4.41
CA LEU B 635 -24.68 -11.32 -5.79
C LEU B 635 -25.77 -12.11 -6.48
N THR B 636 -26.87 -11.46 -6.85
CA THR B 636 -28.04 -12.15 -7.36
C THR B 636 -28.54 -11.50 -8.64
N CYS B 637 -28.73 -12.31 -9.69
CA CYS B 637 -29.20 -11.79 -10.97
C CYS B 637 -30.66 -11.37 -10.91
N LYS B 638 -30.97 -10.21 -11.50
CA LYS B 638 -32.26 -9.58 -11.32
C LYS B 638 -33.02 -9.33 -12.62
N ARG B 639 -32.39 -8.72 -13.62
CA ARG B 639 -33.03 -8.47 -14.92
C ARG B 639 -32.05 -8.82 -16.02
N LYS B 640 -32.56 -9.08 -17.23
CA LYS B 640 -31.68 -9.50 -18.32
C LYS B 640 -31.65 -8.49 -19.48
N THR B 641 -32.78 -8.20 -20.13
CA THR B 641 -33.02 -7.03 -21.00
C THR B 641 -31.93 -6.80 -22.05
N LEU B 642 -31.91 -7.70 -23.04
CA LEU B 642 -30.87 -7.70 -24.08
C LEU B 642 -30.93 -6.45 -24.95
N LYS B 643 -29.78 -6.14 -25.58
CA LYS B 643 -29.64 -5.02 -26.48
C LYS B 643 -29.81 -5.50 -27.92
N LYS B 644 -29.64 -4.58 -28.88
CA LYS B 644 -30.05 -4.86 -30.26
C LYS B 644 -28.91 -4.86 -31.27
N GLN B 645 -27.66 -4.69 -30.85
CA GLN B 645 -26.45 -4.89 -31.67
C GLN B 645 -26.46 -3.97 -32.90
N ARG B 646 -26.29 -2.67 -32.61
CA ARG B 646 -26.50 -1.59 -33.58
C ARG B 646 -25.60 -1.65 -34.81
N SER B 647 -24.52 -2.44 -34.79
CA SER B 647 -23.70 -2.68 -35.96
C SER B 647 -23.40 -4.17 -36.06
N ALA B 648 -23.12 -4.62 -37.29
CA ALA B 648 -22.71 -6.00 -37.49
C ALA B 648 -21.30 -6.27 -36.96
N GLU B 649 -20.49 -5.22 -36.81
CA GLU B 649 -19.17 -5.38 -36.21
C GLU B 649 -19.28 -5.57 -34.70
N GLU B 650 -20.37 -5.09 -34.10
CA GLU B 650 -20.52 -5.14 -32.65
C GLU B 650 -20.78 -6.58 -32.18
N LYS B 651 -20.19 -6.92 -31.04
CA LYS B 651 -20.47 -8.20 -30.42
C LYS B 651 -21.88 -8.19 -29.85
N PRO B 652 -22.60 -9.30 -29.90
CA PRO B 652 -23.94 -9.34 -29.30
C PRO B 652 -23.84 -9.31 -27.78
N THR B 653 -24.66 -8.46 -27.16
CA THR B 653 -24.54 -8.24 -25.73
C THR B 653 -25.88 -7.80 -25.15
N GLY B 654 -26.02 -8.01 -23.86
CA GLY B 654 -27.21 -7.60 -23.13
C GLY B 654 -26.83 -7.13 -21.75
N VAL B 655 -27.65 -6.24 -21.20
CA VAL B 655 -27.29 -5.54 -19.96
C VAL B 655 -28.03 -6.19 -18.79
N VAL B 656 -27.30 -7.01 -18.06
CA VAL B 656 -27.85 -7.75 -16.93
C VAL B 656 -27.68 -6.93 -15.67
N GLU B 657 -28.75 -6.82 -14.89
CA GLU B 657 -28.72 -6.14 -13.61
C GLU B 657 -28.60 -7.17 -12.49
N TRP B 658 -27.61 -6.99 -11.64
CA TRP B 658 -27.41 -7.83 -10.47
C TRP B 658 -27.78 -7.09 -9.20
N ALA B 659 -28.44 -7.80 -8.29
CA ALA B 659 -28.89 -7.25 -7.03
C ALA B 659 -27.92 -7.66 -5.94
N VAL B 660 -27.13 -6.70 -5.47
CA VAL B 660 -26.06 -6.96 -4.52
C VAL B 660 -26.57 -6.67 -3.12
N GLU B 661 -26.39 -7.63 -2.21
CA GLU B 661 -26.85 -7.49 -0.83
C GLU B 661 -25.68 -7.82 0.09
N VAL B 662 -24.91 -6.79 0.44
CA VAL B 662 -23.89 -6.92 1.47
C VAL B 662 -24.56 -7.11 2.83
N PHE B 663 -23.95 -7.89 3.70
CA PHE B 663 -24.36 -7.97 5.10
C PHE B 663 -23.14 -8.32 5.95
N ASN B 664 -23.37 -8.48 7.25
CA ASN B 664 -22.28 -8.69 8.20
C ASN B 664 -22.47 -9.94 9.05
N GLN B 665 -21.69 -10.06 10.14
CA GLN B 665 -21.73 -11.28 10.95
C GLN B 665 -23.05 -11.47 11.68
N HIS B 666 -23.82 -10.41 11.88
CA HIS B 666 -25.14 -10.53 12.47
C HIS B 666 -26.22 -10.75 11.43
N GLN B 667 -25.83 -10.91 10.17
CA GLN B 667 -26.71 -11.04 9.01
C GLN B 667 -27.67 -9.86 8.88
N THR B 668 -27.21 -8.66 9.26
CA THR B 668 -28.10 -7.56 8.92
C THR B 668 -27.57 -6.82 7.70
N PRO B 669 -28.45 -6.41 6.79
CA PRO B 669 -27.99 -5.90 5.49
C PRO B 669 -27.40 -4.51 5.52
N VAL B 670 -26.10 -4.39 5.80
CA VAL B 670 -25.42 -3.14 5.50
C VAL B 670 -25.28 -3.00 3.99
N ALA B 671 -25.65 -1.84 3.45
CA ALA B 671 -25.28 -1.39 2.11
C ALA B 671 -25.75 -2.32 0.99
N LEU B 672 -27.06 -2.37 0.79
CA LEU B 672 -27.62 -3.13 -0.33
C LEU B 672 -27.90 -2.21 -1.50
N TYR B 673 -27.61 -2.70 -2.71
CA TYR B 673 -27.65 -1.89 -3.92
C TYR B 673 -27.84 -2.79 -5.12
N SER B 674 -27.63 -2.23 -6.31
CA SER B 674 -27.94 -2.93 -7.55
C SER B 674 -27.01 -2.42 -8.63
N ILE B 675 -26.25 -3.32 -9.25
CA ILE B 675 -25.30 -2.95 -10.29
C ILE B 675 -25.82 -3.41 -11.64
N LEU B 676 -25.57 -2.59 -12.65
CA LEU B 676 -25.78 -2.99 -14.02
C LEU B 676 -24.49 -3.59 -14.55
N THR B 677 -24.62 -4.41 -15.60
CA THR B 677 -23.44 -5.04 -16.19
C THR B 677 -23.76 -5.40 -17.63
N LEU B 678 -22.87 -5.00 -18.54
CA LEU B 678 -22.98 -5.35 -19.94
C LEU B 678 -22.37 -6.74 -20.13
N VAL B 679 -23.21 -7.72 -20.46
CA VAL B 679 -22.83 -9.12 -20.50
C VAL B 679 -22.99 -9.63 -21.93
N ALA B 680 -21.99 -10.38 -22.41
CA ALA B 680 -22.00 -10.86 -23.79
C ALA B 680 -23.06 -11.94 -23.99
N ARG B 681 -23.65 -11.94 -25.19
CA ARG B 681 -24.60 -12.96 -25.60
C ARG B 681 -23.91 -14.02 -26.44
N GLN B 682 -24.45 -15.23 -26.40
CA GLN B 682 -23.92 -16.29 -27.25
C GLN B 682 -24.36 -16.11 -28.69
N HIS B 683 -25.62 -15.73 -28.91
CA HIS B 683 -26.19 -15.56 -30.24
C HIS B 683 -26.69 -14.14 -30.42
N GLY B 684 -26.56 -13.64 -31.65
CA GLY B 684 -27.05 -12.32 -31.98
C GLY B 684 -28.03 -12.32 -33.13
N ASP B 685 -28.04 -11.24 -33.91
CA ASP B 685 -28.87 -11.19 -35.12
C ASP B 685 -28.05 -10.75 -36.32
N PHE B 686 -27.01 -9.94 -36.08
CA PHE B 686 -26.17 -9.42 -37.15
C PHE B 686 -24.81 -10.11 -37.17
N GLN C 9 49.75 -60.48 -35.05
CA GLN C 9 49.99 -59.13 -34.55
C GLN C 9 49.66 -59.05 -33.06
N GLN C 10 50.52 -58.39 -32.29
CA GLN C 10 50.40 -58.40 -30.84
C GLN C 10 49.44 -57.32 -30.37
N LEU C 11 48.45 -57.71 -29.57
CA LEU C 11 47.52 -56.79 -28.94
C LEU C 11 48.02 -56.56 -27.52
N ALA C 12 48.35 -55.32 -27.19
CA ALA C 12 49.09 -55.00 -25.98
C ALA C 12 48.15 -54.66 -24.84
N SER C 13 48.41 -55.24 -23.66
CA SER C 13 47.72 -54.88 -22.44
C SER C 13 48.31 -53.61 -21.86
N PHE C 14 47.77 -53.16 -20.72
CA PHE C 14 48.25 -51.96 -20.05
C PHE C 14 48.22 -52.22 -18.55
N LEU C 15 49.34 -52.71 -18.02
CA LEU C 15 49.44 -53.06 -16.62
C LEU C 15 50.63 -52.37 -15.99
N SER C 16 50.43 -51.91 -14.75
CA SER C 16 51.44 -51.21 -13.93
C SER C 16 51.96 -49.96 -14.64
N GLY C 17 51.07 -49.26 -15.35
CA GLY C 17 51.41 -48.03 -16.00
C GLY C 17 52.07 -48.15 -17.36
N THR C 18 52.54 -49.34 -17.74
CA THR C 18 53.28 -49.53 -18.97
C THR C 18 52.54 -50.49 -19.89
N TRP C 19 52.60 -50.20 -21.18
CA TRP C 19 52.00 -51.06 -22.20
C TRP C 19 52.79 -52.35 -22.31
N GLN C 20 52.18 -53.46 -21.91
CA GLN C 20 52.85 -54.75 -21.85
C GLN C 20 52.10 -55.74 -22.73
N SER C 21 52.60 -56.96 -22.79
CA SER C 21 51.99 -58.00 -23.61
C SER C 21 52.29 -59.36 -23.02
N GLY C 22 51.46 -60.34 -23.38
CA GLY C 22 51.57 -61.66 -22.79
C GLY C 22 52.48 -62.59 -23.56
N ARG C 23 52.87 -63.68 -22.89
CA ARG C 23 53.76 -64.69 -23.46
C ARG C 23 53.21 -66.06 -23.08
N GLY C 24 52.72 -66.80 -24.05
CA GLY C 24 52.26 -68.15 -23.79
C GLY C 24 51.17 -68.55 -24.78
N ARG C 25 50.31 -69.45 -24.32
CA ARG C 25 49.18 -69.90 -25.12
C ARG C 25 48.18 -68.76 -25.31
N SER C 26 47.58 -68.69 -26.49
CA SER C 26 46.89 -67.49 -26.92
C SER C 26 45.57 -67.84 -27.59
N ARG C 27 44.70 -66.83 -27.64
CA ARG C 27 43.53 -66.81 -28.50
C ARG C 27 43.71 -65.68 -29.49
N LEU C 28 42.88 -65.66 -30.53
CA LEU C 28 43.08 -64.73 -31.63
C LEU C 28 41.76 -64.17 -32.11
N ILE C 29 41.83 -62.95 -32.65
CA ILE C 29 40.66 -62.16 -33.02
C ILE C 29 40.43 -62.33 -34.51
N HIS C 30 39.40 -63.09 -34.88
CA HIS C 30 39.02 -63.19 -36.27
C HIS C 30 38.34 -61.91 -36.73
N HIS C 31 38.59 -61.53 -37.98
CA HIS C 31 37.84 -60.44 -38.58
C HIS C 31 36.43 -60.93 -38.87
N ALA C 32 35.45 -60.05 -38.72
CA ALA C 32 34.07 -60.49 -38.78
C ALA C 32 33.59 -60.66 -40.21
N ILE C 33 33.81 -59.65 -41.05
CA ILE C 33 33.17 -59.66 -42.36
C ILE C 33 33.95 -60.50 -43.36
N SER C 34 35.22 -60.81 -43.08
CA SER C 34 36.06 -61.53 -44.01
C SER C 34 36.54 -62.86 -43.46
N GLY C 35 37.06 -62.89 -42.23
CA GLY C 35 37.36 -64.16 -41.58
C GLY C 35 38.81 -64.38 -41.18
N GLU C 36 39.74 -63.49 -41.47
CA GLU C 36 41.12 -63.71 -41.10
C GLU C 36 41.40 -63.16 -39.71
N ALA C 37 42.56 -63.50 -39.18
CA ALA C 37 43.01 -63.02 -37.87
C ALA C 37 43.94 -61.83 -38.07
N LEU C 38 43.52 -60.67 -37.59
CA LEU C 38 44.34 -59.47 -37.67
C LEU C 38 44.74 -58.91 -36.32
N TRP C 39 44.37 -59.58 -35.23
CA TRP C 39 45.01 -59.42 -33.93
C TRP C 39 45.02 -60.78 -33.24
N GLU C 40 45.72 -60.85 -32.12
CA GLU C 40 45.65 -62.03 -31.27
C GLU C 40 45.90 -61.59 -29.82
N VAL C 41 45.18 -62.20 -28.90
CA VAL C 41 45.19 -61.78 -27.50
C VAL C 41 46.10 -62.70 -26.70
N THR C 42 46.77 -62.12 -25.71
CA THR C 42 47.60 -62.85 -24.76
C THR C 42 47.81 -61.97 -23.54
N SER C 43 47.76 -62.59 -22.35
CA SER C 43 48.08 -61.89 -21.12
C SER C 43 48.84 -62.79 -20.14
N GLU C 44 49.39 -63.91 -20.61
CA GLU C 44 50.12 -64.82 -19.74
C GLU C 44 51.48 -64.24 -19.38
N GLY C 45 51.91 -64.52 -18.15
CA GLY C 45 53.18 -64.04 -17.65
C GLY C 45 53.16 -62.63 -17.09
N LEU C 46 52.12 -61.86 -17.36
CA LEU C 46 51.99 -60.53 -16.79
C LEU C 46 51.58 -60.64 -15.33
N ASP C 47 52.22 -59.85 -14.48
CA ASP C 47 51.96 -59.92 -13.04
C ASP C 47 50.67 -59.15 -12.75
N MET C 48 49.67 -59.85 -12.22
CA MET C 48 48.39 -59.23 -11.89
C MET C 48 48.41 -58.58 -10.52
N ALA C 49 49.15 -59.19 -9.58
CA ALA C 49 49.30 -58.62 -8.24
C ALA C 49 50.05 -57.29 -8.32
N ALA C 50 51.04 -57.20 -9.20
CA ALA C 50 51.77 -55.94 -9.36
C ALA C 50 50.91 -54.87 -10.01
N ALA C 51 50.01 -55.26 -10.92
CA ALA C 51 49.12 -54.30 -11.54
C ALA C 51 48.09 -53.76 -10.55
N ARG C 52 47.50 -54.65 -9.74
CA ARG C 52 46.59 -54.22 -8.68
C ARG C 52 47.32 -53.37 -7.64
N GLN C 53 48.56 -53.73 -7.32
CA GLN C 53 49.39 -52.99 -6.39
C GLN C 53 49.65 -51.57 -6.90
N PHE C 54 50.04 -51.45 -8.17
CA PHE C 54 50.30 -50.14 -8.76
C PHE C 54 49.04 -49.31 -8.83
N ALA C 55 47.91 -49.92 -9.19
CA ALA C 55 46.65 -49.18 -9.28
C ALA C 55 46.21 -48.65 -7.93
N ILE C 56 46.24 -49.51 -6.89
CA ILE C 56 45.77 -49.10 -5.57
C ILE C 56 46.71 -48.08 -4.94
N GLU C 57 48.02 -48.32 -4.97
CA GLU C 57 48.93 -47.40 -4.30
C GLU C 57 49.44 -46.28 -5.21
N LYS C 58 48.93 -46.15 -6.43
CA LYS C 58 49.28 -44.99 -7.24
C LYS C 58 48.06 -44.18 -7.67
N GLY C 59 47.07 -44.80 -8.32
CA GLY C 59 46.03 -44.04 -8.96
C GLY C 59 44.81 -43.87 -8.10
N ALA C 60 44.65 -44.73 -7.09
CA ALA C 60 43.56 -44.55 -6.15
C ALA C 60 43.73 -43.32 -5.26
N PRO C 61 44.90 -43.01 -4.67
CA PRO C 61 44.99 -41.72 -3.96
C PRO C 61 45.01 -40.52 -4.87
N ALA C 62 45.37 -40.70 -6.14
CA ALA C 62 45.32 -39.58 -7.09
C ALA C 62 43.88 -39.25 -7.46
N LEU C 63 43.00 -40.25 -7.47
CA LEU C 63 41.58 -40.01 -7.69
C LEU C 63 40.90 -39.51 -6.41
N ARG C 64 41.27 -40.08 -5.26
CA ARG C 64 40.63 -39.69 -4.02
C ARG C 64 41.08 -38.34 -3.51
N ALA C 65 42.23 -37.83 -3.98
CA ALA C 65 42.61 -36.47 -3.65
C ALA C 65 41.78 -35.45 -4.41
N MET C 66 41.23 -35.83 -5.56
CA MET C 66 40.35 -34.95 -6.31
C MET C 66 39.01 -34.82 -5.58
N THR C 67 38.33 -33.72 -5.86
CA THR C 67 36.96 -33.58 -5.41
C THR C 67 36.04 -34.24 -6.43
N PHE C 68 34.73 -34.25 -6.16
CA PHE C 68 33.81 -34.82 -7.14
C PHE C 68 33.64 -33.91 -8.34
N ILE C 69 33.77 -32.60 -8.15
CA ILE C 69 33.69 -31.65 -9.26
C ILE C 69 34.89 -31.80 -10.19
N GLU C 70 36.07 -32.02 -9.61
CA GLU C 70 37.26 -32.26 -10.43
C GLU C 70 37.18 -33.59 -11.17
N ARG C 71 36.57 -34.61 -10.55
CA ARG C 71 36.44 -35.89 -11.24
C ARG C 71 35.41 -35.82 -12.36
N ALA C 72 34.33 -35.05 -12.15
CA ALA C 72 33.36 -34.85 -13.21
C ALA C 72 33.94 -34.01 -14.36
N ALA C 73 34.79 -33.03 -14.03
CA ALA C 73 35.48 -32.28 -15.06
C ALA C 73 36.49 -33.14 -15.82
N MET C 74 37.13 -34.08 -15.13
CA MET C 74 38.00 -35.03 -15.80
C MET C 74 37.23 -35.93 -16.75
N LEU C 75 36.02 -36.35 -16.33
CA LEU C 75 35.15 -37.14 -17.21
C LEU C 75 34.74 -36.33 -18.44
N LYS C 76 34.39 -35.06 -18.25
CA LYS C 76 34.01 -34.22 -19.39
C LYS C 76 35.18 -33.96 -20.32
N ALA C 77 36.39 -33.82 -19.76
CA ALA C 77 37.58 -33.62 -20.58
C ALA C 77 37.90 -34.86 -21.42
N VAL C 78 37.83 -36.05 -20.81
CA VAL C 78 38.02 -37.29 -21.57
C VAL C 78 36.90 -37.48 -22.60
N ALA C 79 35.69 -37.02 -22.29
CA ALA C 79 34.59 -37.13 -23.25
C ALA C 79 34.80 -36.23 -24.47
N LYS C 80 35.23 -34.98 -24.25
CA LYS C 80 35.49 -34.08 -25.36
C LYS C 80 36.74 -34.50 -26.13
N HIS C 81 37.70 -35.15 -25.48
CA HIS C 81 38.88 -35.63 -26.18
C HIS C 81 38.56 -36.84 -27.05
N LEU C 82 37.74 -37.76 -26.54
CA LEU C 82 37.38 -38.97 -27.27
C LEU C 82 36.31 -38.72 -28.31
N LEU C 83 35.53 -37.64 -28.18
CA LEU C 83 34.52 -37.34 -29.19
C LEU C 83 35.15 -36.86 -30.49
N SER C 84 36.27 -36.15 -30.41
CA SER C 84 36.89 -35.56 -31.60
C SER C 84 37.56 -36.62 -32.46
N GLU C 85 38.24 -37.59 -31.85
CA GLU C 85 38.96 -38.62 -32.58
C GLU C 85 38.17 -39.91 -32.68
N LYS C 86 36.84 -39.78 -32.86
CA LYS C 86 35.96 -40.93 -32.98
C LYS C 86 36.13 -41.69 -34.29
N GLU C 87 36.81 -41.13 -35.28
CA GLU C 87 36.86 -41.75 -36.60
C GLU C 87 37.73 -43.00 -36.62
N ARG C 88 38.83 -42.99 -35.86
CA ARG C 88 39.60 -44.23 -35.69
C ARG C 88 38.80 -45.26 -34.89
N PHE C 89 37.88 -44.81 -34.05
CA PHE C 89 37.01 -45.75 -33.35
C PHE C 89 35.99 -46.37 -34.29
N TYR C 90 35.48 -45.60 -35.25
CA TYR C 90 34.61 -46.19 -36.28
C TYR C 90 35.38 -47.16 -37.18
N ALA C 91 36.63 -46.83 -37.48
CA ALA C 91 37.46 -47.73 -38.30
C ALA C 91 37.77 -49.02 -37.56
N LEU C 92 38.02 -48.94 -36.25
CA LEU C 92 38.25 -50.14 -35.46
C LEU C 92 36.96 -50.92 -35.21
N SER C 93 35.82 -50.24 -35.17
CA SER C 93 34.54 -50.89 -34.91
C SER C 93 33.91 -51.49 -36.16
N ALA C 94 34.33 -51.05 -37.35
CA ALA C 94 33.89 -51.69 -38.58
C ALA C 94 34.45 -53.10 -38.72
N GLN C 95 35.50 -53.44 -37.97
CA GLN C 95 36.04 -54.80 -37.94
C GLN C 95 35.14 -55.78 -37.20
N THR C 96 34.16 -55.28 -36.45
CA THR C 96 33.26 -56.12 -35.67
C THR C 96 32.04 -56.57 -36.45
N GLY C 97 31.99 -56.29 -37.75
CA GLY C 97 30.82 -56.62 -38.55
C GLY C 97 29.62 -55.72 -38.33
N ALA C 98 29.80 -54.60 -37.64
CA ALA C 98 28.72 -53.68 -37.37
C ALA C 98 28.61 -52.65 -38.48
N THR C 99 27.41 -52.09 -38.63
CA THR C 99 27.15 -51.10 -39.67
C THR C 99 27.61 -49.73 -39.18
N ARG C 100 27.32 -48.70 -39.97
CA ARG C 100 27.66 -47.34 -39.54
C ARG C 100 26.72 -46.87 -38.44
N ALA C 101 25.43 -47.22 -38.55
CA ALA C 101 24.47 -46.82 -37.53
C ALA C 101 24.69 -47.59 -36.23
N ASP C 102 25.05 -48.87 -36.33
CA ASP C 102 25.29 -49.69 -35.14
C ASP C 102 26.55 -49.22 -34.41
N SER C 103 27.63 -48.98 -35.16
CA SER C 103 28.83 -48.43 -34.57
C SER C 103 28.61 -47.00 -34.07
N TRP C 104 27.69 -46.26 -34.69
CA TRP C 104 27.33 -44.94 -34.18
C TRP C 104 26.67 -45.04 -32.83
N VAL C 105 25.72 -45.98 -32.68
CA VAL C 105 25.08 -46.26 -31.40
C VAL C 105 26.12 -46.62 -30.35
N ASP C 106 27.06 -47.51 -30.71
CA ASP C 106 28.10 -47.95 -29.78
C ASP C 106 29.01 -46.79 -29.32
N ILE C 107 29.66 -46.12 -30.28
CA ILE C 107 30.64 -45.09 -29.95
C ILE C 107 29.97 -43.88 -29.32
N GLU C 108 28.92 -43.36 -29.94
CA GLU C 108 28.31 -42.14 -29.40
C GLU C 108 27.50 -42.40 -28.15
N GLY C 109 26.99 -43.62 -27.94
CA GLY C 109 26.36 -43.92 -26.68
C GLY C 109 27.36 -44.05 -25.55
N GLY C 110 28.52 -44.66 -25.83
CA GLY C 110 29.58 -44.73 -24.84
C GLY C 110 30.12 -43.37 -24.46
N ILE C 111 30.23 -42.47 -25.43
CA ILE C 111 30.77 -41.15 -25.10
C ILE C 111 29.67 -40.23 -24.52
N GLY C 112 28.42 -40.39 -24.94
CA GLY C 112 27.33 -39.66 -24.34
C GLY C 112 27.03 -40.10 -22.91
N THR C 113 27.38 -41.33 -22.57
CA THR C 113 27.36 -41.74 -21.17
C THR C 113 28.36 -40.93 -20.34
N LEU C 114 29.55 -40.68 -20.89
CA LEU C 114 30.54 -39.82 -20.23
C LEU C 114 30.04 -38.39 -20.08
N PHE C 115 29.42 -37.85 -21.13
CA PHE C 115 28.88 -36.49 -21.03
C PHE C 115 27.74 -36.42 -20.02
N THR C 116 26.90 -37.46 -19.95
CA THR C 116 25.80 -37.48 -19.00
C THR C 116 26.29 -37.59 -17.57
N TYR C 117 27.26 -38.48 -17.31
CA TYR C 117 27.83 -38.58 -15.97
C TYR C 117 28.61 -37.34 -15.58
N ALA C 118 29.24 -36.65 -16.53
CA ALA C 118 29.90 -35.40 -16.21
C ALA C 118 28.89 -34.32 -15.84
N SER C 119 27.75 -34.27 -16.54
CA SER C 119 26.72 -33.29 -16.21
C SER C 119 26.07 -33.58 -14.86
N LEU C 120 25.77 -34.86 -14.59
CA LEU C 120 25.16 -35.22 -13.31
C LEU C 120 26.13 -35.04 -12.14
N GLY C 121 27.40 -35.39 -12.32
CA GLY C 121 28.38 -35.16 -11.28
C GLY C 121 28.75 -33.70 -11.10
N SER C 122 28.56 -32.88 -12.13
CA SER C 122 28.74 -31.45 -11.94
C SER C 122 27.57 -30.84 -11.18
N ARG C 123 26.35 -31.27 -11.50
CA ARG C 123 25.17 -30.61 -10.96
C ARG C 123 24.72 -31.15 -9.61
N GLU C 124 25.04 -32.40 -9.26
CA GLU C 124 24.47 -33.00 -8.07
C GLU C 124 25.50 -33.61 -7.10
N LEU C 125 26.78 -33.32 -7.28
CA LEU C 125 27.82 -33.83 -6.39
C LEU C 125 28.58 -32.66 -5.78
N PRO C 126 29.01 -32.76 -4.52
CA PRO C 126 29.60 -31.61 -3.85
C PRO C 126 31.06 -31.40 -4.23
N ASP C 127 31.54 -30.20 -3.91
CA ASP C 127 32.97 -29.88 -4.04
C ASP C 127 33.65 -30.40 -2.77
N ASP C 128 33.84 -31.71 -2.72
CA ASP C 128 34.28 -32.36 -1.50
C ASP C 128 34.88 -33.70 -1.88
N THR C 129 35.64 -34.28 -0.95
CA THR C 129 36.09 -35.65 -1.11
C THR C 129 34.99 -36.63 -0.71
N LEU C 130 34.21 -36.27 0.30
CA LEU C 130 33.12 -37.07 0.82
C LEU C 130 31.80 -36.64 0.21
N TRP C 131 30.77 -37.46 0.39
CA TRP C 131 29.47 -37.06 -0.11
C TRP C 131 28.37 -37.44 0.86
N PRO C 132 27.75 -36.44 1.51
CA PRO C 132 26.60 -36.68 2.38
C PRO C 132 25.33 -36.80 1.54
N GLU C 133 24.71 -37.98 1.57
CA GLU C 133 23.52 -38.17 0.77
C GLU C 133 22.23 -37.86 1.52
N ASP C 134 22.24 -37.87 2.84
CA ASP C 134 21.08 -37.52 3.63
C ASP C 134 21.12 -36.05 4.03
N GLU C 135 20.01 -35.59 4.59
CA GLU C 135 19.97 -34.24 5.14
C GLU C 135 20.53 -34.25 6.56
N LEU C 136 19.81 -34.89 7.47
CA LEU C 136 20.16 -35.08 8.89
C LEU C 136 19.11 -35.99 9.49
N ILE C 137 19.53 -36.81 10.43
CA ILE C 137 18.65 -37.69 11.17
C ILE C 137 18.77 -37.33 12.65
N PRO C 138 17.81 -36.59 13.20
CA PRO C 138 17.90 -36.19 14.62
C PRO C 138 17.59 -37.36 15.53
N LEU C 139 18.58 -37.75 16.34
CA LEU C 139 18.49 -38.92 17.18
C LEU C 139 18.33 -38.59 18.65
N SER C 140 18.14 -37.31 18.99
CA SER C 140 18.11 -36.89 20.38
C SER C 140 16.99 -35.91 20.60
N LYS C 141 16.52 -35.84 21.85
CA LYS C 141 15.42 -34.94 22.18
C LYS C 141 15.89 -33.49 22.23
N GLU C 142 17.10 -33.26 22.74
CA GLU C 142 17.63 -31.90 22.80
C GLU C 142 18.08 -31.44 21.42
N GLY C 143 19.05 -32.15 20.84
CA GLY C 143 19.61 -31.76 19.56
C GLY C 143 21.11 -31.82 19.57
N GLY C 144 21.69 -32.40 20.61
CA GLY C 144 23.12 -32.56 20.74
C GLY C 144 23.66 -33.86 20.19
N PHE C 145 22.80 -34.75 19.72
CA PHE C 145 23.22 -36.02 19.14
C PHE C 145 22.40 -36.27 17.89
N ALA C 146 23.09 -36.57 16.80
CA ALA C 146 22.44 -36.74 15.51
C ALA C 146 23.31 -37.64 14.64
N ALA C 147 22.85 -37.89 13.42
CA ALA C 147 23.62 -38.72 12.51
C ALA C 147 23.25 -38.38 11.08
N ARG C 148 24.14 -38.71 10.16
CA ARG C 148 23.86 -38.59 8.75
C ARG C 148 24.74 -39.58 8.01
N HIS C 149 24.31 -39.93 6.80
CA HIS C 149 25.00 -40.94 6.00
C HIS C 149 26.05 -40.30 5.10
N LEU C 150 27.23 -40.90 5.07
CA LEU C 150 28.35 -40.40 4.29
C LEU C 150 28.76 -41.47 3.30
N LEU C 151 28.95 -41.07 2.05
CA LEU C 151 29.43 -41.95 1.00
C LEU C 151 30.89 -41.59 0.72
N THR C 152 31.80 -42.44 1.17
CA THR C 152 33.22 -42.29 0.91
C THR C 152 33.63 -43.28 -0.16
N SER C 153 34.50 -42.85 -1.06
CA SER C 153 35.01 -43.71 -2.11
C SER C 153 35.88 -44.82 -1.53
N LYS C 154 35.69 -46.04 -2.04
CA LYS C 154 36.48 -47.17 -1.57
C LYS C 154 37.93 -47.05 -2.04
N SER C 155 38.83 -47.67 -1.28
CA SER C 155 40.26 -47.58 -1.52
C SER C 155 40.80 -48.78 -2.28
N GLY C 156 40.03 -49.30 -3.23
CA GLY C 156 40.47 -50.44 -4.02
C GLY C 156 40.32 -50.20 -5.50
N VAL C 157 40.22 -51.28 -6.28
CA VAL C 157 40.06 -51.19 -7.73
C VAL C 157 38.75 -51.85 -8.15
N ALA C 158 38.29 -51.46 -9.33
CA ALA C 158 37.11 -52.05 -9.94
C ALA C 158 37.56 -52.96 -11.07
N VAL C 159 37.19 -54.23 -11.00
CA VAL C 159 37.53 -55.20 -12.02
C VAL C 159 36.30 -55.36 -12.90
N HIS C 160 36.30 -54.69 -14.04
CA HIS C 160 35.18 -54.74 -14.97
C HIS C 160 35.44 -55.84 -15.99
N ILE C 161 34.57 -56.83 -16.03
CA ILE C 161 34.66 -57.95 -16.96
C ILE C 161 33.52 -57.79 -17.96
N ASN C 162 33.86 -57.40 -19.19
CA ASN C 162 32.89 -56.98 -20.17
C ASN C 162 32.56 -58.11 -21.15
N ALA C 163 31.52 -57.88 -21.94
CA ALA C 163 31.13 -58.75 -23.03
C ALA C 163 31.59 -58.16 -24.36
N PHE C 164 31.43 -58.94 -25.43
CA PHE C 164 31.96 -58.54 -26.73
C PHE C 164 31.03 -57.62 -27.51
N ASN C 165 29.94 -57.18 -26.93
CA ASN C 165 28.89 -56.55 -27.72
C ASN C 165 29.04 -55.05 -27.81
N PHE C 166 29.62 -54.42 -26.80
CA PHE C 166 29.85 -52.99 -26.80
C PHE C 166 31.22 -52.75 -26.22
N PRO C 167 32.26 -52.75 -27.05
CA PRO C 167 33.61 -52.49 -26.54
C PRO C 167 33.80 -51.07 -26.06
N CYS C 168 33.26 -50.11 -26.81
CA CYS C 168 33.24 -48.72 -26.34
C CYS C 168 32.27 -48.54 -25.19
N TRP C 169 30.98 -48.80 -25.44
CA TRP C 169 29.93 -48.47 -24.48
C TRP C 169 30.05 -49.31 -23.22
N GLY C 170 29.96 -50.64 -23.36
CA GLY C 170 29.94 -51.55 -22.21
C GLY C 170 31.16 -51.52 -21.32
N MET C 171 32.27 -50.97 -21.82
CA MET C 171 33.37 -50.58 -20.94
C MET C 171 33.11 -49.22 -20.33
N LEU C 172 32.70 -48.25 -21.14
CA LEU C 172 32.83 -46.86 -20.77
C LEU C 172 31.70 -46.41 -19.84
N GLU C 173 30.54 -47.06 -19.94
CA GLU C 173 29.44 -46.85 -19.01
C GLU C 173 29.69 -47.47 -17.65
N LYS C 174 30.67 -48.36 -17.53
CA LYS C 174 31.16 -48.80 -16.23
C LYS C 174 32.28 -47.91 -15.74
N LEU C 175 33.06 -47.40 -16.67
CA LEU C 175 34.23 -46.59 -16.34
C LEU C 175 33.84 -45.19 -15.86
N ALA C 176 32.67 -44.69 -16.29
CA ALA C 176 32.26 -43.36 -15.83
C ALA C 176 31.85 -43.32 -14.36
N PRO C 177 31.02 -44.24 -13.81
CA PRO C 177 30.74 -44.16 -12.38
C PRO C 177 31.91 -44.57 -11.51
N THR C 178 32.82 -45.39 -12.03
CA THR C 178 33.98 -45.81 -11.25
C THR C 178 34.92 -44.64 -11.03
N TRP C 179 35.21 -43.89 -12.09
CA TRP C 179 36.01 -42.68 -11.95
C TRP C 179 35.27 -41.59 -11.21
N LEU C 180 33.95 -41.48 -11.40
CA LEU C 180 33.20 -40.50 -10.62
C LEU C 180 33.07 -40.93 -9.17
N GLY C 181 33.15 -42.24 -8.92
CA GLY C 181 33.11 -42.76 -7.57
C GLY C 181 34.48 -42.95 -6.95
N GLY C 182 35.50 -42.31 -7.51
CA GLY C 182 36.81 -42.24 -6.90
C GLY C 182 37.61 -43.52 -6.85
N MET C 183 37.34 -44.47 -7.73
CA MET C 183 38.12 -45.70 -7.77
C MET C 183 38.80 -45.85 -9.12
N PRO C 184 39.99 -46.46 -9.15
CA PRO C 184 40.60 -46.82 -10.44
C PRO C 184 40.03 -48.15 -10.92
N ALA C 185 40.07 -48.32 -12.24
CA ALA C 185 39.49 -49.49 -12.86
C ALA C 185 40.53 -50.32 -13.58
N ILE C 186 40.28 -51.63 -13.65
CA ILE C 186 41.04 -52.56 -14.47
C ILE C 186 40.03 -53.26 -15.36
N ILE C 187 40.02 -52.91 -16.65
CA ILE C 187 39.01 -53.41 -17.58
C ILE C 187 39.52 -54.70 -18.21
N LYS C 188 38.74 -55.77 -18.08
CA LYS C 188 38.99 -57.00 -18.83
C LYS C 188 37.93 -57.10 -19.91
N PRO C 189 38.22 -56.68 -21.14
CA PRO C 189 37.25 -56.82 -22.22
C PRO C 189 37.20 -58.25 -22.72
N ALA C 190 36.10 -58.57 -23.40
CA ALA C 190 36.01 -59.87 -24.07
C ALA C 190 37.00 -59.92 -25.21
N THR C 191 37.66 -61.06 -25.36
CA THR C 191 38.77 -61.19 -26.30
C THR C 191 38.33 -61.25 -27.75
N ALA C 192 37.02 -61.32 -28.03
CA ALA C 192 36.57 -61.36 -29.41
C ALA C 192 36.69 -60.00 -30.10
N THR C 193 36.71 -58.90 -29.34
CA THR C 193 36.74 -57.58 -29.95
C THR C 193 37.56 -56.57 -29.16
N ALA C 194 38.64 -57.01 -28.50
CA ALA C 194 39.41 -56.14 -27.61
C ALA C 194 40.22 -55.07 -28.34
N GLN C 195 40.24 -55.05 -29.68
CA GLN C 195 40.99 -54.03 -30.41
C GLN C 195 40.38 -52.64 -30.24
N LEU C 196 39.04 -52.53 -30.27
CA LEU C 196 38.40 -51.25 -30.06
C LEU C 196 38.53 -50.80 -28.61
N THR C 197 38.50 -51.75 -27.68
CA THR C 197 38.71 -51.44 -26.27
C THR C 197 40.12 -50.91 -26.03
N GLN C 198 41.13 -51.51 -26.68
CA GLN C 198 42.48 -50.98 -26.54
C GLN C 198 42.62 -49.61 -27.20
N ALA C 199 41.90 -49.38 -28.30
CA ALA C 199 41.89 -48.04 -28.90
C ALA C 199 41.32 -47.01 -27.95
N MET C 200 40.24 -47.37 -27.24
CA MET C 200 39.63 -46.46 -26.25
C MET C 200 40.58 -46.18 -25.09
N VAL C 201 41.18 -47.24 -24.54
CA VAL C 201 42.07 -47.11 -23.39
C VAL C 201 43.32 -46.32 -23.77
N LYS C 202 43.86 -46.56 -24.97
CA LYS C 202 45.03 -45.82 -25.43
C LYS C 202 44.71 -44.34 -25.67
N SER C 203 43.52 -44.06 -26.21
CA SER C 203 43.13 -42.66 -26.41
C SER C 203 42.88 -41.95 -25.08
N ILE C 204 42.46 -42.69 -24.05
CA ILE C 204 42.31 -42.09 -22.73
C ILE C 204 43.67 -41.82 -22.09
N VAL C 205 44.56 -42.82 -22.13
CA VAL C 205 45.85 -42.71 -21.46
C VAL C 205 46.73 -41.66 -22.13
N ASP C 206 46.80 -41.67 -23.46
CA ASP C 206 47.61 -40.69 -24.17
C ASP C 206 46.87 -39.37 -24.35
N SER C 207 46.39 -38.78 -23.27
CA SER C 207 45.82 -37.44 -23.30
C SER C 207 46.24 -36.59 -22.10
N GLY C 208 46.79 -37.17 -21.04
CA GLY C 208 47.17 -36.40 -19.88
C GLY C 208 46.02 -35.92 -19.03
N LEU C 209 44.89 -36.61 -19.08
CA LEU C 209 43.68 -36.20 -18.37
C LEU C 209 43.39 -37.03 -17.14
N VAL C 210 43.57 -38.35 -17.21
CA VAL C 210 43.43 -39.20 -16.04
C VAL C 210 44.83 -39.43 -15.47
N PRO C 211 44.97 -39.65 -14.16
CA PRO C 211 46.30 -39.92 -13.60
C PRO C 211 46.80 -41.30 -13.96
N GLU C 212 48.07 -41.54 -13.65
CA GLU C 212 48.65 -42.85 -13.85
C GLU C 212 48.09 -43.84 -12.83
N GLY C 213 47.77 -45.04 -13.30
CA GLY C 213 47.14 -46.04 -12.47
C GLY C 213 45.63 -45.96 -12.40
N ALA C 214 45.03 -44.90 -12.93
CA ALA C 214 43.58 -44.74 -12.86
C ALA C 214 42.84 -45.65 -13.84
N ILE C 215 43.53 -46.31 -14.75
CA ILE C 215 42.92 -47.18 -15.74
C ILE C 215 43.95 -48.23 -16.14
N SER C 216 43.48 -49.45 -16.36
CA SER C 216 44.33 -50.54 -16.82
C SER C 216 43.55 -51.33 -17.87
N LEU C 217 44.18 -52.39 -18.36
CA LEU C 217 43.60 -53.17 -19.44
C LEU C 217 44.29 -54.52 -19.48
N ILE C 218 43.52 -55.60 -19.54
CA ILE C 218 44.05 -56.95 -19.71
C ILE C 218 43.38 -57.59 -20.92
N CYS C 219 44.00 -57.44 -22.08
CA CYS C 219 43.60 -58.16 -23.27
C CYS C 219 44.02 -59.62 -23.11
N GLY C 220 43.04 -60.49 -22.95
CA GLY C 220 43.29 -61.89 -22.62
C GLY C 220 42.68 -62.24 -21.29
N SER C 221 42.98 -63.45 -20.84
CA SER C 221 42.42 -63.96 -19.59
C SER C 221 43.11 -63.31 -18.39
N ALA C 222 42.31 -63.09 -17.34
CA ALA C 222 42.85 -62.55 -16.09
C ALA C 222 43.53 -63.63 -15.26
N GLY C 223 42.79 -64.66 -14.88
CA GLY C 223 43.36 -65.83 -14.24
C GLY C 223 43.80 -65.63 -12.80
N ASP C 224 44.84 -64.84 -12.60
CA ASP C 224 45.43 -64.64 -11.28
C ASP C 224 44.90 -63.38 -10.61
N LEU C 225 44.03 -62.62 -11.28
CA LEU C 225 43.58 -61.34 -10.73
C LEU C 225 42.54 -61.53 -9.63
N LEU C 226 41.59 -62.44 -9.82
CA LEU C 226 40.51 -62.62 -8.87
C LEU C 226 40.97 -63.26 -7.57
N ASP C 227 42.15 -63.88 -7.56
CA ASP C 227 42.72 -64.48 -6.37
C ASP C 227 43.52 -63.48 -5.53
N HIS C 228 43.54 -62.20 -5.91
CA HIS C 228 44.35 -61.20 -5.24
C HIS C 228 43.55 -60.02 -4.73
N LEU C 229 42.24 -60.04 -4.89
CA LEU C 229 41.43 -58.85 -4.67
C LEU C 229 41.11 -58.65 -3.20
N ASP C 230 41.41 -57.46 -2.70
CA ASP C 230 41.11 -57.08 -1.32
C ASP C 230 39.60 -56.84 -1.18
N SER C 231 39.15 -56.72 0.07
CA SER C 231 37.74 -56.50 0.36
C SER C 231 37.25 -55.11 0.00
N GLN C 232 38.15 -54.18 -0.36
CA GLN C 232 37.77 -52.87 -0.87
C GLN C 232 37.65 -52.84 -2.39
N ASP C 233 37.68 -53.99 -3.03
CA ASP C 233 37.57 -54.09 -4.48
C ASP C 233 36.14 -54.47 -4.87
N VAL C 234 35.76 -54.08 -6.08
CA VAL C 234 34.48 -54.50 -6.65
C VAL C 234 34.75 -55.17 -7.99
N VAL C 235 33.88 -56.11 -8.35
CA VAL C 235 33.95 -56.82 -9.62
C VAL C 235 32.61 -56.67 -10.30
N THR C 236 32.61 -56.20 -11.54
CA THR C 236 31.39 -55.94 -12.28
C THR C 236 31.42 -56.81 -13.54
N PHE C 237 30.76 -57.95 -13.48
CA PHE C 237 30.72 -58.88 -14.60
C PHE C 237 29.65 -58.48 -15.61
N THR C 238 29.92 -58.79 -16.88
CA THR C 238 28.93 -58.63 -17.94
C THR C 238 29.20 -59.70 -18.98
N GLY C 239 28.27 -60.64 -19.12
CA GLY C 239 28.44 -61.75 -20.03
C GLY C 239 27.30 -62.72 -19.95
N SER C 240 27.55 -63.99 -20.24
CA SER C 240 26.51 -65.00 -20.09
C SER C 240 26.34 -65.35 -18.62
N ALA C 241 25.20 -65.97 -18.32
CA ALA C 241 24.94 -66.37 -16.94
C ALA C 241 25.82 -67.54 -16.51
N ALA C 242 26.16 -68.41 -17.45
CA ALA C 242 26.95 -69.60 -17.14
C ALA C 242 28.37 -69.25 -16.70
N THR C 243 28.89 -68.11 -17.15
CA THR C 243 30.21 -67.66 -16.72
C THR C 243 30.13 -66.94 -15.39
N GLY C 244 29.13 -66.07 -15.22
CA GLY C 244 29.02 -65.29 -14.01
C GLY C 244 28.63 -66.11 -12.80
N GLN C 245 27.90 -67.20 -13.01
CA GLN C 245 27.61 -68.10 -11.90
C GLN C 245 28.82 -68.94 -11.51
N MET C 246 29.79 -69.09 -12.41
CA MET C 246 31.06 -69.71 -12.03
C MET C 246 31.98 -68.71 -11.35
N LEU C 247 31.91 -67.44 -11.73
CA LEU C 247 32.78 -66.43 -11.13
C LEU C 247 32.22 -65.82 -9.85
N ARG C 248 30.93 -66.02 -9.56
CA ARG C 248 30.41 -65.57 -8.27
C ARG C 248 30.93 -66.43 -7.13
N VAL C 249 31.15 -67.72 -7.38
CA VAL C 249 31.59 -68.66 -6.36
C VAL C 249 33.12 -68.78 -6.33
N GLN C 250 33.82 -67.80 -6.90
CA GLN C 250 35.27 -67.79 -6.87
C GLN C 250 35.74 -67.63 -5.42
N PRO C 251 36.62 -68.49 -4.92
CA PRO C 251 36.81 -68.62 -3.47
C PRO C 251 37.54 -67.46 -2.80
N ASN C 252 38.00 -66.45 -3.54
CA ASN C 252 38.42 -65.22 -2.88
C ASN C 252 37.30 -64.19 -2.85
N ILE C 253 36.42 -64.20 -3.84
CA ILE C 253 35.31 -63.26 -3.88
C ILE C 253 34.33 -63.51 -2.74
N VAL C 254 34.08 -64.78 -2.43
CA VAL C 254 33.17 -65.05 -1.33
C VAL C 254 33.88 -64.96 0.02
N ALA C 255 35.18 -65.19 0.07
CA ALA C 255 35.89 -65.14 1.35
C ALA C 255 36.09 -63.72 1.84
N LYS C 256 36.64 -62.85 0.98
CA LYS C 256 36.79 -61.44 1.31
C LYS C 256 35.48 -60.67 1.19
N SER C 257 34.43 -61.30 0.67
CA SER C 257 33.07 -60.76 0.61
C SER C 257 33.01 -59.46 -0.18
N ILE C 258 33.64 -59.48 -1.35
CA ILE C 258 33.73 -58.28 -2.17
C ILE C 258 32.43 -58.17 -2.96
N PRO C 259 32.00 -56.96 -3.35
CA PRO C 259 30.77 -56.84 -4.13
C PRO C 259 30.97 -57.35 -5.55
N PHE C 260 30.16 -58.34 -5.94
CA PHE C 260 30.21 -58.90 -7.28
C PHE C 260 28.88 -58.58 -7.96
N THR C 261 28.86 -57.50 -8.72
CA THR C 261 27.67 -57.12 -9.48
C THR C 261 27.66 -57.92 -10.78
N MET C 262 26.83 -58.95 -10.83
CA MET C 262 26.67 -59.75 -12.03
C MET C 262 25.53 -59.20 -12.86
N GLU C 263 25.67 -59.26 -14.17
CA GLU C 263 24.60 -58.83 -15.05
C GLU C 263 24.70 -59.61 -16.34
N ALA C 264 23.66 -60.39 -16.64
CA ALA C 264 23.78 -61.52 -17.55
C ALA C 264 22.75 -61.42 -18.67
N ASP C 265 22.61 -62.52 -19.40
CA ASP C 265 21.71 -62.62 -20.55
C ASP C 265 20.25 -62.57 -20.12
N SER C 266 19.36 -62.38 -21.09
CA SER C 266 17.96 -62.19 -20.79
C SER C 266 17.11 -62.52 -22.01
N LEU C 267 15.84 -62.82 -21.74
CA LEU C 267 14.81 -63.02 -22.76
C LEU C 267 13.83 -61.87 -22.66
N ASN C 268 14.11 -60.82 -23.43
CA ASN C 268 13.36 -59.58 -23.33
C ASN C 268 12.04 -59.71 -24.10
N CYS C 269 10.94 -59.46 -23.42
CA CYS C 269 9.64 -59.59 -24.04
C CYS C 269 9.26 -58.31 -24.78
N CYS C 270 8.24 -58.43 -25.63
CA CYS C 270 7.60 -57.26 -26.24
C CYS C 270 6.13 -57.63 -26.41
N VAL C 271 5.33 -57.28 -25.42
CA VAL C 271 3.96 -57.75 -25.32
C VAL C 271 3.05 -56.81 -26.09
N LEU C 272 2.23 -57.37 -26.97
CA LEU C 272 1.21 -56.61 -27.67
C LEU C 272 -0.10 -56.71 -26.92
N GLY C 273 -0.77 -55.58 -26.72
CA GLY C 273 -1.98 -55.56 -25.95
C GLY C 273 -3.21 -55.92 -26.75
N GLU C 274 -4.31 -56.18 -26.04
CA GLU C 274 -5.56 -56.56 -26.69
C GLU C 274 -6.20 -55.39 -27.41
N ASP C 275 -5.93 -54.16 -26.98
CA ASP C 275 -6.57 -53.00 -27.56
C ASP C 275 -6.03 -52.66 -28.95
N VAL C 276 -4.86 -53.15 -29.30
CA VAL C 276 -4.25 -52.82 -30.60
C VAL C 276 -4.90 -53.67 -31.68
N THR C 277 -5.42 -53.01 -32.71
CA THR C 277 -5.98 -53.60 -33.91
C THR C 277 -5.11 -53.19 -35.10
N PRO C 278 -5.05 -54.01 -36.16
CA PRO C 278 -4.10 -53.70 -37.26
C PRO C 278 -4.41 -52.45 -38.07
N ASP C 279 -5.58 -51.84 -37.91
CA ASP C 279 -5.87 -50.60 -38.61
C ASP C 279 -5.30 -49.37 -37.91
N GLN C 280 -4.79 -49.53 -36.68
CA GLN C 280 -4.22 -48.50 -35.83
C GLN C 280 -2.73 -48.32 -36.12
N PRO C 281 -2.19 -47.13 -35.86
CA PRO C 281 -0.72 -46.95 -35.99
C PRO C 281 0.07 -47.69 -34.94
N GLU C 282 -0.58 -48.11 -33.85
CA GLU C 282 0.08 -48.87 -32.79
C GLU C 282 0.64 -50.18 -33.31
N PHE C 283 -0.10 -50.85 -34.18
CA PHE C 283 0.36 -52.09 -34.81
C PHE C 283 1.60 -51.85 -35.67
N ALA C 284 1.60 -50.73 -36.41
CA ALA C 284 2.72 -50.44 -37.30
C ALA C 284 3.97 -50.09 -36.51
N LEU C 285 3.85 -49.30 -35.44
CA LEU C 285 5.02 -49.01 -34.63
C LEU C 285 5.45 -50.21 -33.79
N PHE C 286 4.53 -51.13 -33.46
CA PHE C 286 4.92 -52.39 -32.83
C PHE C 286 5.81 -53.21 -33.76
N ILE C 287 5.37 -53.39 -35.01
CA ILE C 287 6.16 -54.16 -35.97
C ILE C 287 7.48 -53.47 -36.26
N ARG C 288 7.46 -52.13 -36.37
CA ARG C 288 8.68 -51.37 -36.61
C ARG C 288 9.66 -51.47 -35.46
N GLU C 289 9.15 -51.42 -34.22
CA GLU C 289 10.00 -51.51 -33.04
C GLU C 289 10.62 -52.89 -32.92
N VAL C 290 9.83 -53.95 -33.15
CA VAL C 290 10.36 -55.32 -33.06
C VAL C 290 11.40 -55.58 -34.14
N VAL C 291 11.15 -55.11 -35.37
CA VAL C 291 12.09 -55.36 -36.47
C VAL C 291 13.36 -54.55 -36.29
N ARG C 292 13.24 -53.27 -35.93
CA ARG C 292 14.43 -52.44 -35.73
C ARG C 292 15.24 -52.92 -34.54
N GLU C 293 14.57 -53.39 -33.49
CA GLU C 293 15.27 -53.92 -32.33
C GLU C 293 15.96 -55.25 -32.64
N MET C 294 15.35 -56.08 -33.48
CA MET C 294 15.93 -57.37 -33.79
C MET C 294 17.04 -57.26 -34.83
N THR C 295 17.05 -56.19 -35.64
CA THR C 295 18.08 -56.02 -36.65
C THR C 295 19.18 -55.06 -36.25
N THR C 296 19.02 -54.31 -35.15
CA THR C 296 20.10 -53.43 -34.71
C THR C 296 21.23 -54.24 -34.07
N LYS C 297 22.46 -54.00 -34.54
CA LYS C 297 23.68 -54.70 -34.12
C LYS C 297 23.57 -56.20 -34.38
N ALA C 298 22.85 -56.56 -35.45
CA ALA C 298 22.61 -57.95 -35.89
C ALA C 298 21.98 -58.81 -34.79
N GLY C 299 21.19 -58.19 -33.92
CA GLY C 299 20.63 -58.89 -32.77
C GLY C 299 21.63 -59.28 -31.71
N GLN C 300 22.80 -58.63 -31.68
CA GLN C 300 23.82 -58.90 -30.67
C GLN C 300 23.85 -57.84 -29.58
N LYS C 301 22.70 -57.37 -29.13
CA LYS C 301 22.64 -56.61 -27.90
C LYS C 301 21.80 -57.35 -26.88
N CYS C 302 22.10 -57.11 -25.61
CA CYS C 302 21.41 -57.75 -24.51
C CYS C 302 19.95 -57.32 -24.44
N THR C 303 19.68 -56.06 -24.78
CA THR C 303 18.35 -55.49 -24.71
C THR C 303 17.56 -55.63 -26.01
N ALA C 304 17.82 -56.71 -26.75
CA ALA C 304 17.08 -57.00 -27.97
C ALA C 304 15.84 -57.83 -27.66
N ILE C 305 14.76 -57.57 -28.38
CA ILE C 305 13.51 -58.28 -28.20
C ILE C 305 13.66 -59.71 -28.69
N ARG C 306 13.35 -60.67 -27.81
CA ARG C 306 13.51 -62.07 -28.15
C ARG C 306 12.28 -62.93 -27.87
N ARG C 307 11.21 -62.35 -27.31
CA ARG C 307 9.96 -63.07 -27.11
C ARG C 307 8.81 -62.12 -27.44
N ILE C 308 8.17 -62.32 -28.59
CA ILE C 308 7.04 -61.49 -28.98
C ILE C 308 5.76 -62.14 -28.51
N ILE C 309 5.00 -61.44 -27.68
CA ILE C 309 3.74 -61.92 -27.13
C ILE C 309 2.62 -61.12 -27.76
N VAL C 310 1.75 -61.80 -28.50
CA VAL C 310 0.66 -61.14 -29.22
C VAL C 310 -0.64 -61.80 -28.79
N PRO C 311 -1.77 -61.10 -28.96
CA PRO C 311 -3.07 -61.75 -28.75
C PRO C 311 -3.31 -62.85 -29.76
N GLN C 312 -4.21 -63.78 -29.40
CA GLN C 312 -4.44 -64.98 -30.18
C GLN C 312 -5.06 -64.67 -31.53
N ALA C 313 -5.95 -63.69 -31.59
CA ALA C 313 -6.60 -63.32 -32.84
C ALA C 313 -5.70 -62.54 -33.77
N LEU C 314 -4.52 -62.11 -33.32
CA LEU C 314 -3.63 -61.27 -34.11
C LEU C 314 -2.37 -61.99 -34.55
N VAL C 315 -2.27 -63.30 -34.32
CA VAL C 315 -1.01 -64.02 -34.51
C VAL C 315 -0.62 -64.07 -35.98
N ASN C 316 -1.57 -64.41 -36.85
CA ASN C 316 -1.29 -64.51 -38.28
C ASN C 316 -0.99 -63.14 -38.88
N ALA C 317 -1.68 -62.10 -38.42
CA ALA C 317 -1.43 -60.75 -38.92
C ALA C 317 -0.06 -60.23 -38.50
N VAL C 318 0.32 -60.47 -37.23
CA VAL C 318 1.64 -60.06 -36.75
C VAL C 318 2.73 -60.84 -37.46
N SER C 319 2.51 -62.14 -37.69
CA SER C 319 3.52 -62.96 -38.36
C SER C 319 3.70 -62.55 -39.82
N ASP C 320 2.60 -62.31 -40.54
CA ASP C 320 2.68 -61.84 -41.92
C ASP C 320 3.29 -60.44 -42.02
N ALA C 321 2.99 -59.55 -41.07
CA ALA C 321 3.60 -58.23 -41.08
C ALA C 321 5.09 -58.28 -40.78
N LEU C 322 5.50 -59.14 -39.86
CA LEU C 322 6.93 -59.29 -39.55
C LEU C 322 7.68 -59.91 -40.72
N VAL C 323 7.07 -60.86 -41.42
CA VAL C 323 7.71 -61.45 -42.60
C VAL C 323 7.83 -60.42 -43.72
N ALA C 324 6.75 -59.67 -43.98
CA ALA C 324 6.79 -58.65 -45.01
C ALA C 324 7.71 -57.48 -44.67
N ARG C 325 7.96 -57.23 -43.39
CA ARG C 325 8.85 -56.15 -43.01
C ARG C 325 10.31 -56.59 -42.96
N LEU C 326 10.55 -57.86 -42.63
CA LEU C 326 11.92 -58.38 -42.48
C LEU C 326 12.55 -58.84 -43.78
N GLN C 327 11.77 -59.11 -44.82
CA GLN C 327 12.36 -59.51 -46.09
C GLN C 327 13.05 -58.35 -46.79
N LYS C 328 12.74 -57.11 -46.42
CA LYS C 328 13.46 -55.96 -46.94
C LYS C 328 14.80 -55.73 -46.24
N VAL C 329 15.08 -56.46 -45.17
CA VAL C 329 16.34 -56.30 -44.45
C VAL C 329 17.45 -56.99 -45.23
N VAL C 330 18.45 -56.22 -45.65
CA VAL C 330 19.54 -56.73 -46.47
C VAL C 330 20.70 -57.10 -45.54
N VAL C 331 21.12 -58.36 -45.62
CA VAL C 331 22.22 -58.88 -44.82
C VAL C 331 23.46 -58.96 -45.70
N GLY C 332 24.53 -58.30 -45.29
CA GLY C 332 25.74 -58.32 -46.08
C GLY C 332 26.84 -57.48 -45.47
N ASP C 333 27.82 -57.15 -46.31
CA ASP C 333 28.91 -56.28 -45.91
C ASP C 333 28.40 -54.85 -45.69
N PRO C 334 28.89 -54.15 -44.67
CA PRO C 334 28.42 -52.78 -44.44
C PRO C 334 28.96 -51.77 -45.44
N ALA C 335 30.17 -51.99 -45.98
CA ALA C 335 30.79 -50.98 -46.82
C ALA C 335 30.14 -50.90 -48.20
N GLN C 336 29.55 -52.00 -48.68
CA GLN C 336 28.74 -51.92 -49.88
C GLN C 336 27.38 -51.32 -49.53
N GLU C 337 26.86 -50.49 -50.42
CA GLU C 337 25.69 -49.70 -50.11
C GLU C 337 24.42 -50.53 -50.23
N GLY C 338 23.38 -50.08 -49.54
CA GLY C 338 22.11 -50.77 -49.57
C GLY C 338 21.98 -51.93 -48.61
N VAL C 339 22.85 -52.03 -47.62
CA VAL C 339 22.85 -53.14 -46.67
C VAL C 339 22.46 -52.60 -45.30
N LYS C 340 21.43 -53.18 -44.71
CA LYS C 340 20.89 -52.71 -43.43
C LYS C 340 21.47 -53.47 -42.25
N MET C 341 21.29 -54.80 -42.21
CA MET C 341 21.87 -55.61 -41.15
C MET C 341 23.32 -55.96 -41.48
N GLY C 342 24.19 -55.81 -40.49
CA GLY C 342 25.57 -56.26 -40.60
C GLY C 342 25.71 -57.74 -40.35
N ALA C 343 26.84 -58.12 -39.77
CA ALA C 343 27.16 -59.52 -39.55
C ALA C 343 27.45 -59.77 -38.07
N LEU C 344 27.61 -61.04 -37.72
CA LEU C 344 28.02 -61.38 -36.37
C LEU C 344 29.53 -61.20 -36.25
N VAL C 345 30.08 -61.46 -35.06
CA VAL C 345 31.50 -61.18 -34.84
C VAL C 345 32.40 -62.39 -35.05
N ASN C 346 31.88 -63.62 -34.93
CA ASN C 346 32.73 -64.80 -35.02
C ASN C 346 31.97 -65.93 -35.68
N ALA C 347 32.74 -66.85 -36.27
CA ALA C 347 32.16 -68.13 -36.65
C ALA C 347 31.83 -68.98 -35.43
N GLU C 348 32.56 -68.77 -34.34
CA GLU C 348 32.19 -69.39 -33.06
C GLU C 348 30.84 -68.87 -32.58
N GLN C 349 30.65 -67.55 -32.67
CA GLN C 349 29.35 -66.97 -32.28
C GLN C 349 28.26 -67.36 -33.26
N ARG C 350 28.58 -67.51 -34.54
CA ARG C 350 27.58 -67.95 -35.52
C ARG C 350 27.14 -69.38 -35.25
N ALA C 351 28.10 -70.25 -34.90
CA ALA C 351 27.77 -71.63 -34.54
C ALA C 351 26.98 -71.69 -33.25
N ASP C 352 27.27 -70.77 -32.31
CA ASP C 352 26.51 -70.71 -31.07
C ASP C 352 25.08 -70.25 -31.30
N VAL C 353 24.89 -69.26 -32.18
CA VAL C 353 23.54 -68.82 -32.55
C VAL C 353 22.77 -69.95 -33.20
N GLN C 354 23.40 -70.68 -34.11
CA GLN C 354 22.67 -71.74 -34.80
C GLN C 354 22.39 -72.94 -33.89
N GLU C 355 23.28 -73.25 -32.94
CA GLU C 355 22.96 -74.34 -32.02
C GLU C 355 21.89 -73.95 -31.01
N LYS C 356 21.83 -72.67 -30.60
CA LYS C 356 20.68 -72.24 -29.80
C LYS C 356 19.39 -72.26 -30.61
N VAL C 357 19.47 -71.98 -31.91
CA VAL C 357 18.31 -72.11 -32.80
C VAL C 357 17.86 -73.57 -32.85
N ASN C 358 18.79 -74.51 -32.97
CA ASN C 358 18.42 -75.91 -33.01
C ASN C 358 17.84 -76.39 -31.68
N ILE C 359 18.29 -75.81 -30.57
CA ILE C 359 17.68 -76.11 -29.27
C ILE C 359 16.25 -75.57 -29.21
N LEU C 360 16.02 -74.37 -29.76
CA LEU C 360 14.65 -73.85 -29.83
C LEU C 360 13.78 -74.63 -30.81
N LEU C 361 14.37 -75.16 -31.87
CA LEU C 361 13.66 -75.98 -32.84
C LEU C 361 13.41 -77.40 -32.35
N ALA C 362 14.10 -77.83 -31.30
CA ALA C 362 13.83 -79.13 -30.70
C ALA C 362 12.50 -79.20 -29.97
N ALA C 363 11.86 -78.05 -29.71
CA ALA C 363 10.53 -78.06 -29.10
C ALA C 363 9.61 -76.99 -29.66
N GLY C 364 10.00 -76.28 -30.72
CA GLY C 364 9.21 -75.17 -31.22
C GLY C 364 8.67 -75.36 -32.63
N CYS C 365 8.74 -74.31 -33.44
CA CYS C 365 8.24 -74.33 -34.82
C CYS C 365 9.10 -73.40 -35.65
N GLU C 366 8.60 -73.00 -36.82
CA GLU C 366 9.38 -72.17 -37.72
C GLU C 366 8.44 -71.25 -38.49
N ILE C 367 8.89 -70.01 -38.75
CA ILE C 367 8.19 -69.08 -39.61
C ILE C 367 9.05 -68.66 -40.80
N ARG C 368 10.32 -68.35 -40.57
CA ARG C 368 11.18 -67.79 -41.60
C ARG C 368 12.42 -68.67 -41.79
N LEU C 369 13.42 -68.11 -42.47
CA LEU C 369 14.70 -68.78 -42.64
C LEU C 369 15.43 -68.79 -41.30
N GLY C 370 15.49 -69.95 -40.66
CA GLY C 370 16.09 -70.08 -39.35
C GLY C 370 17.48 -70.68 -39.39
N GLY C 371 17.57 -71.98 -39.07
CA GLY C 371 18.83 -72.69 -38.99
C GLY C 371 19.57 -72.85 -40.32
N GLN C 372 18.96 -72.50 -41.44
CA GLN C 372 19.63 -72.53 -42.74
C GLN C 372 20.58 -71.34 -42.83
N ALA C 373 21.73 -71.49 -42.18
CA ALA C 373 22.80 -70.50 -42.21
C ALA C 373 24.05 -71.16 -42.75
N ASP C 374 24.67 -70.54 -43.75
CA ASP C 374 25.83 -71.12 -44.41
C ASP C 374 27.04 -70.98 -43.50
N LEU C 375 27.36 -72.07 -42.79
CA LEU C 375 28.52 -72.08 -41.90
C LEU C 375 29.84 -72.06 -42.66
N SER C 376 29.83 -72.43 -43.93
CA SER C 376 31.03 -72.47 -44.76
C SER C 376 31.32 -71.13 -45.44
N ALA C 377 30.78 -70.04 -44.91
CA ALA C 377 30.97 -68.73 -45.52
C ALA C 377 32.17 -68.01 -44.90
N ALA C 378 32.72 -67.07 -45.65
CA ALA C 378 33.82 -66.22 -45.19
C ALA C 378 33.29 -64.93 -44.57
N GLY C 379 32.41 -65.10 -43.58
CA GLY C 379 31.78 -63.99 -42.91
C GLY C 379 30.68 -64.50 -42.00
N ALA C 380 30.61 -63.97 -40.78
CA ALA C 380 29.69 -64.48 -39.77
C ALA C 380 28.30 -63.92 -40.02
N PHE C 381 27.62 -64.48 -41.02
CA PHE C 381 26.29 -64.04 -41.39
C PHE C 381 25.25 -65.01 -40.87
N PHE C 382 24.18 -64.48 -40.31
CA PHE C 382 23.05 -65.29 -39.88
C PHE C 382 21.78 -64.62 -40.39
N PRO C 383 20.86 -65.37 -41.00
CA PRO C 383 19.66 -64.73 -41.54
C PRO C 383 18.70 -64.35 -40.44
N PRO C 384 17.93 -63.27 -40.62
CA PRO C 384 16.99 -62.83 -39.59
C PRO C 384 15.86 -63.84 -39.36
N THR C 385 15.83 -64.41 -38.16
CA THR C 385 15.03 -65.58 -37.85
C THR C 385 13.83 -65.21 -37.00
N LEU C 386 12.64 -65.57 -37.46
CA LEU C 386 11.41 -65.48 -36.68
C LEU C 386 10.89 -66.88 -36.44
N LEU C 387 10.64 -67.22 -35.19
CA LEU C 387 10.19 -68.55 -34.83
C LEU C 387 8.73 -68.50 -34.38
N TYR C 388 8.23 -69.64 -33.92
CA TYR C 388 6.84 -69.73 -33.49
C TYR C 388 6.72 -70.82 -32.44
N CYS C 389 5.80 -70.61 -31.50
CA CYS C 389 5.57 -71.55 -30.41
C CYS C 389 4.08 -71.60 -30.13
N PRO C 390 3.37 -72.57 -30.71
CA PRO C 390 1.91 -72.63 -30.52
C PRO C 390 1.49 -73.05 -29.12
N GLN C 391 2.38 -73.68 -28.35
CA GLN C 391 2.13 -74.04 -26.96
C GLN C 391 3.15 -73.30 -26.11
N PRO C 392 2.90 -72.03 -25.77
CA PRO C 392 3.94 -71.24 -25.09
C PRO C 392 4.15 -71.62 -23.64
N ASP C 393 3.08 -71.87 -22.88
CA ASP C 393 3.21 -72.19 -21.47
C ASP C 393 3.64 -73.63 -21.23
N GLU C 394 3.64 -74.48 -22.26
CA GLU C 394 4.08 -75.86 -22.11
C GLU C 394 5.56 -76.05 -22.34
N THR C 395 6.22 -75.13 -23.04
CA THR C 395 7.62 -75.31 -23.41
C THR C 395 8.51 -74.40 -22.57
N PRO C 396 9.29 -74.94 -21.64
CA PRO C 396 10.23 -74.10 -20.88
C PRO C 396 11.48 -73.72 -21.64
N ALA C 397 11.75 -74.36 -22.78
CA ALA C 397 12.96 -74.04 -23.54
C ALA C 397 12.84 -72.68 -24.23
N VAL C 398 11.62 -72.24 -24.51
CA VAL C 398 11.42 -70.90 -25.07
C VAL C 398 11.71 -69.86 -24.00
N HIS C 399 11.37 -70.15 -22.74
CA HIS C 399 11.57 -69.25 -21.64
C HIS C 399 12.90 -69.46 -20.92
N ALA C 400 13.85 -70.16 -21.54
CA ALA C 400 15.16 -70.33 -20.92
C ALA C 400 16.34 -70.29 -21.87
N THR C 401 16.13 -70.08 -23.17
CA THR C 401 17.20 -70.14 -24.15
C THR C 401 17.17 -68.87 -24.99
N GLU C 402 18.26 -68.11 -24.96
CA GLU C 402 18.41 -66.91 -25.78
C GLU C 402 19.38 -67.21 -26.92
N ALA C 403 18.85 -67.23 -28.13
CA ALA C 403 19.66 -67.35 -29.33
C ALA C 403 20.21 -65.98 -29.65
N PHE C 404 21.50 -65.75 -29.37
CA PHE C 404 22.04 -64.40 -29.30
C PHE C 404 22.43 -63.90 -30.69
N GLY C 405 21.41 -63.75 -31.53
CA GLY C 405 21.56 -63.19 -32.84
C GLY C 405 20.28 -62.52 -33.27
N PRO C 406 19.93 -62.61 -34.54
CA PRO C 406 18.68 -61.99 -35.03
C PRO C 406 17.43 -62.82 -34.75
N VAL C 407 17.50 -63.74 -33.81
CA VAL C 407 16.41 -64.68 -33.55
C VAL C 407 15.46 -64.08 -32.52
N ALA C 408 14.16 -64.16 -32.78
CA ALA C 408 13.15 -63.79 -31.81
C ALA C 408 11.91 -64.62 -32.05
N THR C 409 11.46 -65.34 -31.02
CA THR C 409 10.32 -66.21 -31.16
C THR C 409 9.02 -65.43 -31.08
N LEU C 410 7.94 -66.08 -31.49
CA LEU C 410 6.60 -65.51 -31.44
C LEU C 410 5.66 -66.53 -30.81
N MET C 411 4.69 -66.05 -30.04
CA MET C 411 3.81 -66.91 -29.29
C MET C 411 2.53 -66.17 -28.92
N PRO C 412 1.39 -66.85 -28.89
CA PRO C 412 0.11 -66.17 -28.64
C PRO C 412 -0.15 -65.96 -27.15
N ALA C 413 -1.20 -65.20 -26.86
CA ALA C 413 -1.61 -64.93 -25.49
C ALA C 413 -3.13 -65.03 -25.40
N GLN C 414 -3.64 -64.91 -24.16
CA GLN C 414 -5.08 -65.01 -23.88
C GLN C 414 -5.52 -63.85 -22.98
N ASN C 415 -5.81 -62.70 -23.61
CA ASN C 415 -6.62 -61.61 -23.06
C ASN C 415 -6.00 -60.97 -21.81
N GLN C 416 -4.73 -60.54 -21.94
CA GLN C 416 -3.99 -59.73 -20.98
C GLN C 416 -3.89 -60.34 -19.58
N ARG C 417 -4.02 -61.65 -19.47
CA ARG C 417 -3.66 -62.37 -18.26
C ARG C 417 -2.65 -63.45 -18.54
N HIS C 418 -2.75 -64.11 -19.69
CA HIS C 418 -1.71 -65.02 -20.12
C HIS C 418 -0.49 -64.25 -20.62
N ALA C 419 -0.71 -63.03 -21.14
CA ALA C 419 0.39 -62.22 -21.65
C ALA C 419 1.29 -61.73 -20.52
N LEU C 420 0.69 -61.40 -19.37
CA LEU C 420 1.48 -61.04 -18.20
C LEU C 420 2.30 -62.22 -17.70
N GLN C 421 1.70 -63.40 -17.67
CA GLN C 421 2.41 -64.58 -17.19
C GLN C 421 3.47 -65.03 -18.19
N LEU C 422 3.23 -64.85 -19.49
CA LEU C 422 4.26 -65.17 -20.47
C LEU C 422 5.37 -64.13 -20.46
N ALA C 423 5.07 -62.89 -20.08
CA ALA C 423 6.13 -61.91 -19.91
C ALA C 423 6.97 -62.22 -18.69
N CYS C 424 6.33 -62.67 -17.60
CA CYS C 424 7.05 -62.98 -16.38
C CYS C 424 7.66 -64.38 -16.37
N ALA C 425 7.36 -65.22 -17.36
CA ALA C 425 7.90 -66.57 -17.41
C ALA C 425 9.37 -66.63 -17.83
N GLY C 426 9.96 -65.51 -18.24
CA GLY C 426 11.36 -65.49 -18.64
C GLY C 426 12.36 -65.57 -17.51
N GLY C 427 11.92 -65.70 -16.27
CA GLY C 427 12.84 -65.85 -15.15
C GLY C 427 13.57 -64.58 -14.78
N GLY C 428 13.00 -63.43 -15.09
CA GLY C 428 13.67 -62.16 -14.83
C GLY C 428 14.37 -61.65 -16.06
N SER C 429 13.80 -60.64 -16.69
CA SER C 429 14.34 -60.14 -17.94
C SER C 429 15.13 -58.85 -17.69
N LEU C 430 15.57 -58.23 -18.76
CA LEU C 430 16.36 -57.01 -18.70
C LEU C 430 15.64 -55.80 -19.26
N ALA C 431 14.74 -56.03 -20.22
CA ALA C 431 13.94 -54.98 -20.82
C ALA C 431 12.63 -55.59 -21.29
N GLY C 432 11.63 -54.73 -21.48
CA GLY C 432 10.34 -55.18 -21.96
C GLY C 432 9.64 -54.03 -22.64
N THR C 433 8.55 -54.37 -23.33
CA THR C 433 7.75 -53.37 -24.02
C THR C 433 6.30 -53.81 -24.09
N LEU C 434 5.40 -52.97 -23.59
CA LEU C 434 3.99 -53.10 -23.87
C LEU C 434 3.61 -52.05 -24.91
N VAL C 435 2.98 -52.49 -25.99
CA VAL C 435 2.46 -51.59 -27.00
C VAL C 435 0.95 -51.57 -26.85
N THR C 436 0.43 -50.50 -26.26
CA THR C 436 -1.01 -50.27 -26.08
C THR C 436 -1.29 -48.81 -26.33
N ALA C 437 -2.55 -48.43 -26.09
CA ALA C 437 -2.97 -47.04 -26.04
C ALA C 437 -3.75 -46.81 -24.75
N ASP C 438 -4.40 -47.86 -24.28
CA ASP C 438 -5.18 -47.81 -23.04
C ASP C 438 -4.24 -47.75 -21.85
N PRO C 439 -4.27 -46.69 -21.02
CA PRO C 439 -3.32 -46.61 -19.92
C PRO C 439 -3.63 -47.52 -18.75
N GLN C 440 -4.86 -48.01 -18.62
CA GLN C 440 -5.16 -48.95 -17.55
C GLN C 440 -4.58 -50.33 -17.83
N ILE C 441 -4.47 -50.68 -19.11
CA ILE C 441 -3.76 -51.91 -19.49
C ILE C 441 -2.28 -51.79 -19.15
N ALA C 442 -1.71 -50.59 -19.32
CA ALA C 442 -0.33 -50.36 -18.92
C ALA C 442 -0.17 -50.39 -17.40
N ARG C 443 -1.17 -49.91 -16.67
CA ARG C 443 -1.16 -50.00 -15.21
C ARG C 443 -1.16 -51.45 -14.75
N GLN C 444 -2.05 -52.26 -15.34
CA GLN C 444 -2.09 -53.70 -15.04
C GLN C 444 -0.80 -54.41 -15.45
N PHE C 445 -0.15 -53.92 -16.50
CA PHE C 445 1.09 -54.54 -16.96
C PHE C 445 2.26 -54.21 -16.04
N ILE C 446 2.33 -52.96 -15.56
CA ILE C 446 3.43 -52.60 -14.65
C ILE C 446 3.20 -53.21 -13.27
N ALA C 447 1.94 -53.38 -12.85
CA ALA C 447 1.67 -53.92 -11.53
C ALA C 447 2.05 -55.39 -11.38
N ASP C 448 2.32 -56.10 -12.47
CA ASP C 448 2.65 -57.52 -12.39
C ASP C 448 3.95 -57.87 -13.12
N ALA C 449 4.27 -57.12 -14.17
CA ALA C 449 5.42 -57.44 -15.00
C ALA C 449 6.68 -56.69 -14.62
N ALA C 450 6.59 -55.67 -13.79
CA ALA C 450 7.78 -54.92 -13.39
C ALA C 450 8.53 -55.59 -12.25
N ARG C 451 8.05 -56.73 -11.75
CA ARG C 451 8.80 -57.50 -10.77
C ARG C 451 9.93 -58.28 -11.42
N THR C 452 9.87 -58.47 -12.73
CA THR C 452 10.81 -59.29 -13.46
C THR C 452 11.63 -58.52 -14.48
N HIS C 453 11.20 -57.33 -14.90
CA HIS C 453 11.91 -56.55 -15.89
C HIS C 453 12.63 -55.40 -15.21
N GLY C 454 13.73 -54.97 -15.82
CA GLY C 454 14.48 -53.87 -15.28
C GLY C 454 14.10 -52.54 -15.88
N ARG C 455 13.55 -52.57 -17.10
CA ARG C 455 13.28 -51.34 -17.83
C ARG C 455 12.16 -51.62 -18.82
N ILE C 456 10.97 -51.10 -18.55
CA ILE C 456 9.79 -51.36 -19.39
C ILE C 456 9.48 -50.11 -20.18
N GLN C 457 9.31 -50.25 -21.48
CA GLN C 457 8.96 -49.14 -22.37
C GLN C 457 7.52 -49.31 -22.81
N ILE C 458 6.62 -48.53 -22.24
CA ILE C 458 5.23 -48.53 -22.70
C ILE C 458 5.16 -47.66 -23.94
N LEU C 459 4.97 -48.28 -25.10
CA LEU C 459 5.12 -47.61 -26.38
C LEU C 459 3.74 -47.37 -26.99
N ASN C 460 3.35 -46.11 -27.09
CA ASN C 460 2.16 -45.72 -27.84
C ASN C 460 2.56 -44.77 -28.97
N GLU C 461 1.55 -44.19 -29.62
CA GLU C 461 1.79 -43.32 -30.77
C GLU C 461 2.46 -42.01 -30.36
N GLU C 462 2.16 -41.51 -29.15
CA GLU C 462 2.78 -40.27 -28.69
C GLU C 462 4.25 -40.48 -28.33
N SER C 463 4.57 -41.64 -27.76
CA SER C 463 5.94 -41.92 -27.33
C SER C 463 6.86 -42.31 -28.47
N ALA C 464 6.31 -42.79 -29.60
CA ALA C 464 7.13 -43.39 -30.64
C ALA C 464 7.91 -42.37 -31.45
N LYS C 465 7.67 -41.07 -31.27
CA LYS C 465 8.36 -40.07 -32.07
C LYS C 465 9.80 -39.90 -31.63
N GLU C 466 10.02 -39.49 -30.38
CA GLU C 466 11.35 -39.22 -29.87
C GLU C 466 11.81 -40.28 -28.87
N SER C 467 11.33 -41.51 -29.03
CA SER C 467 11.80 -42.62 -28.22
C SER C 467 13.23 -42.98 -28.60
N THR C 468 13.95 -43.55 -27.64
CA THR C 468 15.27 -44.07 -27.90
C THR C 468 15.26 -45.54 -28.31
N GLY C 469 14.18 -46.24 -28.05
CA GLY C 469 14.02 -47.61 -28.47
C GLY C 469 14.05 -48.58 -27.31
N HIS C 470 13.72 -49.84 -27.63
CA HIS C 470 13.79 -50.92 -26.66
C HIS C 470 15.22 -51.22 -26.27
N GLY C 471 16.17 -51.06 -27.18
CA GLY C 471 17.52 -51.47 -26.92
C GLY C 471 18.51 -50.34 -26.73
N SER C 472 18.08 -49.28 -26.05
CA SER C 472 18.95 -48.17 -25.70
C SER C 472 18.98 -48.04 -24.19
N PRO C 473 19.95 -48.63 -23.50
CA PRO C 473 20.10 -48.38 -22.07
C PRO C 473 20.56 -46.95 -21.82
N LEU C 474 19.66 -46.13 -21.32
CA LEU C 474 20.00 -44.75 -21.02
C LEU C 474 20.96 -44.69 -19.84
N PRO C 475 21.89 -43.73 -19.84
CA PRO C 475 22.86 -43.65 -18.74
C PRO C 475 22.28 -43.16 -17.44
N GLN C 476 21.03 -42.71 -17.42
CA GLN C 476 20.35 -42.26 -16.22
C GLN C 476 19.10 -43.08 -15.94
N LEU C 477 19.02 -44.28 -16.51
CA LEU C 477 17.99 -45.25 -16.19
C LEU C 477 18.67 -46.55 -15.78
N VAL C 478 18.04 -47.26 -14.83
CA VAL C 478 18.63 -48.46 -14.27
C VAL C 478 18.69 -49.56 -15.32
N HIS C 479 19.91 -49.97 -15.64
CA HIS C 479 20.17 -51.05 -16.57
C HIS C 479 20.52 -52.29 -15.76
N GLY C 480 19.58 -53.22 -15.66
CA GLY C 480 19.75 -54.41 -14.85
C GLY C 480 18.43 -54.99 -14.42
N GLY C 481 18.30 -56.31 -14.48
CA GLY C 481 17.07 -56.96 -14.08
C GLY C 481 17.33 -58.09 -13.13
N PRO C 482 16.29 -58.65 -12.54
CA PRO C 482 16.46 -59.72 -11.56
C PRO C 482 16.68 -61.07 -12.23
N GLY C 483 17.11 -62.04 -11.41
CA GLY C 483 17.18 -63.43 -11.81
C GLY C 483 18.15 -63.77 -12.91
N ARG C 484 17.60 -64.10 -14.08
CA ARG C 484 18.43 -64.49 -15.21
C ARG C 484 19.23 -63.31 -15.75
N ALA C 485 18.69 -62.10 -15.65
CA ALA C 485 19.38 -60.91 -16.11
C ALA C 485 20.57 -60.54 -15.24
N GLY C 486 20.70 -61.13 -14.05
CA GLY C 486 21.90 -60.97 -13.26
C GLY C 486 21.65 -60.59 -11.82
N GLY C 487 20.64 -59.77 -11.59
CA GLY C 487 20.38 -59.29 -10.24
C GLY C 487 20.99 -57.92 -10.00
N GLY C 488 22.20 -57.71 -10.51
CA GLY C 488 22.87 -56.44 -10.33
C GLY C 488 22.32 -55.37 -11.25
N GLU C 489 22.55 -54.12 -10.86
CA GLU C 489 22.04 -52.97 -11.60
C GLU C 489 23.19 -52.03 -11.93
N GLU C 490 23.03 -51.32 -13.05
CA GLU C 490 23.99 -50.33 -13.50
C GLU C 490 23.24 -49.11 -13.98
N LEU C 491 23.98 -48.04 -14.23
CA LEU C 491 23.54 -46.84 -14.95
C LEU C 491 22.38 -46.11 -14.29
N GLY C 492 22.17 -46.27 -12.98
CA GLY C 492 21.00 -45.65 -12.40
C GLY C 492 21.12 -44.17 -12.09
N GLY C 493 21.83 -43.43 -12.94
CA GLY C 493 22.19 -42.07 -12.61
C GLY C 493 23.28 -42.11 -11.57
N LEU C 494 23.03 -41.52 -10.42
CA LEU C 494 23.99 -41.57 -9.31
C LEU C 494 23.83 -42.80 -8.46
N ARG C 495 22.92 -43.71 -8.82
CA ARG C 495 22.89 -45.02 -8.19
C ARG C 495 24.08 -45.85 -8.60
N ALA C 496 24.63 -45.58 -9.80
CA ALA C 496 25.76 -46.36 -10.28
C ALA C 496 27.07 -45.94 -9.66
N VAL C 497 27.18 -44.68 -9.18
CA VAL C 497 28.41 -44.27 -8.53
C VAL C 497 28.45 -44.68 -7.07
N LYS C 498 27.36 -45.20 -6.52
CA LYS C 498 27.28 -45.62 -5.13
C LYS C 498 27.69 -47.06 -4.91
N HIS C 499 27.80 -47.86 -5.97
CA HIS C 499 28.38 -49.19 -5.84
C HIS C 499 29.87 -49.11 -5.58
N TYR C 500 30.49 -48.04 -6.05
CA TYR C 500 31.93 -47.84 -5.90
C TYR C 500 32.24 -47.00 -4.68
N MET C 501 31.27 -46.80 -3.81
CA MET C 501 31.43 -46.04 -2.58
C MET C 501 30.96 -46.86 -1.40
N GLN C 502 31.36 -46.46 -0.21
CA GLN C 502 30.94 -47.10 1.03
C GLN C 502 30.09 -46.15 1.84
N ARG C 503 28.89 -46.60 2.20
CA ARG C 503 27.94 -45.79 2.95
C ARG C 503 28.17 -45.99 4.44
N THR C 504 28.34 -44.88 5.16
CA THR C 504 28.66 -44.90 6.58
C THR C 504 27.72 -43.95 7.32
N ALA C 505 27.02 -44.47 8.31
CA ALA C 505 26.16 -43.64 9.16
C ALA C 505 27.03 -43.04 10.26
N VAL C 506 27.40 -41.77 10.11
CA VAL C 506 28.31 -41.14 11.05
C VAL C 506 27.49 -40.48 12.16
N GLN C 507 27.68 -40.93 13.38
CA GLN C 507 26.99 -40.38 14.55
C GLN C 507 27.86 -39.35 15.25
N GLY C 508 27.21 -38.50 16.03
CA GLY C 508 27.92 -37.51 16.81
C GLY C 508 27.09 -36.25 16.96
N SER C 509 27.73 -35.22 17.52
CA SER C 509 27.09 -33.94 17.69
C SER C 509 26.98 -33.24 16.33
N PRO C 510 26.02 -32.32 16.16
CA PRO C 510 25.90 -31.62 14.87
C PRO C 510 27.07 -30.72 14.58
N THR C 511 27.73 -30.18 15.60
CA THR C 511 28.95 -29.39 15.38
C THR C 511 30.13 -30.25 14.97
N MET C 512 30.03 -31.57 15.12
CA MET C 512 31.04 -32.48 14.65
C MET C 512 30.72 -33.00 13.26
N LEU C 513 29.44 -33.28 13.00
CA LEU C 513 28.98 -33.69 11.67
C LEU C 513 29.14 -32.56 10.66
N ALA C 514 29.07 -31.31 11.11
CA ALA C 514 29.31 -30.18 10.24
C ALA C 514 30.75 -30.13 9.77
N ALA C 515 31.69 -30.43 10.66
CA ALA C 515 33.09 -30.38 10.26
C ALA C 515 33.51 -31.64 9.52
N ILE C 516 32.87 -32.77 9.81
CA ILE C 516 33.11 -33.98 9.04
C ILE C 516 32.61 -33.82 7.61
N SER C 517 31.39 -33.34 7.45
CA SER C 517 30.80 -33.25 6.11
C SER C 517 31.20 -31.98 5.36
N LYS C 518 31.94 -31.07 6.02
CA LYS C 518 32.28 -29.73 5.51
C LYS C 518 31.04 -28.98 5.04
N GLN C 519 29.99 -29.06 5.85
CA GLN C 519 28.75 -28.34 5.62
C GLN C 519 28.30 -27.73 6.94
N TRP C 520 27.10 -27.19 7.00
CA TRP C 520 26.45 -26.83 8.26
C TRP C 520 25.18 -27.65 8.35
N VAL C 521 24.87 -28.17 9.53
CA VAL C 521 23.90 -29.25 9.49
C VAL C 521 22.55 -28.88 10.09
N ARG C 522 22.45 -28.78 11.42
CA ARG C 522 21.22 -28.24 12.00
C ARG C 522 21.48 -27.44 13.27
N GLY C 523 22.46 -27.87 14.04
CA GLY C 523 22.65 -27.33 15.37
C GLY C 523 24.11 -27.14 15.68
N ALA C 524 24.91 -26.96 14.64
CA ALA C 524 26.33 -26.77 14.78
C ALA C 524 26.64 -25.40 15.37
N LYS C 525 27.88 -25.23 15.82
CA LYS C 525 28.32 -23.90 16.19
C LYS C 525 28.50 -23.06 14.94
N VAL C 526 28.26 -21.77 15.08
CA VAL C 526 28.20 -20.86 13.94
C VAL C 526 29.34 -19.87 14.04
N GLU C 527 29.73 -19.35 12.88
CA GLU C 527 30.73 -18.29 12.83
C GLU C 527 29.99 -16.99 12.55
N GLU C 528 29.44 -16.40 13.62
CA GLU C 528 28.82 -15.09 13.55
C GLU C 528 29.92 -14.03 13.61
N ASP C 529 30.14 -13.33 12.50
CA ASP C 529 31.14 -12.29 12.47
C ASP C 529 30.48 -10.92 12.37
N ARG C 530 31.31 -9.89 12.17
CA ARG C 530 30.87 -8.51 12.26
C ARG C 530 30.19 -8.03 10.98
N ILE C 531 30.45 -8.67 9.85
CA ILE C 531 29.90 -8.23 8.57
C ILE C 531 28.91 -9.25 8.05
N HIS C 532 28.26 -8.90 6.94
CA HIS C 532 27.11 -9.62 6.40
C HIS C 532 27.57 -10.75 5.49
N PRO C 533 27.02 -11.97 5.64
CA PRO C 533 27.41 -13.06 4.72
C PRO C 533 27.03 -12.85 3.26
N PHE C 534 26.06 -11.99 2.95
CA PHE C 534 25.83 -11.68 1.55
C PHE C 534 26.84 -10.71 0.97
N ARG C 535 27.74 -10.15 1.79
CA ARG C 535 28.81 -9.30 1.31
C ARG C 535 30.06 -10.08 0.94
N LYS C 536 30.20 -11.31 1.44
CA LYS C 536 31.37 -12.12 1.17
C LYS C 536 31.30 -12.72 -0.22
N TYR C 537 32.47 -12.92 -0.83
CA TYR C 537 32.56 -13.65 -2.07
C TYR C 537 32.43 -15.15 -1.81
N PHE C 538 32.55 -15.94 -2.87
CA PHE C 538 32.36 -17.38 -2.75
C PHE C 538 33.50 -18.03 -1.98
N GLU C 539 34.74 -17.65 -2.28
CA GLU C 539 35.89 -18.32 -1.68
C GLU C 539 36.07 -17.96 -0.21
N GLU C 540 35.47 -16.87 0.25
CA GLU C 540 35.56 -16.46 1.64
C GLU C 540 34.26 -16.70 2.40
N LEU C 541 33.30 -17.40 1.81
CA LEU C 541 32.19 -17.98 2.56
C LEU C 541 32.60 -19.33 3.11
N GLN C 542 32.26 -19.57 4.37
CA GLN C 542 32.44 -20.87 4.98
C GLN C 542 31.09 -21.41 5.41
N PRO C 543 30.88 -22.72 5.36
CA PRO C 543 29.61 -23.27 5.82
C PRO C 543 29.47 -23.18 7.33
N GLY C 544 28.64 -22.24 7.77
CA GLY C 544 28.54 -21.91 9.17
C GLY C 544 28.54 -20.42 9.39
N ASP C 545 28.77 -19.65 8.32
CA ASP C 545 28.72 -18.19 8.37
C ASP C 545 27.27 -17.77 8.60
N SER C 546 26.96 -17.34 9.81
CA SER C 546 25.59 -17.14 10.21
C SER C 546 25.26 -15.65 10.28
N LEU C 547 24.00 -15.37 10.58
CA LEU C 547 23.48 -14.02 10.64
C LEU C 547 22.22 -14.04 11.48
N LEU C 548 22.23 -13.35 12.61
CA LEU C 548 21.02 -13.20 13.41
C LEU C 548 20.38 -11.88 13.01
N THR C 549 19.32 -11.96 12.22
CA THR C 549 18.70 -10.77 11.66
C THR C 549 17.91 -10.04 12.73
N PRO C 550 17.64 -8.74 12.56
CA PRO C 550 16.71 -8.05 13.45
C PRO C 550 15.29 -8.56 13.28
N ARG C 551 14.47 -8.24 14.28
CA ARG C 551 13.13 -8.79 14.33
C ARG C 551 12.17 -7.99 13.45
N ARG C 552 10.99 -8.56 13.22
CA ARG C 552 9.89 -7.85 12.61
C ARG C 552 8.60 -8.36 13.22
N THR C 553 7.82 -7.45 13.80
CA THR C 553 6.58 -7.85 14.47
C THR C 553 5.49 -8.04 13.43
N MET C 554 4.93 -9.24 13.39
CA MET C 554 3.80 -9.52 12.51
C MET C 554 2.53 -8.95 13.12
N THR C 555 1.79 -8.18 12.32
CA THR C 555 0.60 -7.52 12.80
C THR C 555 -0.55 -7.80 11.84
N GLU C 556 -1.72 -7.26 12.17
CA GLU C 556 -2.89 -7.45 11.32
C GLU C 556 -2.76 -6.66 10.03
N ALA C 557 -2.10 -5.49 10.08
CA ALA C 557 -1.86 -4.70 8.87
C ALA C 557 -0.94 -5.42 7.90
N ASP C 558 0.01 -6.19 8.42
CA ASP C 558 0.86 -7.03 7.57
C ASP C 558 0.04 -8.08 6.82
N ILE C 559 -0.89 -8.75 7.52
CA ILE C 559 -1.75 -9.75 6.91
C ILE C 559 -2.63 -9.10 5.84
N VAL C 560 -3.17 -7.91 6.14
CA VAL C 560 -4.06 -7.24 5.21
C VAL C 560 -3.31 -6.79 3.96
N ASN C 561 -2.14 -6.17 4.13
CA ASN C 561 -1.39 -5.71 2.96
C ASN C 561 -0.84 -6.86 2.14
N PHE C 562 -0.51 -7.99 2.76
CA PHE C 562 -0.03 -9.10 1.95
C PHE C 562 -1.17 -9.81 1.22
N ALA C 563 -2.34 -9.93 1.86
CA ALA C 563 -3.48 -10.52 1.17
C ALA C 563 -4.00 -9.61 0.07
N CYS C 564 -3.81 -8.30 0.21
CA CYS C 564 -4.16 -7.39 -0.87
C CYS C 564 -3.17 -7.52 -2.03
N LEU C 565 -1.87 -7.37 -1.74
CA LEU C 565 -0.86 -7.32 -2.79
C LEU C 565 -0.71 -8.64 -3.51
N SER C 566 -0.62 -9.74 -2.76
CA SER C 566 -0.49 -11.05 -3.38
C SER C 566 -1.77 -11.49 -4.07
N GLY C 567 -2.91 -11.11 -3.52
CA GLY C 567 -4.20 -11.57 -4.01
C GLY C 567 -4.73 -12.79 -3.30
N ASP C 568 -4.03 -13.26 -2.26
CA ASP C 568 -4.38 -14.49 -1.55
C ASP C 568 -5.35 -14.13 -0.44
N HIS C 569 -6.64 -14.26 -0.73
CA HIS C 569 -7.71 -13.91 0.21
C HIS C 569 -8.33 -15.13 0.86
N PHE C 570 -7.50 -16.08 1.25
CA PHE C 570 -7.89 -17.32 1.92
C PHE C 570 -8.62 -17.02 3.23
N TYR C 571 -9.47 -17.96 3.66
CA TYR C 571 -10.38 -17.68 4.77
C TYR C 571 -9.66 -17.63 6.11
N ALA C 572 -8.55 -18.33 6.25
CA ALA C 572 -7.80 -18.32 7.50
C ALA C 572 -7.04 -17.02 7.72
N HIS C 573 -7.03 -16.12 6.75
CA HIS C 573 -6.31 -14.86 6.83
C HIS C 573 -7.22 -13.64 6.77
N MET C 574 -8.29 -13.71 5.98
CA MET C 574 -9.16 -12.56 5.75
C MET C 574 -10.53 -12.68 6.40
N ASP C 575 -10.89 -13.84 6.92
CA ASP C 575 -12.15 -13.99 7.62
C ASP C 575 -11.88 -14.17 9.11
N LYS C 576 -12.68 -13.48 9.92
CA LYS C 576 -12.57 -13.59 11.37
C LYS C 576 -13.42 -14.71 11.93
N ILE C 577 -14.52 -15.05 11.26
CA ILE C 577 -15.41 -16.09 11.75
C ILE C 577 -14.87 -17.46 11.42
N ALA C 578 -14.50 -17.69 10.16
CA ALA C 578 -14.03 -19.00 9.73
C ALA C 578 -12.67 -19.33 10.28
N ALA C 579 -11.85 -18.34 10.62
CA ALA C 579 -10.58 -18.61 11.29
C ALA C 579 -10.78 -19.08 12.71
N ALA C 580 -11.91 -18.72 13.34
CA ALA C 580 -12.22 -19.27 14.65
C ALA C 580 -12.69 -20.71 14.54
N GLU C 581 -13.30 -21.07 13.42
CA GLU C 581 -13.78 -22.43 13.18
C GLU C 581 -12.71 -23.31 12.54
N SER C 582 -11.55 -22.76 12.21
CA SER C 582 -10.51 -23.49 11.53
C SER C 582 -9.64 -24.22 12.55
N ILE C 583 -8.54 -24.81 12.07
CA ILE C 583 -7.63 -25.53 12.96
C ILE C 583 -6.73 -24.57 13.74
N PHE C 584 -6.65 -23.31 13.31
CA PHE C 584 -5.70 -22.38 13.89
C PHE C 584 -6.25 -21.60 15.07
N GLY C 585 -7.55 -21.50 15.22
CA GLY C 585 -8.16 -20.78 16.33
C GLY C 585 -8.45 -19.32 16.06
N GLU C 586 -7.56 -18.64 15.34
CA GLU C 586 -7.79 -17.27 14.91
C GLU C 586 -7.04 -17.04 13.61
N ARG C 587 -7.02 -15.79 13.15
CA ARG C 587 -6.37 -15.46 11.90
C ARG C 587 -4.87 -15.57 12.03
N VAL C 588 -4.23 -16.20 11.05
CA VAL C 588 -2.79 -16.40 11.06
C VAL C 588 -2.19 -15.67 9.87
N VAL C 589 -0.90 -15.36 10.01
CA VAL C 589 -0.17 -14.73 8.93
C VAL C 589 0.05 -15.75 7.81
N HIS C 590 -0.02 -15.27 6.56
CA HIS C 590 0.33 -16.05 5.39
C HIS C 590 1.71 -16.68 5.53
N GLY C 591 1.85 -17.90 5.04
CA GLY C 591 3.17 -18.53 5.06
C GLY C 591 4.12 -17.88 4.08
N TYR C 592 3.59 -17.43 2.95
CA TYR C 592 4.42 -16.74 1.96
C TYR C 592 4.80 -15.35 2.44
N PHE C 593 4.06 -14.77 3.38
CA PHE C 593 4.53 -13.51 3.94
C PHE C 593 5.63 -13.72 4.95
N VAL C 594 5.61 -14.82 5.70
CA VAL C 594 6.75 -15.18 6.54
C VAL C 594 7.98 -15.40 5.67
N LEU C 595 7.80 -16.10 4.55
CA LEU C 595 8.88 -16.31 3.58
C LEU C 595 9.36 -15.01 2.93
N SER C 596 8.47 -14.04 2.73
CA SER C 596 8.88 -12.79 2.09
C SER C 596 9.51 -11.83 3.07
N ALA C 597 8.97 -11.72 4.29
CA ALA C 597 9.53 -10.88 5.32
C ALA C 597 10.86 -11.40 5.83
N ALA C 598 11.07 -12.72 5.79
CA ALA C 598 12.38 -13.29 6.08
C ALA C 598 13.43 -12.75 5.13
N ALA C 599 13.18 -12.84 3.83
CA ALA C 599 14.08 -12.27 2.83
C ALA C 599 14.14 -10.75 2.92
N GLY C 600 13.11 -10.11 3.46
CA GLY C 600 13.25 -8.72 3.84
C GLY C 600 14.24 -8.50 4.96
N LEU C 601 14.41 -9.49 5.84
CA LEU C 601 15.33 -9.36 6.96
C LEU C 601 16.76 -9.74 6.66
N PHE C 602 17.03 -10.75 5.82
CA PHE C 602 18.43 -11.19 5.68
C PHE C 602 19.14 -10.72 4.41
N VAL C 603 18.48 -10.02 3.50
CA VAL C 603 19.08 -9.71 2.20
C VAL C 603 19.75 -8.35 2.27
N ASP C 604 21.01 -8.28 1.85
CA ASP C 604 21.70 -7.02 1.65
C ASP C 604 21.13 -6.29 0.45
N ALA C 605 20.89 -4.99 0.60
CA ALA C 605 20.37 -4.22 -0.52
C ALA C 605 21.46 -3.87 -1.51
N GLY C 606 22.70 -3.78 -1.07
CA GLY C 606 23.77 -3.28 -1.91
C GLY C 606 24.26 -4.28 -2.93
N VAL C 607 24.99 -3.75 -3.91
CA VAL C 607 25.58 -4.59 -4.96
C VAL C 607 26.72 -5.38 -4.36
N GLY C 608 26.64 -6.70 -4.47
CA GLY C 608 27.67 -7.56 -3.93
C GLY C 608 27.87 -8.81 -4.76
N PRO C 609 28.47 -9.83 -4.15
CA PRO C 609 28.67 -11.09 -4.88
C PRO C 609 27.41 -11.88 -5.14
N VAL C 610 26.34 -11.64 -4.36
CA VAL C 610 25.08 -12.34 -4.57
C VAL C 610 24.42 -11.84 -5.84
N ILE C 611 24.01 -12.77 -6.70
CA ILE C 611 23.53 -12.45 -8.03
C ILE C 611 22.04 -12.77 -8.18
N ALA C 612 21.64 -14.00 -7.90
CA ALA C 612 20.30 -14.44 -8.21
C ALA C 612 19.75 -15.32 -7.10
N ASN C 613 18.44 -15.57 -7.17
CA ASN C 613 17.70 -16.30 -6.15
C ASN C 613 17.66 -17.79 -6.46
N TYR C 614 17.50 -18.17 -7.72
CA TYR C 614 17.82 -19.49 -8.28
C TYR C 614 16.89 -20.61 -7.82
N GLY C 615 16.04 -20.37 -6.82
CA GLY C 615 15.15 -21.39 -6.33
C GLY C 615 15.22 -21.53 -4.82
N LEU C 616 14.42 -22.45 -4.32
CA LEU C 616 14.26 -22.70 -2.89
C LEU C 616 14.20 -24.20 -2.69
N GLU C 617 14.89 -24.72 -1.67
CA GLU C 617 15.13 -26.15 -1.61
C GLU C 617 14.01 -26.94 -0.96
N SER C 618 13.69 -26.65 0.31
CA SER C 618 12.71 -27.48 1.02
C SER C 618 12.10 -26.67 2.17
N LEU C 619 10.86 -26.25 1.97
CA LEU C 619 10.13 -25.41 2.93
C LEU C 619 9.09 -26.22 3.68
N ARG C 620 9.03 -26.03 5.00
CA ARG C 620 7.98 -26.57 5.83
C ARG C 620 7.55 -25.50 6.81
N PHE C 621 6.25 -25.31 6.97
CA PHE C 621 5.71 -24.40 7.96
C PHE C 621 5.27 -25.23 9.16
N ILE C 622 5.82 -24.92 10.33
CA ILE C 622 5.67 -25.81 11.48
C ILE C 622 4.60 -25.29 12.42
N GLU C 623 4.81 -24.12 12.97
CA GLU C 623 3.79 -23.53 13.82
C GLU C 623 3.25 -22.27 13.15
N PRO C 624 1.98 -21.94 13.35
CA PRO C 624 1.42 -20.75 12.71
C PRO C 624 1.86 -19.46 13.36
N VAL C 625 1.99 -18.43 12.53
CA VAL C 625 2.37 -17.09 12.96
C VAL C 625 1.10 -16.24 13.01
N LYS C 626 0.88 -15.57 14.12
CA LYS C 626 -0.32 -14.79 14.39
C LYS C 626 0.00 -13.29 14.35
N PRO C 627 -1.01 -12.42 14.45
CA PRO C 627 -0.71 -11.02 14.76
C PRO C 627 -0.10 -10.86 16.14
N GLY C 628 0.85 -9.95 16.25
CA GLY C 628 1.57 -9.77 17.50
C GLY C 628 2.54 -10.91 17.72
N ASP C 629 3.53 -11.04 16.84
CA ASP C 629 4.40 -12.20 16.80
C ASP C 629 5.68 -11.76 16.10
N THR C 630 6.76 -11.59 16.86
CA THR C 630 7.98 -11.04 16.32
C THR C 630 8.76 -12.14 15.61
N ILE C 631 8.76 -12.11 14.29
CA ILE C 631 9.53 -13.03 13.47
C ILE C 631 10.99 -12.59 13.47
N GLN C 632 11.88 -13.52 13.79
CA GLN C 632 13.32 -13.30 13.69
C GLN C 632 13.92 -14.46 12.91
N VAL C 633 14.90 -14.15 12.07
CA VAL C 633 15.38 -15.06 11.03
C VAL C 633 16.86 -15.32 11.28
N ARG C 634 17.29 -16.57 11.09
CA ARG C 634 18.67 -16.97 11.27
C ARG C 634 19.20 -17.49 9.94
N LEU C 635 19.86 -16.63 9.17
CA LEU C 635 20.45 -17.00 7.90
C LEU C 635 21.87 -17.51 8.13
N THR C 636 22.13 -18.75 7.72
CA THR C 636 23.46 -19.32 7.88
C THR C 636 23.85 -20.13 6.65
N CYS C 637 25.13 -20.07 6.30
CA CYS C 637 25.64 -20.73 5.11
C CYS C 637 25.76 -22.23 5.35
N LYS C 638 25.48 -23.00 4.33
CA LYS C 638 25.30 -24.44 4.50
C LYS C 638 26.11 -25.29 3.55
N ARG C 639 26.26 -24.87 2.28
CA ARG C 639 26.80 -25.75 1.25
C ARG C 639 27.19 -24.90 0.05
N LYS C 640 28.41 -25.09 -0.46
CA LYS C 640 28.98 -24.13 -1.41
C LYS C 640 28.91 -24.56 -2.87
N THR C 641 29.59 -25.65 -3.25
CA THR C 641 29.42 -26.41 -4.52
C THR C 641 29.49 -25.53 -5.77
N LEU C 642 30.68 -25.05 -6.08
CA LEU C 642 30.90 -24.14 -7.20
C LEU C 642 30.55 -24.76 -8.56
N LYS C 643 30.31 -23.88 -9.53
CA LYS C 643 29.99 -24.26 -10.90
C LYS C 643 31.24 -24.19 -11.76
N LYS C 644 31.08 -24.38 -13.08
CA LYS C 644 32.24 -24.60 -13.94
C LYS C 644 32.41 -23.59 -15.06
N GLN C 645 31.58 -22.55 -15.14
CA GLN C 645 31.75 -21.39 -16.03
C GLN C 645 31.79 -21.82 -17.51
N ARG C 646 30.62 -22.25 -17.99
CA ARG C 646 30.49 -22.96 -19.26
C ARG C 646 30.93 -22.14 -20.48
N SER C 647 31.04 -20.82 -20.36
CA SER C 647 31.62 -19.99 -21.40
C SER C 647 32.68 -19.09 -20.80
N ALA C 648 33.61 -18.65 -21.64
CA ALA C 648 34.62 -17.69 -21.19
C ALA C 648 34.04 -16.31 -20.95
N GLU C 649 32.91 -16.00 -21.57
CA GLU C 649 32.22 -14.74 -21.34
C GLU C 649 31.48 -14.75 -19.99
N GLU C 650 31.12 -15.93 -19.51
CA GLU C 650 30.37 -16.05 -18.27
C GLU C 650 31.22 -15.67 -17.06
N LYS C 651 30.60 -14.99 -16.10
CA LYS C 651 31.28 -14.66 -14.86
C LYS C 651 31.46 -15.92 -14.03
N PRO C 652 32.57 -16.02 -13.29
CA PRO C 652 32.76 -17.19 -12.41
C PRO C 652 31.81 -17.12 -11.22
N THR C 653 31.09 -18.21 -10.99
CA THR C 653 30.06 -18.21 -9.97
C THR C 653 29.95 -19.57 -9.32
N GLY C 654 29.45 -19.58 -8.08
CA GLY C 654 29.12 -20.81 -7.39
C GLY C 654 27.72 -20.70 -6.83
N VAL C 655 27.15 -21.84 -6.47
CA VAL C 655 25.77 -21.83 -6.03
C VAL C 655 25.66 -22.21 -4.55
N VAL C 656 25.68 -21.20 -3.69
CA VAL C 656 25.71 -21.40 -2.25
C VAL C 656 24.30 -21.71 -1.77
N GLU C 657 24.17 -22.73 -0.94
CA GLU C 657 22.93 -23.02 -0.25
C GLU C 657 22.99 -22.43 1.15
N TRP C 658 21.98 -21.62 1.48
CA TRP C 658 21.80 -21.06 2.81
C TRP C 658 20.63 -21.74 3.52
N ALA C 659 20.74 -21.85 4.83
CA ALA C 659 19.76 -22.54 5.67
C ALA C 659 19.04 -21.49 6.50
N VAL C 660 17.83 -21.16 6.12
CA VAL C 660 17.05 -20.13 6.81
C VAL C 660 16.28 -20.78 7.94
N GLU C 661 16.37 -20.22 9.14
CA GLU C 661 15.67 -20.73 10.31
C GLU C 661 14.92 -19.56 10.94
N VAL C 662 13.70 -19.35 10.49
CA VAL C 662 12.81 -18.38 11.13
C VAL C 662 12.43 -18.90 12.51
N PHE C 663 12.30 -17.99 13.47
CA PHE C 663 11.71 -18.33 14.76
C PHE C 663 11.00 -17.10 15.31
N ASN C 664 10.32 -17.28 16.43
CA ASN C 664 9.47 -16.24 17.00
C ASN C 664 9.99 -15.81 18.37
N GLN C 665 9.17 -15.03 19.11
CA GLN C 665 9.59 -14.51 20.40
C GLN C 665 9.72 -15.59 21.46
N HIS C 666 9.09 -16.75 21.27
CA HIS C 666 9.26 -17.88 22.17
C HIS C 666 10.42 -18.76 21.75
N GLN C 667 11.18 -18.34 20.73
CA GLN C 667 12.28 -19.10 20.12
C GLN C 667 11.85 -20.48 19.63
N THR C 668 10.59 -20.61 19.19
CA THR C 668 10.35 -21.90 18.55
C THR C 668 10.40 -21.74 17.03
N PRO C 669 11.00 -22.69 16.31
CA PRO C 669 11.24 -22.49 14.89
C PRO C 669 9.99 -22.64 14.02
N VAL C 670 9.24 -21.56 13.82
CA VAL C 670 8.26 -21.57 12.74
C VAL C 670 9.02 -21.46 11.43
N ALA C 671 8.58 -22.21 10.41
CA ALA C 671 8.94 -22.01 9.01
C ALA C 671 10.45 -22.10 8.74
N LEU C 672 11.02 -23.28 8.94
CA LEU C 672 12.42 -23.47 8.60
C LEU C 672 12.54 -24.02 7.19
N TYR C 673 13.51 -23.52 6.44
CA TYR C 673 13.67 -23.87 5.04
C TYR C 673 15.11 -23.64 4.62
N SER C 674 15.35 -23.62 3.31
CA SER C 674 16.71 -23.59 2.80
C SER C 674 16.65 -23.01 1.40
N ILE C 675 17.40 -21.94 1.16
CA ILE C 675 17.42 -21.28 -0.13
C ILE C 675 18.71 -21.62 -0.84
N LEU C 676 18.62 -21.71 -2.16
CA LEU C 676 19.81 -21.71 -2.99
C LEU C 676 20.06 -20.27 -3.43
N THR C 677 21.30 -19.98 -3.80
CA THR C 677 21.66 -18.63 -4.21
C THR C 677 22.91 -18.73 -5.06
N LEU C 678 22.93 -18.00 -6.16
CA LEU C 678 24.05 -18.01 -7.09
C LEU C 678 24.97 -16.84 -6.74
N VAL C 679 26.14 -17.14 -6.21
CA VAL C 679 27.07 -16.15 -5.68
C VAL C 679 28.32 -16.13 -6.55
N ALA C 680 28.80 -14.93 -6.88
CA ALA C 680 29.94 -14.80 -7.77
C ALA C 680 31.24 -15.19 -7.07
N ARG C 681 32.13 -15.81 -7.83
CA ARG C 681 33.43 -16.20 -7.31
C ARG C 681 34.46 -15.10 -7.56
N GLN C 682 35.45 -15.03 -6.67
CA GLN C 682 36.53 -14.06 -6.84
C GLN C 682 37.46 -14.49 -7.96
N HIS C 683 37.84 -15.76 -7.98
CA HIS C 683 38.75 -16.32 -8.98
C HIS C 683 38.07 -17.46 -9.73
N GLY C 684 38.22 -17.46 -11.04
CA GLY C 684 37.65 -18.51 -11.86
C GLY C 684 38.69 -19.36 -12.55
N ASP C 685 38.39 -19.81 -13.77
CA ASP C 685 39.35 -20.54 -14.58
C ASP C 685 39.45 -20.06 -16.02
N PHE C 686 38.45 -19.37 -16.54
CA PHE C 686 38.48 -18.88 -17.92
C PHE C 686 38.67 -17.38 -17.96
N GLN D 9 10.82 -80.98 25.46
CA GLN D 9 9.61 -80.20 25.21
C GLN D 9 9.64 -79.61 23.81
N GLN D 10 8.55 -79.77 23.08
CA GLN D 10 8.50 -79.44 21.66
C GLN D 10 8.51 -77.93 21.46
N LEU D 11 9.49 -77.44 20.72
CA LEU D 11 9.54 -76.03 20.32
C LEU D 11 8.93 -75.98 18.93
N ALA D 12 7.65 -75.61 18.85
CA ALA D 12 6.87 -75.82 17.65
C ALA D 12 7.17 -74.76 16.60
N SER D 13 7.42 -75.21 15.37
CA SER D 13 7.58 -74.32 14.23
C SER D 13 6.21 -73.80 13.78
N PHE D 14 6.22 -72.93 12.78
CA PHE D 14 4.97 -72.37 12.23
C PHE D 14 5.10 -72.36 10.72
N LEU D 15 4.66 -73.44 10.07
CA LEU D 15 4.73 -73.58 8.63
C LEU D 15 3.34 -73.87 8.09
N SER D 16 3.03 -73.23 6.95
CA SER D 16 1.77 -73.37 6.21
C SER D 16 0.55 -73.02 7.06
N GLY D 17 0.72 -72.08 8.01
CA GLY D 17 -0.35 -71.65 8.87
C GLY D 17 -0.62 -72.52 10.07
N THR D 18 0.05 -73.67 10.19
CA THR D 18 -0.20 -74.62 11.26
C THR D 18 1.05 -74.80 12.10
N TRP D 19 0.88 -74.83 13.41
CA TRP D 19 2.00 -74.98 14.34
C TRP D 19 2.45 -76.44 14.32
N GLN D 20 3.54 -76.70 13.62
CA GLN D 20 4.02 -78.06 13.41
C GLN D 20 5.27 -78.31 14.25
N SER D 21 5.83 -79.51 14.10
CA SER D 21 7.02 -79.89 14.85
C SER D 21 7.78 -80.97 14.09
N GLY D 22 9.10 -80.90 14.14
CA GLY D 22 9.92 -81.82 13.38
C GLY D 22 10.00 -83.20 13.99
N ARG D 23 10.58 -84.14 13.23
CA ARG D 23 10.77 -85.53 13.65
C ARG D 23 12.15 -85.97 13.19
N GLY D 24 13.13 -85.86 14.08
CA GLY D 24 14.48 -86.26 13.75
C GLY D 24 15.49 -86.04 14.85
N ARG D 25 16.72 -85.70 14.46
CA ARG D 25 17.79 -85.43 15.42
C ARG D 25 17.48 -84.14 16.17
N SER D 26 17.25 -84.26 17.48
CA SER D 26 16.75 -83.18 18.31
C SER D 26 17.90 -82.51 19.04
N ARG D 27 18.28 -81.32 18.59
CA ARG D 27 19.14 -80.46 19.39
C ARG D 27 18.29 -79.77 20.45
N LEU D 28 18.90 -79.48 21.60
CA LEU D 28 18.16 -78.99 22.75
C LEU D 28 18.73 -77.66 23.24
N ILE D 29 17.86 -76.88 23.87
CA ILE D 29 18.18 -75.53 24.29
C ILE D 29 18.52 -75.57 25.77
N HIS D 30 19.80 -75.38 26.09
CA HIS D 30 20.22 -75.28 27.48
C HIS D 30 19.72 -73.97 28.07
N HIS D 31 19.36 -74.02 29.35
CA HIS D 31 19.13 -72.78 30.08
C HIS D 31 20.48 -72.10 30.32
N ALA D 32 20.47 -70.78 30.26
CA ALA D 32 21.75 -70.08 30.26
C ALA D 32 22.32 -69.94 31.66
N ILE D 33 21.50 -69.55 32.63
CA ILE D 33 22.02 -69.21 33.95
C ILE D 33 22.11 -70.43 34.86
N SER D 34 21.46 -71.53 34.50
CA SER D 34 21.44 -72.71 35.38
C SER D 34 21.90 -73.98 34.69
N GLY D 35 21.61 -74.15 33.41
CA GLY D 35 22.22 -75.20 32.62
C GLY D 35 21.36 -76.40 32.28
N GLU D 36 20.07 -76.37 32.58
CA GLU D 36 19.22 -77.52 32.28
C GLU D 36 18.58 -77.35 30.90
N ALA D 37 18.07 -78.47 30.39
CA ALA D 37 17.36 -78.48 29.12
C ALA D 37 15.88 -78.26 29.39
N LEU D 38 15.32 -77.22 28.80
CA LEU D 38 13.90 -76.93 28.94
C LEU D 38 13.20 -76.63 27.61
N TRP D 39 13.91 -76.75 26.49
CA TRP D 39 13.29 -76.90 25.18
C TRP D 39 14.16 -77.82 24.34
N GLU D 40 13.66 -78.17 23.15
CA GLU D 40 14.44 -78.90 22.17
C GLU D 40 13.93 -78.53 20.78
N VAL D 41 14.85 -78.43 19.82
CA VAL D 41 14.52 -78.03 18.47
C VAL D 41 14.56 -79.23 17.55
N THR D 42 13.71 -79.20 16.52
CA THR D 42 13.66 -80.21 15.47
C THR D 42 12.90 -79.65 14.29
N SER D 43 13.34 -79.99 13.09
CA SER D 43 12.64 -79.57 11.88
C SER D 43 12.62 -80.63 10.79
N GLU D 44 13.13 -81.82 11.03
CA GLU D 44 13.12 -82.85 10.00
C GLU D 44 11.72 -83.44 9.85
N GLY D 45 11.34 -83.68 8.60
CA GLY D 45 10.01 -84.10 8.26
C GLY D 45 9.10 -82.96 7.83
N LEU D 46 9.46 -81.72 8.16
CA LEU D 46 8.66 -80.59 7.74
C LEU D 46 8.86 -80.31 6.26
N ASP D 47 7.77 -80.02 5.57
CA ASP D 47 7.81 -79.78 4.13
C ASP D 47 8.07 -78.29 3.91
N MET D 48 9.29 -77.96 3.46
CA MET D 48 9.65 -76.57 3.25
C MET D 48 9.13 -76.04 1.93
N ALA D 49 9.01 -76.92 0.92
CA ALA D 49 8.41 -76.53 -0.35
C ALA D 49 6.95 -76.15 -0.17
N ALA D 50 6.23 -76.88 0.68
CA ALA D 50 4.85 -76.52 0.99
C ALA D 50 4.77 -75.22 1.77
N ALA D 51 5.77 -74.91 2.58
CA ALA D 51 5.79 -73.66 3.33
C ALA D 51 5.99 -72.47 2.39
N ARG D 52 6.97 -72.58 1.48
CA ARG D 52 7.18 -71.52 0.50
C ARG D 52 5.99 -71.40 -0.46
N GLN D 53 5.37 -72.54 -0.79
CA GLN D 53 4.16 -72.57 -1.60
C GLN D 53 3.01 -71.82 -0.94
N PHE D 54 2.77 -72.10 0.35
CA PHE D 54 1.70 -71.42 1.07
C PHE D 54 2.00 -69.93 1.23
N ALA D 55 3.27 -69.59 1.47
CA ALA D 55 3.63 -68.18 1.64
C ALA D 55 3.42 -67.40 0.35
N ILE D 56 3.89 -67.93 -0.79
CA ILE D 56 3.79 -67.22 -2.07
C ILE D 56 2.33 -67.14 -2.54
N GLU D 57 1.60 -68.24 -2.50
CA GLU D 57 0.23 -68.20 -2.99
C GLU D 57 -0.80 -67.82 -1.94
N LYS D 58 -0.41 -67.47 -0.72
CA LYS D 58 -1.37 -66.97 0.23
C LYS D 58 -1.06 -65.58 0.75
N GLY D 59 0.15 -65.37 1.29
CA GLY D 59 0.41 -64.15 2.03
C GLY D 59 0.99 -63.07 1.16
N ALA D 60 1.66 -63.48 0.08
CA ALA D 60 2.21 -62.48 -0.85
C ALA D 60 1.14 -61.67 -1.58
N PRO D 61 0.05 -62.25 -2.14
CA PRO D 61 -0.96 -61.37 -2.74
C PRO D 61 -1.77 -60.60 -1.71
N ALA D 62 -1.91 -61.13 -0.50
CA ALA D 62 -2.61 -60.40 0.55
C ALA D 62 -1.81 -59.20 1.03
N LEU D 63 -0.48 -59.33 1.07
CA LEU D 63 0.36 -58.18 1.40
C LEU D 63 0.45 -57.19 0.24
N ARG D 64 0.57 -57.70 -0.99
CA ARG D 64 0.72 -56.81 -2.13
C ARG D 64 -0.56 -56.07 -2.49
N ALA D 65 -1.73 -56.61 -2.11
CA ALA D 65 -2.97 -55.87 -2.32
C ALA D 65 -3.12 -54.70 -1.38
N MET D 66 -2.38 -54.70 -0.26
CA MET D 66 -2.37 -53.55 0.62
C MET D 66 -1.55 -52.42 0.01
N THR D 67 -1.92 -51.20 0.35
CA THR D 67 -1.06 -50.07 0.05
C THR D 67 0.08 -50.02 1.06
N PHE D 68 1.03 -49.12 0.83
CA PHE D 68 2.13 -48.95 1.78
C PHE D 68 1.65 -48.34 3.08
N ILE D 69 0.62 -47.50 3.02
CA ILE D 69 0.06 -46.89 4.21
C ILE D 69 -0.65 -47.94 5.06
N GLU D 70 -1.36 -48.86 4.42
CA GLU D 70 -2.01 -49.95 5.14
C GLU D 70 -0.99 -50.90 5.74
N ARG D 71 0.12 -51.14 5.05
CA ARG D 71 1.17 -51.98 5.61
C ARG D 71 1.89 -51.30 6.77
N ALA D 72 2.03 -49.98 6.72
CA ALA D 72 2.61 -49.25 7.85
C ALA D 72 1.66 -49.24 9.05
N ALA D 73 0.35 -49.13 8.78
CA ALA D 73 -0.63 -49.24 9.86
C ALA D 73 -0.66 -50.64 10.46
N MET D 74 -0.43 -51.65 9.64
CA MET D 74 -0.30 -53.02 10.15
C MET D 74 0.92 -53.17 11.05
N LEU D 75 2.04 -52.55 10.65
CA LEU D 75 3.24 -52.58 11.49
C LEU D 75 3.01 -51.86 12.81
N LYS D 76 2.32 -50.72 12.77
CA LYS D 76 2.02 -50.00 14.01
C LYS D 76 1.06 -50.79 14.90
N ALA D 77 0.11 -51.51 14.29
CA ALA D 77 -0.82 -52.33 15.06
C ALA D 77 -0.11 -53.50 15.73
N VAL D 78 0.83 -54.14 15.02
CA VAL D 78 1.61 -55.21 15.62
C VAL D 78 2.54 -54.66 16.70
N ALA D 79 3.07 -53.45 16.52
CA ALA D 79 3.91 -52.84 17.54
C ALA D 79 3.14 -52.52 18.81
N LYS D 80 1.92 -51.99 18.67
CA LYS D 80 1.10 -51.72 19.85
C LYS D 80 0.57 -53.01 20.48
N HIS D 81 0.37 -54.06 19.68
CA HIS D 81 -0.07 -55.33 20.24
C HIS D 81 1.05 -56.05 20.97
N LEU D 82 2.30 -55.83 20.56
CA LEU D 82 3.42 -56.46 21.23
C LEU D 82 4.05 -55.60 22.31
N LEU D 83 3.67 -54.31 22.38
CA LEU D 83 4.10 -53.48 23.49
C LEU D 83 3.30 -53.80 24.75
N SER D 84 2.07 -54.31 24.58
CA SER D 84 1.23 -54.61 25.73
C SER D 84 1.73 -55.86 26.47
N GLU D 85 1.86 -56.96 25.74
CA GLU D 85 2.29 -58.23 26.35
C GLU D 85 3.80 -58.42 26.30
N LYS D 86 4.54 -57.41 26.76
CA LYS D 86 5.99 -57.48 26.74
C LYS D 86 6.56 -58.20 27.95
N GLU D 87 5.76 -58.40 29.01
CA GLU D 87 6.30 -59.00 30.22
C GLU D 87 6.58 -60.50 30.06
N ARG D 88 5.78 -61.19 29.24
CA ARG D 88 6.14 -62.56 28.88
C ARG D 88 7.38 -62.59 27.99
N PHE D 89 7.64 -61.52 27.24
CA PHE D 89 8.87 -61.44 26.47
C PHE D 89 10.07 -61.27 27.39
N TYR D 90 9.93 -60.48 28.46
CA TYR D 90 11.00 -60.39 29.45
C TYR D 90 11.19 -61.72 30.18
N ALA D 91 10.10 -62.43 30.46
CA ALA D 91 10.19 -63.72 31.14
C ALA D 91 10.88 -64.77 30.26
N LEU D 92 10.62 -64.74 28.95
CA LEU D 92 11.30 -65.65 28.04
C LEU D 92 12.74 -65.21 27.76
N SER D 93 13.02 -63.91 27.82
CA SER D 93 14.37 -63.42 27.56
C SER D 93 15.28 -63.56 28.76
N ALA D 94 14.72 -63.73 29.97
CA ALA D 94 15.54 -64.03 31.14
C ALA D 94 16.18 -65.41 31.05
N GLN D 95 15.63 -66.30 30.23
CA GLN D 95 16.23 -67.62 30.03
C GLN D 95 17.50 -67.56 29.19
N THR D 96 17.75 -66.44 28.51
CA THR D 96 18.93 -66.26 27.70
C THR D 96 20.12 -65.72 28.50
N GLY D 97 19.99 -65.64 29.82
CA GLY D 97 21.05 -65.14 30.66
C GLY D 97 21.18 -63.63 30.70
N ALA D 98 20.36 -62.91 29.96
CA ALA D 98 20.45 -61.46 29.92
C ALA D 98 19.80 -60.85 31.16
N THR D 99 20.22 -59.63 31.47
CA THR D 99 19.65 -58.92 32.61
C THR D 99 18.35 -58.24 32.19
N ARG D 100 17.80 -57.43 33.10
CA ARG D 100 16.60 -56.67 32.76
C ARG D 100 16.94 -55.54 31.80
N ALA D 101 18.13 -54.94 31.93
CA ALA D 101 18.52 -53.86 31.03
C ALA D 101 18.81 -54.38 29.63
N ASP D 102 19.49 -55.53 29.53
CA ASP D 102 19.81 -56.11 28.23
C ASP D 102 18.56 -56.59 27.51
N SER D 103 17.66 -57.23 28.25
CA SER D 103 16.37 -57.64 27.67
C SER D 103 15.51 -56.44 27.32
N TRP D 104 15.62 -55.35 28.08
CA TRP D 104 14.94 -54.11 27.72
C TRP D 104 15.44 -53.57 26.39
N VAL D 105 16.77 -53.58 26.21
CA VAL D 105 17.40 -53.17 24.96
C VAL D 105 16.88 -54.02 23.80
N ASP D 106 16.87 -55.35 23.98
CA ASP D 106 16.42 -56.26 22.92
C ASP D 106 14.95 -56.05 22.57
N ILE D 107 14.05 -56.18 23.56
CA ILE D 107 12.61 -56.14 23.30
C ILE D 107 12.18 -54.75 22.84
N GLU D 108 12.55 -53.71 23.58
CA GLU D 108 12.10 -52.38 23.21
C GLU D 108 12.83 -51.83 21.99
N GLY D 109 14.03 -52.34 21.67
CA GLY D 109 14.66 -51.95 20.42
C GLY D 109 13.98 -52.57 19.22
N GLY D 110 13.55 -53.83 19.35
CA GLY D 110 12.78 -54.44 18.27
C GLY D 110 11.43 -53.75 18.07
N ILE D 111 10.74 -53.45 19.17
CA ILE D 111 9.43 -52.81 19.06
C ILE D 111 9.58 -51.36 18.61
N GLY D 112 10.67 -50.69 18.98
CA GLY D 112 10.94 -49.36 18.47
C GLY D 112 11.33 -49.36 17.01
N THR D 113 11.95 -50.45 16.53
CA THR D 113 12.16 -50.62 15.10
C THR D 113 10.82 -50.76 14.37
N LEU D 114 9.88 -51.49 14.96
CA LEU D 114 8.52 -51.56 14.39
C LEU D 114 7.85 -50.19 14.34
N PHE D 115 7.91 -49.43 15.44
CA PHE D 115 7.30 -48.09 15.43
C PHE D 115 8.00 -47.14 14.47
N THR D 116 9.32 -47.30 14.29
CA THR D 116 10.05 -46.43 13.37
C THR D 116 9.71 -46.73 11.92
N TYR D 117 9.63 -48.01 11.55
CA TYR D 117 9.21 -48.33 10.19
C TYR D 117 7.73 -48.02 9.96
N ALA D 118 6.90 -48.08 11.00
CA ALA D 118 5.52 -47.62 10.86
C ALA D 118 5.45 -46.13 10.59
N SER D 119 6.26 -45.33 11.31
CA SER D 119 6.26 -43.89 11.10
C SER D 119 6.84 -43.52 9.74
N LEU D 120 7.90 -44.19 9.30
CA LEU D 120 8.49 -43.90 8.00
C LEU D 120 7.57 -44.33 6.85
N GLY D 121 6.94 -45.49 6.96
CA GLY D 121 6.00 -45.90 5.93
C GLY D 121 4.71 -45.11 5.93
N SER D 122 4.33 -44.50 7.06
CA SER D 122 3.17 -43.63 7.07
C SER D 122 3.49 -42.22 6.62
N ARG D 123 4.75 -41.79 6.72
CA ARG D 123 5.08 -40.43 6.30
C ARG D 123 5.58 -40.34 4.87
N GLU D 124 6.52 -41.20 4.46
CA GLU D 124 7.19 -41.01 3.18
C GLU D 124 6.87 -42.08 2.14
N LEU D 125 5.84 -42.88 2.36
CA LEU D 125 5.48 -43.89 1.38
C LEU D 125 4.09 -43.60 0.81
N PRO D 126 3.86 -43.87 -0.47
CA PRO D 126 2.62 -43.43 -1.10
C PRO D 126 1.43 -44.29 -0.73
N ASP D 127 0.24 -43.74 -1.01
CA ASP D 127 -1.01 -44.47 -0.85
C ASP D 127 -1.26 -45.27 -2.13
N ASP D 128 -0.42 -46.29 -2.31
CA ASP D 128 -0.34 -46.96 -3.60
C ASP D 128 0.27 -48.33 -3.37
N THR D 129 0.09 -49.20 -4.37
CA THR D 129 0.78 -50.49 -4.37
C THR D 129 2.22 -50.33 -4.84
N LEU D 130 2.45 -49.44 -5.80
CA LEU D 130 3.76 -49.18 -6.36
C LEU D 130 4.39 -47.97 -5.67
N TRP D 131 5.65 -47.73 -5.98
CA TRP D 131 6.33 -46.58 -5.39
C TRP D 131 7.32 -45.96 -6.36
N PRO D 132 7.00 -44.78 -6.89
CA PRO D 132 7.94 -44.03 -7.74
C PRO D 132 8.94 -43.28 -6.89
N GLU D 133 10.20 -43.68 -6.94
CA GLU D 133 11.17 -43.02 -6.10
C GLU D 133 11.79 -41.79 -6.75
N ASP D 134 11.81 -41.72 -8.08
CA ASP D 134 12.32 -40.53 -8.76
C ASP D 134 11.19 -39.56 -9.05
N GLU D 135 11.58 -38.36 -9.48
CA GLU D 135 10.59 -37.35 -9.84
C GLU D 135 10.10 -37.54 -11.28
N LEU D 136 11.00 -37.35 -12.24
CA LEU D 136 10.77 -37.52 -13.68
C LEU D 136 12.11 -37.32 -14.36
N ILE D 137 12.38 -38.09 -15.41
CA ILE D 137 13.59 -37.93 -16.20
C ILE D 137 13.17 -37.60 -17.63
N PRO D 138 13.24 -36.32 -18.02
CA PRO D 138 12.87 -35.96 -19.38
C PRO D 138 13.90 -36.43 -20.39
N LEU D 139 13.56 -37.48 -21.14
CA LEU D 139 14.47 -38.11 -22.07
C LEU D 139 14.33 -37.57 -23.49
N SER D 140 13.46 -36.59 -23.71
CA SER D 140 13.20 -36.08 -25.04
C SER D 140 13.22 -34.57 -25.01
N LYS D 141 13.52 -33.99 -26.18
CA LYS D 141 13.58 -32.53 -26.29
C LYS D 141 12.17 -31.93 -26.30
N GLU D 142 11.22 -32.62 -26.91
CA GLU D 142 9.85 -32.12 -26.92
C GLU D 142 9.18 -32.32 -25.56
N GLY D 143 9.22 -33.55 -25.05
CA GLY D 143 8.56 -33.85 -23.79
C GLY D 143 7.52 -34.92 -23.96
N GLY D 144 7.67 -35.75 -24.98
CA GLY D 144 6.71 -36.80 -25.25
C GLY D 144 7.22 -38.17 -24.84
N PHE D 145 8.52 -38.28 -24.59
CA PHE D 145 9.14 -39.52 -24.14
C PHE D 145 9.95 -39.22 -22.90
N ALA D 146 9.48 -39.69 -21.75
CA ALA D 146 10.17 -39.51 -20.49
C ALA D 146 10.24 -40.85 -19.78
N ALA D 147 10.77 -40.85 -18.56
CA ALA D 147 10.85 -42.07 -17.77
C ALA D 147 10.92 -41.70 -16.30
N ARG D 148 10.57 -42.66 -15.46
CA ARG D 148 10.79 -42.56 -14.03
C ARG D 148 10.93 -43.95 -13.47
N HIS D 149 11.55 -44.02 -12.29
CA HIS D 149 11.86 -45.31 -11.67
C HIS D 149 10.76 -45.72 -10.71
N LEU D 150 10.31 -46.96 -10.85
CA LEU D 150 9.29 -47.54 -10.00
C LEU D 150 9.92 -48.58 -9.08
N LEU D 151 9.21 -48.91 -8.01
CA LEU D 151 9.66 -49.90 -7.03
C LEU D 151 8.48 -50.79 -6.71
N THR D 152 8.37 -51.91 -7.42
CA THR D 152 7.33 -52.89 -7.16
C THR D 152 7.86 -53.93 -6.21
N SER D 153 7.00 -54.36 -5.29
CA SER D 153 7.39 -55.37 -4.32
C SER D 153 7.51 -56.73 -4.97
N LYS D 154 8.53 -57.49 -4.57
CA LYS D 154 8.78 -58.80 -5.16
C LYS D 154 7.71 -59.80 -4.76
N SER D 155 7.47 -60.76 -5.66
CA SER D 155 6.38 -61.73 -5.50
C SER D 155 6.88 -63.05 -4.94
N GLY D 156 7.84 -63.01 -4.03
CA GLY D 156 8.34 -64.23 -3.43
C GLY D 156 8.45 -64.13 -1.92
N VAL D 157 9.35 -64.91 -1.32
CA VAL D 157 9.53 -64.94 0.12
C VAL D 157 10.86 -64.33 0.50
N ALA D 158 10.97 -63.95 1.76
CA ALA D 158 12.23 -63.49 2.34
C ALA D 158 12.64 -64.47 3.43
N VAL D 159 13.77 -65.13 3.22
CA VAL D 159 14.29 -66.10 4.16
C VAL D 159 15.28 -65.40 5.06
N HIS D 160 14.95 -65.26 6.34
CA HIS D 160 15.79 -64.57 7.30
C HIS D 160 16.45 -65.60 8.22
N ILE D 161 17.76 -65.63 8.21
CA ILE D 161 18.54 -66.60 8.98
C ILE D 161 19.28 -65.80 10.04
N ASN D 162 18.74 -65.79 11.26
CA ASN D 162 19.19 -64.90 12.31
C ASN D 162 20.26 -65.53 13.18
N ALA D 163 20.88 -64.70 14.00
CA ALA D 163 21.84 -65.13 15.01
C ALA D 163 21.14 -65.31 16.35
N PHE D 164 21.90 -65.72 17.37
CA PHE D 164 21.29 -66.02 18.66
C PHE D 164 21.20 -64.83 19.60
N ASN D 165 21.75 -63.69 19.22
CA ASN D 165 21.95 -62.61 20.18
C ASN D 165 20.66 -61.87 20.47
N PHE D 166 19.98 -61.41 19.43
CA PHE D 166 18.76 -60.64 19.56
C PHE D 166 17.63 -61.43 18.90
N PRO D 167 16.91 -62.24 19.68
CA PRO D 167 15.80 -63.01 19.09
C PRO D 167 14.63 -62.14 18.71
N CYS D 168 14.29 -61.17 19.57
CA CYS D 168 13.26 -60.20 19.23
C CYS D 168 13.77 -59.21 18.19
N TRP D 169 14.84 -58.48 18.53
CA TRP D 169 15.30 -57.37 17.69
C TRP D 169 15.83 -57.86 16.37
N GLY D 170 16.71 -58.87 16.37
CA GLY D 170 17.34 -59.32 15.13
C GLY D 170 16.38 -59.95 14.15
N MET D 171 15.30 -60.54 14.64
CA MET D 171 14.20 -60.93 13.76
C MET D 171 13.43 -59.71 13.28
N LEU D 172 13.15 -58.78 14.17
CA LEU D 172 12.11 -57.81 13.90
C LEU D 172 12.62 -56.63 13.08
N GLU D 173 13.92 -56.33 13.15
CA GLU D 173 14.52 -55.36 12.26
C GLU D 173 14.66 -55.87 10.83
N LYS D 174 14.47 -57.17 10.61
CA LYS D 174 14.32 -57.71 9.27
C LYS D 174 12.86 -57.85 8.88
N LEU D 175 11.99 -58.11 9.84
CA LEU D 175 10.59 -58.35 9.57
C LEU D 175 9.83 -57.06 9.29
N ALA D 176 10.26 -55.93 9.86
CA ALA D 176 9.59 -54.67 9.56
C ALA D 176 9.82 -54.17 8.13
N PRO D 177 11.04 -54.18 7.55
CA PRO D 177 11.15 -53.77 6.15
C PRO D 177 10.58 -54.78 5.18
N THR D 178 10.62 -56.07 5.52
CA THR D 178 10.07 -57.10 4.65
C THR D 178 8.56 -56.95 4.52
N TRP D 179 7.88 -56.76 5.64
CA TRP D 179 6.43 -56.53 5.60
C TRP D 179 6.10 -55.18 5.01
N LEU D 180 6.91 -54.15 5.28
CA LEU D 180 6.62 -52.85 4.70
C LEU D 180 6.90 -52.85 3.20
N GLY D 181 7.80 -53.71 2.74
CA GLY D 181 8.04 -53.87 1.32
C GLY D 181 7.29 -55.03 0.72
N GLY D 182 6.20 -55.43 1.35
CA GLY D 182 5.21 -56.34 0.75
C GLY D 182 5.65 -57.74 0.42
N MET D 183 6.44 -58.38 1.27
CA MET D 183 6.82 -59.77 1.07
C MET D 183 6.55 -60.57 2.33
N PRO D 184 6.13 -61.83 2.19
CA PRO D 184 6.04 -62.71 3.36
C PRO D 184 7.41 -63.24 3.75
N ALA D 185 7.58 -63.46 5.04
CA ALA D 185 8.87 -63.83 5.60
C ALA D 185 8.82 -65.23 6.19
N ILE D 186 9.96 -65.91 6.11
CA ILE D 186 10.16 -67.21 6.76
C ILE D 186 11.37 -67.02 7.65
N ILE D 187 11.14 -66.79 8.94
CA ILE D 187 12.23 -66.49 9.86
C ILE D 187 12.83 -67.80 10.36
N LYS D 188 14.13 -67.97 10.16
CA LYS D 188 14.86 -69.09 10.75
C LYS D 188 15.73 -68.54 11.87
N PRO D 189 15.30 -68.60 13.12
CA PRO D 189 16.14 -68.14 14.22
C PRO D 189 17.21 -69.16 14.54
N ALA D 190 18.22 -68.70 15.28
CA ALA D 190 19.24 -69.62 15.78
C ALA D 190 18.63 -70.53 16.84
N THR D 191 19.02 -71.80 16.80
CA THR D 191 18.42 -72.81 17.67
C THR D 191 18.79 -72.61 19.13
N ALA D 192 19.86 -71.88 19.42
CA ALA D 192 20.31 -71.68 20.79
C ALA D 192 19.41 -70.76 21.60
N THR D 193 18.48 -70.05 20.97
CA THR D 193 17.65 -69.09 21.69
C THR D 193 16.21 -68.99 21.19
N ALA D 194 15.77 -69.90 20.32
CA ALA D 194 14.56 -69.72 19.50
C ALA D 194 13.26 -69.71 20.29
N GLN D 195 13.26 -69.91 21.61
CA GLN D 195 12.02 -69.84 22.38
C GLN D 195 11.46 -68.42 22.43
N LEU D 196 12.32 -67.41 22.52
CA LEU D 196 11.85 -66.02 22.51
C LEU D 196 11.35 -65.63 21.13
N THR D 197 11.98 -66.17 20.08
CA THR D 197 11.50 -65.93 18.72
C THR D 197 10.13 -66.60 18.50
N GLN D 198 9.92 -67.78 19.08
CA GLN D 198 8.61 -68.42 18.95
C GLN D 198 7.55 -67.66 19.74
N ALA D 199 7.92 -67.09 20.88
CA ALA D 199 6.99 -66.23 21.62
C ALA D 199 6.61 -64.99 20.81
N MET D 200 7.60 -64.42 20.11
CA MET D 200 7.35 -63.28 19.22
C MET D 200 6.40 -63.65 18.09
N VAL D 201 6.69 -64.75 17.39
CA VAL D 201 5.90 -65.16 16.23
C VAL D 201 4.49 -65.57 16.66
N LYS D 202 4.36 -66.22 17.82
CA LYS D 202 3.05 -66.59 18.34
C LYS D 202 2.24 -65.36 18.74
N SER D 203 2.88 -64.37 19.37
CA SER D 203 2.19 -63.15 19.72
C SER D 203 1.78 -62.34 18.50
N ILE D 204 2.51 -62.47 17.39
CA ILE D 204 2.12 -61.80 16.17
C ILE D 204 0.96 -62.52 15.49
N VAL D 205 1.07 -63.85 15.37
CA VAL D 205 0.07 -64.62 14.63
C VAL D 205 -1.26 -64.65 15.38
N ASP D 206 -1.23 -64.81 16.69
CA ASP D 206 -2.46 -64.85 17.46
C ASP D 206 -2.98 -63.46 17.80
N SER D 207 -3.10 -62.59 16.79
CA SER D 207 -3.71 -61.28 16.97
C SER D 207 -4.68 -60.91 15.85
N GLY D 208 -4.66 -61.62 14.71
CA GLY D 208 -5.53 -61.30 13.60
C GLY D 208 -5.13 -60.04 12.84
N LEU D 209 -3.96 -59.48 13.10
CA LEU D 209 -3.54 -58.22 12.49
C LEU D 209 -2.87 -58.44 11.14
N VAL D 210 -1.96 -59.40 11.05
CA VAL D 210 -1.27 -59.71 9.80
C VAL D 210 -2.13 -60.70 9.02
N PRO D 211 -2.01 -60.77 7.70
CA PRO D 211 -2.73 -61.80 6.94
C PRO D 211 -2.13 -63.17 7.20
N GLU D 212 -2.88 -64.19 6.81
CA GLU D 212 -2.37 -65.55 6.88
C GLU D 212 -1.32 -65.78 5.79
N GLY D 213 -0.27 -66.52 6.14
CA GLY D 213 0.83 -66.73 5.22
C GLY D 213 1.83 -65.61 5.13
N ALA D 214 1.64 -64.53 5.89
CA ALA D 214 2.56 -63.40 5.85
C ALA D 214 3.77 -63.58 6.76
N ILE D 215 3.83 -64.66 7.53
CA ILE D 215 4.96 -64.94 8.41
C ILE D 215 5.04 -66.43 8.65
N SER D 216 6.26 -66.96 8.67
CA SER D 216 6.53 -68.35 9.00
C SER D 216 7.66 -68.40 10.01
N LEU D 217 7.99 -69.62 10.45
CA LEU D 217 8.99 -69.81 11.50
C LEU D 217 9.46 -71.25 11.44
N ILE D 218 10.76 -71.45 11.41
CA ILE D 218 11.34 -72.79 11.50
C ILE D 218 12.31 -72.83 12.68
N CYS D 219 11.92 -73.56 13.72
CA CYS D 219 12.78 -73.81 14.87
C CYS D 219 13.56 -75.07 14.57
N GLY D 220 14.80 -74.90 14.12
CA GLY D 220 15.65 -75.99 13.69
C GLY D 220 16.31 -75.64 12.38
N SER D 221 17.01 -76.61 11.81
CA SER D 221 17.71 -76.41 10.56
C SER D 221 16.73 -76.37 9.39
N ALA D 222 17.04 -75.52 8.41
CA ALA D 222 16.20 -75.43 7.21
C ALA D 222 16.44 -76.64 6.31
N GLY D 223 17.67 -76.81 5.84
CA GLY D 223 18.05 -77.96 5.05
C GLY D 223 17.52 -77.94 3.63
N ASP D 224 16.20 -78.06 3.48
CA ASP D 224 15.57 -78.18 2.18
C ASP D 224 15.10 -76.83 1.63
N LEU D 225 15.15 -75.77 2.44
CA LEU D 225 14.52 -74.50 2.06
C LEU D 225 15.35 -73.76 1.01
N LEU D 226 16.67 -73.72 1.17
CA LEU D 226 17.51 -72.96 0.26
C LEU D 226 17.67 -73.62 -1.11
N ASP D 227 17.22 -74.87 -1.26
CA ASP D 227 17.20 -75.53 -2.56
C ASP D 227 15.87 -75.34 -3.29
N HIS D 228 14.97 -74.53 -2.75
CA HIS D 228 13.66 -74.36 -3.34
C HIS D 228 13.34 -72.92 -3.71
N LEU D 229 14.27 -71.98 -3.52
CA LEU D 229 13.96 -70.58 -3.70
C LEU D 229 14.04 -70.18 -5.16
N ASP D 230 13.13 -69.29 -5.56
CA ASP D 230 13.05 -68.80 -6.92
C ASP D 230 13.75 -67.44 -7.00
N SER D 231 13.82 -66.88 -8.20
CA SER D 231 14.54 -65.62 -8.40
C SER D 231 13.84 -64.42 -7.78
N GLN D 232 12.56 -64.53 -7.42
CA GLN D 232 11.85 -63.48 -6.72
C GLN D 232 12.00 -63.58 -5.21
N ASP D 233 12.97 -64.33 -4.72
CA ASP D 233 13.20 -64.51 -3.30
C ASP D 233 14.48 -63.81 -2.88
N VAL D 234 14.54 -63.40 -1.62
CA VAL D 234 15.75 -62.82 -1.04
C VAL D 234 16.09 -63.60 0.22
N VAL D 235 17.39 -63.65 0.53
CA VAL D 235 17.87 -64.29 1.75
C VAL D 235 18.72 -63.27 2.50
N THR D 236 18.35 -63.01 3.75
CA THR D 236 19.11 -62.12 4.61
C THR D 236 19.75 -62.95 5.72
N PHE D 237 21.07 -62.93 5.79
CA PHE D 237 21.80 -63.76 6.74
C PHE D 237 22.36 -62.91 7.87
N THR D 238 22.39 -63.51 9.06
CA THR D 238 22.98 -62.88 10.24
C THR D 238 23.62 -63.98 11.07
N GLY D 239 24.95 -63.95 11.13
CA GLY D 239 25.68 -64.98 11.84
C GLY D 239 27.17 -64.77 11.65
N SER D 240 27.93 -65.86 11.84
CA SER D 240 29.36 -65.77 11.66
C SER D 240 29.71 -65.77 10.17
N ALA D 241 30.96 -65.39 9.88
CA ALA D 241 31.43 -65.34 8.51
C ALA D 241 31.83 -66.71 7.97
N ALA D 242 31.83 -67.75 8.81
CA ALA D 242 32.13 -69.08 8.31
C ALA D 242 30.89 -69.72 7.69
N THR D 243 29.72 -69.45 8.28
CA THR D 243 28.48 -70.02 7.77
C THR D 243 28.00 -69.29 6.52
N GLY D 244 28.08 -67.96 6.51
CA GLY D 244 27.52 -67.18 5.42
C GLY D 244 28.27 -67.34 4.12
N GLN D 245 29.57 -67.60 4.18
CA GLN D 245 30.33 -67.85 2.97
C GLN D 245 30.08 -69.23 2.40
N MET D 246 29.58 -70.15 3.22
CA MET D 246 29.12 -71.44 2.71
C MET D 246 27.71 -71.35 2.17
N LEU D 247 26.89 -70.46 2.73
CA LEU D 247 25.54 -70.25 2.22
C LEU D 247 25.48 -69.30 1.03
N ARG D 248 26.54 -68.55 0.76
CA ARG D 248 26.59 -67.73 -0.44
C ARG D 248 26.88 -68.57 -1.67
N VAL D 249 27.67 -69.63 -1.53
CA VAL D 249 28.04 -70.50 -2.63
C VAL D 249 27.05 -71.65 -2.75
N GLN D 250 25.89 -71.50 -2.11
CA GLN D 250 24.80 -72.47 -2.23
C GLN D 250 24.34 -72.48 -3.68
N PRO D 251 24.15 -73.65 -4.29
CA PRO D 251 23.99 -73.70 -5.76
C PRO D 251 22.69 -73.12 -6.28
N ASN D 252 21.59 -73.19 -5.53
CA ASN D 252 20.36 -72.55 -6.00
C ASN D 252 20.42 -71.04 -5.85
N ILE D 253 21.12 -70.56 -4.82
CA ILE D 253 21.25 -69.12 -4.60
C ILE D 253 22.09 -68.48 -5.71
N VAL D 254 23.10 -69.19 -6.21
CA VAL D 254 23.85 -68.66 -7.34
C VAL D 254 23.20 -68.97 -8.67
N ALA D 255 22.40 -70.04 -8.77
CA ALA D 255 21.79 -70.39 -10.05
C ALA D 255 20.62 -69.46 -10.38
N LYS D 256 19.68 -69.31 -9.44
CA LYS D 256 18.58 -68.38 -9.63
C LYS D 256 18.97 -66.93 -9.41
N SER D 257 20.19 -66.69 -8.91
CA SER D 257 20.78 -65.36 -8.73
C SER D 257 19.94 -64.49 -7.80
N ILE D 258 19.74 -65.00 -6.58
CA ILE D 258 18.85 -64.33 -5.64
C ILE D 258 19.72 -63.45 -4.74
N PRO D 259 19.19 -62.35 -4.22
CA PRO D 259 20.00 -61.50 -3.33
C PRO D 259 20.27 -62.18 -2.00
N PHE D 260 21.55 -62.29 -1.67
CA PHE D 260 22.01 -62.88 -0.41
C PHE D 260 22.68 -61.77 0.39
N THR D 261 21.88 -61.03 1.15
CA THR D 261 22.37 -59.94 1.99
C THR D 261 23.03 -60.56 3.20
N MET D 262 24.31 -60.88 3.08
CA MET D 262 25.06 -61.47 4.17
C MET D 262 25.55 -60.36 5.10
N GLU D 263 25.58 -60.63 6.39
CA GLU D 263 26.11 -59.67 7.34
C GLU D 263 26.69 -60.41 8.53
N ALA D 264 27.99 -60.26 8.75
CA ALA D 264 28.77 -61.19 9.55
C ALA D 264 29.49 -60.47 10.69
N ASP D 265 30.41 -61.19 11.33
CA ASP D 265 31.13 -60.69 12.49
C ASP D 265 32.08 -59.55 12.11
N SER D 266 32.57 -58.85 13.12
CA SER D 266 33.41 -57.69 12.88
C SER D 266 34.30 -57.46 14.09
N LEU D 267 35.32 -56.63 13.87
CA LEU D 267 36.24 -56.18 14.92
C LEU D 267 36.09 -54.67 15.04
N ASN D 268 35.24 -54.26 15.97
CA ASN D 268 34.85 -52.86 16.10
C ASN D 268 35.95 -52.09 16.80
N CYS D 269 36.50 -51.08 16.15
CA CYS D 269 37.53 -50.28 16.77
C CYS D 269 36.93 -49.28 17.74
N CYS D 270 37.77 -48.76 18.62
CA CYS D 270 37.38 -47.60 19.45
C CYS D 270 38.66 -46.79 19.66
N VAL D 271 38.87 -45.81 18.79
CA VAL D 271 40.11 -45.07 18.73
C VAL D 271 40.03 -43.91 19.70
N LEU D 272 40.99 -43.85 20.63
CA LEU D 272 41.17 -42.66 21.44
C LEU D 272 42.04 -41.67 20.70
N GLY D 273 41.68 -40.39 20.78
CA GLY D 273 42.40 -39.38 20.04
C GLY D 273 43.60 -38.84 20.80
N GLU D 274 44.41 -38.07 20.07
CA GLU D 274 45.62 -37.52 20.68
C GLU D 274 45.30 -36.33 21.58
N ASP D 275 44.22 -35.61 21.29
CA ASP D 275 43.88 -34.43 22.10
C ASP D 275 43.34 -34.79 23.47
N VAL D 276 42.87 -36.02 23.66
CA VAL D 276 42.27 -36.41 24.93
C VAL D 276 43.38 -36.77 25.92
N THR D 277 43.38 -36.10 27.06
CA THR D 277 44.24 -36.26 28.22
C THR D 277 43.39 -36.74 29.41
N PRO D 278 43.97 -37.46 30.38
CA PRO D 278 43.15 -38.06 31.45
C PRO D 278 42.51 -37.08 32.41
N ASP D 279 42.81 -35.78 32.34
CA ASP D 279 42.11 -34.80 33.15
C ASP D 279 40.76 -34.39 32.57
N GLN D 280 40.57 -34.58 31.27
CA GLN D 280 39.37 -34.14 30.59
C GLN D 280 38.20 -35.05 30.92
N PRO D 281 36.96 -34.59 30.69
CA PRO D 281 35.81 -35.51 30.74
C PRO D 281 35.80 -36.50 29.60
N GLU D 282 36.55 -36.22 28.52
CA GLU D 282 36.58 -37.09 27.35
C GLU D 282 37.18 -38.45 27.69
N PHE D 283 38.22 -38.46 28.53
CA PHE D 283 38.81 -39.72 28.97
C PHE D 283 37.84 -40.53 29.80
N ALA D 284 37.08 -39.85 30.67
CA ALA D 284 36.11 -40.54 31.52
C ALA D 284 34.96 -41.13 30.70
N LEU D 285 34.45 -40.38 29.73
CA LEU D 285 33.40 -40.94 28.89
C LEU D 285 33.92 -41.98 27.91
N PHE D 286 35.21 -41.90 27.53
CA PHE D 286 35.83 -42.96 26.75
C PHE D 286 35.85 -44.27 27.51
N ILE D 287 36.35 -44.24 28.75
CA ILE D 287 36.40 -45.44 29.59
C ILE D 287 35.00 -45.94 29.90
N ARG D 288 34.06 -45.02 30.14
CA ARG D 288 32.68 -45.40 30.42
C ARG D 288 32.02 -46.05 29.20
N GLU D 289 32.29 -45.53 28.00
CA GLU D 289 31.71 -46.08 26.79
C GLU D 289 32.26 -47.46 26.49
N VAL D 290 33.58 -47.64 26.67
CA VAL D 290 34.18 -48.95 26.40
C VAL D 290 33.70 -49.98 27.42
N VAL D 291 33.58 -49.59 28.69
CA VAL D 291 33.14 -50.52 29.73
C VAL D 291 31.67 -50.88 29.55
N ARG D 292 30.82 -49.89 29.29
CA ARG D 292 29.39 -50.18 29.08
C ARG D 292 29.17 -51.00 27.81
N GLU D 293 29.96 -50.73 26.77
CA GLU D 293 29.81 -51.46 25.53
C GLU D 293 30.33 -52.88 25.64
N MET D 294 31.34 -53.10 26.47
CA MET D 294 31.88 -54.44 26.63
C MET D 294 31.10 -55.26 27.66
N THR D 295 30.37 -54.62 28.57
CA THR D 295 29.60 -55.34 29.56
C THR D 295 28.10 -55.38 29.28
N THR D 296 27.61 -54.69 28.25
CA THR D 296 26.21 -54.81 27.88
C THR D 296 26.02 -56.10 27.10
N LYS D 297 25.00 -56.88 27.49
CA LYS D 297 24.62 -58.17 26.90
C LYS D 297 25.76 -59.18 27.03
N ALA D 298 26.58 -59.03 28.08
CA ALA D 298 27.77 -59.83 28.36
C ALA D 298 28.75 -59.86 27.19
N GLY D 299 28.83 -58.76 26.44
CA GLY D 299 29.66 -58.69 25.27
C GLY D 299 29.20 -59.52 24.09
N GLN D 300 27.95 -59.98 24.10
CA GLN D 300 27.38 -60.79 23.04
C GLN D 300 26.56 -59.98 22.07
N LYS D 301 26.97 -58.76 21.74
CA LYS D 301 26.39 -58.06 20.62
C LYS D 301 27.44 -57.84 19.55
N CYS D 302 26.97 -57.81 18.30
CA CYS D 302 27.85 -57.66 17.14
C CYS D 302 28.56 -56.32 17.12
N THR D 303 27.89 -55.27 17.60
CA THR D 303 28.43 -53.92 17.59
C THR D 303 29.16 -53.58 18.88
N ALA D 304 29.81 -54.55 19.50
CA ALA D 304 30.56 -54.33 20.72
C ALA D 304 32.02 -54.04 20.41
N ILE D 305 32.62 -53.20 21.25
CA ILE D 305 34.01 -52.78 21.08
C ILE D 305 34.92 -53.96 21.39
N ARG D 306 35.76 -54.33 20.42
CA ARG D 306 36.68 -55.45 20.59
C ARG D 306 38.13 -55.10 20.28
N ARG D 307 38.40 -53.88 19.83
CA ARG D 307 39.78 -53.40 19.67
C ARG D 307 39.82 -51.97 20.16
N ILE D 308 40.52 -51.72 21.25
CA ILE D 308 40.67 -50.37 21.79
C ILE D 308 42.03 -49.84 21.33
N ILE D 309 42.01 -48.79 20.53
CA ILE D 309 43.23 -48.16 20.03
C ILE D 309 43.45 -46.88 20.84
N VAL D 310 44.59 -46.80 21.50
CA VAL D 310 44.93 -45.66 22.35
C VAL D 310 46.26 -45.10 21.89
N PRO D 311 46.54 -43.83 22.21
CA PRO D 311 47.89 -43.30 21.98
C PRO D 311 48.91 -43.98 22.86
N GLN D 312 50.18 -43.91 22.42
CA GLN D 312 51.26 -44.67 23.05
C GLN D 312 51.56 -44.18 24.46
N ALA D 313 51.47 -42.86 24.67
CA ALA D 313 51.76 -42.29 25.98
C ALA D 313 50.63 -42.48 26.99
N LEU D 314 49.48 -43.00 26.58
CA LEU D 314 48.32 -43.11 27.46
C LEU D 314 47.91 -44.55 27.72
N VAL D 315 48.75 -45.52 27.36
CA VAL D 315 48.36 -46.93 27.45
C VAL D 315 48.21 -47.35 28.90
N ASN D 316 49.15 -46.96 29.76
CA ASN D 316 49.08 -47.32 31.17
C ASN D 316 47.89 -46.65 31.85
N ALA D 317 47.58 -45.42 31.47
CA ALA D 317 46.44 -44.72 32.05
C ALA D 317 45.12 -45.35 31.64
N VAL D 318 44.97 -45.68 30.36
CA VAL D 318 43.76 -46.34 29.88
C VAL D 318 43.62 -47.73 30.50
N SER D 319 44.73 -48.46 30.61
CA SER D 319 44.67 -49.81 31.17
C SER D 319 44.35 -49.79 32.65
N ASP D 320 44.94 -48.87 33.42
CA ASP D 320 44.61 -48.74 34.82
C ASP D 320 43.18 -48.28 35.04
N ALA D 321 42.67 -47.37 34.19
CA ALA D 321 41.26 -46.96 34.28
C ALA D 321 40.32 -48.10 33.98
N LEU D 322 40.63 -48.92 32.97
CA LEU D 322 39.78 -50.05 32.64
C LEU D 322 39.84 -51.14 33.70
N VAL D 323 41.00 -51.35 34.33
CA VAL D 323 41.07 -52.31 35.43
C VAL D 323 40.29 -51.80 36.64
N ALA D 324 40.43 -50.51 36.96
CA ALA D 324 39.72 -49.95 38.11
C ALA D 324 38.22 -49.85 37.88
N ARG D 325 37.75 -49.79 36.64
CA ARG D 325 36.32 -49.73 36.39
C ARG D 325 35.70 -51.12 36.20
N LEU D 326 36.40 -52.03 35.53
CA LEU D 326 35.84 -53.33 35.18
C LEU D 326 35.85 -54.33 36.33
N GLN D 327 36.69 -54.14 37.35
CA GLN D 327 36.62 -55.02 38.50
C GLN D 327 35.42 -54.73 39.38
N LYS D 328 34.79 -53.58 39.21
CA LYS D 328 33.52 -53.28 39.88
C LYS D 328 32.34 -53.99 39.24
N VAL D 329 32.50 -54.57 38.05
CA VAL D 329 31.43 -55.25 37.36
C VAL D 329 31.22 -56.62 38.01
N VAL D 330 29.99 -56.89 38.46
CA VAL D 330 29.66 -58.12 39.16
C VAL D 330 28.95 -59.05 38.17
N VAL D 331 29.50 -60.25 38.00
CA VAL D 331 28.96 -61.25 37.11
C VAL D 331 28.17 -62.26 37.93
N GLY D 332 26.93 -62.52 37.52
CA GLY D 332 26.14 -63.51 38.22
C GLY D 332 24.74 -63.69 37.69
N ASP D 333 23.82 -64.10 38.55
CA ASP D 333 22.44 -64.29 38.15
C ASP D 333 21.76 -62.93 37.96
N PRO D 334 20.94 -62.77 36.92
CA PRO D 334 20.31 -61.47 36.69
C PRO D 334 19.22 -61.13 37.67
N ALA D 335 18.55 -62.12 38.25
CA ALA D 335 17.43 -61.83 39.14
C ALA D 335 17.90 -61.36 40.51
N GLN D 336 19.02 -61.89 41.00
CA GLN D 336 19.55 -61.43 42.27
C GLN D 336 20.16 -60.05 42.13
N GLU D 337 20.19 -59.31 43.23
CA GLU D 337 20.51 -57.89 43.19
C GLU D 337 22.02 -57.67 43.21
N GLY D 338 22.42 -56.52 42.70
CA GLY D 338 23.82 -56.16 42.66
C GLY D 338 24.63 -56.88 41.61
N VAL D 339 23.99 -57.26 40.51
CA VAL D 339 24.65 -57.99 39.42
C VAL D 339 24.52 -57.16 38.15
N LYS D 340 25.67 -56.81 37.56
CA LYS D 340 25.68 -55.96 36.38
C LYS D 340 25.69 -56.80 35.10
N MET D 341 26.74 -57.61 34.92
CA MET D 341 26.84 -58.48 33.75
C MET D 341 26.11 -59.80 34.03
N GLY D 342 25.32 -60.25 33.06
CA GLY D 342 24.74 -61.58 33.11
C GLY D 342 25.71 -62.65 32.71
N ALA D 343 25.23 -63.66 31.98
CA ALA D 343 26.09 -64.74 31.53
C ALA D 343 26.02 -64.83 30.01
N LEU D 344 26.65 -65.87 29.45
CA LEU D 344 26.49 -66.17 28.05
C LEU D 344 25.23 -67.02 27.89
N VAL D 345 25.04 -67.64 26.73
CA VAL D 345 23.84 -68.42 26.49
C VAL D 345 24.08 -69.92 26.53
N ASN D 346 25.31 -70.38 26.30
CA ASN D 346 25.59 -71.80 26.25
C ASN D 346 26.96 -72.07 26.83
N ALA D 347 27.14 -73.30 27.33
CA ALA D 347 28.48 -73.76 27.65
C ALA D 347 29.32 -73.93 26.39
N GLU D 348 28.67 -74.23 25.26
CA GLU D 348 29.38 -74.29 23.99
C GLU D 348 29.86 -72.91 23.56
N GLN D 349 29.04 -71.87 23.80
CA GLN D 349 29.47 -70.51 23.53
C GLN D 349 30.60 -70.09 24.46
N ARG D 350 30.56 -70.54 25.72
CA ARG D 350 31.65 -70.26 26.65
C ARG D 350 32.94 -70.91 26.21
N ALA D 351 32.87 -72.16 25.73
CA ALA D 351 34.05 -72.85 25.24
C ALA D 351 34.57 -72.20 23.96
N ASP D 352 33.67 -71.69 23.11
CA ASP D 352 34.08 -71.01 21.89
C ASP D 352 34.79 -69.68 22.20
N VAL D 353 34.25 -68.92 23.16
CA VAL D 353 34.88 -67.67 23.57
C VAL D 353 36.26 -67.93 24.16
N GLN D 354 36.38 -68.96 25.01
CA GLN D 354 37.67 -69.23 25.62
C GLN D 354 38.68 -69.80 24.64
N GLU D 355 38.24 -70.59 23.66
CA GLU D 355 39.19 -71.07 22.66
C GLU D 355 39.55 -69.99 21.63
N LYS D 356 38.75 -68.93 21.53
CA LYS D 356 39.23 -67.75 20.79
C LYS D 356 40.19 -66.91 21.63
N VAL D 357 39.97 -66.85 22.95
CA VAL D 357 40.88 -66.17 23.86
C VAL D 357 42.26 -66.81 23.82
N ASN D 358 42.32 -68.14 23.77
CA ASN D 358 43.62 -68.82 23.70
C ASN D 358 44.33 -68.56 22.38
N ILE D 359 43.58 -68.33 21.31
CA ILE D 359 44.20 -67.93 20.03
C ILE D 359 44.74 -66.51 20.13
N LEU D 360 44.00 -65.61 20.75
CA LEU D 360 44.50 -64.26 20.98
C LEU D 360 45.67 -64.22 21.97
N LEU D 361 45.77 -65.21 22.85
CA LEU D 361 46.89 -65.34 23.77
C LEU D 361 48.08 -66.07 23.17
N ALA D 362 47.89 -66.78 22.05
CA ALA D 362 49.02 -67.42 21.38
C ALA D 362 49.95 -66.42 20.70
N ALA D 363 49.54 -65.17 20.54
CA ALA D 363 50.42 -64.16 19.97
C ALA D 363 50.29 -62.80 20.67
N GLY D 364 49.58 -62.72 21.78
CA GLY D 364 49.34 -61.44 22.43
C GLY D 364 49.90 -61.31 23.83
N CYS D 365 49.12 -60.77 24.75
CA CYS D 365 49.53 -60.60 26.14
C CYS D 365 48.29 -60.67 27.01
N GLU D 366 48.40 -60.18 28.25
CA GLU D 366 47.30 -60.27 29.20
C GLU D 366 47.33 -59.06 30.13
N ILE D 367 46.14 -58.58 30.49
CA ILE D 367 45.99 -57.50 31.48
C ILE D 367 45.21 -57.97 32.69
N ARG D 368 44.09 -58.65 32.48
CA ARG D 368 43.15 -58.98 33.54
C ARG D 368 42.92 -60.49 33.61
N LEU D 369 41.87 -60.87 34.34
CA LEU D 369 41.42 -62.25 34.42
C LEU D 369 40.78 -62.61 33.08
N GLY D 370 41.54 -63.31 32.24
CA GLY D 370 41.09 -63.63 30.90
C GLY D 370 40.60 -65.05 30.74
N GLY D 371 41.48 -65.92 30.24
CA GLY D 371 41.13 -67.30 29.93
C GLY D 371 40.82 -68.16 31.13
N GLN D 372 41.08 -67.69 32.34
CA GLN D 372 40.74 -68.45 33.55
C GLN D 372 39.22 -68.35 33.76
N ALA D 373 38.51 -69.23 33.06
CA ALA D 373 37.06 -69.36 33.19
C ALA D 373 36.71 -70.81 33.43
N ASP D 374 35.77 -71.03 34.36
CA ASP D 374 35.41 -72.40 34.73
C ASP D 374 34.56 -73.02 33.64
N LEU D 375 35.02 -74.15 33.10
CA LEU D 375 34.31 -74.89 32.06
C LEU D 375 33.49 -76.04 32.63
N SER D 376 33.11 -75.96 33.91
CA SER D 376 32.31 -77.01 34.51
C SER D 376 31.21 -76.46 35.41
N ALA D 377 30.91 -75.16 35.32
CA ALA D 377 29.91 -74.57 36.18
C ALA D 377 28.50 -74.84 35.66
N ALA D 378 27.52 -74.54 36.50
CA ALA D 378 26.11 -74.65 36.12
C ALA D 378 25.61 -73.30 35.60
N GLY D 379 26.27 -72.84 34.55
CA GLY D 379 26.00 -71.54 33.98
C GLY D 379 27.08 -71.14 33.00
N ALA D 380 26.74 -70.26 32.07
CA ALA D 380 27.67 -69.86 31.02
C ALA D 380 28.38 -68.55 31.40
N PHE D 381 29.12 -68.60 32.50
CA PHE D 381 29.74 -67.41 33.04
C PHE D 381 31.15 -67.24 32.46
N PHE D 382 31.44 -66.02 32.00
CA PHE D 382 32.76 -65.68 31.52
C PHE D 382 33.13 -64.35 32.15
N PRO D 383 34.33 -64.22 32.73
CA PRO D 383 34.69 -62.96 33.37
C PRO D 383 35.02 -61.91 32.34
N PRO D 384 34.89 -60.63 32.66
CA PRO D 384 35.25 -59.57 31.71
C PRO D 384 36.76 -59.54 31.48
N THR D 385 37.15 -59.56 30.21
CA THR D 385 38.53 -59.79 29.80
C THR D 385 39.07 -58.57 29.05
N LEU D 386 40.23 -58.10 29.49
CA LEU D 386 40.98 -57.06 28.79
C LEU D 386 42.32 -57.65 28.39
N LEU D 387 42.64 -57.58 27.10
CA LEU D 387 43.89 -58.11 26.60
C LEU D 387 44.84 -56.97 26.24
N TYR D 388 46.00 -57.33 25.70
CA TYR D 388 47.01 -56.36 25.34
C TYR D 388 47.81 -56.89 24.17
N CYS D 389 48.26 -55.97 23.31
CA CYS D 389 49.05 -56.32 22.14
C CYS D 389 50.16 -55.30 21.99
N PRO D 390 51.38 -55.62 22.43
CA PRO D 390 52.47 -54.64 22.37
C PRO D 390 53.00 -54.38 20.96
N GLN D 391 52.69 -55.26 20.00
CA GLN D 391 53.05 -55.07 18.60
C GLN D 391 51.78 -55.15 17.78
N PRO D 392 51.06 -54.03 17.63
CA PRO D 392 49.73 -54.11 16.97
C PRO D 392 49.80 -54.30 15.48
N ASP D 393 50.79 -53.70 14.81
CA ASP D 393 50.94 -53.84 13.36
C ASP D 393 51.80 -55.04 12.98
N GLU D 394 51.98 -55.99 13.88
CA GLU D 394 52.74 -57.20 13.61
C GLU D 394 51.98 -58.48 13.88
N THR D 395 50.87 -58.43 14.60
CA THR D 395 50.08 -59.61 14.92
C THR D 395 48.82 -59.62 14.06
N PRO D 396 48.72 -60.49 13.05
CA PRO D 396 47.48 -60.58 12.27
C PRO D 396 46.36 -61.31 12.99
N ALA D 397 46.65 -62.02 14.08
CA ALA D 397 45.62 -62.74 14.80
C ALA D 397 44.71 -61.81 15.59
N VAL D 398 45.18 -60.61 15.92
CA VAL D 398 44.31 -59.62 16.55
C VAL D 398 43.30 -59.09 15.54
N HIS D 399 43.75 -58.85 14.31
CA HIS D 399 42.91 -58.27 13.27
C HIS D 399 42.19 -59.32 12.44
N ALA D 400 42.05 -60.55 12.94
CA ALA D 400 41.32 -61.58 12.22
C ALA D 400 40.50 -62.50 13.11
N THR D 401 40.49 -62.30 14.42
CA THR D 401 39.84 -63.22 15.34
C THR D 401 39.03 -62.43 16.36
N GLU D 402 37.73 -62.70 16.42
CA GLU D 402 36.85 -62.05 17.39
C GLU D 402 36.44 -63.07 18.44
N ALA D 403 36.68 -62.75 19.70
CA ALA D 403 36.25 -63.57 20.82
C ALA D 403 34.90 -63.03 21.27
N PHE D 404 33.83 -63.73 20.93
CA PHE D 404 32.49 -63.16 20.98
C PHE D 404 31.91 -63.25 22.40
N GLY D 405 32.56 -62.51 23.30
CA GLY D 405 32.12 -62.41 24.67
C GLY D 405 32.54 -61.08 25.26
N PRO D 406 32.93 -61.07 26.53
CA PRO D 406 33.37 -59.83 27.18
C PRO D 406 34.82 -59.46 26.88
N VAL D 407 35.40 -60.04 25.83
CA VAL D 407 36.81 -59.91 25.53
C VAL D 407 37.01 -58.71 24.61
N ALA D 408 37.99 -57.86 24.93
CA ALA D 408 38.33 -56.74 24.06
C ALA D 408 39.80 -56.43 24.22
N THR D 409 40.56 -56.56 23.14
CA THR D 409 41.98 -56.33 23.19
C THR D 409 42.29 -54.83 23.15
N LEU D 410 43.52 -54.51 23.55
CA LEU D 410 43.98 -53.12 23.60
C LEU D 410 45.38 -53.07 23.00
N MET D 411 45.69 -51.94 22.36
CA MET D 411 46.93 -51.83 21.59
C MET D 411 47.25 -50.36 21.36
N PRO D 412 48.52 -49.98 21.34
CA PRO D 412 48.89 -48.57 21.22
C PRO D 412 48.94 -48.09 19.78
N ALA D 413 48.93 -46.77 19.63
CA ALA D 413 49.00 -46.09 18.35
C ALA D 413 50.06 -44.99 18.41
N GLN D 414 50.40 -44.45 17.23
CA GLN D 414 51.45 -43.43 17.10
C GLN D 414 50.94 -42.25 16.28
N ASN D 415 50.23 -41.33 16.96
CA ASN D 415 49.94 -39.97 16.50
C ASN D 415 49.08 -39.95 15.23
N GLN D 416 47.93 -40.63 15.31
CA GLN D 416 46.81 -40.53 14.36
C GLN D 416 47.09 -40.92 12.92
N ARG D 417 48.30 -41.39 12.60
CA ARG D 417 48.56 -42.00 11.31
C ARG D 417 48.80 -43.49 11.46
N HIS D 418 48.99 -43.96 12.68
CA HIS D 418 48.97 -45.38 13.03
C HIS D 418 47.61 -45.80 13.56
N ALA D 419 46.89 -44.88 14.21
CA ALA D 419 45.57 -45.20 14.74
C ALA D 419 44.55 -45.42 13.63
N LEU D 420 44.65 -44.64 12.56
CA LEU D 420 43.78 -44.82 11.40
C LEU D 420 44.08 -46.15 10.70
N GLN D 421 45.35 -46.52 10.61
CA GLN D 421 45.71 -47.79 10.00
C GLN D 421 45.29 -48.97 10.86
N LEU D 422 45.36 -48.82 12.19
CA LEU D 422 44.89 -49.88 13.06
C LEU D 422 43.37 -49.96 13.09
N ALA D 423 42.68 -48.86 12.80
CA ALA D 423 41.24 -48.90 12.67
C ALA D 423 40.82 -49.55 11.36
N CYS D 424 41.56 -49.28 10.28
CA CYS D 424 41.25 -49.84 8.98
C CYS D 424 41.78 -51.26 8.79
N ALA D 425 42.67 -51.73 9.66
CA ALA D 425 43.24 -53.06 9.53
C ALA D 425 42.33 -54.16 10.05
N GLY D 426 41.15 -53.83 10.53
CA GLY D 426 40.20 -54.84 10.96
C GLY D 426 39.52 -55.60 9.86
N GLY D 427 39.79 -55.27 8.60
CA GLY D 427 39.20 -55.97 7.48
C GLY D 427 37.77 -55.57 7.17
N GLY D 428 37.35 -54.39 7.61
CA GLY D 428 35.97 -53.98 7.43
C GLY D 428 35.13 -54.31 8.64
N SER D 429 34.72 -53.30 9.39
CA SER D 429 34.03 -53.49 10.64
C SER D 429 32.61 -52.99 10.55
N LEU D 430 31.87 -53.20 11.62
CA LEU D 430 30.45 -52.88 11.68
C LEU D 430 30.17 -51.61 12.47
N ALA D 431 31.04 -51.24 13.39
CA ALA D 431 30.92 -50.02 14.15
C ALA D 431 32.30 -49.57 14.59
N GLY D 432 32.38 -48.30 14.98
CA GLY D 432 33.65 -47.73 15.42
C GLY D 432 33.37 -46.48 16.24
N THR D 433 34.41 -45.97 16.86
CA THR D 433 34.30 -44.80 17.72
C THR D 433 35.62 -44.05 17.78
N LEU D 434 35.60 -42.79 17.39
CA LEU D 434 36.64 -41.85 17.77
C LEU D 434 36.14 -41.00 18.91
N VAL D 435 36.94 -40.85 19.95
CA VAL D 435 36.63 -39.97 21.06
C VAL D 435 37.61 -38.80 20.99
N THR D 436 37.15 -37.68 20.42
CA THR D 436 37.90 -36.45 20.33
C THR D 436 36.97 -35.26 20.53
N ALA D 437 37.59 -34.12 20.86
CA ALA D 437 36.91 -32.83 20.79
C ALA D 437 37.39 -31.98 19.64
N ASP D 438 38.57 -32.26 19.10
CA ASP D 438 39.09 -31.56 17.92
C ASP D 438 38.31 -32.03 16.70
N PRO D 439 37.64 -31.13 15.97
CA PRO D 439 36.82 -31.58 14.84
C PRO D 439 37.62 -32.00 13.61
N GLN D 440 38.83 -31.46 13.41
CA GLN D 440 39.61 -31.89 12.26
C GLN D 440 40.22 -33.27 12.43
N ILE D 441 40.40 -33.71 13.67
CA ILE D 441 40.79 -35.10 13.90
C ILE D 441 39.67 -36.03 13.49
N ALA D 442 38.42 -35.65 13.77
CA ALA D 442 37.28 -36.43 13.29
C ALA D 442 37.13 -36.35 11.78
N ARG D 443 37.48 -35.21 11.18
CA ARG D 443 37.48 -35.09 9.72
C ARG D 443 38.48 -36.05 9.08
N GLN D 444 39.71 -36.06 9.60
CA GLN D 444 40.73 -36.99 9.12
C GLN D 444 40.40 -38.44 9.46
N PHE D 445 39.61 -38.68 10.50
CA PHE D 445 39.23 -40.04 10.82
C PHE D 445 38.15 -40.55 9.88
N ILE D 446 37.17 -39.72 9.53
CA ILE D 446 36.13 -40.16 8.61
C ILE D 446 36.66 -40.23 7.19
N ALA D 447 37.62 -39.37 6.84
CA ALA D 447 38.16 -39.39 5.48
C ALA D 447 39.02 -40.61 5.18
N ASP D 448 39.34 -41.44 6.17
CA ASP D 448 40.18 -42.60 5.94
C ASP D 448 39.56 -43.89 6.49
N ALA D 449 38.77 -43.78 7.55
CA ALA D 449 38.25 -44.94 8.25
C ALA D 449 36.77 -45.22 7.99
N ALA D 450 36.12 -44.43 7.16
CA ALA D 450 34.75 -44.72 6.75
C ALA D 450 34.70 -45.59 5.52
N ARG D 451 35.84 -46.12 5.08
CA ARG D 451 35.86 -47.10 4.00
C ARG D 451 35.61 -48.50 4.52
N THR D 452 35.83 -48.72 5.82
CA THR D 452 35.72 -50.04 6.42
C THR D 452 34.64 -50.13 7.47
N HIS D 453 34.23 -49.03 8.08
CA HIS D 453 33.21 -49.05 9.12
C HIS D 453 31.88 -48.60 8.54
N GLY D 454 30.82 -49.33 8.84
CA GLY D 454 29.50 -48.95 8.38
C GLY D 454 28.78 -47.98 9.27
N ARG D 455 29.32 -47.69 10.45
CA ARG D 455 28.72 -46.72 11.36
C ARG D 455 29.82 -46.25 12.30
N ILE D 456 29.96 -44.94 12.45
CA ILE D 456 31.05 -44.37 13.24
C ILE D 456 30.45 -43.33 14.18
N GLN D 457 30.67 -43.52 15.48
CA GLN D 457 30.17 -42.59 16.48
C GLN D 457 31.33 -41.73 16.96
N ILE D 458 31.30 -40.44 16.62
CA ILE D 458 32.29 -39.51 17.13
C ILE D 458 31.76 -38.99 18.47
N LEU D 459 32.35 -39.46 19.55
CA LEU D 459 31.82 -39.25 20.89
C LEU D 459 32.62 -38.16 21.59
N ASN D 460 31.97 -37.04 21.88
CA ASN D 460 32.58 -35.97 22.66
C ASN D 460 31.68 -35.65 23.86
N GLU D 461 31.98 -34.54 24.54
CA GLU D 461 31.24 -34.16 25.73
C GLU D 461 29.80 -33.75 25.40
N GLU D 462 29.59 -33.13 24.24
CA GLU D 462 28.23 -32.74 23.86
C GLU D 462 27.38 -33.93 23.44
N SER D 463 27.98 -34.92 22.80
CA SER D 463 27.23 -36.07 22.30
C SER D 463 26.82 -37.02 23.42
N ALA D 464 27.67 -37.17 24.45
CA ALA D 464 27.55 -38.26 25.42
C ALA D 464 26.33 -38.16 26.33
N LYS D 465 25.63 -37.03 26.35
CA LYS D 465 24.48 -36.88 27.23
C LYS D 465 23.30 -37.70 26.73
N GLU D 466 22.88 -37.48 25.49
CA GLU D 466 21.76 -38.18 24.89
C GLU D 466 22.20 -39.13 23.78
N SER D 467 23.41 -39.65 23.87
CA SER D 467 23.89 -40.63 22.91
C SER D 467 23.21 -41.97 23.13
N THR D 468 22.87 -42.65 22.03
CA THR D 468 22.31 -43.98 22.13
C THR D 468 23.36 -45.02 22.47
N GLY D 469 24.63 -44.71 22.26
CA GLY D 469 25.73 -45.61 22.55
C GLY D 469 26.32 -46.20 21.29
N HIS D 470 27.31 -47.06 21.52
CA HIS D 470 28.03 -47.73 20.44
C HIS D 470 27.34 -49.02 19.99
N GLY D 471 26.59 -49.65 20.87
CA GLY D 471 25.96 -50.91 20.53
C GLY D 471 24.49 -50.83 20.25
N SER D 472 24.02 -49.67 19.83
CA SER D 472 22.62 -49.48 19.48
C SER D 472 22.51 -49.19 18.00
N PRO D 473 22.28 -50.21 17.15
CA PRO D 473 21.97 -49.94 15.76
C PRO D 473 20.61 -49.25 15.63
N LEU D 474 20.62 -47.99 15.23
CA LEU D 474 19.39 -47.26 15.07
C LEU D 474 18.63 -47.79 13.85
N PRO D 475 17.29 -47.85 13.91
CA PRO D 475 16.54 -48.40 12.78
C PRO D 475 16.47 -47.49 11.56
N GLN D 476 17.08 -46.31 11.63
CA GLN D 476 17.14 -45.38 10.51
C GLN D 476 18.58 -45.03 10.16
N LEU D 477 19.52 -45.89 10.52
CA LEU D 477 20.92 -45.79 10.13
C LEU D 477 21.36 -47.12 9.57
N VAL D 478 22.33 -47.07 8.65
CA VAL D 478 22.78 -48.27 7.96
C VAL D 478 23.55 -49.17 8.92
N HIS D 479 23.01 -50.37 9.13
CA HIS D 479 23.65 -51.39 9.94
C HIS D 479 24.23 -52.41 8.96
N GLY D 480 25.53 -52.30 8.70
CA GLY D 480 26.19 -53.15 7.74
C GLY D 480 27.53 -52.58 7.35
N GLY D 481 28.54 -53.42 7.24
CA GLY D 481 29.87 -52.96 6.91
C GLY D 481 30.51 -53.84 5.86
N PRO D 482 31.50 -53.29 5.15
CA PRO D 482 32.14 -54.04 4.08
C PRO D 482 33.07 -55.11 4.60
N GLY D 483 33.50 -55.97 3.68
CA GLY D 483 34.52 -56.95 3.95
C GLY D 483 34.14 -58.03 4.94
N ARG D 484 34.78 -57.99 6.11
CA ARG D 484 34.54 -59.02 7.12
C ARG D 484 33.15 -58.90 7.73
N ALA D 485 32.60 -57.69 7.77
CA ALA D 485 31.27 -57.48 8.34
C ALA D 485 30.15 -57.95 7.43
N GLY D 486 30.45 -58.42 6.22
CA GLY D 486 29.45 -59.01 5.36
C GLY D 486 29.25 -58.29 4.05
N GLY D 487 29.21 -56.96 4.08
CA GLY D 487 28.90 -56.18 2.91
C GLY D 487 27.44 -55.84 2.74
N GLY D 488 26.55 -56.58 3.38
CA GLY D 488 25.14 -56.34 3.23
C GLY D 488 24.59 -55.33 4.22
N GLU D 489 23.98 -54.27 3.72
CA GLU D 489 23.47 -53.19 4.54
C GLU D 489 22.05 -53.51 5.00
N GLU D 490 21.70 -52.98 6.17
CA GLU D 490 20.36 -53.10 6.73
C GLU D 490 19.97 -51.79 7.36
N LEU D 491 18.67 -51.66 7.66
CA LEU D 491 18.09 -50.63 8.53
C LEU D 491 18.33 -49.20 8.06
N GLY D 492 18.60 -48.97 6.78
CA GLY D 492 19.03 -47.64 6.38
C GLY D 492 17.93 -46.62 6.22
N GLY D 493 16.94 -46.63 7.10
CA GLY D 493 15.72 -45.89 6.88
C GLY D 493 14.87 -46.64 5.88
N LEU D 494 14.60 -46.01 4.75
CA LEU D 494 13.90 -46.66 3.66
C LEU D 494 14.83 -47.36 2.69
N ARG D 495 16.13 -47.40 3.00
CA ARG D 495 17.06 -48.20 2.23
C ARG D 495 16.84 -49.68 2.43
N ALA D 496 16.24 -50.07 3.56
CA ALA D 496 16.05 -51.47 3.85
C ALA D 496 14.85 -52.04 3.11
N VAL D 497 13.79 -51.24 2.92
CA VAL D 497 12.59 -51.74 2.24
C VAL D 497 12.79 -51.87 0.75
N LYS D 498 13.86 -51.31 0.21
CA LYS D 498 14.19 -51.41 -1.21
C LYS D 498 14.95 -52.68 -1.55
N HIS D 499 15.46 -53.40 -0.56
CA HIS D 499 16.00 -54.73 -0.80
C HIS D 499 14.92 -55.73 -1.15
N TYR D 500 13.68 -55.45 -0.76
CA TYR D 500 12.56 -56.35 -0.98
C TYR D 500 11.69 -55.88 -2.13
N MET D 501 12.21 -54.95 -2.94
CA MET D 501 11.51 -54.42 -4.09
C MET D 501 12.41 -54.51 -5.30
N GLN D 502 11.79 -54.55 -6.48
CA GLN D 502 12.51 -54.50 -7.74
C GLN D 502 12.41 -53.10 -8.31
N ARG D 503 13.56 -52.51 -8.62
CA ARG D 503 13.63 -51.16 -9.16
C ARG D 503 13.52 -51.23 -10.68
N THR D 504 12.41 -50.74 -11.22
CA THR D 504 12.12 -50.81 -12.65
C THR D 504 12.09 -49.40 -13.21
N ALA D 505 12.80 -49.18 -14.31
CA ALA D 505 12.83 -47.88 -14.98
C ALA D 505 11.76 -47.91 -16.07
N VAL D 506 10.57 -47.43 -15.75
CA VAL D 506 9.47 -47.46 -16.70
C VAL D 506 9.58 -46.27 -17.64
N GLN D 507 9.62 -46.55 -18.94
CA GLN D 507 9.64 -45.52 -19.96
C GLN D 507 8.24 -45.34 -20.53
N GLY D 508 8.09 -44.36 -21.42
CA GLY D 508 6.82 -44.09 -22.06
C GLY D 508 6.48 -42.62 -22.01
N SER D 509 5.30 -42.30 -22.51
CA SER D 509 4.84 -40.93 -22.51
C SER D 509 4.49 -40.49 -21.09
N PRO D 510 4.60 -39.19 -20.78
CA PRO D 510 4.26 -38.73 -19.42
C PRO D 510 2.80 -38.92 -19.07
N THR D 511 1.91 -38.89 -20.05
CA THR D 511 0.51 -39.22 -19.80
C THR D 511 0.29 -40.70 -19.55
N MET D 512 1.28 -41.53 -19.86
CA MET D 512 1.25 -42.95 -19.53
C MET D 512 1.90 -43.21 -18.18
N LEU D 513 3.02 -42.54 -17.91
CA LEU D 513 3.69 -42.64 -16.61
C LEU D 513 2.82 -42.11 -15.49
N ALA D 514 1.96 -41.13 -15.80
CA ALA D 514 1.03 -40.62 -14.80
C ALA D 514 0.00 -41.67 -14.40
N ALA D 515 -0.50 -42.43 -15.36
CA ALA D 515 -1.49 -43.45 -15.03
C ALA D 515 -0.85 -44.69 -14.44
N ILE D 516 0.41 -44.97 -14.78
CA ILE D 516 1.12 -46.07 -14.15
C ILE D 516 1.43 -45.74 -12.70
N SER D 517 1.94 -44.55 -12.44
CA SER D 517 2.37 -44.19 -11.10
C SER D 517 1.23 -43.72 -10.20
N LYS D 518 0.01 -43.62 -10.72
CA LYS D 518 -1.17 -43.02 -10.06
C LYS D 518 -0.88 -41.61 -9.54
N GLN D 519 -0.06 -40.87 -10.28
CA GLN D 519 0.26 -39.50 -9.95
C GLN D 519 0.08 -38.65 -11.20
N TRP D 520 0.49 -37.39 -11.15
CA TRP D 520 0.62 -36.55 -12.33
C TRP D 520 2.08 -36.12 -12.40
N VAL D 521 2.68 -36.16 -13.58
CA VAL D 521 4.13 -36.09 -13.49
C VAL D 521 4.70 -34.77 -14.02
N ARG D 522 4.76 -34.60 -15.35
CA ARG D 522 5.11 -33.27 -15.87
C ARG D 522 4.39 -32.89 -17.16
N GLY D 523 4.13 -33.82 -18.06
CA GLY D 523 3.60 -33.48 -19.36
C GLY D 523 2.36 -34.29 -19.66
N ALA D 524 1.74 -34.79 -18.60
CA ALA D 524 0.56 -35.64 -18.74
C ALA D 524 -0.65 -34.82 -19.14
N LYS D 525 -1.69 -35.52 -19.58
CA LYS D 525 -2.95 -34.85 -19.85
C LYS D 525 -3.62 -34.46 -18.56
N VAL D 526 -4.52 -33.50 -18.66
CA VAL D 526 -5.13 -32.86 -17.49
C VAL D 526 -6.62 -33.11 -17.50
N GLU D 527 -7.23 -32.98 -16.33
CA GLU D 527 -8.67 -33.15 -16.17
C GLU D 527 -9.21 -31.85 -15.63
N GLU D 528 -9.51 -30.91 -16.53
CA GLU D 528 -10.11 -29.63 -16.18
C GLU D 528 -11.63 -29.82 -16.17
N ASP D 529 -12.25 -29.66 -15.02
CA ASP D 529 -13.67 -30.02 -14.89
C ASP D 529 -14.48 -28.91 -14.24
N ARG D 530 -14.24 -27.66 -14.67
CA ARG D 530 -15.19 -26.54 -14.61
C ARG D 530 -15.42 -26.00 -13.19
N ILE D 531 -14.94 -26.71 -12.16
CA ILE D 531 -14.99 -26.21 -10.79
C ILE D 531 -13.60 -26.30 -10.20
N HIS D 532 -13.37 -25.49 -9.18
CA HIS D 532 -12.04 -25.26 -8.65
C HIS D 532 -11.59 -26.45 -7.81
N PRO D 533 -10.39 -27.00 -8.05
CA PRO D 533 -9.93 -28.15 -7.26
C PRO D 533 -9.73 -27.90 -5.77
N PHE D 534 -9.75 -26.65 -5.30
CA PHE D 534 -9.75 -26.45 -3.86
C PHE D 534 -11.14 -26.61 -3.25
N ARG D 535 -12.17 -26.75 -4.08
CA ARG D 535 -13.50 -27.07 -3.58
C ARG D 535 -13.71 -28.56 -3.39
N LYS D 536 -12.88 -29.39 -4.02
CA LYS D 536 -13.04 -30.83 -3.93
C LYS D 536 -12.44 -31.34 -2.63
N TYR D 537 -13.10 -32.35 -2.05
CA TYR D 537 -12.58 -33.04 -0.90
C TYR D 537 -11.46 -33.98 -1.31
N PHE D 538 -10.89 -34.69 -0.33
CA PHE D 538 -9.74 -35.53 -0.59
C PHE D 538 -10.09 -36.72 -1.47
N GLU D 539 -11.26 -37.32 -1.25
CA GLU D 539 -11.60 -38.54 -1.97
C GLU D 539 -12.00 -38.29 -3.42
N GLU D 540 -12.32 -37.06 -3.78
CA GLU D 540 -12.70 -36.73 -5.15
C GLU D 540 -11.63 -35.96 -5.91
N LEU D 541 -10.50 -35.64 -5.27
CA LEU D 541 -9.33 -35.13 -5.99
C LEU D 541 -8.65 -36.28 -6.72
N GLN D 542 -8.55 -36.17 -7.99
CA GLN D 542 -7.77 -37.12 -8.74
C GLN D 542 -6.41 -36.53 -9.09
N PRO D 543 -5.36 -37.34 -9.12
CA PRO D 543 -4.06 -36.81 -9.56
C PRO D 543 -4.07 -36.53 -11.05
N GLY D 544 -4.16 -35.25 -11.37
CA GLY D 544 -4.36 -34.81 -12.74
C GLY D 544 -5.37 -33.69 -12.82
N ASP D 545 -6.06 -33.43 -11.71
CA ASP D 545 -7.07 -32.38 -11.64
C ASP D 545 -6.38 -31.02 -11.75
N SER D 546 -6.52 -30.37 -12.88
CA SER D 546 -5.77 -29.16 -13.16
C SER D 546 -6.63 -27.93 -13.04
N LEU D 547 -5.99 -26.78 -13.22
CA LEU D 547 -6.62 -25.47 -13.10
C LEU D 547 -5.78 -24.47 -13.86
N LEU D 548 -6.38 -23.79 -14.83
CA LEU D 548 -5.70 -22.73 -15.56
C LEU D 548 -6.22 -21.40 -15.02
N THR D 549 -5.38 -20.70 -14.27
CA THR D 549 -5.76 -19.49 -13.59
C THR D 549 -5.84 -18.33 -14.58
N PRO D 550 -6.53 -17.25 -14.22
CA PRO D 550 -6.39 -16.01 -15.01
C PRO D 550 -5.01 -15.42 -14.89
N ARG D 551 -4.68 -14.53 -15.83
CA ARG D 551 -3.36 -13.96 -15.88
C ARG D 551 -3.22 -12.80 -14.90
N ARG D 552 -2.00 -12.28 -14.79
CA ARG D 552 -1.74 -11.07 -14.01
C ARG D 552 -0.51 -10.41 -14.61
N THR D 553 -0.65 -9.15 -15.00
CA THR D 553 0.45 -8.42 -15.63
C THR D 553 1.36 -7.86 -14.56
N MET D 554 2.63 -8.22 -14.61
CA MET D 554 3.62 -7.68 -13.70
C MET D 554 4.04 -6.30 -14.17
N THR D 555 3.99 -5.34 -13.26
CA THR D 555 4.38 -3.98 -13.56
C THR D 555 5.45 -3.52 -12.58
N GLU D 556 5.94 -2.30 -12.81
CA GLU D 556 6.95 -1.72 -11.92
C GLU D 556 6.36 -1.41 -10.55
N ALA D 557 5.06 -1.08 -10.52
CA ALA D 557 4.38 -0.85 -9.25
C ALA D 557 4.28 -2.12 -8.42
N ASP D 558 4.16 -3.27 -9.06
CA ASP D 558 4.19 -4.55 -8.35
C ASP D 558 5.52 -4.79 -7.67
N ILE D 559 6.63 -4.48 -8.36
CA ILE D 559 7.96 -4.64 -7.79
C ILE D 559 8.15 -3.67 -6.63
N VAL D 560 7.67 -2.44 -6.79
CA VAL D 560 7.80 -1.43 -5.73
C VAL D 560 7.00 -1.82 -4.50
N ASN D 561 5.76 -2.25 -4.68
CA ASN D 561 4.93 -2.61 -3.55
C ASN D 561 5.43 -3.89 -2.86
N PHE D 562 5.99 -4.83 -3.61
CA PHE D 562 6.50 -6.02 -2.94
C PHE D 562 7.83 -5.77 -2.25
N ALA D 563 8.70 -4.93 -2.84
CA ALA D 563 9.95 -4.59 -2.19
C ALA D 563 9.71 -3.74 -0.95
N CYS D 564 8.65 -2.94 -0.95
CA CYS D 564 8.31 -2.19 0.24
C CYS D 564 7.72 -3.10 1.31
N LEU D 565 6.74 -3.92 0.94
CA LEU D 565 6.01 -4.73 1.91
C LEU D 565 6.89 -5.83 2.52
N SER D 566 7.65 -6.53 1.69
CA SER D 566 8.54 -7.55 2.22
C SER D 566 9.73 -6.94 2.94
N GLY D 567 10.21 -5.81 2.45
CA GLY D 567 11.45 -5.23 2.94
C GLY D 567 12.67 -5.65 2.15
N ASP D 568 12.49 -6.42 1.09
CA ASP D 568 13.58 -6.92 0.26
C ASP D 568 13.90 -5.86 -0.79
N HIS D 569 14.91 -5.05 -0.52
CA HIS D 569 15.30 -3.96 -1.42
C HIS D 569 16.55 -4.29 -2.21
N PHE D 570 16.63 -5.54 -2.68
CA PHE D 570 17.77 -6.05 -3.45
C PHE D 570 17.94 -5.25 -4.74
N TYR D 571 19.21 -5.13 -5.18
CA TYR D 571 19.56 -4.15 -6.22
C TYR D 571 19.01 -4.50 -7.59
N ALA D 572 18.72 -5.77 -7.86
CA ALA D 572 18.15 -6.15 -9.14
C ALA D 572 16.66 -5.84 -9.24
N HIS D 573 16.06 -5.32 -8.19
CA HIS D 573 14.64 -4.99 -8.15
C HIS D 573 14.38 -3.52 -7.90
N MET D 574 15.29 -2.82 -7.21
CA MET D 574 15.08 -1.44 -6.80
C MET D 574 16.04 -0.45 -7.44
N ASP D 575 17.10 -0.90 -8.08
CA ASP D 575 18.09 -0.01 -8.68
C ASP D 575 18.06 -0.17 -10.19
N LYS D 576 17.98 0.96 -10.90
CA LYS D 576 17.97 0.93 -12.35
C LYS D 576 19.37 0.82 -12.92
N ILE D 577 20.37 1.36 -12.21
CA ILE D 577 21.74 1.35 -12.70
C ILE D 577 22.38 -0.01 -12.49
N ALA D 578 22.22 -0.56 -11.28
CA ALA D 578 22.86 -1.83 -10.94
C ALA D 578 22.24 -2.99 -11.70
N ALA D 579 20.94 -2.91 -12.00
CA ALA D 579 20.29 -3.98 -12.75
C ALA D 579 20.70 -3.97 -14.21
N ALA D 580 21.13 -2.83 -14.75
CA ALA D 580 21.64 -2.80 -16.11
C ALA D 580 23.03 -3.40 -16.20
N GLU D 581 23.76 -3.47 -15.09
CA GLU D 581 25.09 -4.06 -15.06
C GLU D 581 25.08 -5.46 -14.48
N SER D 582 23.91 -6.01 -14.18
CA SER D 582 23.79 -7.34 -13.60
C SER D 582 23.56 -8.36 -14.72
N ILE D 583 23.25 -9.59 -14.33
CA ILE D 583 23.04 -10.65 -15.32
C ILE D 583 21.66 -10.55 -15.95
N PHE D 584 20.73 -9.82 -15.34
CA PHE D 584 19.36 -9.78 -15.82
C PHE D 584 19.13 -8.73 -16.89
N GLY D 585 19.98 -7.71 -16.98
CA GLY D 585 19.86 -6.68 -17.99
C GLY D 585 19.04 -5.48 -17.58
N GLU D 586 17.97 -5.70 -16.82
CA GLU D 586 17.15 -4.63 -16.28
C GLU D 586 16.52 -5.13 -14.99
N ARG D 587 15.65 -4.31 -14.41
CA ARG D 587 15.02 -4.68 -13.15
C ARG D 587 14.01 -5.79 -13.36
N VAL D 588 14.01 -6.75 -12.44
CA VAL D 588 13.15 -7.91 -12.56
C VAL D 588 12.25 -7.98 -11.33
N VAL D 589 11.12 -8.66 -11.51
CA VAL D 589 10.20 -8.90 -10.40
C VAL D 589 10.86 -9.87 -9.43
N HIS D 590 10.58 -9.69 -8.13
CA HIS D 590 11.00 -10.62 -7.10
C HIS D 590 10.50 -12.03 -7.40
N GLY D 591 11.33 -13.03 -7.08
CA GLY D 591 10.88 -14.39 -7.22
C GLY D 591 9.81 -14.75 -6.22
N TYR D 592 9.91 -14.20 -5.02
CA TYR D 592 8.88 -14.45 -4.01
C TYR D 592 7.58 -13.73 -4.34
N PHE D 593 7.62 -12.67 -5.13
CA PHE D 593 6.36 -12.08 -5.57
C PHE D 593 5.72 -12.87 -6.69
N VAL D 594 6.53 -13.54 -7.53
CA VAL D 594 5.96 -14.52 -8.46
C VAL D 594 5.33 -15.66 -7.68
N LEU D 595 5.99 -16.08 -6.61
CA LEU D 595 5.49 -17.15 -5.76
C LEU D 595 4.20 -16.76 -5.04
N SER D 596 4.08 -15.49 -4.66
CA SER D 596 2.89 -15.01 -3.94
C SER D 596 1.75 -14.67 -4.90
N ALA D 597 2.07 -14.12 -6.07
CA ALA D 597 1.03 -13.82 -7.05
C ALA D 597 0.47 -15.08 -7.66
N ALA D 598 1.27 -16.15 -7.74
CA ALA D 598 0.73 -17.46 -8.11
C ALA D 598 -0.35 -17.90 -7.14
N ALA D 599 -0.06 -17.87 -5.84
CA ALA D 599 -1.04 -18.23 -4.83
C ALA D 599 -2.21 -17.25 -4.82
N GLY D 600 -1.99 -16.01 -5.25
CA GLY D 600 -3.11 -15.12 -5.48
C GLY D 600 -3.97 -15.57 -6.65
N LEU D 601 -3.38 -16.28 -7.61
CA LEU D 601 -4.14 -16.73 -8.76
C LEU D 601 -4.82 -18.09 -8.58
N PHE D 602 -4.33 -19.00 -7.74
CA PHE D 602 -4.98 -20.30 -7.66
C PHE D 602 -5.68 -20.62 -6.34
N VAL D 603 -5.69 -19.73 -5.35
CA VAL D 603 -6.30 -20.07 -4.07
C VAL D 603 -7.76 -19.66 -4.07
N ASP D 604 -8.63 -20.62 -3.74
CA ASP D 604 -10.03 -20.33 -3.51
C ASP D 604 -10.18 -19.59 -2.18
N ALA D 605 -10.92 -18.48 -2.21
CA ALA D 605 -11.09 -17.69 -1.00
C ALA D 605 -12.07 -18.32 -0.02
N GLY D 606 -13.00 -19.13 -0.51
CA GLY D 606 -14.06 -19.64 0.33
C GLY D 606 -13.61 -20.73 1.28
N VAL D 607 -14.49 -21.02 2.25
CA VAL D 607 -14.24 -22.10 3.19
C VAL D 607 -14.44 -23.43 2.48
N GLY D 608 -13.44 -24.30 2.55
CA GLY D 608 -13.51 -25.57 1.88
C GLY D 608 -12.69 -26.66 2.53
N PRO D 609 -12.39 -27.71 1.76
CA PRO D 609 -11.58 -28.81 2.30
C PRO D 609 -10.14 -28.45 2.55
N VAL D 610 -9.62 -27.40 1.91
CA VAL D 610 -8.22 -27.03 2.08
C VAL D 610 -8.02 -26.41 3.46
N ILE D 611 -7.12 -27.01 4.24
CA ILE D 611 -6.96 -26.63 5.63
C ILE D 611 -5.75 -25.71 5.79
N ALA D 612 -4.58 -26.18 5.38
CA ALA D 612 -3.34 -25.51 5.70
C ALA D 612 -2.45 -25.44 4.46
N ASN D 613 -1.30 -24.79 4.63
CA ASN D 613 -0.31 -24.60 3.58
C ASN D 613 0.84 -25.58 3.68
N TYR D 614 1.33 -25.86 4.89
CA TYR D 614 2.10 -27.05 5.26
C TYR D 614 3.51 -27.07 4.69
N GLY D 615 3.85 -26.14 3.80
CA GLY D 615 5.17 -26.15 3.21
C GLY D 615 5.16 -26.23 1.70
N LEU D 616 6.29 -25.86 1.11
CA LEU D 616 6.50 -25.90 -0.33
C LEU D 616 7.60 -26.92 -0.62
N GLU D 617 7.52 -27.57 -1.77
CA GLU D 617 8.39 -28.73 -1.96
C GLU D 617 9.71 -28.40 -2.63
N SER D 618 9.69 -27.90 -3.87
CA SER D 618 10.95 -27.75 -4.61
C SER D 618 10.79 -26.62 -5.63
N LEU D 619 11.23 -25.43 -5.26
CA LEU D 619 11.12 -24.26 -6.11
C LEU D 619 12.40 -24.05 -6.92
N ARG D 620 12.22 -23.73 -8.20
CA ARG D 620 13.31 -23.32 -9.06
C ARG D 620 12.83 -22.16 -9.91
N PHE D 621 13.63 -21.12 -10.02
CA PHE D 621 13.34 -19.99 -10.90
C PHE D 621 14.15 -20.16 -12.16
N ILE D 622 13.47 -20.26 -13.30
CA ILE D 622 14.10 -20.65 -14.55
C ILE D 622 14.42 -19.43 -15.41
N GLU D 623 13.46 -18.54 -15.60
CA GLU D 623 13.66 -17.32 -16.35
C GLU D 623 13.17 -16.13 -15.53
N PRO D 624 13.81 -14.98 -15.65
CA PRO D 624 13.39 -13.81 -14.87
C PRO D 624 12.08 -13.23 -15.37
N VAL D 625 11.31 -12.68 -14.44
CA VAL D 625 10.05 -12.02 -14.74
C VAL D 625 10.28 -10.52 -14.66
N LYS D 626 9.89 -9.81 -15.70
CA LYS D 626 10.16 -8.40 -15.88
C LYS D 626 8.87 -7.59 -15.77
N PRO D 627 8.95 -6.26 -15.74
CA PRO D 627 7.75 -5.45 -15.97
C PRO D 627 7.28 -5.58 -17.40
N GLY D 628 5.96 -5.49 -17.57
CA GLY D 628 5.36 -5.69 -18.87
C GLY D 628 5.47 -7.13 -19.30
N ASP D 629 5.01 -8.02 -18.43
CA ASP D 629 5.23 -9.46 -18.60
C ASP D 629 4.14 -10.15 -17.79
N THR D 630 3.15 -10.71 -18.46
CA THR D 630 2.04 -11.35 -17.78
C THR D 630 2.47 -12.66 -17.14
N ILE D 631 1.67 -13.14 -16.20
CA ILE D 631 1.96 -14.32 -15.41
C ILE D 631 0.70 -15.16 -15.31
N GLN D 632 0.74 -16.37 -15.85
CA GLN D 632 -0.37 -17.30 -15.77
C GLN D 632 0.11 -18.57 -15.12
N VAL D 633 -0.74 -19.16 -14.30
CA VAL D 633 -0.37 -20.22 -13.38
C VAL D 633 -1.20 -21.46 -13.69
N ARG D 634 -0.57 -22.63 -13.68
CA ARG D 634 -1.24 -23.90 -13.97
C ARG D 634 -1.14 -24.80 -12.73
N LEU D 635 -2.12 -24.68 -11.84
CA LEU D 635 -2.23 -25.54 -10.68
C LEU D 635 -2.79 -26.90 -11.09
N THR D 636 -2.12 -27.98 -10.68
CA THR D 636 -2.63 -29.31 -10.98
C THR D 636 -2.22 -30.30 -9.91
N CYS D 637 -3.14 -31.22 -9.58
CA CYS D 637 -2.94 -32.16 -8.48
C CYS D 637 -1.93 -33.22 -8.86
N LYS D 638 -1.16 -33.64 -7.88
CA LYS D 638 0.00 -34.48 -8.20
C LYS D 638 0.10 -35.74 -7.37
N ARG D 639 -0.24 -35.70 -6.07
CA ARG D 639 0.02 -36.80 -5.16
C ARG D 639 -0.83 -36.59 -3.91
N LYS D 640 -1.39 -37.66 -3.36
CA LYS D 640 -2.44 -37.52 -2.35
C LYS D 640 -2.02 -37.97 -0.95
N THR D 641 -1.69 -39.26 -0.75
CA THR D 641 -1.02 -39.80 0.45
C THR D 641 -1.67 -39.39 1.78
N LEU D 642 -2.86 -39.95 2.04
CA LEU D 642 -3.66 -39.58 3.21
C LEU D 642 -2.96 -39.86 4.53
N LYS D 643 -3.20 -38.97 5.51
CA LYS D 643 -2.76 -39.17 6.87
C LYS D 643 -3.76 -40.06 7.60
N LYS D 644 -3.44 -40.42 8.85
CA LYS D 644 -4.12 -41.55 9.49
C LYS D 644 -4.87 -41.21 10.77
N GLN D 645 -5.04 -39.91 11.10
CA GLN D 645 -5.96 -39.43 12.14
C GLN D 645 -5.60 -40.01 13.51
N ARG D 646 -4.47 -39.51 14.04
CA ARG D 646 -3.85 -40.05 15.24
C ARG D 646 -4.74 -40.03 16.49
N SER D 647 -5.78 -39.20 16.52
CA SER D 647 -6.65 -39.14 17.68
C SER D 647 -8.11 -39.33 17.26
N ALA D 648 -9.03 -39.14 18.19
CA ALA D 648 -10.46 -39.16 17.87
C ALA D 648 -11.04 -37.76 17.71
N GLU D 649 -10.38 -36.75 18.27
CA GLU D 649 -10.84 -35.37 18.13
C GLU D 649 -10.34 -34.75 16.83
N GLU D 650 -9.20 -35.22 16.31
CA GLU D 650 -8.60 -34.63 15.13
C GLU D 650 -9.41 -34.96 13.89
N LYS D 651 -9.46 -34.01 12.96
CA LYS D 651 -10.24 -34.17 11.75
C LYS D 651 -9.51 -35.09 10.77
N PRO D 652 -10.25 -35.89 10.00
CA PRO D 652 -9.59 -36.69 8.95
C PRO D 652 -9.10 -35.81 7.82
N THR D 653 -7.86 -36.03 7.40
CA THR D 653 -7.21 -35.15 6.46
C THR D 653 -6.17 -35.92 5.65
N GLY D 654 -5.82 -35.38 4.50
CA GLY D 654 -4.80 -35.97 3.65
C GLY D 654 -3.99 -34.88 3.00
N VAL D 655 -2.71 -35.14 2.81
CA VAL D 655 -1.75 -34.10 2.44
C VAL D 655 -1.53 -34.14 0.93
N VAL D 656 -2.39 -33.42 0.22
CA VAL D 656 -2.35 -33.38 -1.23
C VAL D 656 -1.21 -32.51 -1.70
N GLU D 657 -0.41 -33.02 -2.62
CA GLU D 657 0.64 -32.26 -3.25
C GLU D 657 0.16 -31.78 -4.62
N TRP D 658 0.32 -30.49 -4.88
CA TRP D 658 0.02 -29.87 -6.16
C TRP D 658 1.31 -29.49 -6.88
N ALA D 659 1.24 -29.40 -8.20
CA ALA D 659 2.39 -29.05 -9.03
C ALA D 659 2.07 -27.75 -9.74
N VAL D 660 2.64 -26.65 -9.25
CA VAL D 660 2.37 -25.33 -9.79
C VAL D 660 3.32 -25.07 -10.95
N GLU D 661 2.77 -24.66 -12.09
CA GLU D 661 3.54 -24.39 -13.30
C GLU D 661 3.21 -22.95 -13.72
N VAL D 662 3.95 -22.00 -13.17
CA VAL D 662 3.80 -20.61 -13.58
C VAL D 662 4.45 -20.45 -14.96
N PHE D 663 3.88 -19.57 -15.79
CA PHE D 663 4.48 -19.22 -17.07
C PHE D 663 4.03 -17.83 -17.47
N ASN D 664 4.58 -17.35 -18.58
CA ASN D 664 4.34 -15.99 -19.08
C ASN D 664 3.67 -16.05 -20.45
N GLN D 665 3.60 -14.89 -21.12
CA GLN D 665 2.87 -14.78 -22.38
C GLN D 665 3.50 -15.57 -23.52
N HIS D 666 4.78 -15.90 -23.44
CA HIS D 666 5.41 -16.74 -24.43
C HIS D 666 5.32 -18.22 -24.05
N GLN D 667 4.59 -18.53 -22.98
CA GLN D 667 4.47 -19.88 -22.40
C GLN D 667 5.82 -20.49 -22.07
N THR D 668 6.80 -19.66 -21.69
CA THR D 668 7.92 -20.38 -21.13
C THR D 668 7.79 -20.46 -19.61
N PRO D 669 8.10 -21.60 -19.02
CA PRO D 669 7.80 -21.79 -17.59
C PRO D 669 8.73 -21.03 -16.66
N VAL D 670 8.43 -19.77 -16.36
CA VAL D 670 9.09 -19.12 -15.24
C VAL D 670 8.58 -19.75 -13.95
N ALA D 671 9.49 -20.19 -13.09
CA ALA D 671 9.22 -20.56 -11.70
C ALA D 671 8.20 -21.70 -11.57
N LEU D 672 8.60 -22.89 -12.00
CA LEU D 672 7.77 -24.07 -11.74
C LEU D 672 8.21 -24.73 -10.45
N TYR D 673 7.24 -25.19 -9.67
CA TYR D 673 7.49 -25.70 -8.33
C TYR D 673 6.35 -26.62 -7.92
N SER D 674 6.28 -26.93 -6.63
CA SER D 674 5.31 -27.87 -6.12
C SER D 674 4.98 -27.51 -4.68
N ILE D 675 3.69 -27.45 -4.35
CA ILE D 675 3.24 -27.15 -3.00
C ILE D 675 2.63 -28.40 -2.39
N LEU D 676 2.93 -28.63 -1.12
CA LEU D 676 2.15 -29.52 -0.30
C LEU D 676 0.97 -28.75 0.26
N THR D 677 -0.10 -29.46 0.60
CA THR D 677 -1.29 -28.82 1.15
C THR D 677 -2.08 -29.86 1.92
N LEU D 678 -2.48 -29.51 3.13
CA LEU D 678 -3.26 -30.39 3.99
C LEU D 678 -4.73 -30.21 3.65
N VAL D 679 -5.36 -31.25 3.12
CA VAL D 679 -6.71 -31.18 2.58
C VAL D 679 -7.59 -32.13 3.38
N ALA D 680 -8.76 -31.64 3.82
CA ALA D 680 -9.64 -32.42 4.68
C ALA D 680 -10.30 -33.56 3.93
N ARG D 681 -10.33 -34.73 4.56
CA ARG D 681 -11.03 -35.88 4.01
C ARG D 681 -12.52 -35.80 4.36
N GLN D 682 -13.33 -36.49 3.55
CA GLN D 682 -14.75 -36.60 3.82
C GLN D 682 -15.05 -37.77 4.75
N HIS D 683 -14.34 -38.88 4.58
CA HIS D 683 -14.55 -40.09 5.37
C HIS D 683 -13.25 -40.48 6.06
N GLY D 684 -13.32 -40.67 7.38
CA GLY D 684 -12.19 -41.12 8.16
C GLY D 684 -12.40 -42.52 8.70
N ASP D 685 -11.69 -42.82 9.80
CA ASP D 685 -11.86 -44.09 10.49
C ASP D 685 -11.94 -43.99 12.00
N PHE D 686 -11.41 -42.94 12.63
CA PHE D 686 -11.46 -42.79 14.08
C PHE D 686 -12.32 -41.59 14.48
N GLN E 9 46.29 71.54 -9.24
CA GLN E 9 44.93 71.17 -9.62
C GLN E 9 44.11 70.83 -8.38
N GLN E 10 42.88 71.33 -8.34
CA GLN E 10 42.06 71.21 -7.14
C GLN E 10 41.37 69.85 -7.06
N LEU E 11 41.49 69.21 -5.90
CA LEU E 11 40.84 67.94 -5.63
C LEU E 11 39.62 68.23 -4.76
N ALA E 12 38.43 68.05 -5.30
CA ALA E 12 37.22 68.56 -4.68
C ALA E 12 36.62 67.55 -3.70
N SER E 13 36.35 68.03 -2.48
CA SER E 13 35.63 67.23 -1.49
C SER E 13 34.15 67.19 -1.85
N PHE E 14 33.38 66.45 -1.06
CA PHE E 14 31.93 66.33 -1.27
C PHE E 14 31.27 66.43 0.10
N LEU E 15 30.90 67.64 0.49
CA LEU E 15 30.29 67.90 1.78
C LEU E 15 28.98 68.65 1.60
N SER E 16 27.98 68.25 2.39
CA SER E 16 26.65 68.87 2.44
C SER E 16 25.96 68.85 1.07
N GLY E 17 26.19 67.77 0.32
CA GLY E 17 25.51 67.55 -0.93
C GLY E 17 26.19 68.15 -2.16
N THR E 18 27.10 69.11 -1.96
CA THR E 18 27.71 69.82 -3.08
C THR E 18 29.22 69.60 -3.07
N TRP E 19 29.80 69.52 -4.27
CA TRP E 19 31.24 69.37 -4.41
C TRP E 19 31.94 70.66 -4.02
N GLN E 20 32.72 70.62 -2.96
CA GLN E 20 33.38 71.79 -2.41
C GLN E 20 34.89 71.55 -2.37
N SER E 21 35.63 72.59 -1.99
CA SER E 21 37.07 72.47 -1.87
C SER E 21 37.56 73.38 -0.77
N GLY E 22 38.77 73.11 -0.28
CA GLY E 22 39.30 73.82 0.86
C GLY E 22 40.13 75.03 0.49
N ARG E 23 40.37 75.87 1.50
CA ARG E 23 41.16 77.08 1.35
C ARG E 23 42.12 77.18 2.53
N GLY E 24 43.41 77.07 2.27
CA GLY E 24 44.40 77.24 3.31
C GLY E 24 45.64 76.41 3.02
N ARG E 25 46.29 75.97 4.09
CA ARG E 25 47.46 75.13 3.98
C ARG E 25 47.10 73.77 3.41
N SER E 26 47.97 73.22 2.57
CA SER E 26 47.63 72.09 1.73
C SER E 26 48.74 71.05 1.73
N ARG E 27 48.34 69.84 1.34
CA ARG E 27 49.25 68.78 0.96
C ARG E 27 48.96 68.41 -0.49
N LEU E 28 49.88 67.69 -1.12
CA LEU E 28 49.79 67.46 -2.54
C LEU E 28 50.14 66.02 -2.89
N ILE E 29 49.58 65.55 -4.00
CA ILE E 29 49.64 64.15 -4.40
C ILE E 29 50.73 64.01 -5.46
N HIS E 30 51.88 63.49 -5.06
CA HIS E 30 52.94 63.19 -6.01
C HIS E 30 52.54 62.02 -6.89
N HIS E 31 52.84 62.12 -8.17
CA HIS E 31 52.68 60.97 -9.06
C HIS E 31 53.74 59.94 -8.73
N ALA E 32 53.36 58.67 -8.76
CA ALA E 32 54.23 57.63 -8.23
C ALA E 32 55.38 57.29 -9.18
N ILE E 33 55.09 57.19 -10.47
CA ILE E 33 56.11 56.70 -11.41
C ILE E 33 56.96 57.85 -11.95
N SER E 34 56.50 59.09 -11.83
CA SER E 34 57.22 60.24 -12.37
C SER E 34 57.72 61.18 -11.28
N GLY E 35 56.83 61.68 -10.41
CA GLY E 35 57.29 62.44 -9.26
C GLY E 35 56.66 63.79 -9.06
N GLU E 36 55.98 64.32 -10.07
CA GLU E 36 55.37 65.65 -9.94
C GLU E 36 54.01 65.54 -9.27
N ALA E 37 53.48 66.71 -8.91
CA ALA E 37 52.16 66.81 -8.28
C ALA E 37 51.13 67.11 -9.34
N LEU E 38 50.20 66.17 -9.56
CA LEU E 38 49.10 66.39 -10.48
C LEU E 38 47.75 66.47 -9.78
N TRP E 39 47.73 66.44 -8.45
CA TRP E 39 46.63 66.92 -7.65
C TRP E 39 47.20 67.56 -6.39
N GLU E 40 46.31 68.18 -5.61
CA GLU E 40 46.68 68.66 -4.29
C GLU E 40 45.43 68.65 -3.41
N VAL E 41 45.59 68.26 -2.15
CA VAL E 41 44.46 68.09 -1.26
C VAL E 41 44.32 69.32 -0.39
N THR E 42 43.07 69.63 -0.04
CA THR E 42 42.76 70.71 0.90
C THR E 42 41.34 70.49 1.43
N SER E 43 41.18 70.75 2.72
CA SER E 43 39.85 70.70 3.33
C SER E 43 39.66 71.80 4.37
N GLU E 44 40.55 72.79 4.43
CA GLU E 44 40.43 73.85 5.43
C GLU E 44 39.31 74.82 5.06
N GLY E 45 38.64 75.32 6.09
CA GLY E 45 37.54 76.25 5.90
C GLY E 45 36.21 75.60 5.61
N LEU E 46 36.18 74.32 5.25
CA LEU E 46 34.93 73.63 5.02
C LEU E 46 34.28 73.28 6.36
N ASP E 47 32.96 73.49 6.43
CA ASP E 47 32.24 73.26 7.67
C ASP E 47 31.95 71.76 7.80
N MET E 48 32.47 71.16 8.86
CA MET E 48 32.24 69.74 9.11
C MET E 48 30.95 69.49 9.88
N ALA E 49 30.59 70.43 10.76
CA ALA E 49 29.32 70.34 11.48
C ALA E 49 28.14 70.39 10.52
N ALA E 50 28.24 71.24 9.49
CA ALA E 50 27.18 71.32 8.49
C ALA E 50 27.11 70.06 7.64
N ALA E 51 28.25 69.43 7.37
CA ALA E 51 28.26 68.19 6.60
C ALA E 51 27.64 67.04 7.39
N ARG E 52 27.99 66.91 8.68
CA ARG E 52 27.37 65.90 9.52
C ARG E 52 25.88 66.18 9.73
N GLN E 53 25.52 67.46 9.85
CA GLN E 53 24.13 67.87 9.97
C GLN E 53 23.32 67.48 8.74
N PHE E 54 23.86 67.75 7.55
CA PHE E 54 23.18 67.40 6.31
C PHE E 54 23.06 65.90 6.14
N ALA E 55 24.13 65.17 6.48
CA ALA E 55 24.10 63.71 6.35
C ALA E 55 23.06 63.08 7.28
N ILE E 56 23.04 63.49 8.54
CA ILE E 56 22.12 62.90 9.52
C ILE E 56 20.68 63.29 9.22
N GLU E 57 20.41 64.57 9.00
CA GLU E 57 19.03 64.97 8.78
C GLU E 57 18.59 64.92 7.32
N LYS E 58 19.40 64.38 6.41
CA LYS E 58 18.94 64.17 5.04
C LYS E 58 19.05 62.71 4.62
N GLY E 59 20.22 62.09 4.70
CA GLY E 59 20.42 60.80 4.07
C GLY E 59 20.19 59.65 5.01
N ALA E 60 20.24 59.92 6.31
CA ALA E 60 19.95 58.86 7.28
C ALA E 60 18.48 58.44 7.29
N PRO E 61 17.47 59.34 7.29
CA PRO E 61 16.10 58.84 7.12
C PRO E 61 15.81 58.35 5.72
N ALA E 62 16.59 58.78 4.72
CA ALA E 62 16.42 58.24 3.38
C ALA E 62 16.90 56.80 3.28
N LEU E 63 17.95 56.46 4.02
CA LEU E 63 18.39 55.07 4.09
C LEU E 63 17.49 54.24 5.00
N ARG E 64 17.11 54.80 6.15
CA ARG E 64 16.33 54.04 7.11
C ARG E 64 14.88 53.86 6.68
N ALA E 65 14.40 54.63 5.70
CA ALA E 65 13.08 54.35 5.15
C ALA E 65 13.10 53.13 4.24
N MET E 66 14.25 52.77 3.70
CA MET E 66 14.35 51.58 2.88
C MET E 66 14.28 50.33 3.75
N THR E 67 13.89 49.23 3.12
CA THR E 67 14.04 47.94 3.75
C THR E 67 15.45 47.44 3.50
N PHE E 68 15.79 46.28 4.08
CA PHE E 68 17.13 45.73 3.83
C PHE E 68 17.24 45.17 2.43
N ILE E 69 16.13 44.70 1.86
CA ILE E 69 16.13 44.19 0.49
C ILE E 69 16.35 45.32 -0.50
N GLU E 70 15.75 46.48 -0.25
CA GLU E 70 15.98 47.65 -1.09
C GLU E 70 17.39 48.18 -0.95
N ARG E 71 17.98 48.08 0.24
CA ARG E 71 19.35 48.53 0.41
C ARG E 71 20.34 47.59 -0.26
N ALA E 72 20.08 46.29 -0.22
CA ALA E 72 20.92 45.35 -0.98
C ALA E 72 20.74 45.52 -2.48
N ALA E 73 19.54 45.86 -2.94
CA ALA E 73 19.33 46.14 -4.36
C ALA E 73 20.05 47.42 -4.77
N MET E 74 20.09 48.41 -3.89
CA MET E 74 20.86 49.63 -4.15
C MET E 74 22.34 49.34 -4.22
N LEU E 75 22.84 48.45 -3.35
CA LEU E 75 24.24 48.06 -3.40
C LEU E 75 24.57 47.32 -4.70
N LYS E 76 23.67 46.45 -5.16
CA LYS E 76 23.88 45.75 -6.42
C LYS E 76 23.84 46.72 -7.61
N ALA E 77 22.96 47.73 -7.55
CA ALA E 77 22.89 48.71 -8.63
C ALA E 77 24.17 49.55 -8.70
N VAL E 78 24.67 50.00 -7.56
CA VAL E 78 25.93 50.74 -7.52
C VAL E 78 27.09 49.83 -7.94
N ALA E 79 27.02 48.53 -7.62
CA ALA E 79 28.06 47.59 -8.02
C ALA E 79 28.12 47.42 -9.53
N LYS E 80 26.96 47.28 -10.19
CA LYS E 80 26.96 47.15 -11.64
C LYS E 80 27.33 48.45 -12.32
N HIS E 81 26.89 49.59 -11.78
CA HIS E 81 27.24 50.88 -12.36
C HIS E 81 28.72 51.21 -12.21
N LEU E 82 29.36 50.70 -11.16
CA LEU E 82 30.79 50.91 -10.98
C LEU E 82 31.60 49.87 -11.73
N LEU E 83 31.05 48.68 -11.96
CA LEU E 83 31.72 47.68 -12.77
C LEU E 83 31.70 48.04 -14.25
N SER E 84 30.66 48.76 -14.69
CA SER E 84 30.56 49.12 -16.10
C SER E 84 31.61 50.14 -16.50
N GLU E 85 31.75 51.21 -15.72
CA GLU E 85 32.71 52.28 -16.03
C GLU E 85 34.01 52.14 -15.24
N LYS E 86 34.46 50.89 -15.06
CA LYS E 86 35.69 50.59 -14.33
C LYS E 86 36.95 51.02 -15.06
N GLU E 87 36.88 51.41 -16.33
CA GLU E 87 38.08 51.62 -17.12
C GLU E 87 38.79 52.92 -16.78
N ARG E 88 38.05 53.94 -16.33
CA ARG E 88 38.71 55.15 -15.85
C ARG E 88 39.39 54.91 -14.51
N PHE E 89 38.92 53.90 -13.76
CA PHE E 89 39.49 53.62 -12.45
C PHE E 89 40.87 53.01 -12.56
N TYR E 90 41.14 52.24 -13.64
CA TYR E 90 42.48 51.72 -13.84
C TYR E 90 43.46 52.83 -14.22
N ALA E 91 42.99 53.82 -14.99
CA ALA E 91 43.85 54.94 -15.32
C ALA E 91 44.11 55.82 -14.10
N LEU E 92 43.12 55.97 -13.23
CA LEU E 92 43.34 56.69 -11.98
C LEU E 92 44.20 55.90 -11.00
N SER E 93 44.18 54.56 -11.08
CA SER E 93 44.95 53.73 -10.17
C SER E 93 46.37 53.49 -10.63
N ALA E 94 46.65 53.65 -11.93
CA ALA E 94 48.02 53.57 -12.43
C ALA E 94 48.88 54.74 -11.97
N GLN E 95 48.28 55.80 -11.43
CA GLN E 95 49.00 56.90 -10.81
C GLN E 95 49.56 56.53 -9.45
N THR E 96 49.17 55.39 -8.90
CA THR E 96 49.66 54.92 -7.61
C THR E 96 50.84 53.97 -7.74
N GLY E 97 51.40 53.82 -8.94
CA GLY E 97 52.50 52.91 -9.14
C GLY E 97 52.14 51.45 -9.15
N ALA E 98 50.86 51.12 -9.23
CA ALA E 98 50.41 49.74 -9.20
C ALA E 98 50.36 49.17 -10.60
N THR E 99 50.55 47.85 -10.71
CA THR E 99 50.53 47.17 -11.99
C THR E 99 49.09 46.94 -12.44
N ARG E 100 48.93 46.24 -13.55
CA ARG E 100 47.59 45.92 -14.02
C ARG E 100 46.94 44.86 -13.15
N ALA E 101 47.71 43.87 -12.70
CA ALA E 101 47.17 42.84 -11.82
C ALA E 101 46.86 43.39 -10.44
N ASP E 102 47.71 44.28 -9.92
CA ASP E 102 47.48 44.88 -8.60
C ASP E 102 46.26 45.79 -8.61
N SER E 103 46.15 46.64 -9.63
CA SER E 103 44.96 47.47 -9.76
C SER E 103 43.72 46.65 -10.07
N TRP E 104 43.87 45.51 -10.73
CA TRP E 104 42.75 44.61 -10.95
C TRP E 104 42.25 44.05 -9.63
N VAL E 105 43.18 43.61 -8.77
CA VAL E 105 42.84 43.14 -7.43
C VAL E 105 42.12 44.23 -6.65
N ASP E 106 42.64 45.45 -6.69
CA ASP E 106 42.06 46.58 -5.96
C ASP E 106 40.63 46.89 -6.44
N ILE E 107 40.47 47.18 -7.74
CA ILE E 107 39.17 47.61 -8.27
C ILE E 107 38.16 46.49 -8.21
N GLU E 108 38.52 45.30 -8.69
CA GLU E 108 37.54 44.22 -8.73
C GLU E 108 37.27 43.62 -7.37
N GLY E 109 38.21 43.72 -6.42
CA GLY E 109 37.90 43.34 -5.06
C GLY E 109 36.95 44.31 -4.40
N GLY E 110 37.17 45.61 -4.62
CA GLY E 110 36.27 46.60 -4.06
C GLY E 110 34.88 46.57 -4.64
N ILE E 111 34.74 46.11 -5.89
CA ILE E 111 33.40 46.00 -6.47
C ILE E 111 32.78 44.61 -6.20
N GLY E 112 33.57 43.55 -6.13
CA GLY E 112 33.06 42.26 -5.72
C GLY E 112 32.66 42.20 -4.26
N THR E 113 33.22 43.07 -3.43
CA THR E 113 32.70 43.25 -2.07
C THR E 113 31.27 43.78 -2.10
N LEU E 114 31.00 44.75 -2.99
CA LEU E 114 29.63 45.26 -3.17
C LEU E 114 28.69 44.18 -3.68
N PHE E 115 29.14 43.39 -4.66
CA PHE E 115 28.30 42.29 -5.15
C PHE E 115 28.04 41.23 -4.08
N THR E 116 29.05 40.94 -3.25
CA THR E 116 28.91 39.93 -2.22
C THR E 116 27.97 40.40 -1.11
N TYR E 117 28.10 41.66 -0.69
CA TYR E 117 27.16 42.18 0.30
C TYR E 117 25.77 42.35 -0.25
N ALA E 118 25.62 42.63 -1.55
CA ALA E 118 24.29 42.65 -2.14
C ALA E 118 23.66 41.27 -2.16
N SER E 119 24.46 40.23 -2.43
CA SER E 119 23.94 38.86 -2.40
C SER E 119 23.57 38.42 -0.99
N LEU E 120 24.42 38.72 0.00
CA LEU E 120 24.13 38.33 1.38
C LEU E 120 22.96 39.12 1.97
N GLY E 121 22.83 40.40 1.60
CA GLY E 121 21.70 41.17 2.07
C GLY E 121 20.41 40.81 1.35
N SER E 122 20.51 40.32 0.12
CA SER E 122 19.30 39.84 -0.55
C SER E 122 18.86 38.51 0.01
N ARG E 123 19.79 37.65 0.40
CA ARG E 123 19.44 36.30 0.79
C ARG E 123 19.21 36.10 2.28
N GLU E 124 19.80 36.93 3.15
CA GLU E 124 19.75 36.65 4.58
C GLU E 124 19.23 37.81 5.43
N LEU E 125 18.72 38.87 4.80
CA LEU E 125 18.19 40.03 5.52
C LEU E 125 16.71 40.19 5.22
N PRO E 126 15.90 40.63 6.18
CA PRO E 126 14.45 40.61 6.00
C PRO E 126 13.97 41.78 5.14
N ASP E 127 12.73 41.66 4.68
CA ASP E 127 12.04 42.77 4.01
C ASP E 127 11.38 43.63 5.08
N ASP E 128 12.23 44.39 5.77
CA ASP E 128 11.80 45.09 6.97
C ASP E 128 12.77 46.22 7.22
N THR E 129 12.33 47.21 8.00
CA THR E 129 13.23 48.24 8.46
C THR E 129 14.13 47.72 9.57
N LEU E 130 13.58 46.88 10.44
CA LEU E 130 14.28 46.29 11.57
C LEU E 130 14.78 44.90 11.21
N TRP E 131 15.63 44.36 12.08
CA TRP E 131 16.12 43.00 11.83
C TRP E 131 16.20 42.20 13.11
N PRO E 132 15.33 41.20 13.26
CA PRO E 132 15.39 40.29 14.41
C PRO E 132 16.40 39.19 14.13
N GLU E 133 17.42 39.06 14.97
CA GLU E 133 18.42 38.05 14.74
C GLU E 133 18.20 36.78 15.54
N ASP E 134 17.40 36.83 16.61
CA ASP E 134 17.09 35.63 17.37
C ASP E 134 15.95 34.86 16.72
N GLU E 135 15.58 33.76 17.37
CA GLU E 135 14.32 33.09 17.10
C GLU E 135 13.24 33.53 18.07
N LEU E 136 13.43 33.22 19.36
CA LEU E 136 12.59 33.63 20.49
C LEU E 136 13.30 33.16 21.75
N ILE E 137 13.24 33.95 22.81
CA ILE E 137 13.77 33.56 24.11
C ILE E 137 12.61 33.52 25.09
N PRO E 138 12.11 32.33 25.40
CA PRO E 138 10.97 32.22 26.32
C PRO E 138 11.41 32.46 27.76
N LEU E 139 10.85 33.52 28.35
CA LEU E 139 11.26 33.96 29.69
C LEU E 139 10.20 33.67 30.74
N SER E 140 9.22 32.84 30.43
CA SER E 140 8.12 32.57 31.35
C SER E 140 7.72 31.11 31.24
N LYS E 141 7.07 30.63 32.30
CA LYS E 141 6.64 29.24 32.34
C LYS E 141 5.41 29.02 31.47
N GLU E 142 4.50 29.99 31.42
CA GLU E 142 3.32 29.87 30.57
C GLU E 142 3.67 30.15 29.12
N GLY E 143 4.16 31.35 28.83
CA GLY E 143 4.43 31.76 27.47
C GLY E 143 3.82 33.10 27.14
N GLY E 144 3.46 33.85 28.17
CA GLY E 144 2.94 35.19 28.00
C GLY E 144 3.98 36.28 28.08
N PHE E 145 5.23 35.93 28.33
CA PHE E 145 6.32 36.89 28.45
C PHE E 145 7.56 36.28 27.83
N ALA E 146 8.12 36.94 26.83
CA ALA E 146 9.29 36.43 26.14
C ALA E 146 10.11 37.60 25.63
N ALA E 147 11.14 37.30 24.85
CA ALA E 147 12.03 38.35 24.35
C ALA E 147 12.74 37.85 23.11
N ARG E 148 13.26 38.81 22.34
CA ARG E 148 14.17 38.53 21.24
C ARG E 148 14.95 39.81 20.95
N HIS E 149 16.11 39.63 20.34
CA HIS E 149 16.98 40.76 20.04
C HIS E 149 16.62 41.37 18.70
N LEU E 150 16.65 42.69 18.63
CA LEU E 150 16.30 43.46 17.45
C LEU E 150 17.49 44.34 17.09
N LEU E 151 18.04 44.14 15.90
CA LEU E 151 19.09 44.99 15.38
C LEU E 151 18.46 46.13 14.59
N THR E 152 18.52 47.33 15.13
CA THR E 152 18.02 48.52 14.46
C THR E 152 19.19 49.38 14.01
N SER E 153 19.05 49.96 12.82
CA SER E 153 20.09 50.81 12.27
C SER E 153 20.20 52.10 13.06
N LYS E 154 21.45 52.49 13.36
CA LYS E 154 21.71 53.70 14.14
C LYS E 154 21.35 54.96 13.35
N SER E 155 21.14 56.04 14.08
CA SER E 155 20.69 57.31 13.50
C SER E 155 21.83 58.32 13.39
N GLY E 156 23.01 57.88 13.02
CA GLY E 156 24.15 58.76 12.88
C GLY E 156 24.88 58.49 11.57
N VAL E 157 26.16 58.88 11.56
CA VAL E 157 27.01 58.68 10.39
C VAL E 157 28.17 57.78 10.75
N ALA E 158 28.79 57.22 9.72
CA ALA E 158 30.00 56.42 9.86
C ALA E 158 31.17 57.22 9.30
N VAL E 159 32.15 57.49 10.15
CA VAL E 159 33.33 58.24 9.75
C VAL E 159 34.42 57.21 9.45
N HIS E 160 34.57 56.88 8.18
CA HIS E 160 35.58 55.91 7.77
C HIS E 160 36.88 56.63 7.43
N ILE E 161 37.96 56.21 8.08
CA ILE E 161 39.28 56.80 7.86
C ILE E 161 40.17 55.71 7.29
N ASN E 162 40.55 55.85 6.03
CA ASN E 162 41.21 54.81 5.27
C ASN E 162 42.71 55.03 5.21
N ALA E 163 43.41 54.02 4.72
CA ALA E 163 44.83 54.08 4.44
C ALA E 163 45.05 54.35 2.96
N PHE E 164 46.30 54.44 2.55
CA PHE E 164 46.62 54.77 1.17
C PHE E 164 46.70 53.55 0.26
N ASN E 165 46.41 52.37 0.77
CA ASN E 165 46.78 51.16 0.05
C ASN E 165 45.71 50.69 -0.91
N PHE E 166 44.46 50.73 -0.49
CA PHE E 166 43.34 50.31 -1.32
C PHE E 166 42.34 51.46 -1.32
N PRO E 167 42.49 52.41 -2.23
CA PRO E 167 41.54 53.52 -2.30
C PRO E 167 40.18 53.09 -2.82
N CYS E 168 40.12 52.01 -3.57
CA CYS E 168 38.86 51.44 -4.03
C CYS E 168 38.35 50.32 -3.15
N TRP E 169 39.21 49.37 -2.80
CA TRP E 169 38.77 48.26 -1.96
C TRP E 169 38.50 48.73 -0.54
N GLY E 170 39.50 49.32 0.11
CA GLY E 170 39.42 49.76 1.49
C GLY E 170 38.39 50.82 1.77
N MET E 171 37.92 51.53 0.75
CA MET E 171 36.79 52.43 0.87
C MET E 171 35.46 51.72 0.75
N LEU E 172 35.37 50.72 -0.13
CA LEU E 172 34.12 50.05 -0.43
C LEU E 172 33.87 48.82 0.44
N GLU E 173 34.88 48.32 1.13
CA GLU E 173 34.64 47.26 2.11
C GLU E 173 34.11 47.80 3.42
N LYS E 174 34.23 49.10 3.66
CA LYS E 174 33.61 49.77 4.79
C LYS E 174 32.26 50.35 4.44
N LEU E 175 32.01 50.62 3.17
CA LEU E 175 30.85 51.35 2.71
C LEU E 175 29.65 50.46 2.44
N ALA E 176 29.86 49.27 1.91
CA ALA E 176 28.77 48.33 1.68
C ALA E 176 28.13 47.82 2.98
N PRO E 177 28.85 47.47 4.06
CA PRO E 177 28.13 47.20 5.32
C PRO E 177 27.49 48.42 5.94
N THR E 178 28.07 49.60 5.71
CA THR E 178 27.52 50.83 6.27
C THR E 178 26.17 51.15 5.64
N TRP E 179 26.11 51.13 4.30
CA TRP E 179 24.85 51.36 3.62
C TRP E 179 23.88 50.22 3.85
N LEU E 180 24.36 48.98 3.89
CA LEU E 180 23.47 47.86 4.17
C LEU E 180 22.98 47.89 5.61
N GLY E 181 23.79 48.44 6.51
CA GLY E 181 23.41 48.66 7.89
C GLY E 181 22.67 49.95 8.15
N GLY E 182 22.22 50.63 7.11
CA GLY E 182 21.30 51.76 7.26
C GLY E 182 21.89 53.06 7.76
N MET E 183 23.18 53.28 7.59
CA MET E 183 23.77 54.54 8.01
C MET E 183 24.43 55.24 6.83
N PRO E 184 24.36 56.56 6.76
CA PRO E 184 25.17 57.29 5.79
C PRO E 184 26.62 57.33 6.24
N ALA E 185 27.51 57.55 5.28
CA ALA E 185 28.93 57.48 5.54
C ALA E 185 29.64 58.75 5.13
N ILE E 186 30.74 59.04 5.81
CA ILE E 186 31.65 60.11 5.44
C ILE E 186 33.04 59.47 5.37
N ILE E 187 33.60 59.40 4.17
CA ILE E 187 34.88 58.75 3.95
C ILE E 187 35.98 59.79 3.99
N LYS E 188 36.98 59.57 4.85
CA LYS E 188 38.22 60.33 4.82
C LYS E 188 39.30 59.44 4.25
N PRO E 189 39.58 59.50 2.97
CA PRO E 189 40.68 58.71 2.41
C PRO E 189 42.02 59.34 2.75
N ALA E 190 43.07 58.54 2.63
CA ALA E 190 44.42 59.04 2.82
C ALA E 190 44.77 60.01 1.69
N THR E 191 45.47 61.08 2.05
CA THR E 191 45.75 62.14 1.09
C THR E 191 46.78 61.76 0.04
N ALA E 192 47.47 60.63 0.19
CA ALA E 192 48.47 60.24 -0.79
C ALA E 192 47.84 59.72 -2.08
N THR E 193 46.59 59.25 -2.03
CA THR E 193 45.98 58.66 -3.22
C THR E 193 44.48 58.94 -3.32
N ALA E 194 44.02 60.10 -2.86
CA ALA E 194 42.59 60.40 -2.79
C ALA E 194 41.94 60.63 -4.15
N GLN E 195 42.70 60.64 -5.25
CA GLN E 195 42.11 60.88 -6.56
C GLN E 195 41.24 59.70 -7.02
N LEU E 196 41.66 58.47 -6.74
CA LEU E 196 40.85 57.31 -7.09
C LEU E 196 39.62 57.21 -6.21
N THR E 197 39.75 57.61 -4.94
CA THR E 197 38.60 57.63 -4.05
C THR E 197 37.58 58.68 -4.49
N GLN E 198 38.04 59.84 -4.97
CA GLN E 198 37.11 60.84 -5.47
C GLN E 198 36.47 60.36 -6.78
N ALA E 199 37.20 59.60 -7.59
CA ALA E 199 36.61 59.01 -8.78
C ALA E 199 35.50 58.03 -8.42
N MET E 200 35.72 57.22 -7.37
CA MET E 200 34.69 56.28 -6.93
C MET E 200 33.47 57.01 -6.38
N VAL E 201 33.69 58.01 -5.54
CA VAL E 201 32.59 58.76 -4.92
C VAL E 201 31.79 59.52 -5.98
N LYS E 202 32.49 60.11 -6.95
CA LYS E 202 31.82 60.82 -8.03
C LYS E 202 31.02 59.87 -8.91
N SER E 203 31.57 58.67 -9.17
CA SER E 203 30.84 57.69 -9.96
C SER E 203 29.62 57.16 -9.21
N ILE E 204 29.67 57.14 -7.88
CA ILE E 204 28.50 56.73 -7.11
C ILE E 204 27.44 57.82 -7.11
N VAL E 205 27.85 59.07 -6.85
CA VAL E 205 26.90 60.18 -6.73
C VAL E 205 26.25 60.49 -8.08
N ASP E 206 27.03 60.49 -9.15
CA ASP E 206 26.46 60.78 -10.47
C ASP E 206 25.88 59.54 -11.11
N SER E 207 24.98 58.86 -10.41
CA SER E 207 24.22 57.74 -10.96
C SER E 207 22.76 57.75 -10.57
N GLY E 208 22.36 58.52 -9.56
CA GLY E 208 20.98 58.52 -9.12
C GLY E 208 20.56 57.28 -8.36
N LEU E 209 21.52 56.53 -7.84
CA LEU E 209 21.25 55.25 -7.19
C LEU E 209 21.19 55.34 -5.67
N VAL E 210 22.09 56.11 -5.05
CA VAL E 210 22.02 56.34 -3.62
C VAL E 210 21.34 57.69 -3.38
N PRO E 211 20.62 57.87 -2.29
CA PRO E 211 20.00 59.17 -2.02
C PRO E 211 21.04 60.22 -1.66
N GLU E 212 20.58 61.47 -1.59
CA GLU E 212 21.47 62.56 -1.23
C GLU E 212 21.79 62.52 0.25
N GLY E 213 23.05 62.81 0.58
CA GLY E 213 23.53 62.73 1.94
C GLY E 213 24.00 61.36 2.37
N ALA E 214 23.80 60.33 1.57
CA ALA E 214 24.17 58.97 1.94
C ALA E 214 25.67 58.71 1.82
N ILE E 215 26.42 59.63 1.23
CA ILE E 215 27.87 59.46 1.07
C ILE E 215 28.49 60.86 1.04
N SER E 216 29.68 60.97 1.60
CA SER E 216 30.42 62.21 1.59
C SER E 216 31.89 61.89 1.38
N LEU E 217 32.73 62.92 1.42
CA LEU E 217 34.14 62.77 1.10
C LEU E 217 34.92 63.97 1.62
N ILE E 218 36.03 63.74 2.32
CA ILE E 218 36.91 64.82 2.76
C ILE E 218 38.33 64.50 2.31
N CYS E 219 38.69 65.00 1.14
CA CYS E 219 40.08 64.97 0.69
C CYS E 219 40.85 66.01 1.49
N GLY E 220 41.79 65.56 2.29
CA GLY E 220 42.48 66.40 3.24
C GLY E 220 42.15 66.00 4.67
N SER E 221 42.63 66.81 5.60
CA SER E 221 42.46 66.53 7.02
C SER E 221 41.03 66.80 7.46
N ALA E 222 40.56 65.98 8.41
CA ALA E 222 39.23 66.18 8.97
C ALA E 222 39.23 67.26 10.04
N GLY E 223 40.01 67.06 11.11
CA GLY E 223 40.23 68.08 12.10
C GLY E 223 39.05 68.35 13.02
N ASP E 224 37.99 68.92 12.46
CA ASP E 224 36.83 69.34 13.25
C ASP E 224 35.70 68.32 13.19
N LEU E 225 35.88 67.21 12.47
CA LEU E 225 34.79 66.25 12.31
C LEU E 225 34.61 65.40 13.56
N LEU E 226 35.71 64.92 14.14
CA LEU E 226 35.63 64.04 15.30
C LEU E 226 35.19 64.77 16.56
N ASP E 227 35.32 66.09 16.58
CA ASP E 227 34.90 66.90 17.72
C ASP E 227 33.40 67.19 17.73
N HIS E 228 32.65 66.68 16.76
CA HIS E 228 31.23 66.99 16.63
C HIS E 228 30.33 65.77 16.67
N LEU E 229 30.88 64.57 16.89
CA LEU E 229 30.13 63.36 16.64
C LEU E 229 29.21 63.01 17.81
N ASP E 230 27.98 62.64 17.48
CA ASP E 230 26.99 62.18 18.44
C ASP E 230 27.30 60.74 18.85
N SER E 231 26.61 60.27 19.89
CA SER E 231 26.79 58.91 20.37
C SER E 231 26.23 57.85 19.44
N GLN E 232 25.41 58.22 18.45
CA GLN E 232 24.93 57.30 17.44
C GLN E 232 25.84 57.20 16.23
N ASP E 233 27.06 57.70 16.33
CA ASP E 233 28.04 57.65 15.26
C ASP E 233 29.02 56.51 15.50
N VAL E 234 29.64 56.07 14.42
CA VAL E 234 30.74 55.12 14.51
C VAL E 234 31.92 55.68 13.72
N VAL E 235 33.12 55.33 14.15
CA VAL E 235 34.35 55.71 13.47
C VAL E 235 35.13 54.44 13.20
N THR E 236 35.48 54.21 11.94
CA THR E 236 36.27 53.05 11.55
C THR E 236 37.60 53.55 11.01
N PHE E 237 38.68 53.16 11.66
CA PHE E 237 40.02 53.61 11.31
C PHE E 237 40.78 52.53 10.59
N THR E 238 41.65 52.94 9.67
CA THR E 238 42.57 52.05 8.98
C THR E 238 43.85 52.80 8.68
N GLY E 239 44.95 52.35 9.28
CA GLY E 239 46.23 53.00 9.09
C GLY E 239 47.30 52.40 9.96
N SER E 240 48.27 53.21 10.36
CA SER E 240 49.26 52.76 11.32
C SER E 240 48.66 52.76 12.72
N ALA E 241 49.34 52.09 13.64
CA ALA E 241 48.86 52.05 15.01
C ALA E 241 49.12 53.36 15.74
N ALA E 242 50.18 54.08 15.35
CA ALA E 242 50.56 55.32 16.03
C ALA E 242 49.51 56.41 15.83
N THR E 243 48.79 56.39 14.72
CA THR E 243 47.73 57.36 14.50
C THR E 243 46.46 56.96 15.24
N GLY E 244 46.07 55.68 15.14
CA GLY E 244 44.83 55.24 15.74
C GLY E 244 44.87 55.20 17.26
N GLN E 245 46.06 55.06 17.84
CA GLN E 245 46.17 55.20 19.28
C GLN E 245 46.09 56.65 19.72
N MET E 246 46.29 57.60 18.80
CA MET E 246 46.01 59.00 19.08
C MET E 246 44.56 59.36 18.85
N LEU E 247 43.89 58.69 17.92
CA LEU E 247 42.49 58.96 17.62
C LEU E 247 41.54 58.19 18.52
N ARG E 248 41.98 57.14 19.19
CA ARG E 248 41.12 56.47 20.15
C ARG E 248 40.93 57.30 21.40
N VAL E 249 41.94 58.06 21.79
CA VAL E 249 41.90 58.85 23.02
C VAL E 249 41.45 60.28 22.71
N GLN E 250 40.83 60.46 21.56
CA GLN E 250 40.23 61.75 21.22
C GLN E 250 39.08 62.01 22.18
N PRO E 251 38.99 63.21 22.78
CA PRO E 251 38.12 63.37 23.96
C PRO E 251 36.63 63.28 23.67
N ASN E 252 36.18 63.63 22.46
CA ASN E 252 34.76 63.43 22.16
C ASN E 252 34.44 61.96 21.96
N ILE E 253 35.40 61.19 21.43
CA ILE E 253 35.18 59.77 21.19
C ILE E 253 35.09 59.01 22.49
N VAL E 254 35.90 59.38 23.49
CA VAL E 254 35.76 58.73 24.78
C VAL E 254 34.61 59.33 25.58
N ALA E 255 34.25 60.59 25.33
CA ALA E 255 33.20 61.23 26.12
C ALA E 255 31.81 60.72 25.73
N LYS E 256 31.49 60.77 24.44
CA LYS E 256 30.21 60.26 23.97
C LYS E 256 30.20 58.75 23.84
N SER E 257 31.35 58.10 23.97
CA SER E 257 31.52 56.64 24.00
C SER E 257 31.00 56.00 22.70
N ILE E 258 31.56 56.46 21.60
CA ILE E 258 31.14 55.99 20.28
C ILE E 258 32.01 54.80 19.90
N PRO E 259 31.53 53.88 19.08
CA PRO E 259 32.36 52.73 18.69
C PRO E 259 33.48 53.16 17.76
N PHE E 260 34.71 52.91 18.19
CA PHE E 260 35.90 53.23 17.41
C PHE E 260 36.57 51.91 17.04
N THR E 261 36.43 51.51 15.78
CA THR E 261 37.00 50.26 15.29
C THR E 261 38.37 50.58 14.68
N MET E 262 39.41 50.48 15.50
CA MET E 262 40.77 50.66 15.01
C MET E 262 41.25 49.38 14.36
N GLU E 263 41.95 49.50 13.25
CA GLU E 263 42.48 48.32 12.58
C GLU E 263 43.77 48.72 11.91
N ALA E 264 44.88 48.18 12.39
CA ALA E 264 46.19 48.79 12.22
C ALA E 264 47.18 47.83 11.57
N ASP E 265 48.46 48.19 11.63
CA ASP E 265 49.52 47.43 11.01
C ASP E 265 49.75 46.09 11.70
N SER E 266 50.48 45.21 11.03
CA SER E 266 50.68 43.86 11.54
C SER E 266 51.94 43.27 10.94
N LEU E 267 52.47 42.25 11.63
CA LEU E 267 53.60 41.46 11.20
C LEU E 267 53.08 40.05 10.91
N ASN E 268 52.65 39.84 9.68
CA ASN E 268 51.96 38.62 9.29
C ASN E 268 52.98 37.51 9.07
N CYS E 269 52.73 36.36 9.68
CA CYS E 269 53.69 35.27 9.60
C CYS E 269 53.34 34.34 8.44
N CYS E 270 54.31 33.48 8.09
CA CYS E 270 54.08 32.40 7.13
C CYS E 270 54.98 31.24 7.56
N VAL E 271 54.40 30.34 8.35
CA VAL E 271 55.18 29.31 9.03
C VAL E 271 55.28 28.08 8.14
N LEU E 272 56.50 27.57 7.97
CA LEU E 272 56.72 26.31 7.27
C LEU E 272 56.84 25.20 8.31
N GLY E 273 56.12 24.11 8.10
CA GLY E 273 56.12 23.02 9.04
C GLY E 273 57.32 22.11 8.90
N GLU E 274 57.47 21.24 9.90
CA GLU E 274 58.62 20.33 9.92
C GLU E 274 58.47 19.22 8.89
N ASP E 275 57.24 18.88 8.51
CA ASP E 275 57.02 17.78 7.58
C ASP E 275 57.36 18.11 6.14
N VAL E 276 57.54 19.38 5.82
CA VAL E 276 57.80 19.79 4.44
C VAL E 276 59.28 19.61 4.15
N THR E 277 59.59 18.82 3.14
CA THR E 277 60.92 18.61 2.59
C THR E 277 61.01 19.23 1.19
N PRO E 278 62.19 19.68 0.75
CA PRO E 278 62.26 20.42 -0.53
C PRO E 278 61.95 19.60 -1.77
N ASP E 279 61.85 18.27 -1.69
CA ASP E 279 61.44 17.48 -2.84
C ASP E 279 59.92 17.42 -3.01
N GLN E 280 59.16 17.98 -2.07
CA GLN E 280 57.71 17.99 -2.12
C GLN E 280 57.21 19.22 -2.85
N PRO E 281 55.99 19.17 -3.41
CA PRO E 281 55.40 20.40 -3.97
C PRO E 281 55.03 21.44 -2.94
N GLU E 282 54.95 21.05 -1.66
CA GLU E 282 54.63 21.96 -0.58
C GLU E 282 55.68 23.06 -0.46
N PHE E 283 56.95 22.69 -0.62
CA PHE E 283 58.05 23.66 -0.59
C PHE E 283 57.92 24.66 -1.74
N ALA E 284 57.56 24.18 -2.93
CA ALA E 284 57.45 25.05 -4.09
C ALA E 284 56.28 26.02 -3.95
N LEU E 285 55.13 25.53 -3.48
CA LEU E 285 54.00 26.45 -3.29
C LEU E 285 54.21 27.37 -2.09
N PHE E 286 55.02 26.96 -1.11
CA PHE E 286 55.42 27.86 -0.03
C PHE E 286 56.24 29.03 -0.57
N ILE E 287 57.27 28.74 -1.37
CA ILE E 287 58.11 29.80 -1.94
C ILE E 287 57.30 30.67 -2.89
N ARG E 288 56.40 30.05 -3.67
CA ARG E 288 55.56 30.80 -4.59
C ARG E 288 54.59 31.72 -3.86
N GLU E 289 54.00 31.24 -2.76
CA GLU E 289 53.07 32.05 -1.97
C GLU E 289 53.78 33.22 -1.31
N VAL E 290 54.97 32.99 -0.74
CA VAL E 290 55.71 34.06 -0.08
C VAL E 290 56.16 35.11 -1.09
N VAL E 291 56.66 34.68 -2.26
CA VAL E 291 57.15 35.64 -3.24
C VAL E 291 56.01 36.42 -3.89
N ARG E 292 54.91 35.73 -4.22
CA ARG E 292 53.76 36.42 -4.81
C ARG E 292 53.12 37.37 -3.81
N GLU E 293 53.08 36.99 -2.54
CA GLU E 293 52.52 37.85 -1.52
C GLU E 293 53.40 39.07 -1.26
N MET E 294 54.71 38.90 -1.32
CA MET E 294 55.59 40.02 -1.05
C MET E 294 55.76 40.93 -2.26
N THR E 295 55.52 40.43 -3.47
CA THR E 295 55.63 41.25 -4.67
C THR E 295 54.29 41.79 -5.16
N THR E 296 53.17 41.37 -4.58
CA THR E 296 51.90 41.98 -4.93
C THR E 296 51.78 43.37 -4.30
N LYS E 297 51.48 44.36 -5.12
CA LYS E 297 51.34 45.79 -4.76
C LYS E 297 52.65 46.35 -4.20
N ALA E 298 53.78 45.72 -4.55
CA ALA E 298 55.12 46.01 -4.02
C ALA E 298 55.14 46.00 -2.50
N GLY E 299 54.44 45.02 -1.91
CA GLY E 299 54.37 44.89 -0.47
C GLY E 299 53.62 45.97 0.25
N GLN E 300 52.70 46.66 -0.43
CA GLN E 300 51.90 47.72 0.15
C GLN E 300 50.49 47.26 0.47
N LYS E 301 50.33 46.04 0.97
CA LYS E 301 49.06 45.65 1.57
C LYS E 301 49.31 45.22 3.01
N CYS E 302 48.24 45.31 3.81
CA CYS E 302 48.29 44.97 5.22
C CYS E 302 48.54 43.48 5.42
N THR E 303 47.97 42.65 4.55
CA THR E 303 48.05 41.20 4.65
C THR E 303 49.22 40.63 3.88
N ALA E 304 50.31 41.38 3.76
CA ALA E 304 51.53 40.89 3.15
C ALA E 304 52.37 40.14 4.17
N ILE E 305 53.02 39.07 3.73
CA ILE E 305 53.85 38.25 4.60
C ILE E 305 55.12 39.01 4.96
N ARG E 306 55.37 39.20 6.25
CA ARG E 306 56.53 39.94 6.70
C ARG E 306 57.39 39.19 7.71
N ARG E 307 57.02 37.96 8.06
CA ARG E 307 57.85 37.11 8.92
C ARG E 307 57.78 35.69 8.36
N ILE E 308 58.90 35.16 7.90
CA ILE E 308 58.93 33.79 7.40
C ILE E 308 59.63 32.92 8.43
N ILE E 309 58.90 31.96 8.97
CA ILE E 309 59.40 31.05 10.01
C ILE E 309 59.57 29.68 9.37
N VAL E 310 60.81 29.21 9.33
CA VAL E 310 61.13 27.94 8.67
C VAL E 310 61.83 27.06 9.70
N PRO E 311 61.84 25.74 9.49
CA PRO E 311 62.66 24.88 10.35
C PRO E 311 64.15 25.16 10.19
N GLN E 312 64.92 24.73 11.20
CA GLN E 312 66.34 25.06 11.27
C GLN E 312 67.13 24.37 10.18
N ALA E 313 66.75 23.14 9.82
CA ALA E 313 67.44 22.40 8.78
C ALA E 313 67.08 22.85 7.37
N LEU E 314 66.15 23.79 7.22
CA LEU E 314 65.68 24.22 5.91
C LEU E 314 65.99 25.68 5.61
N VAL E 315 66.77 26.35 6.45
CA VAL E 315 66.95 27.79 6.36
C VAL E 315 67.70 28.16 5.08
N ASN E 316 68.79 27.45 4.80
CA ASN E 316 69.58 27.74 3.61
C ASN E 316 68.84 27.40 2.33
N ALA E 317 68.05 26.31 2.35
CA ALA E 317 67.28 25.92 1.17
C ALA E 317 66.16 26.92 0.88
N VAL E 318 65.45 27.36 1.93
CA VAL E 318 64.40 28.36 1.76
C VAL E 318 64.99 29.68 1.29
N SER E 319 66.14 30.07 1.84
CA SER E 319 66.75 31.33 1.47
C SER E 319 67.26 31.32 0.04
N ASP E 320 67.88 30.21 -0.38
CA ASP E 320 68.36 30.10 -1.76
C ASP E 320 67.19 30.01 -2.74
N ALA E 321 66.10 29.35 -2.36
CA ALA E 321 64.93 29.29 -3.23
C ALA E 321 64.27 30.66 -3.36
N LEU E 322 64.20 31.42 -2.27
CA LEU E 322 63.62 32.76 -2.32
C LEU E 322 64.49 33.71 -3.13
N VAL E 323 65.82 33.57 -3.04
CA VAL E 323 66.70 34.40 -3.84
C VAL E 323 66.57 34.05 -5.33
N ALA E 324 66.59 32.76 -5.65
CA ALA E 324 66.45 32.34 -7.04
C ALA E 324 65.07 32.62 -7.63
N ARG E 325 64.04 32.75 -6.79
CA ARG E 325 62.71 33.09 -7.27
C ARG E 325 62.49 34.60 -7.36
N LEU E 326 63.14 35.38 -6.49
CA LEU E 326 62.96 36.82 -6.44
C LEU E 326 63.85 37.60 -7.40
N GLN E 327 64.93 37.01 -7.91
CA GLN E 327 65.76 37.70 -8.88
C GLN E 327 65.09 37.80 -10.24
N LYS E 328 64.06 36.99 -10.50
CA LYS E 328 63.26 37.12 -11.70
C LYS E 328 62.21 38.21 -11.61
N VAL E 329 62.03 38.81 -10.43
CA VAL E 329 61.04 39.87 -10.26
C VAL E 329 61.58 41.15 -10.85
N VAL E 330 60.89 41.69 -11.86
CA VAL E 330 61.33 42.89 -12.55
C VAL E 330 60.65 44.09 -11.92
N VAL E 331 61.45 45.02 -11.39
CA VAL E 331 60.96 46.23 -10.76
C VAL E 331 61.10 47.36 -11.76
N GLY E 332 59.99 48.01 -12.08
CA GLY E 332 60.05 49.09 -13.05
C GLY E 332 58.69 49.72 -13.28
N ASP E 333 58.60 50.43 -14.40
CA ASP E 333 57.34 51.06 -14.81
C ASP E 333 56.33 49.98 -15.20
N PRO E 334 55.05 50.15 -14.83
CA PRO E 334 54.05 49.15 -15.21
C PRO E 334 53.68 49.19 -16.69
N ALA E 335 53.73 50.36 -17.33
CA ALA E 335 53.28 50.45 -18.72
C ALA E 335 54.27 49.83 -19.70
N GLN E 336 55.56 49.84 -19.38
CA GLN E 336 56.51 49.08 -20.18
C GLN E 336 56.38 47.60 -19.86
N GLU E 337 56.55 46.77 -20.88
CA GLU E 337 56.23 45.35 -20.76
C GLU E 337 57.35 44.60 -20.05
N GLY E 338 57.00 43.41 -19.57
CA GLY E 338 57.97 42.57 -18.89
C GLY E 338 58.28 42.96 -17.46
N VAL E 339 57.44 43.78 -16.84
CA VAL E 339 57.65 44.27 -15.49
C VAL E 339 56.58 43.66 -14.58
N LYS E 340 57.01 43.04 -13.49
CA LYS E 340 56.11 42.32 -12.58
C LYS E 340 55.77 43.17 -11.35
N MET E 341 56.77 43.62 -10.60
CA MET E 341 56.54 44.49 -9.46
C MET E 341 56.47 45.94 -9.92
N GLY E 342 55.46 46.66 -9.43
CA GLY E 342 55.34 48.09 -9.67
C GLY E 342 56.19 48.90 -8.72
N ALA E 343 55.74 50.12 -8.44
CA ALA E 343 56.47 51.06 -7.61
C ALA E 343 55.69 51.31 -6.32
N LEU E 344 56.28 52.11 -5.44
CA LEU E 344 55.58 52.56 -4.25
C LEU E 344 54.77 53.81 -4.61
N VAL E 345 54.18 54.46 -3.63
CA VAL E 345 53.32 55.62 -3.93
C VAL E 345 54.00 56.96 -3.70
N ASN E 346 55.01 57.02 -2.84
CA ASN E 346 55.61 58.29 -2.47
C ASN E 346 57.10 58.13 -2.22
N ALA E 347 57.84 59.22 -2.38
CA ALA E 347 59.20 59.26 -1.86
C ALA E 347 59.20 59.32 -0.34
N GLU E 348 58.14 59.86 0.26
CA GLU E 348 57.98 59.80 1.71
C GLU E 348 57.82 58.35 2.16
N GLN E 349 56.99 57.58 1.47
CA GLN E 349 56.84 56.17 1.78
C GLN E 349 58.12 55.39 1.49
N ARG E 350 58.87 55.78 0.46
CA ARG E 350 60.14 55.11 0.17
C ARG E 350 61.16 55.34 1.27
N ALA E 351 61.25 56.59 1.75
CA ALA E 351 62.14 56.90 2.87
C ALA E 351 61.68 56.21 4.14
N ASP E 352 60.36 56.05 4.33
CA ASP E 352 59.86 55.35 5.50
C ASP E 352 60.20 53.86 5.45
N VAL E 353 60.07 53.25 4.28
CA VAL E 353 60.45 51.84 4.11
C VAL E 353 61.94 51.64 4.36
N GLN E 354 62.77 52.54 3.83
CA GLN E 354 64.20 52.38 4.01
C GLN E 354 64.63 52.64 5.46
N GLU E 355 63.99 53.58 6.17
CA GLU E 355 64.35 53.75 7.56
C GLU E 355 63.84 52.63 8.45
N LYS E 356 62.70 52.00 8.11
CA LYS E 356 62.32 50.78 8.84
C LYS E 356 63.27 49.63 8.54
N VAL E 357 63.79 49.55 7.32
CA VAL E 357 64.84 48.58 7.00
C VAL E 357 66.08 48.82 7.85
N ASN E 358 66.53 50.07 7.94
CA ASN E 358 67.70 50.38 8.75
C ASN E 358 67.46 50.17 10.25
N ILE E 359 66.21 50.26 10.70
CA ILE E 359 65.90 49.84 12.07
C ILE E 359 66.02 48.33 12.21
N LEU E 360 65.55 47.57 11.22
CA LEU E 360 65.68 46.12 11.26
C LEU E 360 67.13 45.64 11.10
N LEU E 361 67.98 46.44 10.46
CA LEU E 361 69.40 46.12 10.32
C LEU E 361 70.21 46.47 11.55
N ALA E 362 69.63 47.18 12.52
CA ALA E 362 70.34 47.49 13.75
C ALA E 362 70.55 46.26 14.63
N ALA E 363 69.72 45.24 14.47
CA ALA E 363 69.91 43.99 15.20
C ALA E 363 69.56 42.77 14.33
N GLY E 364 69.74 42.87 13.02
CA GLY E 364 69.38 41.83 12.10
C GLY E 364 70.56 41.41 11.23
N CYS E 365 70.25 40.97 10.02
CA CYS E 365 71.25 40.53 9.05
C CYS E 365 70.75 40.88 7.65
N GLU E 366 71.32 40.26 6.63
CA GLU E 366 70.98 40.61 5.25
C GLU E 366 71.11 39.38 4.37
N ILE E 367 70.19 39.23 3.42
CA ILE E 367 70.26 38.20 2.40
C ILE E 367 70.32 38.78 0.99
N ARG E 368 69.50 39.78 0.70
CA ARG E 368 69.40 40.34 -0.63
C ARG E 368 69.68 41.85 -0.59
N LEU E 369 69.35 42.51 -1.69
CA LEU E 369 69.49 43.96 -1.79
C LEU E 369 68.45 44.63 -0.89
N GLY E 370 68.91 45.19 0.22
CA GLY E 370 68.02 45.81 1.20
C GLY E 370 67.99 47.32 1.10
N GLY E 371 68.74 47.98 1.98
CA GLY E 371 68.76 49.43 2.04
C GLY E 371 69.56 50.15 0.97
N GLN E 372 69.82 49.48 -0.14
CA GLN E 372 70.45 50.10 -1.30
C GLN E 372 69.42 50.62 -2.29
N ALA E 373 68.46 51.40 -1.78
CA ALA E 373 67.44 52.00 -2.62
C ALA E 373 67.87 53.39 -3.04
N ASP E 374 67.78 53.67 -4.34
CA ASP E 374 68.20 54.96 -4.87
C ASP E 374 67.16 56.01 -4.50
N LEU E 375 67.45 56.79 -3.47
CA LEU E 375 66.53 57.85 -3.03
C LEU E 375 66.50 59.02 -4.00
N SER E 376 67.50 59.17 -4.87
CA SER E 376 67.56 60.24 -5.84
C SER E 376 66.91 59.86 -7.17
N ALA E 377 65.97 58.94 -7.16
CA ALA E 377 65.28 58.50 -8.37
C ALA E 377 63.98 59.26 -8.55
N ALA E 378 63.56 59.39 -9.81
CA ALA E 378 62.29 60.02 -10.16
C ALA E 378 61.16 59.01 -10.23
N GLY E 379 61.01 58.25 -9.15
CA GLY E 379 60.02 57.20 -9.06
C GLY E 379 60.23 56.39 -7.80
N ALA E 380 59.15 56.10 -7.09
CA ALA E 380 59.25 55.48 -5.76
C ALA E 380 59.46 53.98 -5.91
N PHE E 381 60.69 53.60 -6.23
CA PHE E 381 61.06 52.20 -6.36
C PHE E 381 61.81 51.73 -5.14
N PHE E 382 61.58 50.49 -4.74
CA PHE E 382 62.30 49.90 -3.64
C PHE E 382 62.61 48.47 -4.08
N PRO E 383 63.84 48.00 -3.91
CA PRO E 383 64.17 46.65 -4.37
C PRO E 383 63.59 45.61 -3.43
N PRO E 384 63.21 44.44 -3.95
CA PRO E 384 62.59 43.41 -3.11
C PRO E 384 63.55 42.82 -2.09
N THR E 385 63.29 43.12 -0.82
CA THR E 385 64.24 42.88 0.26
C THR E 385 63.86 41.62 1.04
N LEU E 386 64.83 40.72 1.19
CA LEU E 386 64.72 39.57 2.06
C LEU E 386 65.79 39.69 3.14
N LEU E 387 65.36 39.72 4.40
CA LEU E 387 66.29 39.88 5.51
C LEU E 387 66.52 38.54 6.19
N TYR E 388 67.25 38.57 7.31
CA TYR E 388 67.58 37.35 8.04
C TYR E 388 67.78 37.69 9.50
N CYS E 389 67.37 36.78 10.37
CA CYS E 389 67.47 36.99 11.82
C CYS E 389 67.94 35.69 12.46
N PRO E 390 69.25 35.55 12.70
CA PRO E 390 69.75 34.29 13.29
C PRO E 390 69.39 34.11 14.75
N GLN E 391 69.03 35.17 15.46
CA GLN E 391 68.58 35.11 16.84
C GLN E 391 67.16 35.66 16.89
N PRO E 392 66.15 34.83 16.60
CA PRO E 392 64.79 35.38 16.48
C PRO E 392 64.15 35.74 17.82
N ASP E 393 64.38 34.96 18.86
CA ASP E 393 63.77 35.20 20.16
C ASP E 393 64.54 36.20 21.01
N GLU E 394 65.68 36.70 20.53
CA GLU E 394 66.45 37.69 21.25
C GLU E 394 66.19 39.12 20.79
N THR E 395 65.71 39.30 19.57
CA THR E 395 65.49 40.63 19.02
C THR E 395 64.01 40.95 19.00
N PRO E 396 63.53 41.86 19.85
CA PRO E 396 62.13 42.28 19.78
C PRO E 396 61.83 43.24 18.65
N ALA E 397 62.86 43.79 17.99
CA ALA E 397 62.62 44.72 16.89
C ALA E 397 62.10 44.02 15.66
N VAL E 398 62.39 42.73 15.51
CA VAL E 398 61.83 41.96 14.40
C VAL E 398 60.34 41.75 14.61
N HIS E 399 59.92 41.53 15.87
CA HIS E 399 58.54 41.30 16.21
C HIS E 399 57.79 42.58 16.57
N ALA E 400 58.30 43.74 16.17
CA ALA E 400 57.59 44.99 16.43
C ALA E 400 57.70 46.03 15.33
N THR E 401 58.36 45.73 14.22
CA THR E 401 58.60 46.72 13.17
C THR E 401 58.21 46.13 11.83
N GLU E 402 57.27 46.77 11.15
CA GLU E 402 56.86 46.37 9.82
C GLU E 402 57.39 47.38 8.81
N ALA E 403 58.34 46.93 7.99
CA ALA E 403 58.85 47.74 6.88
C ALA E 403 57.83 47.61 5.76
N PHE E 404 57.03 48.65 5.56
CA PHE E 404 55.81 48.51 4.77
C PHE E 404 56.11 48.65 3.28
N GLY E 405 56.83 47.65 2.79
CA GLY E 405 57.14 47.54 1.38
C GLY E 405 57.44 46.10 1.03
N PRO E 406 58.39 45.88 0.13
CA PRO E 406 58.70 44.50 -0.30
C PRO E 406 59.60 43.74 0.67
N VAL E 407 59.64 44.16 1.93
CA VAL E 407 60.58 43.63 2.91
C VAL E 407 59.91 42.53 3.71
N ALA E 408 60.60 41.41 3.90
CA ALA E 408 60.15 40.38 4.81
C ALA E 408 61.35 39.64 5.37
N THR E 409 61.43 39.57 6.69
CA THR E 409 62.55 38.90 7.34
C THR E 409 62.39 37.39 7.28
N LEU E 410 63.48 36.69 7.58
CA LEU E 410 63.50 35.24 7.65
C LEU E 410 64.19 34.82 8.94
N MET E 411 63.70 33.74 9.54
CA MET E 411 64.21 33.32 10.84
C MET E 411 63.90 31.86 11.09
N PRO E 412 64.79 31.12 11.76
CA PRO E 412 64.59 29.67 11.92
C PRO E 412 63.64 29.33 13.06
N ALA E 413 63.41 28.03 13.24
CA ALA E 413 62.54 27.54 14.29
C ALA E 413 63.07 26.20 14.79
N GLN E 414 62.43 25.68 15.86
CA GLN E 414 62.84 24.45 16.53
C GLN E 414 61.64 23.53 16.74
N ASN E 415 61.28 22.78 15.70
CA ASN E 415 60.44 21.57 15.78
C ASN E 415 59.03 21.86 16.29
N GLN E 416 58.35 22.81 15.62
CA GLN E 416 56.93 23.14 15.79
C GLN E 416 56.54 23.53 17.22
N ARG E 417 57.49 23.95 18.03
CA ARG E 417 57.19 24.60 19.30
C ARG E 417 57.77 26.00 19.37
N HIS E 418 58.97 26.18 18.82
CA HIS E 418 59.50 27.52 18.66
C HIS E 418 58.80 28.25 17.53
N ALA E 419 58.29 27.51 16.54
CA ALA E 419 57.59 28.14 15.42
C ALA E 419 56.25 28.73 15.85
N LEU E 420 55.54 28.03 16.73
CA LEU E 420 54.29 28.55 17.27
C LEU E 420 54.54 29.80 18.11
N GLN E 421 55.60 29.80 18.91
CA GLN E 421 55.91 30.96 19.73
C GLN E 421 56.41 32.13 18.90
N LEU E 422 57.12 31.87 17.80
CA LEU E 422 57.52 32.97 16.93
C LEU E 422 56.35 33.49 16.10
N ALA E 423 55.36 32.65 15.81
CA ALA E 423 54.16 33.14 15.16
C ALA E 423 53.32 33.98 16.13
N CYS E 424 53.25 33.57 17.39
CA CYS E 424 52.48 34.31 18.38
C CYS E 424 53.22 35.52 18.95
N ALA E 425 54.53 35.63 18.71
CA ALA E 425 55.31 36.72 19.26
C ALA E 425 55.17 38.02 18.50
N GLY E 426 54.36 38.07 17.45
CA GLY E 426 54.14 39.28 16.69
C GLY E 426 53.23 40.31 17.33
N GLY E 427 52.80 40.08 18.58
CA GLY E 427 51.95 41.04 19.26
C GLY E 427 50.54 41.06 18.75
N GLY E 428 50.08 40.00 18.10
CA GLY E 428 48.78 39.99 17.48
C GLY E 428 48.87 40.40 16.03
N SER E 429 48.68 39.46 15.12
CA SER E 429 48.85 39.69 13.70
C SER E 429 47.49 39.75 13.01
N LEU E 430 47.53 39.93 11.70
CA LEU E 430 46.33 40.07 10.89
C LEU E 430 46.08 38.87 10.00
N ALA E 431 47.12 38.19 9.57
CA ALA E 431 46.99 36.99 8.75
C ALA E 431 48.19 36.09 9.02
N GLY E 432 48.02 34.82 8.71
CA GLY E 432 49.10 33.86 8.89
C GLY E 432 48.96 32.74 7.87
N THR E 433 49.99 31.91 7.79
CA THR E 433 49.97 30.77 6.89
C THR E 433 50.84 29.67 7.45
N LEU E 434 50.25 28.49 7.65
CA LEU E 434 51.01 27.28 7.87
C LEU E 434 50.99 26.48 6.57
N VAL E 435 52.16 26.20 6.02
CA VAL E 435 52.29 25.34 4.86
C VAL E 435 52.73 23.98 5.37
N THR E 436 51.79 23.03 5.41
CA THR E 436 52.05 21.65 5.80
C THR E 436 51.22 20.74 4.91
N ALA E 437 51.29 19.45 5.23
CA ALA E 437 50.34 18.46 4.74
C ALA E 437 49.76 17.59 5.85
N ASP E 438 50.45 17.46 6.97
CA ASP E 438 49.94 16.73 8.14
C ASP E 438 48.87 17.56 8.81
N PRO E 439 47.63 17.08 8.90
CA PRO E 439 46.57 17.90 9.50
C PRO E 439 46.65 18.02 11.01
N GLN E 440 47.37 17.12 11.69
CA GLN E 440 47.53 17.29 13.13
C GLN E 440 48.50 18.42 13.46
N ILE E 441 49.45 18.69 12.57
CA ILE E 441 50.30 19.86 12.73
C ILE E 441 49.49 21.15 12.56
N ALA E 442 48.52 21.13 11.64
CA ALA E 442 47.63 22.28 11.49
C ALA E 442 46.70 22.42 12.69
N ARG E 443 46.29 21.31 13.28
CA ARG E 443 45.47 21.37 14.49
C ARG E 443 46.25 21.99 15.64
N GLN E 444 47.51 21.57 15.82
CA GLN E 444 48.39 22.18 16.82
C GLN E 444 48.66 23.65 16.52
N PHE E 445 48.70 24.03 15.24
CA PHE E 445 48.96 25.41 14.89
C PHE E 445 47.75 26.30 15.19
N ILE E 446 46.54 25.82 14.91
CA ILE E 446 45.36 26.62 15.20
C ILE E 446 45.10 26.65 16.70
N ALA E 447 45.45 25.60 17.44
CA ALA E 447 45.20 25.56 18.87
C ALA E 447 46.02 26.58 19.66
N ASP E 448 47.05 27.18 19.08
CA ASP E 448 47.86 28.16 19.79
C ASP E 448 47.98 29.47 19.04
N ALA E 449 48.04 29.41 17.72
CA ALA E 449 48.32 30.59 16.90
C ALA E 449 47.08 31.32 16.43
N ALA E 450 45.89 30.77 16.63
CA ALA E 450 44.67 31.48 16.25
C ALA E 450 44.23 32.48 17.30
N ARG E 451 44.89 32.55 18.44
CA ARG E 451 44.60 33.57 19.43
C ARG E 451 45.14 34.92 19.00
N THR E 452 46.14 34.92 18.12
CA THR E 452 46.83 36.14 17.74
C THR E 452 46.59 36.55 16.30
N HIS E 453 46.15 35.65 15.44
CA HIS E 453 45.92 35.95 14.04
C HIS E 453 44.43 36.08 13.76
N GLY E 454 44.09 36.89 12.78
CA GLY E 454 42.71 37.07 12.41
C GLY E 454 42.24 36.11 11.34
N ARG E 455 43.17 35.65 10.51
CA ARG E 455 42.82 34.80 9.38
C ARG E 455 44.03 33.94 9.03
N ILE E 456 43.97 32.66 9.38
CA ILE E 456 45.05 31.72 9.11
C ILE E 456 44.68 30.89 7.88
N GLN E 457 45.60 30.81 6.93
CA GLN E 457 45.42 29.99 5.73
C GLN E 457 46.34 28.78 5.83
N ILE E 458 45.77 27.60 6.06
CA ILE E 458 46.56 26.38 6.02
C ILE E 458 46.68 25.98 4.56
N LEU E 459 47.90 26.01 4.02
CA LEU E 459 48.12 25.89 2.60
C LEU E 459 48.78 24.55 2.28
N ASN E 460 48.10 23.73 1.48
CA ASN E 460 48.72 22.53 0.94
C ASN E 460 48.47 22.42 -0.56
N GLU E 461 48.77 21.25 -1.15
CA GLU E 461 48.67 21.08 -2.59
C GLU E 461 47.23 21.10 -3.07
N GLU E 462 46.29 20.59 -2.25
CA GLU E 462 44.89 20.65 -2.62
C GLU E 462 44.35 22.08 -2.54
N SER E 463 44.81 22.84 -1.54
CA SER E 463 44.30 24.19 -1.34
C SER E 463 44.84 25.17 -2.36
N ALA E 464 46.09 25.02 -2.79
CA ALA E 464 46.79 26.04 -3.56
C ALA E 464 46.29 26.17 -5.00
N LYS E 465 45.41 25.28 -5.45
CA LYS E 465 44.90 25.37 -6.81
C LYS E 465 43.95 26.54 -6.97
N GLU E 466 42.85 26.55 -6.21
CA GLU E 466 41.84 27.60 -6.28
C GLU E 466 41.84 28.49 -5.04
N SER E 467 43.00 28.64 -4.41
CA SER E 467 43.14 29.56 -3.29
C SER E 467 43.07 31.01 -3.78
N THR E 468 42.84 31.91 -2.84
CA THR E 468 42.89 33.33 -3.11
C THR E 468 44.17 33.99 -2.62
N GLY E 469 44.95 33.30 -1.80
CA GLY E 469 46.23 33.79 -1.36
C GLY E 469 46.20 34.32 0.05
N HIS E 470 47.40 34.62 0.55
CA HIS E 470 47.56 35.19 1.89
C HIS E 470 47.02 36.61 1.96
N GLY E 471 47.08 37.35 0.85
CA GLY E 471 46.73 38.75 0.88
C GLY E 471 45.44 39.10 0.19
N SER E 472 44.42 38.26 0.38
CA SER E 472 43.09 38.52 -0.17
C SER E 472 42.08 38.45 0.97
N PRO E 473 41.75 39.58 1.59
CA PRO E 473 40.65 39.58 2.56
C PRO E 473 39.33 39.35 1.86
N LEU E 474 38.76 38.17 2.04
CA LEU E 474 37.46 37.87 1.45
C LEU E 474 36.37 38.70 2.13
N PRO E 475 35.35 39.12 1.38
CA PRO E 475 34.27 39.93 1.98
C PRO E 475 33.36 39.18 2.92
N GLN E 476 33.55 37.87 3.08
CA GLN E 476 32.76 37.05 3.99
C GLN E 476 33.64 36.31 4.98
N LEU E 477 34.84 36.83 5.24
CA LEU E 477 35.71 36.35 6.29
C LEU E 477 36.16 37.53 7.13
N VAL E 478 36.32 37.30 8.43
CA VAL E 478 36.69 38.33 9.38
C VAL E 478 38.06 38.88 9.06
N HIS E 479 38.10 40.14 8.66
CA HIS E 479 39.34 40.86 8.42
C HIS E 479 39.60 41.72 9.63
N GLY E 480 40.62 41.36 10.40
CA GLY E 480 40.91 42.04 11.65
C GLY E 480 41.58 41.12 12.64
N GLY E 481 42.63 41.59 13.29
CA GLY E 481 43.34 40.78 14.24
C GLY E 481 43.48 41.47 15.58
N PRO E 482 43.80 40.72 16.62
CA PRO E 482 43.93 41.31 17.95
C PRO E 482 45.25 42.06 18.11
N GLY E 483 45.31 42.85 19.16
CA GLY E 483 46.55 43.50 19.57
C GLY E 483 47.08 44.55 18.62
N ARG E 484 48.20 44.24 17.97
CA ARG E 484 48.85 45.20 17.10
C ARG E 484 48.03 45.48 15.85
N ALA E 485 47.26 44.49 15.38
CA ALA E 485 46.42 44.67 14.21
C ALA E 485 45.18 45.52 14.49
N GLY E 486 44.93 45.91 15.74
CA GLY E 486 43.87 46.85 16.03
C GLY E 486 42.85 46.36 17.03
N GLY E 487 42.49 45.09 16.94
CA GLY E 487 41.45 44.53 17.76
C GLY E 487 40.07 44.55 17.12
N GLY E 488 39.81 45.52 16.25
CA GLY E 488 38.54 45.58 15.58
C GLY E 488 38.44 44.59 14.45
N GLU E 489 37.21 44.36 14.00
CA GLU E 489 36.95 43.38 12.95
C GLU E 489 36.12 44.02 11.85
N GLU E 490 36.29 43.47 10.65
CA GLU E 490 35.54 43.87 9.47
C GLU E 490 35.26 42.63 8.65
N LEU E 491 34.34 42.77 7.68
CA LEU E 491 34.11 41.85 6.57
C LEU E 491 33.65 40.47 7.01
N GLY E 492 33.17 40.28 8.23
CA GLY E 492 32.82 38.95 8.66
C GLY E 492 31.48 38.44 8.17
N GLY E 493 31.17 38.64 6.90
CA GLY E 493 29.84 38.38 6.40
C GLY E 493 28.91 39.45 6.92
N LEU E 494 27.87 39.03 7.63
CA LEU E 494 26.95 39.97 8.25
C LEU E 494 27.40 40.41 9.63
N ARG E 495 28.58 39.98 10.08
CA ARG E 495 29.15 40.54 11.29
C ARG E 495 29.62 41.97 11.07
N ALA E 496 29.87 42.35 9.83
CA ALA E 496 30.29 43.72 9.53
C ALA E 496 29.12 44.68 9.49
N VAL E 497 27.91 44.21 9.15
CA VAL E 497 26.77 45.12 9.13
C VAL E 497 26.17 45.31 10.51
N LYS E 498 26.61 44.54 11.50
CA LYS E 498 26.12 44.66 12.85
C LYS E 498 26.91 45.65 13.70
N HIS E 499 28.04 46.15 13.20
CA HIS E 499 28.71 47.25 13.88
C HIS E 499 27.96 48.55 13.67
N TYR E 500 27.20 48.65 12.58
CA TYR E 500 26.49 49.86 12.22
C TYR E 500 25.04 49.81 12.70
N MET E 501 24.73 48.88 13.59
CA MET E 501 23.39 48.70 14.13
C MET E 501 23.46 48.66 15.64
N GLN E 502 22.30 48.71 16.27
CA GLN E 502 22.18 48.69 17.71
C GLN E 502 21.30 47.51 18.12
N ARG E 503 21.85 46.62 18.92
CA ARG E 503 21.15 45.42 19.36
C ARG E 503 20.35 45.73 20.61
N THR E 504 19.04 45.51 20.54
CA THR E 504 18.12 45.81 21.63
C THR E 504 17.34 44.55 21.98
N ALA E 505 17.34 44.19 23.26
CA ALA E 505 16.61 43.02 23.73
C ALA E 505 15.19 43.44 24.06
N VAL E 506 14.28 43.23 23.12
CA VAL E 506 12.91 43.69 23.31
C VAL E 506 12.13 42.64 24.09
N GLN E 507 11.67 43.02 25.28
CA GLN E 507 10.86 42.14 26.13
C GLN E 507 9.39 42.44 25.93
N GLY E 508 8.56 41.45 26.18
CA GLY E 508 7.12 41.64 26.13
C GLY E 508 6.41 40.34 25.81
N SER E 509 5.11 40.47 25.55
CA SER E 509 4.31 39.32 25.18
C SER E 509 4.61 38.91 23.75
N PRO E 510 4.38 37.64 23.39
CA PRO E 510 4.64 37.23 21.99
C PRO E 510 3.73 37.90 20.99
N THR E 511 2.51 38.27 21.37
CA THR E 511 1.63 39.00 20.45
C THR E 511 2.10 40.43 20.24
N MET E 512 2.96 40.94 21.11
CA MET E 512 3.55 42.26 20.94
C MET E 512 4.86 42.19 20.20
N LEU E 513 5.69 41.18 20.53
CA LEU E 513 6.94 40.93 19.81
C LEU E 513 6.70 40.58 18.36
N ALA E 514 5.58 39.92 18.05
CA ALA E 514 5.26 39.59 16.68
C ALA E 514 4.96 40.85 15.86
N ALA E 515 4.27 41.82 16.45
CA ALA E 515 3.97 43.05 15.74
C ALA E 515 5.16 43.98 15.70
N ILE E 516 6.05 43.90 16.69
CA ILE E 516 7.29 44.67 16.64
C ILE E 516 8.22 44.13 15.55
N SER E 517 8.39 42.82 15.50
CA SER E 517 9.28 42.22 14.52
C SER E 517 8.66 42.07 13.14
N LYS E 518 7.35 42.37 13.00
CA LYS E 518 6.55 42.14 11.78
C LYS E 518 6.64 40.69 11.32
N GLN E 519 6.66 39.78 12.29
CA GLN E 519 6.66 38.35 12.03
C GLN E 519 5.60 37.70 12.90
N TRP E 520 5.61 36.39 12.99
CA TRP E 520 4.85 35.65 14.00
C TRP E 520 5.88 34.83 14.76
N VAL E 521 5.79 34.81 16.09
CA VAL E 521 6.97 34.29 16.76
C VAL E 521 6.75 32.94 17.44
N ARG E 522 6.03 32.90 18.55
CA ARG E 522 5.70 31.59 19.11
C ARG E 522 4.27 31.48 19.63
N GLY E 523 3.79 32.52 20.30
CA GLY E 523 2.52 32.42 20.98
C GLY E 523 1.66 33.64 20.74
N ALA E 524 1.82 34.25 19.58
CA ALA E 524 1.09 35.46 19.26
C ALA E 524 -0.36 35.14 18.92
N LYS E 525 -1.17 36.18 18.80
CA LYS E 525 -2.51 36.00 18.29
C LYS E 525 -2.46 35.67 16.80
N VAL E 526 -3.42 34.87 16.37
CA VAL E 526 -3.43 34.33 15.02
C VAL E 526 -4.62 34.91 14.26
N GLU E 527 -4.46 35.02 12.95
CA GLU E 527 -5.48 35.61 12.10
C GLU E 527 -6.01 34.50 11.20
N GLU E 528 -7.01 33.77 11.70
CA GLU E 528 -7.65 32.71 10.94
C GLU E 528 -8.83 33.30 10.19
N ASP E 529 -8.78 33.27 8.86
CA ASP E 529 -9.72 34.02 8.04
C ASP E 529 -10.34 33.16 6.95
N ARG E 530 -10.80 31.96 7.34
CA ARG E 530 -11.87 31.22 6.68
C ARG E 530 -11.48 30.61 5.32
N ILE E 531 -10.33 31.00 4.77
CA ILE E 531 -9.82 30.40 3.55
C ILE E 531 -8.38 30.00 3.78
N HIS E 532 -7.92 29.06 2.99
CA HIS E 532 -6.67 28.34 3.20
C HIS E 532 -5.48 29.22 2.85
N PRO E 533 -4.44 29.22 3.68
CA PRO E 533 -3.31 30.13 3.45
C PRO E 533 -2.44 29.80 2.25
N PHE E 534 -2.52 28.60 1.68
CA PHE E 534 -1.80 28.35 0.43
C PHE E 534 -2.56 28.84 -0.79
N ARG E 535 -3.73 29.45 -0.61
CA ARG E 535 -4.46 30.06 -1.71
C ARG E 535 -4.10 31.53 -1.87
N LYS E 536 -3.67 32.17 -0.79
CA LYS E 536 -3.32 33.58 -0.84
C LYS E 536 -2.01 33.78 -1.59
N TYR E 537 -1.93 34.87 -2.33
CA TYR E 537 -0.68 35.28 -2.95
C TYR E 537 0.27 35.86 -1.90
N PHE E 538 1.44 36.28 -2.36
CA PHE E 538 2.47 36.75 -1.44
C PHE E 538 2.09 38.07 -0.79
N GLU E 539 1.48 38.98 -1.55
CA GLU E 539 1.15 40.30 -1.04
C GLU E 539 -0.03 40.28 -0.09
N GLU E 540 -0.84 39.22 -0.09
CA GLU E 540 -1.98 39.10 0.80
C GLU E 540 -1.78 38.03 1.86
N LEU E 541 -0.58 37.46 1.94
CA LEU E 541 -0.17 36.72 3.14
C LEU E 541 0.30 37.71 4.20
N GLN E 542 -0.15 37.49 5.42
CA GLN E 542 0.37 38.26 6.54
C GLN E 542 0.98 37.31 7.55
N PRO E 543 2.04 37.72 8.25
CA PRO E 543 2.62 36.84 9.27
C PRO E 543 1.71 36.71 10.48
N GLY E 544 1.06 35.55 10.57
CA GLY E 544 0.01 35.36 11.56
C GLY E 544 -1.17 34.64 10.96
N ASP E 545 -1.15 34.45 9.64
CA ASP E 545 -2.20 33.73 8.94
C ASP E 545 -2.12 32.26 9.31
N SER E 546 -2.97 31.83 10.23
CA SER E 546 -2.87 30.49 10.76
C SER E 546 -3.87 29.55 10.09
N LEU E 547 -3.81 28.29 10.51
CA LEU E 547 -4.63 27.24 9.94
C LEU E 547 -4.64 26.09 10.94
N LEU E 548 -5.80 25.79 11.50
CA LEU E 548 -5.96 24.62 12.35
C LEU E 548 -6.48 23.50 11.47
N THR E 549 -5.59 22.57 11.13
CA THR E 549 -5.91 21.51 10.19
C THR E 549 -6.78 20.45 10.87
N PRO E 550 -7.52 19.65 10.10
CA PRO E 550 -8.22 18.51 10.70
C PRO E 550 -7.26 17.45 11.21
N ARG E 551 -7.78 16.61 12.09
CA ARG E 551 -6.95 15.63 12.77
C ARG E 551 -6.70 14.42 11.88
N ARG E 552 -5.68 13.65 12.26
CA ARG E 552 -5.42 12.34 11.69
C ARG E 552 -4.96 11.42 12.81
N THR E 553 -5.65 10.30 12.98
CA THR E 553 -5.30 9.37 14.05
C THR E 553 -4.15 8.49 13.60
N MET E 554 -3.06 8.53 14.35
CA MET E 554 -1.96 7.60 14.11
C MET E 554 -2.34 6.22 14.60
N THR E 555 -1.94 5.20 13.83
CA THR E 555 -2.31 3.83 14.16
C THR E 555 -1.15 2.92 13.79
N GLU E 556 -1.32 1.64 14.11
CA GLU E 556 -0.29 0.65 13.83
C GLU E 556 -0.17 0.40 12.34
N ALA E 557 -1.27 0.49 11.61
CA ALA E 557 -1.24 0.36 10.15
C ALA E 557 -0.48 1.50 9.51
N ASP E 558 -0.56 2.69 10.08
CA ASP E 558 0.24 3.81 9.60
C ASP E 558 1.73 3.57 9.76
N ILE E 559 2.13 3.04 10.93
CA ILE E 559 3.54 2.70 11.19
C ILE E 559 4.01 1.63 10.22
N VAL E 560 3.18 0.60 9.98
CA VAL E 560 3.57 -0.50 9.10
C VAL E 560 3.69 -0.03 7.66
N ASN E 561 2.69 0.71 7.16
CA ASN E 561 2.75 1.17 5.78
C ASN E 561 3.86 2.19 5.54
N PHE E 562 4.18 3.02 6.54
CA PHE E 562 5.27 3.95 6.33
C PHE E 562 6.64 3.28 6.44
N ALA E 563 6.78 2.30 7.34
CA ALA E 563 8.05 1.57 7.41
C ALA E 563 8.25 0.69 6.19
N CYS E 564 7.16 0.24 5.57
CA CYS E 564 7.28 -0.46 4.31
C CYS E 564 7.71 0.47 3.19
N LEU E 565 6.95 1.57 3.00
CA LEU E 565 7.17 2.45 1.85
C LEU E 565 8.50 3.17 1.91
N SER E 566 8.85 3.72 3.08
CA SER E 566 10.10 4.45 3.19
C SER E 566 11.31 3.54 3.24
N GLY E 567 11.15 2.34 3.80
CA GLY E 567 12.26 1.43 3.99
C GLY E 567 12.89 1.52 5.36
N ASP E 568 12.38 2.37 6.24
CA ASP E 568 12.95 2.62 7.56
C ASP E 568 12.40 1.58 8.52
N HIS E 569 13.22 0.59 8.87
CA HIS E 569 12.79 -0.51 9.72
C HIS E 569 13.53 -0.51 11.05
N PHE E 570 13.62 0.67 11.66
CA PHE E 570 14.24 0.85 12.96
C PHE E 570 13.51 0.03 14.03
N TYR E 571 14.25 -0.40 15.07
CA TYR E 571 13.71 -1.39 16.00
C TYR E 571 12.62 -0.81 16.90
N ALA E 572 12.60 0.50 17.10
CA ALA E 572 11.54 1.12 17.89
C ALA E 572 10.23 1.27 17.13
N HIS E 573 10.18 0.83 15.88
CA HIS E 573 8.98 0.92 15.06
C HIS E 573 8.47 -0.44 14.61
N MET E 574 9.36 -1.35 14.26
CA MET E 574 8.96 -2.64 13.70
C MET E 574 9.14 -3.81 14.64
N ASP E 575 9.82 -3.63 15.77
CA ASP E 575 9.98 -4.69 16.76
C ASP E 575 9.12 -4.39 17.97
N LYS E 576 8.45 -5.41 18.48
CA LYS E 576 7.61 -5.27 19.66
C LYS E 576 8.41 -5.52 20.94
N ILE E 577 9.45 -6.36 20.87
CA ILE E 577 10.23 -6.67 22.05
C ILE E 577 11.20 -5.55 22.37
N ALA E 578 11.98 -5.12 21.38
CA ALA E 578 13.01 -4.10 21.60
C ALA E 578 12.42 -2.73 21.85
N ALA E 579 11.22 -2.46 21.36
CA ALA E 579 10.56 -1.19 21.69
C ALA E 579 10.11 -1.16 23.14
N ALA E 580 9.86 -2.32 23.73
CA ALA E 580 9.58 -2.37 25.17
C ALA E 580 10.86 -2.17 25.98
N GLU E 581 12.00 -2.55 25.41
CA GLU E 581 13.29 -2.40 26.07
C GLU E 581 13.97 -1.09 25.72
N SER E 582 13.31 -0.21 24.99
CA SER E 582 13.89 1.04 24.54
C SER E 582 13.51 2.15 25.52
N ILE E 583 13.81 3.40 25.16
CA ILE E 583 13.47 4.54 26.00
C ILE E 583 12.00 4.91 25.87
N PHE E 584 11.31 4.40 24.86
CA PHE E 584 9.94 4.82 24.59
C PHE E 584 8.90 3.96 25.29
N GLY E 585 9.23 2.71 25.65
CA GLY E 585 8.31 1.83 26.31
C GLY E 585 7.49 0.96 25.39
N GLU E 586 7.15 1.45 24.20
CA GLU E 586 6.48 0.65 23.19
C GLU E 586 6.83 1.23 21.82
N ARG E 587 6.20 0.66 20.79
CA ARG E 587 6.45 1.11 19.42
C ARG E 587 5.89 2.50 19.21
N VAL E 588 6.69 3.36 18.60
CA VAL E 588 6.28 4.73 18.33
C VAL E 588 6.21 4.94 16.82
N VAL E 589 5.50 5.98 16.44
CA VAL E 589 5.38 6.38 15.05
C VAL E 589 6.68 7.03 14.61
N HIS E 590 7.06 6.79 13.34
CA HIS E 590 8.23 7.43 12.74
C HIS E 590 8.13 8.95 12.82
N GLY E 591 9.27 9.59 13.01
CA GLY E 591 9.29 11.04 13.02
C GLY E 591 9.00 11.61 11.65
N TYR E 592 9.51 10.96 10.61
CA TYR E 592 9.26 11.43 9.26
C TYR E 592 7.83 11.16 8.82
N PHE E 593 7.15 10.21 9.44
CA PHE E 593 5.73 10.06 9.13
C PHE E 593 4.90 11.13 9.82
N VAL E 594 5.32 11.60 10.99
CA VAL E 594 4.70 12.78 11.59
C VAL E 594 4.91 13.99 10.68
N LEU E 595 6.14 14.13 10.17
CA LEU E 595 6.49 15.24 9.29
C LEU E 595 5.77 15.17 7.95
N SER E 596 5.42 13.97 7.48
CA SER E 596 4.75 13.79 6.20
C SER E 596 3.24 13.83 6.32
N ALA E 597 2.68 13.28 7.40
CA ALA E 597 1.25 13.39 7.63
C ALA E 597 0.84 14.80 7.98
N ALA E 598 1.75 15.57 8.61
CA ALA E 598 1.49 16.99 8.84
C ALA E 598 1.31 17.73 7.52
N ALA E 599 2.25 17.53 6.59
CA ALA E 599 2.14 18.10 5.26
C ALA E 599 0.98 17.52 4.48
N GLY E 600 0.54 16.31 4.81
CA GLY E 600 -0.71 15.83 4.26
C GLY E 600 -1.90 16.59 4.79
N LEU E 601 -1.79 17.13 6.00
CA LEU E 601 -2.89 17.88 6.58
C LEU E 601 -2.92 19.36 6.19
N PHE E 602 -1.79 20.03 5.98
CA PHE E 602 -1.87 21.47 5.73
C PHE E 602 -1.72 21.89 4.26
N VAL E 603 -1.68 20.96 3.31
CA VAL E 603 -1.40 21.32 1.92
C VAL E 603 -2.69 21.32 1.12
N ASP E 604 -2.96 22.44 0.46
CA ASP E 604 -4.00 22.51 -0.56
C ASP E 604 -3.54 21.79 -1.81
N ALA E 605 -4.40 20.90 -2.32
CA ALA E 605 -4.03 20.11 -3.49
C ALA E 605 -4.06 20.92 -4.78
N GLY E 606 -4.87 21.98 -4.83
CA GLY E 606 -5.09 22.69 -6.07
C GLY E 606 -3.94 23.59 -6.47
N VAL E 607 -4.01 24.06 -7.71
CA VAL E 607 -3.02 24.98 -8.23
C VAL E 607 -3.19 26.34 -7.58
N GLY E 608 -2.13 26.86 -6.98
CA GLY E 608 -2.19 28.14 -6.33
C GLY E 608 -0.89 28.90 -6.41
N PRO E 609 -0.72 29.90 -5.53
CA PRO E 609 0.54 30.66 -5.54
C PRO E 609 1.73 29.88 -5.02
N VAL E 610 1.51 28.83 -4.24
CA VAL E 610 2.61 28.02 -3.71
C VAL E 610 3.26 27.23 -4.82
N ILE E 611 4.58 27.36 -4.95
CA ILE E 611 5.34 26.79 -6.06
C ILE E 611 6.13 25.57 -5.62
N ALA E 612 7.03 25.72 -4.65
CA ALA E 612 7.98 24.68 -4.31
C ALA E 612 8.11 24.56 -2.80
N ASN E 613 8.73 23.47 -2.38
CA ASN E 613 8.91 23.15 -0.97
C ASN E 613 10.17 23.79 -0.40
N TYR E 614 11.26 23.80 -1.18
CA TYR E 614 12.43 24.67 -1.01
C TYR E 614 13.30 24.33 0.20
N GLY E 615 12.82 23.46 1.09
CA GLY E 615 13.62 23.11 2.24
C GLY E 615 12.82 23.18 3.52
N LEU E 616 13.55 23.22 4.63
CA LEU E 616 12.96 23.10 5.97
C LEU E 616 13.98 23.66 6.95
N GLU E 617 13.60 24.73 7.65
CA GLU E 617 14.57 25.54 8.38
C GLU E 617 15.04 24.85 9.66
N SER E 618 14.12 24.25 10.41
CA SER E 618 14.47 23.59 11.66
C SER E 618 13.42 22.53 11.94
N LEU E 619 13.76 21.63 12.86
CA LEU E 619 12.90 20.52 13.28
C LEU E 619 13.42 19.89 14.55
N ARG E 620 12.54 19.68 15.53
CA ARG E 620 12.86 18.94 16.75
C ARG E 620 11.66 18.07 17.08
N PHE E 621 11.87 16.77 17.22
CA PHE E 621 10.82 15.84 17.63
C PHE E 621 10.80 15.82 19.14
N ILE E 622 9.78 16.43 19.73
CA ILE E 622 9.79 16.70 21.16
C ILE E 622 9.30 15.51 21.96
N GLU E 623 8.06 15.11 21.75
CA GLU E 623 7.50 13.96 22.45
C GLU E 623 7.17 12.87 21.44
N PRO E 624 7.30 11.60 21.82
CA PRO E 624 7.01 10.52 20.87
C PRO E 624 5.53 10.36 20.60
N VAL E 625 5.22 9.93 19.37
CA VAL E 625 3.85 9.72 18.92
C VAL E 625 3.64 8.21 18.79
N LYS E 626 2.52 7.73 19.32
CA LYS E 626 2.23 6.32 19.47
C LYS E 626 1.07 5.89 18.59
N PRO E 627 0.77 4.60 18.50
CA PRO E 627 -0.52 4.19 17.92
C PRO E 627 -1.69 4.65 18.78
N GLY E 628 -2.77 5.06 18.12
CA GLY E 628 -3.93 5.58 18.83
C GLY E 628 -3.63 6.95 19.40
N ASP E 629 -3.25 7.87 18.53
CA ASP E 629 -2.73 9.17 18.96
C ASP E 629 -3.02 10.14 17.81
N THR E 630 -4.08 10.93 17.97
CA THR E 630 -4.47 11.87 16.92
C THR E 630 -3.43 12.97 16.79
N ILE E 631 -3.31 13.48 15.57
CA ILE E 631 -2.31 14.47 15.21
C ILE E 631 -3.02 15.65 14.57
N GLN E 632 -2.83 16.83 15.14
CA GLN E 632 -3.44 18.04 14.64
C GLN E 632 -2.34 19.08 14.47
N VAL E 633 -2.38 19.77 13.34
CA VAL E 633 -1.26 20.56 12.84
C VAL E 633 -1.71 22.02 12.75
N ARG E 634 -0.82 22.94 13.14
CA ARG E 634 -1.13 24.36 13.15
C ARG E 634 -0.18 25.08 12.20
N LEU E 635 -0.64 25.34 10.97
CA LEU E 635 0.17 25.99 9.94
C LEU E 635 -0.04 27.49 10.02
N THR E 636 0.95 28.23 10.51
CA THR E 636 0.84 29.68 10.60
C THR E 636 2.01 30.37 9.91
N CYS E 637 1.71 31.48 9.25
CA CYS E 637 2.71 32.20 8.48
C CYS E 637 3.64 32.96 9.41
N LYS E 638 4.92 32.96 9.08
CA LYS E 638 5.94 33.38 10.01
C LYS E 638 6.83 34.51 9.49
N ARG E 639 7.20 34.49 8.22
CA ARG E 639 8.20 35.42 7.68
C ARG E 639 8.11 35.37 6.16
N LYS E 640 8.27 36.51 5.49
CA LYS E 640 7.90 36.61 4.09
C LYS E 640 9.07 36.80 3.12
N THR E 641 9.85 37.87 3.24
CA THR E 641 11.21 38.05 2.66
C THR E 641 11.30 37.71 1.17
N LEU E 642 10.68 38.57 0.35
CA LEU E 642 10.59 38.35 -1.09
C LEU E 642 11.96 38.32 -1.79
N LYS E 643 12.00 37.63 -2.92
CA LYS E 643 13.17 37.53 -3.78
C LYS E 643 13.11 38.63 -4.84
N LYS E 644 14.10 38.65 -5.73
CA LYS E 644 14.30 39.80 -6.60
C LYS E 644 14.24 39.51 -8.10
N GLN E 645 13.85 38.29 -8.49
CA GLN E 645 13.51 37.92 -9.88
C GLN E 645 14.68 38.18 -10.83
N ARG E 646 15.71 37.32 -10.67
CA ARG E 646 17.03 37.54 -11.27
C ARG E 646 17.01 37.55 -12.80
N SER E 647 15.97 37.06 -13.44
CA SER E 647 15.78 37.20 -14.88
C SER E 647 14.40 37.77 -15.16
N ALA E 648 14.27 38.46 -16.29
CA ALA E 648 12.97 39.02 -16.68
C ALA E 648 12.00 37.93 -17.12
N GLU E 649 12.51 36.75 -17.49
CA GLU E 649 11.66 35.61 -17.83
C GLU E 649 11.11 34.91 -16.60
N GLU E 650 11.80 35.02 -15.46
CA GLU E 650 11.40 34.32 -14.25
C GLU E 650 10.11 34.92 -13.68
N LYS E 651 9.32 34.06 -13.06
CA LYS E 651 8.10 34.50 -12.40
C LYS E 651 8.45 35.22 -11.11
N PRO E 652 7.72 36.27 -10.75
CA PRO E 652 7.98 36.95 -9.48
C PRO E 652 7.52 36.08 -8.30
N THR E 653 8.40 35.96 -7.31
CA THR E 653 8.13 35.05 -6.22
C THR E 653 8.84 35.50 -4.95
N GLY E 654 8.28 35.12 -3.81
CA GLY E 654 8.94 35.30 -2.53
C GLY E 654 9.01 33.98 -1.80
N VAL E 655 9.75 33.96 -0.71
CA VAL E 655 10.02 32.71 0.01
C VAL E 655 9.47 32.83 1.44
N VAL E 656 8.25 32.35 1.61
CA VAL E 656 7.54 32.48 2.87
C VAL E 656 7.94 31.34 3.79
N GLU E 657 8.23 31.67 5.05
CA GLU E 657 8.47 30.67 6.08
C GLU E 657 7.19 30.46 6.86
N TRP E 658 6.84 29.20 7.10
CA TRP E 658 5.68 28.82 7.89
C TRP E 658 6.14 28.06 9.13
N ALA E 659 5.60 28.43 10.28
CA ALA E 659 5.88 27.74 11.53
C ALA E 659 4.84 26.65 11.72
N VAL E 660 5.25 25.39 11.56
CA VAL E 660 4.35 24.26 11.67
C VAL E 660 4.43 23.72 13.09
N GLU E 661 3.31 23.71 13.79
CA GLU E 661 3.26 23.26 15.17
C GLU E 661 2.30 22.08 15.25
N VAL E 662 2.84 20.88 15.26
CA VAL E 662 2.05 19.67 15.39
C VAL E 662 1.76 19.44 16.86
N PHE E 663 0.57 18.93 17.19
CA PHE E 663 0.26 18.55 18.56
C PHE E 663 -0.74 17.39 18.52
N ASN E 664 -1.02 16.84 19.70
CA ASN E 664 -1.84 15.64 19.83
C ASN E 664 -3.10 15.94 20.65
N GLN E 665 -3.81 14.87 21.05
CA GLN E 665 -5.08 15.02 21.76
C GLN E 665 -4.91 15.63 23.15
N HIS E 666 -3.72 15.56 23.74
CA HIS E 666 -3.45 16.22 25.00
C HIS E 666 -2.96 17.64 24.80
N GLN E 667 -2.95 18.12 23.55
CA GLN E 667 -2.47 19.45 23.16
C GLN E 667 -1.03 19.70 23.59
N THR E 668 -0.20 18.65 23.59
CA THR E 668 1.20 18.98 23.83
C THR E 668 1.95 18.95 22.50
N PRO E 669 2.92 19.84 22.29
CA PRO E 669 3.53 19.95 20.97
C PRO E 669 4.51 18.83 20.63
N VAL E 670 4.02 17.72 20.09
CA VAL E 670 4.91 16.78 19.42
C VAL E 670 5.40 17.40 18.13
N ALA E 671 6.73 17.48 17.96
CA ALA E 671 7.40 17.74 16.68
C ALA E 671 6.98 19.07 16.04
N LEU E 672 7.39 20.17 16.65
CA LEU E 672 7.20 21.48 16.03
C LEU E 672 8.40 21.83 15.16
N TYR E 673 8.13 22.37 13.99
CA TYR E 673 9.19 22.66 13.02
C TYR E 673 8.81 23.91 12.24
N SER E 674 9.55 24.17 11.16
CA SER E 674 9.40 25.44 10.44
C SER E 674 9.85 25.24 9.00
N ILE E 675 8.90 25.29 8.07
CA ILE E 675 9.20 25.06 6.66
C ILE E 675 9.36 26.38 5.94
N LEU E 676 10.26 26.41 4.97
CA LEU E 676 10.31 27.44 3.97
C LEU E 676 9.44 27.00 2.80
N THR E 677 9.05 27.96 1.96
CA THR E 677 8.20 27.68 0.81
C THR E 677 8.33 28.82 -0.19
N LEU E 678 8.55 28.49 -1.45
CA LEU E 678 8.62 29.49 -2.51
C LEU E 678 7.21 29.78 -3.00
N VAL E 679 6.76 31.01 -2.79
CA VAL E 679 5.37 31.43 -3.02
C VAL E 679 5.36 32.54 -4.05
N ALA E 680 4.50 32.42 -5.06
CA ALA E 680 4.49 33.38 -6.16
C ALA E 680 3.90 34.72 -5.74
N ARG E 681 4.49 35.79 -6.24
CA ARG E 681 4.00 37.14 -6.01
C ARG E 681 3.00 37.54 -7.09
N GLN E 682 2.13 38.48 -6.74
CA GLN E 682 1.18 39.01 -7.73
C GLN E 682 1.87 39.99 -8.67
N HIS E 683 2.62 40.94 -8.11
CA HIS E 683 3.29 41.98 -8.88
C HIS E 683 4.79 41.89 -8.66
N GLY E 684 5.55 42.02 -9.75
CA GLY E 684 6.99 41.94 -9.68
C GLY E 684 7.68 43.25 -10.00
N ASP E 685 8.87 43.18 -10.59
CA ASP E 685 9.60 44.36 -11.01
C ASP E 685 10.07 44.26 -12.45
N PHE E 686 10.32 43.04 -12.92
CA PHE E 686 10.76 42.82 -14.29
C PHE E 686 9.66 42.21 -15.14
N GLN F 9 39.89 45.85 60.77
CA GLN F 9 39.76 44.45 60.40
C GLN F 9 40.01 44.26 58.91
N GLN F 10 41.00 43.44 58.59
CA GLN F 10 41.46 43.31 57.21
C GLN F 10 40.46 42.54 56.36
N LEU F 11 40.20 43.06 55.16
CA LEU F 11 39.41 42.35 54.16
C LEU F 11 40.42 41.76 53.18
N ALA F 12 40.57 40.43 53.23
CA ALA F 12 41.72 39.80 52.58
C ALA F 12 41.47 39.59 51.10
N SER F 13 42.38 40.11 50.27
CA SER F 13 42.37 39.84 48.84
C SER F 13 42.85 38.42 48.57
N PHE F 14 42.80 38.01 47.30
CA PHE F 14 43.21 36.66 46.90
C PHE F 14 44.05 36.77 45.64
N LEU F 15 45.37 36.84 45.83
CA LEU F 15 46.31 36.98 44.73
C LEU F 15 47.34 35.85 44.80
N SER F 16 47.67 35.29 43.63
CA SER F 16 48.65 34.22 43.45
C SER F 16 48.30 32.97 44.27
N GLY F 17 47.01 32.73 44.49
CA GLY F 17 46.56 31.58 45.24
C GLY F 17 46.65 31.72 46.75
N THR F 18 47.13 32.85 47.26
CA THR F 18 47.30 33.05 48.70
C THR F 18 46.47 34.25 49.13
N TRP F 19 45.75 34.10 50.24
CA TRP F 19 44.95 35.20 50.78
C TRP F 19 45.87 36.23 51.40
N GLN F 20 45.93 37.42 50.79
CA GLN F 20 46.88 38.45 51.17
C GLN F 20 46.12 39.68 51.67
N SER F 21 46.88 40.72 52.03
CA SER F 21 46.30 41.96 52.51
C SER F 21 47.29 43.09 52.28
N GLY F 22 46.77 44.27 51.97
CA GLY F 22 47.63 45.38 51.61
C GLY F 22 48.26 46.08 52.80
N ARG F 23 49.19 46.99 52.50
CA ARG F 23 49.93 47.75 53.50
C ARG F 23 50.00 49.20 53.01
N GLY F 24 49.05 50.02 53.42
CA GLY F 24 49.06 51.41 53.01
C GLY F 24 47.89 52.17 53.59
N ARG F 25 47.60 53.31 52.97
CA ARG F 25 46.45 54.13 53.36
C ARG F 25 45.17 53.38 53.05
N SER F 26 44.43 53.03 54.08
CA SER F 26 43.32 52.09 53.98
C SER F 26 41.98 52.81 54.00
N ARG F 27 41.10 52.41 53.11
CA ARG F 27 39.70 52.81 53.15
C ARG F 27 38.91 51.80 53.97
N LEU F 28 37.79 52.25 54.52
CA LEU F 28 37.03 51.43 55.46
C LEU F 28 35.57 51.34 55.03
N ILE F 29 34.97 50.19 55.32
CA ILE F 29 33.61 49.87 54.87
C ILE F 29 32.66 50.23 56.01
N HIS F 30 31.83 51.24 55.79
CA HIS F 30 30.78 51.56 56.75
C HIS F 30 29.66 50.54 56.67
N HIS F 31 29.10 50.19 57.82
CA HIS F 31 27.85 49.44 57.81
C HIS F 31 26.73 50.35 57.33
N ALA F 32 25.79 49.76 56.61
CA ALA F 32 24.80 50.60 55.93
C ALA F 32 23.70 51.05 56.87
N ILE F 33 23.10 50.10 57.61
CA ILE F 33 21.89 50.41 58.36
C ILE F 33 22.20 51.02 59.72
N SER F 34 23.44 50.94 60.18
CA SER F 34 23.77 51.43 61.52
C SER F 34 24.91 52.44 61.52
N GLY F 35 25.92 52.27 60.66
CA GLY F 35 26.90 53.30 60.44
C GLY F 35 28.30 53.03 60.95
N GLU F 36 28.54 51.90 61.59
CA GLU F 36 29.87 51.63 62.10
C GLU F 36 30.75 51.03 61.01
N ALA F 37 32.05 50.96 61.30
CA ALA F 37 33.02 50.34 60.42
C ALA F 37 33.31 48.92 60.95
N LEU F 38 33.02 47.92 60.12
CA LEU F 38 33.27 46.54 60.50
C LEU F 38 34.13 45.79 59.49
N TRP F 39 34.56 46.45 58.42
CA TRP F 39 35.70 46.00 57.64
C TRP F 39 36.49 47.23 57.21
N GLU F 40 37.69 47.00 56.68
CA GLU F 40 38.48 48.05 56.07
C GLU F 40 39.36 47.43 55.00
N VAL F 41 39.51 48.13 53.87
CA VAL F 41 40.14 47.58 52.68
C VAL F 41 41.49 48.26 52.46
N THR F 42 42.40 47.50 51.87
CA THR F 42 43.71 47.98 51.44
C THR F 42 44.28 46.99 50.44
N SER F 43 45.05 47.51 49.49
CA SER F 43 45.77 46.67 48.55
C SER F 43 47.14 47.22 48.20
N GLU F 44 47.66 48.19 48.96
CA GLU F 44 48.96 48.78 48.67
C GLU F 44 50.07 47.80 49.03
N GLY F 45 50.99 47.59 48.10
CA GLY F 45 52.09 46.68 48.28
C GLY F 45 51.88 45.31 47.68
N LEU F 46 50.66 44.99 47.26
CA LEU F 46 50.39 43.71 46.64
C LEU F 46 50.95 43.68 45.22
N ASP F 47 51.69 42.63 44.89
CA ASP F 47 52.34 42.52 43.59
C ASP F 47 51.31 42.09 42.57
N MET F 48 50.91 43.01 41.69
CA MET F 48 49.89 42.70 40.70
C MET F 48 50.48 42.01 39.47
N ALA F 49 51.75 42.30 39.18
CA ALA F 49 52.44 41.60 38.10
C ALA F 49 52.56 40.11 38.41
N ALA F 50 52.84 39.78 39.67
CA ALA F 50 52.88 38.37 40.07
C ALA F 50 51.51 37.74 40.04
N ALA F 51 50.46 38.52 40.28
CA ALA F 51 49.10 37.98 40.20
C ALA F 51 48.72 37.63 38.77
N ARG F 52 48.99 38.55 37.83
CA ARG F 52 48.74 38.27 36.42
C ARG F 52 49.64 37.16 35.91
N GLN F 53 50.88 37.11 36.41
CA GLN F 53 51.81 36.04 36.09
C GLN F 53 51.29 34.68 36.52
N PHE F 54 50.79 34.59 37.77
CA PHE F 54 50.26 33.33 38.27
C PHE F 54 48.99 32.93 37.53
N ALA F 55 48.15 33.91 37.18
CA ALA F 55 46.92 33.62 36.46
C ALA F 55 47.22 33.06 35.07
N ILE F 56 48.09 33.75 34.31
CA ILE F 56 48.40 33.35 32.94
C ILE F 56 49.15 32.02 32.89
N GLU F 57 50.15 31.83 33.75
CA GLU F 57 50.93 30.60 33.67
C GLU F 57 50.43 29.50 34.61
N LYS F 58 49.32 29.68 35.31
CA LYS F 58 48.75 28.59 36.07
C LYS F 58 47.32 28.25 35.67
N GLY F 59 46.42 29.23 35.69
CA GLY F 59 45.01 28.92 35.58
C GLY F 59 44.49 29.05 34.17
N ALA F 60 45.21 29.83 33.35
CA ALA F 60 44.83 29.93 31.95
C ALA F 60 45.04 28.61 31.19
N PRO F 61 46.17 27.89 31.28
CA PRO F 61 46.24 26.61 30.55
C PRO F 61 45.38 25.52 31.16
N ALA F 62 45.07 25.60 32.46
CA ALA F 62 44.18 24.62 33.06
C ALA F 62 42.75 24.81 32.59
N LEU F 63 42.33 26.06 32.39
CA LEU F 63 41.02 26.32 31.81
C LEU F 63 40.99 25.99 30.33
N ARG F 64 42.05 26.35 29.59
CA ARG F 64 42.09 26.10 28.16
C ARG F 64 42.22 24.61 27.83
N ALA F 65 42.73 23.79 28.74
CA ALA F 65 42.80 22.36 28.49
C ALA F 65 41.46 21.67 28.64
N MET F 66 40.47 22.31 29.26
CA MET F 66 39.15 21.72 29.37
C MET F 66 38.37 21.94 28.07
N THR F 67 37.42 21.05 27.83
CA THR F 67 36.43 21.31 26.79
C THR F 67 35.39 22.28 27.31
N PHE F 68 34.52 22.74 26.41
CA PHE F 68 33.45 23.64 26.83
C PHE F 68 32.39 22.93 27.65
N ILE F 69 32.18 21.64 27.41
CA ILE F 69 31.23 20.86 28.18
C ILE F 69 31.73 20.68 29.62
N GLU F 70 33.04 20.45 29.76
CA GLU F 70 33.63 20.35 31.10
C GLU F 70 33.59 21.68 31.83
N ARG F 71 33.76 22.79 31.11
CA ARG F 71 33.68 24.10 31.75
C ARG F 71 32.24 24.44 32.14
N ALA F 72 31.26 23.99 31.36
CA ALA F 72 29.87 24.21 31.74
C ALA F 72 29.49 23.34 32.94
N ALA F 73 30.04 22.12 33.01
CA ALA F 73 29.82 21.28 34.18
C ALA F 73 30.49 21.86 35.42
N MET F 74 31.64 22.51 35.23
CA MET F 74 32.28 23.22 36.34
C MET F 74 31.45 24.41 36.80
N LEU F 75 30.82 25.12 35.86
CA LEU F 75 29.93 26.22 36.22
C LEU F 75 28.71 25.73 36.99
N LYS F 76 28.16 24.59 36.59
CA LYS F 76 27.02 24.02 37.30
C LYS F 76 27.42 23.53 38.69
N ALA F 77 28.63 22.99 38.83
CA ALA F 77 29.11 22.53 40.13
C ALA F 77 29.33 23.70 41.09
N VAL F 78 29.93 24.79 40.59
CA VAL F 78 30.09 25.99 41.41
C VAL F 78 28.74 26.63 41.72
N ALA F 79 27.77 26.53 40.80
CA ALA F 79 26.43 27.05 41.07
C ALA F 79 25.73 26.27 42.17
N LYS F 80 25.88 24.94 42.18
CA LYS F 80 25.29 24.14 43.25
C LYS F 80 26.01 24.36 44.58
N HIS F 81 27.33 24.52 44.55
CA HIS F 81 28.08 24.78 45.78
C HIS F 81 27.80 26.17 46.34
N LEU F 82 27.42 27.12 45.49
CA LEU F 82 27.02 28.44 45.94
C LEU F 82 25.56 28.48 46.36
N LEU F 83 24.74 27.58 45.81
CA LEU F 83 23.34 27.48 46.21
C LEU F 83 23.20 26.78 47.56
N SER F 84 24.16 25.91 47.90
CA SER F 84 24.07 25.18 49.16
C SER F 84 24.29 26.10 50.35
N GLU F 85 25.42 26.80 50.39
CA GLU F 85 25.73 27.69 51.49
C GLU F 85 25.31 29.14 51.21
N LYS F 86 24.06 29.32 50.79
CA LYS F 86 23.59 30.64 50.40
C LYS F 86 23.16 31.51 51.57
N GLU F 87 22.99 30.95 52.77
CA GLU F 87 22.45 31.73 53.88
C GLU F 87 23.47 32.71 54.46
N ARG F 88 24.76 32.33 54.46
CA ARG F 88 25.79 33.30 54.83
C ARG F 88 25.91 34.42 53.81
N PHE F 89 25.49 34.19 52.57
CA PHE F 89 25.47 35.26 51.58
C PHE F 89 24.39 36.27 51.91
N TYR F 90 23.23 35.81 52.42
CA TYR F 90 22.21 36.74 52.92
C TYR F 90 22.69 37.46 54.17
N ALA F 91 23.44 36.76 55.03
CA ALA F 91 23.95 37.38 56.25
C ALA F 91 24.98 38.47 55.93
N LEU F 92 25.78 38.25 54.89
CA LEU F 92 26.73 39.29 54.47
C LEU F 92 26.06 40.37 53.63
N SER F 93 24.96 40.07 52.95
CA SER F 93 24.28 41.04 52.10
C SER F 93 23.31 41.92 52.87
N ALA F 94 22.91 41.51 54.08
CA ALA F 94 22.12 42.39 54.94
C ALA F 94 22.92 43.58 55.43
N GLN F 95 24.25 43.51 55.38
CA GLN F 95 25.11 44.62 55.76
C GLN F 95 25.13 45.75 54.73
N THR F 96 24.56 45.52 53.54
CA THR F 96 24.47 46.53 52.50
C THR F 96 23.17 47.30 52.54
N GLY F 97 22.37 47.12 53.60
CA GLY F 97 21.12 47.84 53.73
C GLY F 97 19.97 47.27 52.92
N ALA F 98 20.20 46.20 52.17
CA ALA F 98 19.15 45.62 51.34
C ALA F 98 18.20 44.78 52.19
N THR F 99 16.99 44.60 51.68
CA THR F 99 15.99 43.81 52.37
C THR F 99 16.21 42.33 52.03
N ARG F 100 15.26 41.48 52.43
CA ARG F 100 15.38 40.06 52.11
C ARG F 100 15.09 39.82 50.63
N ALA F 101 14.10 40.54 50.07
CA ALA F 101 13.82 40.41 48.65
C ALA F 101 14.89 41.07 47.79
N ASP F 102 15.42 42.21 48.24
CA ASP F 102 16.47 42.89 47.49
C ASP F 102 17.77 42.09 47.50
N SER F 103 18.04 41.38 48.59
CA SER F 103 19.18 40.49 48.61
C SER F 103 18.88 39.21 47.86
N TRP F 104 17.62 38.78 47.82
CA TRP F 104 17.24 37.59 47.07
C TRP F 104 17.47 37.80 45.58
N VAL F 105 17.13 39.00 45.08
CA VAL F 105 17.38 39.36 43.68
C VAL F 105 18.86 39.24 43.36
N ASP F 106 19.72 39.83 44.21
CA ASP F 106 21.17 39.81 43.99
C ASP F 106 21.74 38.39 44.03
N ILE F 107 21.49 37.66 45.11
CA ILE F 107 22.10 36.35 45.30
C ILE F 107 21.57 35.34 44.28
N GLU F 108 20.24 35.22 44.18
CA GLU F 108 19.71 34.22 43.28
C GLU F 108 19.78 34.64 41.82
N GLY F 109 19.95 35.92 41.50
CA GLY F 109 20.27 36.29 40.14
C GLY F 109 21.69 35.92 39.78
N GLY F 110 22.63 36.14 40.71
CA GLY F 110 24.01 35.75 40.47
C GLY F 110 24.21 34.26 40.39
N ILE F 111 23.33 33.47 41.01
CA ILE F 111 23.43 32.03 40.88
C ILE F 111 22.58 31.49 39.70
N GLY F 112 21.47 32.17 39.36
CA GLY F 112 20.71 31.77 38.19
C GLY F 112 21.41 32.09 36.89
N THR F 113 22.25 33.13 36.88
CA THR F 113 23.15 33.36 35.76
C THR F 113 24.11 32.19 35.57
N LEU F 114 24.60 31.62 36.68
CA LEU F 114 25.51 30.48 36.62
C LEU F 114 24.80 29.24 36.09
N PHE F 115 23.59 28.96 36.58
CA PHE F 115 22.84 27.83 36.04
C PHE F 115 22.45 28.04 34.58
N THR F 116 22.17 29.28 34.19
CA THR F 116 21.80 29.56 32.81
C THR F 116 22.98 29.36 31.87
N TYR F 117 24.16 29.88 32.23
CA TYR F 117 25.34 29.66 31.41
C TYR F 117 25.80 28.21 31.42
N ALA F 118 25.52 27.47 32.51
CA ALA F 118 25.79 26.04 32.50
C ALA F 118 24.90 25.32 31.51
N SER F 119 23.61 25.68 31.47
CA SER F 119 22.69 25.06 30.51
C SER F 119 23.03 25.43 29.07
N LEU F 120 23.41 26.69 28.84
CA LEU F 120 23.76 27.12 27.47
C LEU F 120 25.06 26.49 27.00
N GLY F 121 26.09 26.45 27.85
CA GLY F 121 27.33 25.80 27.48
C GLY F 121 27.25 24.30 27.41
N SER F 122 26.22 23.70 28.03
CA SER F 122 26.01 22.28 27.84
C SER F 122 25.17 21.96 26.61
N ARG F 123 24.27 22.86 26.22
CA ARG F 123 23.41 22.58 25.08
C ARG F 123 24.00 23.00 23.74
N GLU F 124 24.74 24.11 23.68
CA GLU F 124 25.14 24.64 22.37
C GLU F 124 26.63 24.83 22.20
N LEU F 125 27.45 24.31 23.10
CA LEU F 125 28.89 24.42 22.96
C LEU F 125 29.50 23.06 22.70
N PRO F 126 30.54 22.97 21.87
CA PRO F 126 31.00 21.66 21.40
C PRO F 126 31.80 20.92 22.47
N ASP F 127 32.00 19.63 22.20
CA ASP F 127 32.86 18.78 23.02
C ASP F 127 34.30 18.91 22.51
N ASP F 128 34.84 20.12 22.68
CA ASP F 128 36.05 20.49 21.99
C ASP F 128 36.72 21.63 22.77
N THR F 129 38.00 21.83 22.49
CA THR F 129 38.72 22.96 23.03
C THR F 129 38.38 24.23 22.26
N LEU F 130 38.21 24.11 20.94
CA LEU F 130 37.91 25.22 20.05
C LEU F 130 36.41 25.27 19.79
N TRP F 131 35.99 26.26 19.02
CA TRP F 131 34.57 26.37 18.72
C TRP F 131 34.34 26.97 17.34
N PRO F 132 33.92 26.14 16.37
CA PRO F 132 33.54 26.66 15.05
C PRO F 132 32.11 27.17 15.07
N GLU F 133 31.91 28.47 14.82
CA GLU F 133 30.56 29.02 14.90
C GLU F 133 29.84 29.06 13.56
N ASP F 134 30.56 29.01 12.44
CA ASP F 134 29.93 28.97 11.13
C ASP F 134 29.74 27.55 10.66
N GLU F 135 28.99 27.41 9.57
CA GLU F 135 28.82 26.08 8.96
C GLU F 135 30.01 25.76 8.06
N LEU F 136 30.14 26.51 6.97
CA LEU F 136 31.23 26.43 6.00
C LEU F 136 31.02 27.57 5.01
N ILE F 137 32.10 28.18 4.56
CA ILE F 137 32.05 29.23 3.55
C ILE F 137 32.83 28.75 2.34
N PRO F 138 32.14 28.23 1.32
CA PRO F 138 32.85 27.70 0.15
C PRO F 138 33.42 28.81 -0.72
N LEU F 139 34.74 28.96 -0.69
CA LEU F 139 35.42 30.04 -1.38
C LEU F 139 35.93 29.65 -2.75
N SER F 140 35.56 28.47 -3.24
CA SER F 140 36.06 28.01 -4.53
C SER F 140 34.91 27.36 -5.30
N LYS F 141 35.08 27.33 -6.62
CA LYS F 141 34.07 26.75 -7.49
C LYS F 141 34.08 25.23 -7.41
N GLU F 142 35.26 24.63 -7.28
CA GLU F 142 35.36 23.19 -7.16
C GLU F 142 34.96 22.73 -5.77
N GLY F 143 35.60 23.28 -4.74
CA GLY F 143 35.34 22.86 -3.38
C GLY F 143 36.61 22.34 -2.72
N GLY F 144 37.75 22.80 -3.19
CA GLY F 144 39.02 22.39 -2.63
C GLY F 144 39.61 23.44 -1.73
N PHE F 145 39.03 24.63 -1.74
CA PHE F 145 39.46 25.73 -0.88
C PHE F 145 38.22 26.38 -0.29
N ALA F 146 38.10 26.31 1.03
CA ALA F 146 36.98 26.91 1.73
C ALA F 146 37.51 27.53 3.02
N ALA F 147 36.60 27.98 3.87
CA ALA F 147 36.99 28.59 5.14
C ALA F 147 35.81 28.52 6.10
N ARG F 148 36.14 28.61 7.39
CA ARG F 148 35.13 28.76 8.42
C ARG F 148 35.75 29.52 9.58
N HIS F 149 34.89 30.05 10.44
CA HIS F 149 35.32 30.89 11.55
C HIS F 149 35.44 30.06 12.82
N LEU F 150 36.64 30.01 13.37
CA LEU F 150 36.89 29.38 14.65
C LEU F 150 36.76 30.41 15.77
N LEU F 151 36.74 29.92 17.00
CA LEU F 151 36.70 30.77 18.19
C LEU F 151 37.56 30.12 19.27
N THR F 152 38.75 30.67 19.47
CA THR F 152 39.71 30.16 20.43
C THR F 152 39.76 31.10 21.63
N SER F 153 39.87 30.51 22.81
CA SER F 153 39.90 31.29 24.04
C SER F 153 41.23 32.03 24.17
N LYS F 154 41.16 33.29 24.59
CA LYS F 154 42.36 34.10 24.74
C LYS F 154 43.22 33.60 25.88
N SER F 155 44.53 33.79 25.74
CA SER F 155 45.51 33.29 26.69
C SER F 155 45.95 34.36 27.68
N GLY F 156 45.04 35.22 28.08
CA GLY F 156 45.37 36.27 29.03
C GLY F 156 44.49 36.23 30.26
N VAL F 157 44.17 37.40 30.82
CA VAL F 157 43.30 37.51 31.97
C VAL F 157 42.13 38.42 31.62
N ALA F 158 41.07 38.34 32.42
CA ALA F 158 39.89 39.19 32.26
C ALA F 158 39.72 40.00 33.52
N VAL F 159 40.14 41.26 33.48
CA VAL F 159 40.10 42.13 34.64
C VAL F 159 38.71 42.75 34.73
N HIS F 160 37.94 42.33 35.73
CA HIS F 160 36.58 42.81 35.92
C HIS F 160 36.56 43.86 37.03
N ILE F 161 36.07 45.05 36.71
CA ILE F 161 36.07 46.18 37.64
C ILE F 161 34.61 46.53 37.90
N ASN F 162 34.09 46.06 39.03
CA ASN F 162 32.65 46.06 39.28
C ASN F 162 32.21 47.31 40.03
N ALA F 163 30.90 47.48 40.12
CA ALA F 163 30.28 48.54 40.88
C ALA F 163 29.94 48.03 42.29
N PHE F 164 29.35 48.89 43.12
CA PHE F 164 29.03 48.50 44.49
C PHE F 164 27.65 47.87 44.63
N ASN F 165 26.86 47.83 43.57
CA ASN F 165 25.44 47.55 43.70
C ASN F 165 25.16 46.06 43.84
N PHE F 166 25.71 45.26 42.95
CA PHE F 166 25.47 43.82 42.92
C PHE F 166 26.82 43.12 43.12
N PRO F 167 27.18 42.81 44.37
CA PRO F 167 28.46 42.12 44.60
C PRO F 167 28.40 40.67 44.16
N CYS F 168 27.26 40.02 44.36
CA CYS F 168 27.08 38.64 43.93
C CYS F 168 26.60 38.54 42.49
N TRP F 169 25.62 39.35 42.09
CA TRP F 169 25.16 39.28 40.70
C TRP F 169 26.22 39.80 39.75
N GLY F 170 26.62 41.06 39.93
CA GLY F 170 27.50 41.78 39.03
C GLY F 170 28.90 41.20 38.92
N MET F 171 29.29 40.31 39.82
CA MET F 171 30.54 39.59 39.66
C MET F 171 30.32 38.24 38.99
N LEU F 172 29.25 37.52 39.36
CA LEU F 172 28.99 36.22 38.78
C LEU F 172 28.30 36.28 37.42
N GLU F 173 27.90 37.47 36.95
CA GLU F 173 27.45 37.60 35.58
C GLU F 173 28.58 37.95 34.63
N LYS F 174 29.74 38.32 35.17
CA LYS F 174 30.95 38.47 34.38
C LYS F 174 31.87 37.27 34.48
N LEU F 175 31.67 36.42 35.48
CA LEU F 175 32.57 35.31 35.75
C LEU F 175 32.16 34.04 35.03
N ALA F 176 30.86 33.82 34.85
CA ALA F 176 30.38 32.69 34.06
C ALA F 176 30.74 32.80 32.57
N PRO F 177 30.61 33.96 31.88
CA PRO F 177 31.11 33.98 30.50
C PRO F 177 32.62 33.94 30.40
N THR F 178 33.33 34.45 31.41
CA THR F 178 34.79 34.41 31.40
C THR F 178 35.30 32.99 31.54
N TRP F 179 34.78 32.25 32.52
CA TRP F 179 35.18 30.87 32.71
C TRP F 179 34.69 29.98 31.58
N LEU F 180 33.48 30.23 31.08
CA LEU F 180 32.97 29.46 29.95
C LEU F 180 33.74 29.80 28.68
N GLY F 181 34.31 31.00 28.61
CA GLY F 181 35.16 31.38 27.51
C GLY F 181 36.63 31.16 27.79
N GLY F 182 36.95 30.34 28.80
CA GLY F 182 38.29 29.85 28.99
C GLY F 182 39.35 30.85 29.43
N MET F 183 38.98 31.86 30.21
CA MET F 183 39.97 32.80 30.70
C MET F 183 39.93 32.86 32.23
N PRO F 184 41.06 33.10 32.88
CA PRO F 184 41.02 33.36 34.33
C PRO F 184 40.73 34.81 34.61
N ALA F 185 39.87 35.04 35.60
CA ALA F 185 39.41 36.38 35.92
C ALA F 185 40.12 36.92 37.15
N ILE F 186 40.26 38.25 37.18
CA ILE F 186 40.80 38.98 38.32
C ILE F 186 39.75 40.03 38.65
N ILE F 187 38.93 39.76 39.66
CA ILE F 187 37.80 40.62 39.99
C ILE F 187 38.27 41.73 40.92
N LYS F 188 38.04 42.97 40.52
CA LYS F 188 38.22 44.12 41.40
C LYS F 188 36.85 44.65 41.78
N PRO F 189 36.31 44.28 42.93
CA PRO F 189 35.01 44.82 43.35
C PRO F 189 35.18 46.23 43.90
N ALA F 190 34.05 46.92 44.00
CA ALA F 190 34.05 48.23 44.63
C ALA F 190 34.29 48.08 46.12
N THR F 191 35.05 49.01 46.68
CA THR F 191 35.45 48.92 48.08
C THR F 191 34.28 49.12 49.04
N ALA F 192 33.21 49.78 48.60
CA ALA F 192 32.08 50.07 49.47
C ALA F 192 31.24 48.87 49.81
N THR F 193 31.46 47.71 49.18
CA THR F 193 30.64 46.54 49.45
C THR F 193 31.40 45.22 49.42
N ALA F 194 32.72 45.23 49.30
CA ALA F 194 33.50 44.08 48.86
C ALA F 194 33.52 42.90 49.83
N GLN F 195 32.86 42.98 51.00
CA GLN F 195 32.81 41.83 51.89
C GLN F 195 31.97 40.70 51.30
N LEU F 196 30.88 41.02 50.59
CA LEU F 196 30.07 39.99 49.97
C LEU F 196 30.80 39.36 48.79
N THR F 197 31.57 40.18 48.05
CA THR F 197 32.39 39.65 46.96
C THR F 197 33.47 38.72 47.49
N GLN F 198 34.09 39.06 48.64
CA GLN F 198 35.08 38.16 49.22
C GLN F 198 34.43 36.89 49.72
N ALA F 199 33.20 36.98 50.23
CA ALA F 199 32.47 35.78 50.63
C ALA F 199 32.22 34.86 49.44
N MET F 200 31.86 35.45 48.29
CA MET F 200 31.64 34.65 47.08
C MET F 200 32.93 34.01 46.59
N VAL F 201 34.03 34.78 46.56
CA VAL F 201 35.30 34.28 46.06
C VAL F 201 35.86 33.20 46.98
N LYS F 202 35.71 33.39 48.30
CA LYS F 202 36.14 32.38 49.26
C LYS F 202 35.30 31.11 49.15
N SER F 203 33.99 31.24 48.92
CA SER F 203 33.15 30.07 48.73
C SER F 203 33.47 29.34 47.43
N ILE F 204 33.95 30.06 46.41
CA ILE F 204 34.37 29.39 45.18
C ILE F 204 35.70 28.68 45.38
N VAL F 205 36.68 29.37 45.97
CA VAL F 205 38.04 28.83 46.07
C VAL F 205 38.10 27.66 47.04
N ASP F 206 37.41 27.76 48.18
CA ASP F 206 37.43 26.68 49.15
C ASP F 206 36.39 25.61 48.83
N SER F 207 36.39 25.12 47.58
CA SER F 207 35.55 24.01 47.17
C SER F 207 36.27 22.97 46.35
N GLY F 208 37.42 23.29 45.76
CA GLY F 208 38.14 22.36 44.92
C GLY F 208 37.53 22.12 43.56
N LEU F 209 36.54 22.91 43.17
CA LEU F 209 35.84 22.71 41.91
C LEU F 209 36.54 23.37 40.74
N VAL F 210 37.01 24.60 40.92
CA VAL F 210 37.71 25.33 39.87
C VAL F 210 39.19 24.99 39.93
N PRO F 211 39.95 25.14 38.85
CA PRO F 211 41.40 25.00 38.94
C PRO F 211 42.02 26.14 39.74
N GLU F 212 43.26 25.91 40.17
CA GLU F 212 44.00 26.96 40.84
C GLU F 212 44.41 28.03 39.84
N GLY F 213 44.39 29.28 40.28
CA GLY F 213 44.70 30.40 39.40
C GLY F 213 43.61 30.80 38.45
N ALA F 214 42.43 30.18 38.53
CA ALA F 214 41.33 30.52 37.65
C ALA F 214 40.53 31.71 38.14
N ILE F 215 40.80 32.21 39.34
CA ILE F 215 40.08 33.36 39.88
C ILE F 215 41.01 34.09 40.86
N SER F 216 41.00 35.41 40.78
CA SER F 216 41.71 36.26 41.72
C SER F 216 40.74 37.30 42.27
N LEU F 217 41.24 38.12 43.19
CA LEU F 217 40.41 39.11 43.86
C LEU F 217 41.33 40.17 44.45
N ILE F 218 40.95 41.43 44.29
CA ILE F 218 41.65 42.54 44.93
C ILE F 218 40.63 43.42 45.65
N CYS F 219 40.63 43.36 46.97
CA CYS F 219 39.78 44.20 47.80
C CYS F 219 40.53 45.49 48.05
N GLY F 220 40.30 46.47 47.20
CA GLY F 220 40.99 47.74 47.25
C GLY F 220 41.30 48.20 45.84
N SER F 221 42.10 49.26 45.76
CA SER F 221 42.47 49.81 44.46
C SER F 221 43.47 48.90 43.76
N ALA F 222 43.39 48.89 42.42
CA ALA F 222 44.31 48.09 41.63
C ALA F 222 45.64 48.82 41.45
N GLY F 223 45.61 50.01 40.86
CA GLY F 223 46.78 50.84 40.73
C GLY F 223 47.78 50.38 39.69
N ASP F 224 48.40 49.23 39.92
CA ASP F 224 49.48 48.73 39.09
C ASP F 224 49.02 47.74 38.04
N LEU F 225 47.77 47.25 38.13
CA LEU F 225 47.34 46.14 37.29
C LEU F 225 47.08 46.57 35.86
N LEU F 226 46.49 47.75 35.65
CA LEU F 226 46.18 48.18 34.28
C LEU F 226 47.42 48.59 33.50
N ASP F 227 48.55 48.82 34.17
CA ASP F 227 49.81 49.10 33.50
C ASP F 227 50.57 47.84 33.13
N HIS F 228 50.04 46.66 33.44
CA HIS F 228 50.75 45.41 33.22
C HIS F 228 50.04 44.48 32.25
N LEU F 229 49.01 44.95 31.56
CA LEU F 229 48.17 44.06 30.76
C LEU F 229 48.73 43.91 29.35
N ASP F 230 48.61 42.71 28.81
CA ASP F 230 49.06 42.37 27.47
C ASP F 230 47.86 42.37 26.53
N SER F 231 48.14 42.21 25.23
CA SER F 231 47.11 42.29 24.20
C SER F 231 46.10 41.15 24.27
N GLN F 232 46.43 40.04 24.92
CA GLN F 232 45.50 38.93 25.09
C GLN F 232 44.60 39.10 26.31
N ASP F 233 44.58 40.27 26.91
CA ASP F 233 43.74 40.55 28.07
C ASP F 233 42.50 41.32 27.64
N VAL F 234 41.43 41.16 28.40
CA VAL F 234 40.24 41.98 28.24
C VAL F 234 39.94 42.62 29.59
N VAL F 235 39.30 43.79 29.54
CA VAL F 235 38.90 44.53 30.75
C VAL F 235 37.44 44.88 30.62
N THR F 236 36.65 44.53 31.62
CA THR F 236 35.24 44.86 31.67
C THR F 236 35.00 45.81 32.85
N PHE F 237 34.47 46.98 32.57
CA PHE F 237 34.23 48.00 33.59
C PHE F 237 32.74 48.09 33.88
N THR F 238 32.42 48.37 35.14
CA THR F 238 31.05 48.63 35.57
C THR F 238 31.09 49.69 36.66
N GLY F 239 30.56 50.86 36.34
CA GLY F 239 30.59 51.98 37.26
C GLY F 239 30.03 53.23 36.63
N SER F 240 30.53 54.39 37.05
CA SER F 240 30.03 55.63 36.51
C SER F 240 30.70 55.94 35.17
N ALA F 241 30.10 56.88 34.44
CA ALA F 241 30.66 57.31 33.17
C ALA F 241 31.81 58.29 33.33
N ALA F 242 32.06 58.78 34.54
CA ALA F 242 33.21 59.66 34.76
C ALA F 242 34.47 58.87 35.03
N THR F 243 34.34 57.62 35.48
CA THR F 243 35.50 56.81 35.83
C THR F 243 36.00 56.01 34.63
N GLY F 244 35.08 55.36 33.91
CA GLY F 244 35.47 54.50 32.80
C GLY F 244 36.06 55.25 31.62
N GLN F 245 35.69 56.52 31.45
CA GLN F 245 36.34 57.34 30.44
C GLN F 245 37.76 57.70 30.82
N MET F 246 38.06 57.71 32.12
CA MET F 246 39.45 57.84 32.56
C MET F 246 40.19 56.53 32.45
N LEU F 247 39.49 55.40 32.58
CA LEU F 247 40.13 54.11 32.39
C LEU F 247 40.21 53.70 30.94
N ARG F 248 39.43 54.32 30.05
CA ARG F 248 39.57 54.03 28.63
C ARG F 248 40.81 54.69 28.04
N VAL F 249 41.22 55.84 28.57
CA VAL F 249 42.36 56.57 28.05
C VAL F 249 43.62 56.18 28.80
N GLN F 250 43.56 55.06 29.52
CA GLN F 250 44.73 54.51 30.17
C GLN F 250 45.74 54.09 29.10
N PRO F 251 47.02 54.43 29.24
CA PRO F 251 47.95 54.30 28.10
C PRO F 251 48.28 52.88 27.71
N ASN F 252 48.25 51.92 28.64
CA ASN F 252 48.53 50.54 28.25
C ASN F 252 47.33 49.89 27.57
N ILE F 253 46.11 50.29 27.97
CA ILE F 253 44.91 49.76 27.35
C ILE F 253 44.80 50.22 25.90
N VAL F 254 45.21 51.45 25.60
CA VAL F 254 45.22 51.89 24.22
C VAL F 254 46.49 51.49 23.48
N ALA F 255 47.59 51.24 24.18
CA ALA F 255 48.83 50.85 23.51
C ALA F 255 48.78 49.41 23.06
N LYS F 256 48.43 48.50 23.96
CA LYS F 256 48.28 47.09 23.61
C LYS F 256 46.94 46.79 22.95
N SER F 257 46.05 47.78 22.88
CA SER F 257 44.77 47.73 22.14
C SER F 257 43.88 46.61 22.67
N ILE F 258 43.74 46.54 23.99
CA ILE F 258 43.00 45.46 24.62
C ILE F 258 41.53 45.85 24.63
N PRO F 259 40.59 44.89 24.61
CA PRO F 259 39.16 45.23 24.66
C PRO F 259 38.78 45.79 26.02
N PHE F 260 38.33 47.04 26.03
CA PHE F 260 37.83 47.68 27.24
C PHE F 260 36.32 47.83 27.08
N THR F 261 35.60 46.83 27.58
CA THR F 261 34.14 46.84 27.53
C THR F 261 33.63 47.70 28.67
N MET F 262 33.35 48.97 28.38
CA MET F 262 32.84 49.89 29.37
C MET F 262 31.32 49.80 29.39
N GLU F 263 30.75 49.90 30.58
CA GLU F 263 29.29 49.91 30.68
C GLU F 263 28.90 50.72 31.91
N ALA F 264 28.19 51.82 31.69
CA ALA F 264 28.09 52.90 32.65
C ALA F 264 26.63 53.21 32.99
N ASP F 265 26.43 54.34 33.65
CA ASP F 265 25.13 54.76 34.12
C ASP F 265 24.20 55.13 32.96
N SER F 266 22.93 55.30 33.28
CA SER F 266 21.94 55.58 32.25
C SER F 266 20.76 56.30 32.86
N LEU F 267 19.96 56.91 31.99
CA LEU F 267 18.69 57.51 32.36
C LEU F 267 17.59 56.69 31.70
N ASN F 268 17.04 55.75 32.47
CA ASN F 268 16.13 54.76 31.93
C ASN F 268 14.74 55.37 31.83
N CYS F 269 14.25 55.53 30.61
CA CYS F 269 12.92 56.08 30.41
C CYS F 269 11.86 55.03 30.75
N CYS F 270 10.64 55.52 30.99
CA CYS F 270 9.48 54.63 31.11
C CYS F 270 8.29 55.41 30.56
N VAL F 271 8.01 55.21 29.28
CA VAL F 271 7.03 56.00 28.55
C VAL F 271 5.65 55.38 28.72
N LEU F 272 4.70 56.16 29.23
CA LEU F 272 3.31 55.78 29.19
C LEU F 272 2.74 56.13 27.83
N GLY F 273 1.96 55.23 27.26
CA GLY F 273 1.39 55.44 25.94
C GLY F 273 0.11 56.24 25.97
N GLU F 274 -0.31 56.66 24.77
CA GLU F 274 -1.49 57.50 24.66
C GLU F 274 -2.78 56.70 24.84
N ASP F 275 -2.74 55.40 24.52
CA ASP F 275 -3.95 54.58 24.59
C ASP F 275 -4.34 54.21 26.02
N VAL F 276 -3.47 54.44 26.99
CA VAL F 276 -3.74 54.05 28.37
C VAL F 276 -4.50 55.17 29.06
N THR F 277 -5.66 54.83 29.61
CA THR F 277 -6.52 55.67 30.41
C THR F 277 -6.59 55.12 31.84
N PRO F 278 -6.84 55.96 32.85
CA PRO F 278 -6.73 55.48 34.24
C PRO F 278 -7.75 54.44 34.67
N ASP F 279 -8.79 54.17 33.87
CA ASP F 279 -9.73 53.10 34.19
C ASP F 279 -9.17 51.72 33.86
N GLN F 280 -8.19 51.66 32.96
CA GLN F 280 -7.65 50.40 32.47
C GLN F 280 -6.74 49.76 33.50
N PRO F 281 -6.52 48.44 33.40
CA PRO F 281 -5.47 47.82 34.24
C PRO F 281 -4.06 48.22 33.85
N GLU F 282 -3.89 48.76 32.63
CA GLU F 282 -2.57 49.17 32.16
C GLU F 282 -2.01 50.32 32.99
N PHE F 283 -2.89 51.23 33.41
CA PHE F 283 -2.49 52.34 34.28
C PHE F 283 -2.03 51.82 35.64
N ALA F 284 -2.76 50.83 36.18
CA ALA F 284 -2.41 50.28 37.48
C ALA F 284 -1.09 49.53 37.44
N LEU F 285 -0.86 48.74 36.39
CA LEU F 285 0.43 48.06 36.30
C LEU F 285 1.56 48.99 35.90
N PHE F 286 1.26 50.11 35.23
CA PHE F 286 2.27 51.14 34.99
C PHE F 286 2.74 51.76 36.29
N ILE F 287 1.80 52.16 37.15
CA ILE F 287 2.15 52.75 38.43
C ILE F 287 2.84 51.71 39.32
N ARG F 288 2.37 50.46 39.27
CA ARG F 288 3.00 49.38 40.05
C ARG F 288 4.42 49.11 39.58
N GLU F 289 4.66 49.15 38.27
CA GLU F 289 5.99 48.89 37.73
C GLU F 289 6.95 50.01 38.08
N VAL F 290 6.50 51.27 37.98
CA VAL F 290 7.38 52.39 38.31
C VAL F 290 7.69 52.41 39.81
N VAL F 291 6.70 52.13 40.65
CA VAL F 291 6.90 52.13 42.09
C VAL F 291 7.80 50.97 42.53
N ARG F 292 7.54 49.76 42.00
CA ARG F 292 8.36 48.61 42.37
C ARG F 292 9.79 48.77 41.85
N GLU F 293 9.95 49.34 40.66
CA GLU F 293 11.27 49.50 40.09
C GLU F 293 12.05 50.62 40.80
N MET F 294 11.34 51.62 41.33
CA MET F 294 12.03 52.70 42.02
C MET F 294 12.31 52.34 43.48
N THR F 295 11.54 51.43 44.08
CA THR F 295 11.74 51.04 45.46
C THR F 295 12.47 49.71 45.63
N THR F 296 12.78 49.00 44.55
CA THR F 296 13.60 47.80 44.66
C THR F 296 15.06 48.19 44.76
N LYS F 297 15.76 47.61 45.73
CA LYS F 297 17.19 47.83 46.01
C LYS F 297 17.46 49.29 46.38
N ALA F 298 16.45 49.95 46.97
CA ALA F 298 16.45 51.36 47.34
C ALA F 298 16.80 52.28 46.18
N GLY F 299 16.43 51.90 44.97
CA GLY F 299 16.77 52.65 43.78
C GLY F 299 18.22 52.62 43.40
N GLN F 300 18.99 51.68 43.94
CA GLN F 300 20.42 51.55 43.67
C GLN F 300 20.72 50.45 42.68
N LYS F 301 19.90 50.29 41.64
CA LYS F 301 20.28 49.46 40.51
C LYS F 301 20.37 50.33 39.26
N CYS F 302 21.18 49.84 38.32
CA CYS F 302 21.44 50.57 37.08
C CYS F 302 20.20 50.65 36.21
N THR F 303 19.42 49.57 36.16
CA THR F 303 18.23 49.48 35.33
C THR F 303 16.98 49.93 36.05
N ALA F 304 17.10 50.91 36.94
CA ALA F 304 15.96 51.50 37.62
C ALA F 304 15.40 52.65 36.80
N ILE F 305 14.07 52.79 36.83
CA ILE F 305 13.39 53.85 36.11
C ILE F 305 13.71 55.19 36.73
N ARG F 306 14.25 56.11 35.93
CA ARG F 306 14.64 57.43 36.42
C ARG F 306 14.05 58.57 35.62
N ARG F 307 13.30 58.30 34.55
CA ARG F 307 12.57 59.33 33.83
C ARG F 307 11.21 58.74 33.46
N ILE F 308 10.14 59.28 34.02
CA ILE F 308 8.79 58.83 33.70
C ILE F 308 8.21 59.80 32.69
N ILE F 309 7.85 59.30 31.50
CA ILE F 309 7.28 60.11 30.43
C ILE F 309 5.81 59.74 30.31
N VAL F 310 4.94 60.71 30.54
CA VAL F 310 3.50 60.48 30.54
C VAL F 310 2.88 61.43 29.53
N PRO F 311 1.68 61.11 29.03
CA PRO F 311 0.97 62.09 28.20
C PRO F 311 0.53 63.29 29.01
N GLN F 312 0.34 64.42 28.31
CA GLN F 312 0.08 65.71 28.94
C GLN F 312 -1.25 65.73 29.67
N ALA F 313 -2.26 65.04 29.16
CA ALA F 313 -3.57 65.00 29.79
C ALA F 313 -3.64 64.06 30.99
N LEU F 314 -2.56 63.34 31.31
CA LEU F 314 -2.57 62.36 32.38
C LEU F 314 -1.55 62.64 33.47
N VAL F 315 -0.94 63.84 33.46
CA VAL F 315 0.18 64.12 34.36
C VAL F 315 -0.29 64.19 35.81
N ASN F 316 -1.42 64.87 36.06
CA ASN F 316 -1.94 64.98 37.41
C ASN F 316 -2.41 63.63 37.93
N ALA F 317 -2.99 62.80 37.06
CA ALA F 317 -3.45 61.48 37.48
C ALA F 317 -2.28 60.56 37.81
N VAL F 318 -1.23 60.57 36.99
CA VAL F 318 -0.03 59.77 37.27
C VAL F 318 0.65 60.26 38.53
N SER F 319 0.72 61.59 38.72
CA SER F 319 1.39 62.13 39.89
C SER F 319 0.62 61.84 41.17
N ASP F 320 -0.71 61.93 41.14
CA ASP F 320 -1.52 61.56 42.29
C ASP F 320 -1.46 60.06 42.58
N ALA F 321 -1.42 59.21 41.56
CA ALA F 321 -1.27 57.78 41.77
C ALA F 321 0.07 57.44 42.39
N LEU F 322 1.14 58.09 41.91
CA LEU F 322 2.46 57.82 42.47
C LEU F 322 2.61 58.37 43.89
N VAL F 323 1.98 59.50 44.20
CA VAL F 323 2.00 60.00 45.57
C VAL F 323 1.21 59.07 46.50
N ALA F 324 0.03 58.63 46.06
CA ALA F 324 -0.78 57.74 46.87
C ALA F 324 -0.19 56.35 47.03
N ARG F 325 0.65 55.91 46.09
CA ARG F 325 1.26 54.60 46.21
C ARG F 325 2.60 54.63 46.95
N LEU F 326 3.40 55.69 46.74
CA LEU F 326 4.75 55.75 47.28
C LEU F 326 4.80 56.18 48.74
N GLN F 327 3.77 56.85 49.26
CA GLN F 327 3.76 57.20 50.67
C GLN F 327 3.49 55.98 51.55
N LYS F 328 2.99 54.90 50.97
CA LYS F 328 2.84 53.64 51.70
C LYS F 328 4.15 52.89 51.85
N VAL F 329 5.20 53.30 51.17
CA VAL F 329 6.50 52.65 51.26
C VAL F 329 7.16 53.08 52.57
N VAL F 330 7.53 52.10 53.39
CA VAL F 330 8.12 52.34 54.70
C VAL F 330 9.63 52.13 54.59
N VAL F 331 10.39 53.18 54.87
CA VAL F 331 11.85 53.13 54.82
C VAL F 331 12.36 52.85 56.22
N GLY F 332 13.21 51.84 56.37
CA GLY F 332 13.77 51.53 57.67
C GLY F 332 14.71 50.34 57.68
N ASP F 333 14.80 49.67 58.82
CA ASP F 333 15.67 48.53 58.96
C ASP F 333 15.07 47.32 58.24
N PRO F 334 15.90 46.53 57.55
CA PRO F 334 15.35 45.37 56.81
C PRO F 334 14.92 44.24 57.71
N ALA F 335 15.56 44.07 58.87
CA ALA F 335 15.23 42.93 59.74
C ALA F 335 13.92 43.13 60.47
N GLN F 336 13.58 44.37 60.83
CA GLN F 336 12.31 44.62 61.48
C GLN F 336 11.17 44.55 60.47
N GLU F 337 9.97 44.32 60.97
CA GLU F 337 8.83 43.99 60.14
C GLU F 337 8.12 45.26 59.66
N GLY F 338 7.43 45.12 58.53
CA GLY F 338 6.69 46.23 57.96
C GLY F 338 7.56 47.27 57.28
N VAL F 339 8.70 46.87 56.71
CA VAL F 339 9.62 47.77 56.05
C VAL F 339 9.81 47.30 54.63
N LYS F 340 9.50 48.17 53.66
CA LYS F 340 9.59 47.81 52.25
C LYS F 340 10.94 48.21 51.65
N MET F 341 11.26 49.50 51.69
CA MET F 341 12.54 49.98 51.19
C MET F 341 13.59 49.90 52.28
N GLY F 342 14.76 49.37 51.93
CA GLY F 342 15.89 49.39 52.84
C GLY F 342 16.61 50.74 52.84
N ALA F 343 17.94 50.72 52.81
CA ALA F 343 18.68 51.96 52.83
C ALA F 343 19.71 51.99 51.72
N LEU F 344 20.54 53.04 51.69
CA LEU F 344 21.68 53.07 50.78
C LEU F 344 22.83 52.33 51.44
N VAL F 345 24.05 52.48 50.92
CA VAL F 345 25.19 51.77 51.46
C VAL F 345 26.16 52.68 52.21
N ASN F 346 26.16 53.98 51.95
CA ASN F 346 27.11 54.88 52.58
C ASN F 346 26.45 56.22 52.85
N ALA F 347 27.02 56.95 53.80
CA ALA F 347 26.68 58.37 53.94
C ALA F 347 27.22 59.17 52.77
N GLU F 348 28.34 58.72 52.17
CA GLU F 348 28.86 59.37 50.99
C GLU F 348 27.93 59.18 49.80
N GLN F 349 27.33 57.98 49.68
CA GLN F 349 26.34 57.75 48.63
C GLN F 349 25.08 58.59 48.87
N ARG F 350 24.69 58.77 50.14
CA ARG F 350 23.54 59.62 50.45
C ARG F 350 23.83 61.08 50.09
N ALA F 351 25.04 61.54 50.37
CA ALA F 351 25.41 62.91 50.00
C ALA F 351 25.48 63.08 48.50
N ASP F 352 25.93 62.04 47.78
CA ASP F 352 25.98 62.11 46.32
C ASP F 352 24.58 62.14 45.71
N VAL F 353 23.67 61.31 46.23
CA VAL F 353 22.29 61.32 45.75
C VAL F 353 21.63 62.67 46.02
N GLN F 354 21.85 63.23 47.22
CA GLN F 354 21.19 64.49 47.55
C GLN F 354 21.79 65.67 46.78
N GLU F 355 23.08 65.63 46.47
CA GLU F 355 23.62 66.70 45.63
C GLU F 355 23.21 66.56 44.17
N LYS F 356 22.98 65.33 43.67
CA LYS F 356 22.37 65.18 42.36
C LYS F 356 20.93 65.67 42.35
N VAL F 357 20.20 65.47 43.46
CA VAL F 357 18.85 66.04 43.60
C VAL F 357 18.90 67.56 43.57
N ASN F 358 19.84 68.16 44.30
CA ASN F 358 19.96 69.61 44.29
C ASN F 358 20.43 70.16 42.94
N ILE F 359 21.11 69.34 42.14
CA ILE F 359 21.36 69.73 40.74
C ILE F 359 20.06 69.68 39.93
N LEU F 360 19.25 68.62 40.12
CA LEU F 360 17.99 68.51 39.41
C LEU F 360 16.95 69.55 39.84
N LEU F 361 17.09 70.11 41.04
CA LEU F 361 16.18 71.14 41.53
C LEU F 361 16.58 72.55 41.10
N ALA F 362 17.78 72.73 40.54
CA ALA F 362 18.18 74.03 40.04
C ALA F 362 17.50 74.39 38.72
N ALA F 363 16.87 73.43 38.05
CA ALA F 363 16.13 73.72 36.84
C ALA F 363 14.82 72.95 36.74
N GLY F 364 14.41 72.23 37.78
CA GLY F 364 13.22 71.40 37.71
C GLY F 364 12.09 71.86 38.63
N CYS F 365 11.45 70.92 39.30
CA CYS F 365 10.35 71.22 40.22
C CYS F 365 10.34 70.14 41.29
N GLU F 366 9.22 70.04 42.02
CA GLU F 366 9.14 69.09 43.13
C GLU F 366 7.71 68.58 43.24
N ILE F 367 7.57 67.30 43.57
CA ILE F 367 6.27 66.67 43.83
C ILE F 367 6.19 66.15 45.26
N ARG F 368 7.17 65.37 45.68
CA ARG F 368 7.13 64.70 46.98
C ARG F 368 8.26 65.22 47.87
N LEU F 369 8.48 64.52 48.98
CA LEU F 369 9.59 64.80 49.88
C LEU F 369 10.88 64.40 49.19
N GLY F 370 11.62 65.39 48.72
CA GLY F 370 12.83 65.14 47.95
C GLY F 370 14.11 65.34 48.73
N GLY F 371 14.72 66.50 48.57
CA GLY F 371 16.01 66.79 49.17
C GLY F 371 16.01 67.16 50.64
N GLN F 372 14.99 66.73 51.37
CA GLN F 372 14.97 66.91 52.83
C GLN F 372 15.44 65.63 53.52
N ALA F 373 16.64 65.19 53.14
CA ALA F 373 17.24 63.98 53.68
C ALA F 373 18.20 64.36 54.80
N ASP F 374 18.08 63.65 55.92
CA ASP F 374 18.95 63.92 57.06
C ASP F 374 20.35 63.38 56.80
N LEU F 375 21.33 64.28 56.82
CA LEU F 375 22.73 63.90 56.60
C LEU F 375 23.47 63.61 57.89
N SER F 376 22.76 63.50 59.02
CA SER F 376 23.39 63.24 60.31
C SER F 376 22.81 61.99 60.98
N ALA F 377 22.11 61.15 60.22
CA ALA F 377 21.52 59.96 60.81
C ALA F 377 22.56 58.86 60.94
N ALA F 378 22.22 57.85 61.75
CA ALA F 378 23.04 56.66 61.91
C ALA F 378 22.63 55.58 60.92
N GLY F 379 22.62 55.95 59.64
CA GLY F 379 22.16 55.08 58.59
C GLY F 379 22.04 55.82 57.29
N ALA F 380 22.13 55.09 56.17
CA ALA F 380 22.11 55.71 54.85
C ALA F 380 20.70 55.73 54.27
N PHE F 381 19.81 56.41 54.98
CA PHE F 381 18.40 56.47 54.59
C PHE F 381 18.15 57.66 53.68
N PHE F 382 17.39 57.41 52.62
CA PHE F 382 16.98 58.46 51.71
C PHE F 382 15.50 58.26 51.42
N PRO F 383 14.68 59.32 51.53
CA PRO F 383 13.25 59.14 51.28
C PRO F 383 12.98 59.00 49.79
N PRO F 384 11.93 58.27 49.41
CA PRO F 384 11.62 58.09 47.99
C PRO F 384 11.16 59.40 47.34
N THR F 385 11.84 59.79 46.27
CA THR F 385 11.73 61.10 45.68
C THR F 385 11.07 61.02 44.31
N LEU F 386 10.06 61.87 44.09
CA LEU F 386 9.43 62.03 42.80
C LEU F 386 9.54 63.50 42.41
N LEU F 387 10.10 63.78 41.25
CA LEU F 387 10.33 65.14 40.80
C LEU F 387 9.38 65.47 39.66
N TYR F 388 9.51 66.69 39.14
CA TYR F 388 8.67 67.15 38.05
C TYR F 388 9.48 68.09 37.18
N CYS F 389 9.20 68.05 35.88
CA CYS F 389 9.87 68.91 34.90
C CYS F 389 8.82 69.50 33.97
N PRO F 390 8.42 70.76 34.17
CA PRO F 390 7.38 71.36 33.33
C PRO F 390 7.85 71.69 31.92
N GLN F 391 9.16 71.71 31.66
CA GLN F 391 9.71 71.94 30.34
C GLN F 391 10.70 70.83 30.05
N PRO F 392 10.22 69.68 29.55
CA PRO F 392 11.13 68.53 29.37
C PRO F 392 12.08 68.68 28.19
N ASP F 393 11.67 69.38 27.14
CA ASP F 393 12.53 69.59 25.98
C ASP F 393 13.38 70.85 26.10
N GLU F 394 13.45 71.45 27.29
CA GLU F 394 14.23 72.66 27.51
C GLU F 394 15.27 72.53 28.60
N THR F 395 15.18 71.51 29.46
CA THR F 395 16.12 71.34 30.55
C THR F 395 17.10 70.23 30.19
N PRO F 396 18.37 70.54 29.89
CA PRO F 396 19.34 69.46 29.64
C PRO F 396 19.79 68.74 30.89
N ALA F 397 19.57 69.31 32.08
CA ALA F 397 20.01 68.67 33.31
C ALA F 397 19.18 67.45 33.65
N VAL F 398 17.94 67.35 33.14
CA VAL F 398 17.16 66.13 33.32
C VAL F 398 17.76 65.02 32.48
N HIS F 399 18.21 65.33 31.27
CA HIS F 399 18.72 64.35 30.33
C HIS F 399 20.23 64.19 30.41
N ALA F 400 20.87 64.63 31.49
CA ALA F 400 22.31 64.43 31.64
C ALA F 400 22.75 64.12 33.06
N THR F 401 21.84 64.02 34.01
CA THR F 401 22.20 63.85 35.42
C THR F 401 21.33 62.77 36.04
N GLU F 402 21.96 61.74 36.57
CA GLU F 402 21.26 60.64 37.22
C GLU F 402 21.47 60.74 38.72
N ALA F 403 20.38 60.68 39.48
CA ALA F 403 20.41 60.67 40.93
C ALA F 403 20.26 59.21 41.36
N PHE F 404 21.35 58.60 41.80
CA PHE F 404 21.41 57.15 41.89
C PHE F 404 20.86 56.67 43.23
N GLY F 405 19.55 56.90 43.40
CA GLY F 405 18.82 56.43 44.54
C GLY F 405 17.36 56.26 44.19
N PRO F 406 16.47 56.59 45.13
CA PRO F 406 15.04 56.44 44.86
C PRO F 406 14.43 57.59 44.08
N VAL F 407 15.26 58.37 43.40
CA VAL F 407 14.82 59.58 42.72
C VAL F 407 14.44 59.24 41.29
N ALA F 408 13.28 59.72 40.85
CA ALA F 408 12.87 59.52 39.46
C ALA F 408 12.01 60.69 39.03
N THR F 409 12.50 61.46 38.05
CA THR F 409 11.80 62.65 37.60
C THR F 409 10.66 62.28 36.66
N LEU F 410 9.68 63.17 36.57
CA LEU F 410 8.50 62.98 35.75
C LEU F 410 8.32 64.20 34.86
N MET F 411 7.80 63.97 33.65
CA MET F 411 7.74 65.01 32.64
C MET F 411 6.70 64.63 31.59
N PRO F 412 5.99 65.60 31.03
CA PRO F 412 4.90 65.29 30.10
C PRO F 412 5.35 65.12 28.66
N ALA F 413 4.45 64.55 27.85
CA ALA F 413 4.68 64.29 26.44
C ALA F 413 3.46 64.72 25.64
N GLN F 414 3.63 64.79 24.31
CA GLN F 414 2.59 65.29 23.40
C GLN F 414 2.40 64.31 22.23
N ASN F 415 1.63 63.24 22.48
CA ASN F 415 1.03 62.36 21.46
C ASN F 415 2.09 61.62 20.63
N GLN F 416 2.93 60.86 21.32
CA GLN F 416 3.80 59.81 20.78
C GLN F 416 4.84 60.29 19.77
N ARG F 417 5.00 61.59 19.58
CA ARG F 417 6.11 62.12 18.81
C ARG F 417 7.01 62.99 19.65
N HIS F 418 6.54 63.45 20.81
CA HIS F 418 7.38 64.05 21.82
C HIS F 418 7.88 63.02 22.81
N ALA F 419 7.10 61.95 23.02
CA ALA F 419 7.51 60.89 23.96
C ALA F 419 8.71 60.12 23.43
N LEU F 420 8.72 59.85 22.13
CA LEU F 420 9.87 59.17 21.52
C LEU F 420 11.11 60.03 21.56
N GLN F 421 10.96 61.35 21.39
CA GLN F 421 12.11 62.23 21.47
C GLN F 421 12.62 62.36 22.89
N LEU F 422 11.72 62.35 23.88
CA LEU F 422 12.16 62.39 25.27
C LEU F 422 12.76 61.06 25.71
N ALA F 423 12.37 59.95 25.07
CA ALA F 423 13.00 58.68 25.36
C ALA F 423 14.39 58.58 24.72
N CYS F 424 14.54 59.14 23.52
CA CYS F 424 15.82 59.13 22.84
C CYS F 424 16.76 60.24 23.30
N ALA F 425 16.27 61.21 24.06
CA ALA F 425 17.11 62.29 24.54
C ALA F 425 17.93 61.91 25.77
N GLY F 426 17.85 60.66 26.22
CA GLY F 426 18.65 60.22 27.35
C GLY F 426 20.12 59.97 27.05
N GLY F 427 20.57 60.21 25.82
CA GLY F 427 21.95 60.03 25.47
C GLY F 427 22.37 58.59 25.33
N GLY F 428 21.41 57.68 25.19
CA GLY F 428 21.73 56.26 25.18
C GLY F 428 21.53 55.65 26.54
N SER F 429 20.47 54.90 26.72
CA SER F 429 20.09 54.36 28.01
C SER F 429 20.39 52.88 28.08
N LEU F 430 19.99 52.26 29.17
CA LEU F 430 20.25 50.86 29.44
C LEU F 430 18.98 50.02 29.49
N ALA F 431 17.85 50.61 29.84
CA ALA F 431 16.57 49.91 29.85
C ALA F 431 15.48 50.94 29.64
N GLY F 432 14.33 50.45 29.19
CA GLY F 432 13.19 51.32 28.94
C GLY F 432 11.92 50.50 28.93
N THR F 433 10.80 51.19 29.08
CA THR F 433 9.51 50.51 29.13
C THR F 433 8.44 51.37 28.50
N LEU F 434 7.78 50.84 27.48
CA LEU F 434 6.52 51.36 27.01
C LEU F 434 5.39 50.53 27.61
N VAL F 435 4.37 51.21 28.11
CA VAL F 435 3.17 50.54 28.62
C VAL F 435 2.03 50.92 27.70
N THR F 436 1.69 50.02 26.77
CA THR F 436 0.55 50.20 25.88
C THR F 436 -0.17 48.86 25.73
N ALA F 437 -1.28 48.89 25.00
CA ALA F 437 -1.91 47.70 24.46
C ALA F 437 -2.03 47.73 22.95
N ASP F 438 -1.92 48.89 22.32
CA ASP F 438 -1.91 49.01 20.87
C ASP F 438 -0.57 48.50 20.35
N PRO F 439 -0.56 47.51 19.46
CA PRO F 439 0.74 46.99 18.99
C PRO F 439 1.46 47.91 18.02
N GLN F 440 0.74 48.75 17.28
CA GLN F 440 1.43 49.64 16.35
C GLN F 440 2.12 50.79 17.08
N ILE F 441 1.64 51.15 18.26
CA ILE F 441 2.35 52.13 19.09
C ILE F 441 3.67 51.55 19.57
N ALA F 442 3.67 50.27 19.93
CA ALA F 442 4.91 49.61 20.32
C ALA F 442 5.86 49.44 19.14
N ARG F 443 5.30 49.21 17.95
CA ARG F 443 6.10 49.14 16.73
C ARG F 443 6.79 50.47 16.45
N GLN F 444 6.03 51.57 16.55
CA GLN F 444 6.61 52.89 16.35
C GLN F 444 7.57 53.27 17.47
N PHE F 445 7.41 52.69 18.66
CA PHE F 445 8.34 52.97 19.74
C PHE F 445 9.66 52.24 19.53
N ILE F 446 9.60 50.98 19.07
CA ILE F 446 10.84 50.24 18.82
C ILE F 446 11.54 50.78 17.59
N ALA F 447 10.79 51.27 16.60
CA ALA F 447 11.41 51.77 15.37
C ALA F 447 12.21 53.05 15.56
N ASP F 448 12.11 53.71 16.71
CA ASP F 448 12.85 54.94 16.94
C ASP F 448 13.65 54.92 18.23
N ALA F 449 13.16 54.19 19.24
CA ALA F 449 13.76 54.21 20.56
C ALA F 449 14.64 53.01 20.85
N ALA F 450 14.80 52.08 19.91
CA ALA F 450 15.76 51.00 20.07
C ALA F 450 17.14 51.37 19.54
N ARG F 451 17.35 52.64 19.20
CA ARG F 451 18.68 53.12 18.84
C ARG F 451 19.45 53.57 20.06
N THR F 452 18.76 53.84 21.16
CA THR F 452 19.37 54.35 22.38
C THR F 452 19.18 53.44 23.58
N HIS F 453 18.41 52.37 23.46
CA HIS F 453 18.15 51.47 24.56
C HIS F 453 18.64 50.08 24.22
N GLY F 454 19.28 49.42 25.18
CA GLY F 454 19.71 48.06 25.00
C GLY F 454 18.70 47.02 25.38
N ARG F 455 17.60 47.41 26.01
CA ARG F 455 16.56 46.50 26.42
C ARG F 455 15.29 47.30 26.62
N ILE F 456 14.20 46.89 25.97
CA ILE F 456 12.94 47.61 26.04
C ILE F 456 11.84 46.62 26.37
N GLN F 457 11.19 46.82 27.51
CA GLN F 457 10.11 45.94 27.95
C GLN F 457 8.79 46.59 27.58
N ILE F 458 8.09 46.03 26.58
CA ILE F 458 6.75 46.51 26.28
C ILE F 458 5.80 45.81 27.24
N LEU F 459 5.20 46.57 28.14
CA LEU F 459 4.47 46.03 29.28
C LEU F 459 2.98 46.19 29.05
N ASN F 460 2.28 45.07 28.86
CA ASN F 460 0.83 45.08 28.78
C ASN F 460 0.26 44.12 29.83
N GLU F 461 -1.04 43.85 29.73
CA GLU F 461 -1.71 43.01 30.71
C GLU F 461 -1.28 41.55 30.60
N GLU F 462 -0.96 41.08 29.39
CA GLU F 462 -0.50 39.71 29.23
C GLU F 462 0.91 39.54 29.76
N SER F 463 1.74 40.57 29.63
CA SER F 463 3.14 40.46 30.04
C SER F 463 3.29 40.49 31.55
N ALA F 464 2.51 41.35 32.22
CA ALA F 464 2.76 41.72 33.61
C ALA F 464 2.51 40.59 34.61
N LYS F 465 1.90 39.48 34.19
CA LYS F 465 1.66 38.38 35.11
C LYS F 465 2.95 37.66 35.46
N GLU F 466 3.71 37.24 34.44
CA GLU F 466 4.96 36.51 34.65
C GLU F 466 6.17 37.30 34.15
N SER F 467 6.07 38.62 34.18
CA SER F 467 7.21 39.47 33.81
C SER F 467 8.27 39.45 34.89
N THR F 468 9.51 39.62 34.46
CA THR F 468 10.62 39.76 35.40
C THR F 468 10.83 41.19 35.88
N GLY F 469 10.18 42.16 35.23
CA GLY F 469 10.27 43.54 35.66
C GLY F 469 11.26 44.34 34.84
N HIS F 470 11.33 45.63 35.16
CA HIS F 470 12.21 46.55 34.46
C HIS F 470 13.65 46.39 34.88
N GLY F 471 13.91 45.92 36.10
CA GLY F 471 15.26 45.91 36.60
C GLY F 471 15.87 44.55 36.82
N SER F 472 15.50 43.59 35.98
CA SER F 472 16.05 42.24 36.02
C SER F 472 16.77 42.00 34.71
N PRO F 473 18.08 42.25 34.63
CA PRO F 473 18.83 41.87 33.43
C PRO F 473 18.93 40.37 33.32
N LEU F 474 18.24 39.79 32.36
CA LEU F 474 18.27 38.35 32.16
C LEU F 474 19.65 37.93 31.65
N PRO F 475 20.14 36.76 32.04
CA PRO F 475 21.46 36.32 31.58
C PRO F 475 21.49 35.87 30.12
N GLN F 476 20.37 35.92 29.41
CA GLN F 476 20.30 35.56 28.00
C GLN F 476 19.73 36.70 27.17
N LEU F 477 19.80 37.93 27.68
CA LEU F 477 19.48 39.13 26.93
C LEU F 477 20.62 40.12 27.07
N VAL F 478 20.81 40.93 26.04
CA VAL F 478 21.92 41.87 26.00
C VAL F 478 21.72 42.95 27.05
N HIS F 479 22.62 43.01 28.02
CA HIS F 479 22.66 44.05 29.03
C HIS F 479 23.72 45.05 28.60
N GLY F 480 23.29 46.18 28.08
CA GLY F 480 24.19 47.20 27.58
C GLY F 480 23.56 48.07 26.51
N GLY F 481 23.76 49.37 26.62
CA GLY F 481 23.20 50.30 25.67
C GLY F 481 24.26 51.23 25.13
N PRO F 482 23.95 51.94 24.05
CA PRO F 482 24.93 52.82 23.43
C PRO F 482 25.14 54.09 24.23
N GLY F 483 26.17 54.84 23.84
CA GLY F 483 26.42 56.17 24.33
C GLY F 483 26.70 56.30 25.81
N ARG F 484 25.74 56.86 26.54
CA ARG F 484 25.94 57.11 27.97
C ARG F 484 25.96 55.82 28.77
N ALA F 485 25.30 54.78 28.29
CA ALA F 485 25.29 53.50 28.98
C ALA F 485 26.61 52.74 28.82
N GLY F 486 27.56 53.25 28.06
CA GLY F 486 28.87 52.65 27.96
C GLY F 486 29.20 52.20 26.55
N GLY F 487 28.22 51.61 25.87
CA GLY F 487 28.44 51.02 24.57
C GLY F 487 28.81 49.56 24.59
N GLY F 488 29.23 49.04 25.73
CA GLY F 488 29.59 47.64 25.84
C GLY F 488 28.38 46.77 26.14
N GLU F 489 28.42 45.54 25.64
CA GLU F 489 27.33 44.61 25.79
C GLU F 489 27.76 43.43 26.66
N GLU F 490 26.85 42.95 27.50
CA GLU F 490 27.05 41.78 28.33
C GLU F 490 25.85 40.88 28.22
N LEU F 491 26.02 39.64 28.68
CA LEU F 491 24.95 38.70 29.00
C LEU F 491 24.09 38.31 27.80
N GLY F 492 24.58 38.43 26.58
CA GLY F 492 23.70 38.21 25.45
C GLY F 492 23.47 36.76 25.07
N GLY F 493 23.43 35.87 26.05
CA GLY F 493 23.47 34.45 25.76
C GLY F 493 24.91 34.05 25.55
N LEU F 494 25.19 33.43 24.42
CA LEU F 494 26.55 33.10 24.04
C LEU F 494 27.27 34.28 23.39
N ARG F 495 26.61 35.43 23.28
CA ARG F 495 27.28 36.63 22.81
C ARG F 495 28.30 37.13 23.84
N ALA F 496 28.10 36.78 25.10
CA ALA F 496 29.01 37.24 26.15
C ALA F 496 30.32 36.48 26.14
N VAL F 497 30.27 35.16 25.85
CA VAL F 497 31.49 34.36 25.88
C VAL F 497 32.38 34.59 24.67
N LYS F 498 31.90 35.32 23.68
CA LYS F 498 32.68 35.68 22.50
C LYS F 498 33.50 36.94 22.71
N HIS F 499 33.24 37.69 23.78
CA HIS F 499 34.12 38.78 24.17
C HIS F 499 35.43 38.26 24.73
N TYR F 500 35.46 37.00 25.17
CA TYR F 500 36.62 36.42 25.81
C TYR F 500 37.35 35.46 24.88
N MET F 501 37.10 35.59 23.57
CA MET F 501 37.68 34.72 22.57
C MET F 501 38.19 35.56 21.42
N GLN F 502 38.85 34.89 20.49
CA GLN F 502 39.30 35.49 19.24
C GLN F 502 38.67 34.75 18.08
N ARG F 503 38.00 35.50 17.21
CA ARG F 503 37.32 34.94 16.06
C ARG F 503 38.29 34.90 14.87
N THR F 504 38.75 33.70 14.53
CA THR F 504 39.75 33.50 13.49
C THR F 504 39.11 32.80 12.31
N ALA F 505 39.23 33.40 11.13
CA ALA F 505 38.72 32.81 9.90
C ALA F 505 39.79 31.90 9.33
N VAL F 506 39.68 30.61 9.62
CA VAL F 506 40.68 29.65 9.17
C VAL F 506 40.32 29.20 7.77
N GLN F 507 41.22 29.45 6.81
CA GLN F 507 41.06 29.00 5.44
C GLN F 507 41.75 27.66 5.24
N GLY F 508 41.55 27.07 4.06
CA GLY F 508 42.20 25.83 3.72
C GLY F 508 41.24 24.85 3.08
N SER F 509 41.76 23.66 2.82
CA SER F 509 40.94 22.61 2.23
C SER F 509 39.95 22.07 3.27
N PRO F 510 38.80 21.55 2.82
CA PRO F 510 37.83 21.00 3.78
C PRO F 510 38.32 19.79 4.53
N THR F 511 39.24 19.01 3.95
CA THR F 511 39.87 17.92 4.68
C THR F 511 40.86 18.42 5.72
N MET F 512 41.22 19.69 5.67
CA MET F 512 42.05 20.31 6.69
C MET F 512 41.21 21.02 7.74
N LEU F 513 40.14 21.69 7.29
CA LEU F 513 39.21 22.35 8.19
C LEU F 513 38.47 21.34 9.06
N ALA F 514 38.27 20.13 8.55
CA ALA F 514 37.66 19.07 9.34
C ALA F 514 38.54 18.65 10.50
N ALA F 515 39.85 18.52 10.26
CA ALA F 515 40.76 18.11 11.32
C ALA F 515 41.05 19.25 12.29
N ILE F 516 41.01 20.50 11.81
CA ILE F 516 41.15 21.64 12.71
C ILE F 516 39.93 21.76 13.61
N SER F 517 38.74 21.66 13.03
CA SER F 517 37.50 21.84 13.78
C SER F 517 37.12 20.65 14.62
N LYS F 518 37.80 19.50 14.44
CA LYS F 518 37.41 18.19 14.99
C LYS F 518 35.98 17.82 14.61
N GLN F 519 35.57 18.21 13.43
CA GLN F 519 34.26 17.87 12.88
C GLN F 519 34.46 17.35 11.46
N TRP F 520 33.38 17.17 10.71
CA TRP F 520 33.44 16.91 9.29
C TRP F 520 32.69 18.03 8.61
N VAL F 521 33.22 18.56 7.50
CA VAL F 521 32.63 19.83 7.12
C VAL F 521 31.80 19.73 5.84
N ARG F 522 32.42 19.67 4.67
CA ARG F 522 31.64 19.37 3.48
C ARG F 522 32.36 18.47 2.48
N GLY F 523 33.65 18.73 2.27
CA GLY F 523 34.38 18.06 1.21
C GLY F 523 35.61 17.37 1.76
N ALA F 524 35.53 16.98 3.03
CA ALA F 524 36.66 16.34 3.68
C ALA F 524 36.79 14.89 3.24
N LYS F 525 37.93 14.29 3.57
CA LYS F 525 38.10 12.87 3.36
C LYS F 525 37.23 12.10 4.35
N VAL F 526 36.87 10.88 3.96
CA VAL F 526 35.88 10.09 4.66
C VAL F 526 36.53 8.81 5.15
N GLU F 527 35.91 8.20 6.16
CA GLU F 527 36.44 7.01 6.79
C GLU F 527 35.39 5.91 6.63
N GLU F 528 35.42 5.24 5.49
CA GLU F 528 34.54 4.10 5.22
C GLU F 528 35.25 2.84 5.71
N ASP F 529 34.72 2.20 6.75
CA ASP F 529 35.43 1.11 7.39
C ASP F 529 34.58 -0.14 7.51
N ARG F 530 33.82 -0.45 6.46
CA ARG F 530 33.29 -1.79 6.14
C ARG F 530 32.15 -2.23 7.07
N ILE F 531 31.90 -1.51 8.16
CA ILE F 531 30.78 -1.78 9.05
C ILE F 531 29.96 -0.49 9.18
N HIS F 532 28.79 -0.63 9.79
CA HIS F 532 27.80 0.42 9.70
C HIS F 532 28.06 1.47 10.78
N PRO F 533 27.88 2.76 10.48
CA PRO F 533 28.08 3.80 11.50
C PRO F 533 27.06 3.77 12.62
N PHE F 534 25.88 3.19 12.43
CA PHE F 534 24.91 3.09 13.52
C PHE F 534 25.19 1.90 14.43
N ARG F 535 26.20 1.10 14.12
CA ARG F 535 26.63 0.03 14.99
C ARG F 535 27.69 0.46 15.97
N LYS F 536 28.38 1.57 15.69
CA LYS F 536 29.40 2.08 16.59
C LYS F 536 28.76 2.82 17.74
N TYR F 537 29.37 2.70 18.93
CA TYR F 537 28.96 3.49 20.08
C TYR F 537 29.47 4.92 19.94
N PHE F 538 29.16 5.74 20.95
CA PHE F 538 29.49 7.15 20.90
C PHE F 538 30.99 7.38 20.90
N GLU F 539 31.72 6.61 21.69
CA GLU F 539 33.15 6.85 21.85
C GLU F 539 33.96 6.41 20.64
N GLU F 540 33.44 5.51 19.82
CA GLU F 540 34.13 5.04 18.64
C GLU F 540 33.60 5.62 17.34
N LEU F 541 32.55 6.42 17.39
CA LEU F 541 32.18 7.25 16.25
C LEU F 541 33.17 8.40 16.10
N GLN F 542 33.71 8.54 14.91
CA GLN F 542 34.55 9.68 14.62
C GLN F 542 33.88 10.61 13.63
N PRO F 543 34.07 11.92 13.75
CA PRO F 543 33.50 12.83 12.75
C PRO F 543 34.18 12.67 11.40
N GLY F 544 33.48 12.02 10.49
CA GLY F 544 34.04 11.66 9.20
C GLY F 544 33.72 10.22 8.86
N ASP F 545 33.13 9.50 9.82
CA ASP F 545 32.70 8.12 9.60
C ASP F 545 31.57 8.10 8.59
N SER F 546 31.86 7.69 7.37
CA SER F 546 30.91 7.84 6.29
C SER F 546 30.29 6.50 5.93
N LEU F 547 29.35 6.58 4.99
CA LEU F 547 28.53 5.45 4.60
C LEU F 547 27.92 5.77 3.24
N LEU F 548 28.27 5.00 2.23
CA LEU F 548 27.64 5.14 0.91
C LEU F 548 26.57 4.07 0.81
N THR F 549 25.31 4.50 0.83
CA THR F 549 24.18 3.60 0.85
C THR F 549 23.98 2.98 -0.53
N PRO F 550 23.23 1.87 -0.61
CA PRO F 550 22.75 1.41 -1.92
C PRO F 550 21.74 2.38 -2.51
N ARG F 551 21.50 2.22 -3.81
CA ARG F 551 20.65 3.17 -4.52
C ARG F 551 19.18 2.79 -4.41
N ARG F 552 18.33 3.66 -4.94
CA ARG F 552 16.90 3.40 -5.01
C ARG F 552 16.32 4.22 -6.16
N THR F 553 15.74 3.53 -7.13
CA THR F 553 15.18 4.19 -8.29
C THR F 553 13.82 4.78 -7.94
N MET F 554 13.68 6.09 -8.13
CA MET F 554 12.40 6.75 -7.90
C MET F 554 11.51 6.54 -9.12
N THR F 555 10.30 6.08 -8.89
CA THR F 555 9.37 5.79 -9.97
C THR F 555 8.07 6.52 -9.71
N GLU F 556 7.14 6.39 -10.66
CA GLU F 556 5.84 7.01 -10.52
C GLU F 556 5.02 6.34 -9.42
N ALA F 557 5.24 5.05 -9.20
CA ALA F 557 4.55 4.33 -8.13
C ALA F 557 5.01 4.81 -6.76
N ASP F 558 6.27 5.23 -6.62
CA ASP F 558 6.75 5.81 -5.38
C ASP F 558 6.03 7.12 -5.06
N ILE F 559 5.86 7.97 -6.07
CA ILE F 559 5.13 9.22 -5.91
C ILE F 559 3.69 8.96 -5.54
N VAL F 560 3.06 7.97 -6.19
CA VAL F 560 1.66 7.65 -5.94
C VAL F 560 1.48 7.12 -4.52
N ASN F 561 2.32 6.17 -4.11
CA ASN F 561 2.20 5.60 -2.78
C ASN F 561 2.53 6.60 -1.68
N PHE F 562 3.47 7.52 -1.92
CA PHE F 562 3.74 8.49 -0.87
C PHE F 562 2.69 9.59 -0.80
N ALA F 563 2.15 10.02 -1.94
CA ALA F 563 1.06 10.97 -1.95
C ALA F 563 -0.20 10.39 -1.34
N CYS F 564 -0.42 9.09 -1.51
CA CYS F 564 -1.56 8.44 -0.89
C CYS F 564 -1.36 8.30 0.61
N LEU F 565 -0.20 7.79 1.02
CA LEU F 565 0.06 7.50 2.43
C LEU F 565 0.14 8.77 3.27
N SER F 566 0.92 9.75 2.83
CA SER F 566 1.05 10.98 3.58
C SER F 566 -0.22 11.82 3.52
N GLY F 567 -0.97 11.71 2.43
CA GLY F 567 -2.09 12.59 2.18
C GLY F 567 -1.73 13.86 1.43
N ASP F 568 -0.46 14.01 1.06
CA ASP F 568 0.03 15.21 0.36
C ASP F 568 -0.26 15.01 -1.12
N HIS F 569 -1.37 15.56 -1.59
CA HIS F 569 -1.80 15.41 -2.98
C HIS F 569 -1.55 16.68 -3.78
N PHE F 570 -0.40 17.32 -3.54
CA PHE F 570 0.01 18.55 -4.19
C PHE F 570 0.10 18.36 -5.71
N TYR F 571 -0.16 19.45 -6.46
CA TYR F 571 -0.42 19.33 -7.89
C TYR F 571 0.82 19.01 -8.70
N ALA F 572 2.02 19.31 -8.19
CA ALA F 572 3.23 18.96 -8.90
C ALA F 572 3.62 17.50 -8.74
N HIS F 573 2.82 16.71 -8.01
CA HIS F 573 3.06 15.30 -7.78
C HIS F 573 1.95 14.41 -8.28
N MET F 574 0.71 14.93 -8.33
CA MET F 574 -0.46 14.13 -8.70
C MET F 574 -1.14 14.57 -9.97
N ASP F 575 -0.79 15.72 -10.53
CA ASP F 575 -1.43 16.23 -11.73
C ASP F 575 -0.39 16.27 -12.85
N LYS F 576 -0.71 15.61 -13.97
CA LYS F 576 0.16 15.62 -15.13
C LYS F 576 0.07 16.93 -15.89
N ILE F 577 -1.09 17.58 -15.87
CA ILE F 577 -1.31 18.80 -16.63
C ILE F 577 -0.69 19.99 -15.93
N ALA F 578 -0.94 20.12 -14.63
CA ALA F 578 -0.46 21.28 -13.88
C ALA F 578 1.04 21.24 -13.68
N ALA F 579 1.64 20.05 -13.69
CA ALA F 579 3.09 19.96 -13.55
C ALA F 579 3.81 20.45 -14.79
N ALA F 580 3.15 20.37 -15.95
CA ALA F 580 3.73 20.92 -17.17
C ALA F 580 3.67 22.44 -17.21
N GLU F 581 2.71 23.03 -16.49
CA GLU F 581 2.57 24.48 -16.40
C GLU F 581 3.30 25.06 -15.18
N SER F 582 4.06 24.24 -14.47
CA SER F 582 4.76 24.64 -13.26
C SER F 582 6.23 24.89 -13.58
N ILE F 583 7.02 25.13 -12.53
CA ILE F 583 8.44 25.41 -12.72
C ILE F 583 9.25 24.13 -12.93
N PHE F 584 8.67 22.97 -12.64
CA PHE F 584 9.40 21.72 -12.74
C PHE F 584 9.34 21.11 -14.13
N GLY F 585 8.29 21.39 -14.89
CA GLY F 585 8.11 20.85 -16.22
C GLY F 585 7.38 19.54 -16.28
N GLU F 586 7.57 18.67 -15.29
CA GLU F 586 6.83 17.43 -15.17
C GLU F 586 6.70 17.09 -13.70
N ARG F 587 6.09 15.94 -13.41
CA ARG F 587 5.81 15.56 -12.04
C ARG F 587 7.10 15.15 -11.33
N VAL F 588 7.24 15.61 -10.09
CA VAL F 588 8.45 15.37 -9.32
C VAL F 588 8.09 14.55 -8.10
N VAL F 589 9.10 13.86 -7.56
CA VAL F 589 8.94 13.14 -6.31
C VAL F 589 8.80 14.16 -5.19
N HIS F 590 8.01 13.82 -4.18
CA HIS F 590 7.92 14.62 -2.95
C HIS F 590 9.28 14.80 -2.32
N GLY F 591 9.51 15.98 -1.76
CA GLY F 591 10.73 16.20 -1.00
C GLY F 591 10.77 15.39 0.28
N TYR F 592 9.62 15.18 0.90
CA TYR F 592 9.56 14.36 2.10
C TYR F 592 9.72 12.88 1.78
N PHE F 593 9.40 12.46 0.56
CA PHE F 593 9.72 11.08 0.21
C PHE F 593 11.20 10.90 -0.07
N VAL F 594 11.88 11.93 -0.56
CA VAL F 594 13.34 11.89 -0.64
C VAL F 594 13.93 11.83 0.77
N LEU F 595 13.36 12.61 1.69
CA LEU F 595 13.82 12.65 3.07
C LEU F 595 13.54 11.32 3.80
N SER F 596 12.48 10.62 3.44
CA SER F 596 12.16 9.35 4.09
C SER F 596 12.87 8.18 3.41
N ALA F 597 13.05 8.24 2.09
CA ALA F 597 13.77 7.19 1.40
C ALA F 597 15.25 7.24 1.70
N ALA F 598 15.78 8.42 2.03
CA ALA F 598 17.14 8.52 2.53
C ALA F 598 17.32 7.70 3.80
N ALA F 599 16.45 7.94 4.80
CA ALA F 599 16.49 7.16 6.04
C ALA F 599 16.16 5.69 5.80
N GLY F 600 15.40 5.38 4.75
CA GLY F 600 15.29 3.99 4.34
C GLY F 600 16.60 3.43 3.85
N LEU F 601 17.45 4.27 3.26
CA LEU F 601 18.72 3.78 2.74
C LEU F 601 19.83 3.74 3.79
N PHE F 602 19.80 4.55 4.86
CA PHE F 602 20.90 4.46 5.81
C PHE F 602 20.57 3.91 7.20
N VAL F 603 19.31 3.91 7.63
CA VAL F 603 19.04 3.52 9.02
C VAL F 603 19.18 2.02 9.18
N ASP F 604 20.04 1.61 10.11
CA ASP F 604 20.24 0.21 10.43
C ASP F 604 19.06 -0.31 11.23
N ALA F 605 18.57 -1.49 10.86
CA ALA F 605 17.37 -2.03 11.48
C ALA F 605 17.63 -2.62 12.86
N GLY F 606 18.86 -3.04 13.13
CA GLY F 606 19.13 -3.77 14.36
C GLY F 606 19.20 -2.89 15.59
N VAL F 607 19.11 -3.54 16.74
CA VAL F 607 19.25 -2.86 18.02
C VAL F 607 20.70 -2.47 18.22
N GLY F 608 20.94 -1.20 18.49
CA GLY F 608 22.29 -0.72 18.68
C GLY F 608 22.36 0.53 19.53
N PRO F 609 23.43 1.30 19.36
CA PRO F 609 23.62 2.51 20.16
C PRO F 609 22.68 3.64 19.80
N VAL F 610 22.16 3.67 18.57
CA VAL F 610 21.27 4.75 18.15
C VAL F 610 19.93 4.59 18.87
N ILE F 611 19.53 5.64 19.59
CA ILE F 611 18.34 5.60 20.41
C ILE F 611 17.18 6.31 19.75
N ALA F 612 17.37 7.57 19.36
CA ALA F 612 16.24 8.36 18.90
C ALA F 612 16.55 9.12 17.61
N ASN F 613 15.62 9.98 17.21
CA ASN F 613 15.70 10.76 15.98
C ASN F 613 15.94 12.23 16.24
N TYR F 614 15.25 12.82 17.22
CA TYR F 614 15.65 14.03 17.95
C TYR F 614 15.58 15.31 17.13
N GLY F 615 15.37 15.23 15.83
CA GLY F 615 15.28 16.43 15.04
C GLY F 615 16.08 16.32 13.77
N LEU F 616 16.19 17.46 13.08
CA LEU F 616 16.79 17.55 11.75
C LEU F 616 17.15 19.01 11.54
N GLU F 617 18.43 19.29 11.33
CA GLU F 617 18.93 20.65 11.52
C GLU F 617 18.55 21.59 10.38
N SER F 618 19.05 21.33 9.17
CA SER F 618 18.95 22.33 8.11
C SER F 618 18.75 21.64 6.77
N LEU F 619 17.51 21.52 6.34
CA LEU F 619 17.16 20.87 5.08
C LEU F 619 17.01 21.89 3.98
N ARG F 620 17.64 21.62 2.85
CA ARG F 620 17.42 22.38 1.62
C ARG F 620 17.28 21.41 0.48
N PHE F 621 16.25 21.60 -0.34
CA PHE F 621 16.10 20.86 -1.58
C PHE F 621 16.68 21.71 -2.71
N ILE F 622 17.48 21.09 -3.56
CA ILE F 622 18.31 21.80 -4.53
C ILE F 622 17.84 21.53 -5.96
N GLU F 623 17.77 20.26 -6.34
CA GLU F 623 17.26 19.90 -7.64
C GLU F 623 16.06 18.97 -7.47
N PRO F 624 15.09 19.02 -8.37
CA PRO F 624 13.93 18.14 -8.25
C PRO F 624 14.26 16.71 -8.61
N VAL F 625 13.72 15.78 -7.83
CA VAL F 625 13.85 14.35 -8.10
C VAL F 625 12.63 13.92 -8.90
N LYS F 626 12.86 13.22 -9.99
CA LYS F 626 11.85 12.84 -10.96
C LYS F 626 11.64 11.33 -10.97
N PRO F 627 10.65 10.82 -11.69
CA PRO F 627 10.63 9.39 -11.98
C PRO F 627 11.74 9.01 -12.95
N GLY F 628 12.25 7.79 -12.79
CA GLY F 628 13.36 7.33 -13.58
C GLY F 628 14.63 8.06 -13.19
N ASP F 629 14.92 8.07 -11.89
CA ASP F 629 15.96 8.93 -11.35
C ASP F 629 16.37 8.30 -10.02
N THR F 630 17.49 7.58 -10.03
CA THR F 630 17.94 6.85 -8.85
C THR F 630 18.45 7.81 -7.78
N ILE F 631 18.48 7.33 -6.55
CA ILE F 631 18.78 8.15 -5.38
C ILE F 631 19.79 7.41 -4.52
N GLN F 632 20.90 8.05 -4.21
CA GLN F 632 21.92 7.46 -3.37
C GLN F 632 22.30 8.47 -2.29
N VAL F 633 22.55 7.97 -1.10
CA VAL F 633 22.67 8.77 0.11
C VAL F 633 24.07 8.60 0.68
N ARG F 634 24.67 9.69 1.15
CA ARG F 634 25.98 9.66 1.78
C ARG F 634 25.84 10.11 3.23
N LEU F 635 25.61 9.16 4.12
CA LEU F 635 25.57 9.44 5.54
C LEU F 635 26.99 9.57 6.08
N THR F 636 27.27 10.65 6.79
CA THR F 636 28.57 10.81 7.42
C THR F 636 28.49 11.65 8.70
N CYS F 637 29.27 11.26 9.69
CA CYS F 637 29.23 11.85 11.02
C CYS F 637 29.88 13.22 11.04
N LYS F 638 29.28 14.14 11.78
CA LYS F 638 29.69 15.54 11.76
C LYS F 638 30.06 16.09 13.13
N ARG F 639 29.22 15.90 14.14
CA ARG F 639 29.47 16.40 15.49
C ARG F 639 29.17 15.31 16.50
N LYS F 640 29.75 15.41 17.70
CA LYS F 640 29.50 14.39 18.70
C LYS F 640 28.81 14.91 19.95
N THR F 641 29.40 15.86 20.70
CA THR F 641 28.77 16.68 21.74
C THR F 641 27.96 15.88 22.77
N LEU F 642 28.67 15.13 23.62
CA LEU F 642 28.01 14.26 24.60
C LEU F 642 27.17 15.04 25.61
N LYS F 643 26.07 14.43 26.03
CA LYS F 643 25.18 15.00 27.03
C LYS F 643 25.71 14.68 28.42
N LYS F 644 24.92 14.95 29.46
CA LYS F 644 25.46 14.97 30.81
C LYS F 644 24.85 13.99 31.79
N GLN F 645 23.80 13.23 31.40
CA GLN F 645 23.20 12.16 32.19
C GLN F 645 22.66 12.70 33.53
N ARG F 646 21.56 13.47 33.39
CA ARG F 646 21.02 14.27 34.49
C ARG F 646 20.59 13.46 35.72
N SER F 647 20.37 12.16 35.58
CA SER F 647 20.00 11.33 36.71
C SER F 647 20.93 10.14 36.84
N ALA F 648 20.62 9.22 37.76
CA ALA F 648 21.35 7.97 37.86
C ALA F 648 20.68 6.83 37.11
N GLU F 649 19.40 6.97 36.80
CA GLU F 649 18.66 5.96 36.05
C GLU F 649 18.83 6.14 34.54
N GLU F 650 19.08 7.36 34.09
CA GLU F 650 19.17 7.64 32.66
C GLU F 650 20.46 7.08 32.08
N LYS F 651 20.37 6.60 30.85
CA LYS F 651 21.48 6.00 30.15
C LYS F 651 22.48 7.08 29.71
N PRO F 652 23.77 6.76 29.69
CA PRO F 652 24.75 7.71 29.14
C PRO F 652 24.62 7.78 27.63
N THR F 653 24.40 9.00 27.13
CA THR F 653 24.09 9.20 25.72
C THR F 653 24.75 10.47 25.23
N GLY F 654 24.86 10.59 23.91
CA GLY F 654 25.44 11.77 23.28
C GLY F 654 24.76 12.09 21.96
N VAL F 655 24.62 13.37 21.63
CA VAL F 655 23.80 13.77 20.48
C VAL F 655 24.72 13.95 19.27
N VAL F 656 24.88 12.86 18.53
CA VAL F 656 25.68 12.87 17.32
C VAL F 656 24.87 13.49 16.19
N GLU F 657 25.49 14.42 15.46
CA GLU F 657 24.89 14.99 14.27
C GLU F 657 25.54 14.37 13.05
N TRP F 658 24.71 13.86 12.15
CA TRP F 658 25.15 13.30 10.88
C TRP F 658 24.79 14.24 9.74
N ALA F 659 25.73 14.42 8.81
CA ALA F 659 25.48 15.21 7.62
C ALA F 659 25.07 14.27 6.49
N VAL F 660 23.88 14.47 5.95
CA VAL F 660 23.30 13.56 4.97
C VAL F 660 23.35 14.25 3.61
N GLU F 661 24.00 13.61 2.64
CA GLU F 661 24.22 14.18 1.32
C GLU F 661 23.60 13.21 0.31
N VAL F 662 22.32 13.43 0.01
CA VAL F 662 21.65 12.66 -1.02
C VAL F 662 22.13 13.14 -2.38
N PHE F 663 22.20 12.24 -3.36
CA PHE F 663 22.47 12.63 -4.74
C PHE F 663 21.81 11.64 -5.67
N ASN F 664 21.93 11.90 -6.97
CA ASN F 664 21.31 11.07 -8.00
C ASN F 664 22.40 10.48 -8.91
N GLN F 665 21.96 9.89 -10.03
CA GLN F 665 22.88 9.20 -10.94
C GLN F 665 23.88 10.14 -11.61
N HIS F 666 23.59 11.43 -11.69
CA HIS F 666 24.54 12.39 -12.22
C HIS F 666 25.43 12.96 -11.13
N GLN F 667 25.31 12.45 -9.91
CA GLN F 667 26.01 12.91 -8.70
C GLN F 667 25.78 14.40 -8.44
N THR F 668 24.60 14.91 -8.81
CA THR F 668 24.37 16.25 -8.30
C THR F 668 23.57 16.16 -7.01
N PRO F 669 23.90 16.96 -6.01
CA PRO F 669 23.30 16.77 -4.68
C PRO F 669 21.89 17.29 -4.55
N VAL F 670 20.89 16.46 -4.87
CA VAL F 670 19.54 16.75 -4.41
C VAL F 670 19.51 16.58 -2.89
N ALA F 671 18.92 17.55 -2.19
CA ALA F 671 18.51 17.43 -0.79
C ALA F 671 19.66 17.10 0.16
N LEU F 672 20.58 18.05 0.33
CA LEU F 672 21.61 17.90 1.35
C LEU F 672 21.15 18.53 2.65
N TYR F 673 21.35 17.82 3.75
CA TYR F 673 20.81 18.23 5.04
C TYR F 673 21.63 17.58 6.14
N SER F 674 21.09 17.58 7.36
CA SER F 674 21.88 17.24 8.53
C SER F 674 20.93 16.79 9.64
N ILE F 675 20.98 15.52 10.01
CA ILE F 675 20.14 14.98 11.06
C ILE F 675 20.89 14.97 12.38
N LEU F 676 20.15 15.26 13.45
CA LEU F 676 20.62 14.99 14.80
C LEU F 676 20.21 13.58 15.16
N THR F 677 20.91 12.99 16.12
CA THR F 677 20.61 11.62 16.55
C THR F 677 21.12 11.44 17.96
N LEU F 678 20.28 10.86 18.82
CA LEU F 678 20.65 10.56 20.19
C LEU F 678 21.31 9.18 20.20
N VAL F 679 22.61 9.15 20.48
CA VAL F 679 23.44 7.94 20.37
C VAL F 679 23.99 7.61 21.75
N ALA F 680 23.85 6.35 22.16
CA ALA F 680 24.23 5.94 23.50
C ALA F 680 25.74 5.84 23.66
N ARG F 681 26.22 6.23 24.83
CA ARG F 681 27.63 6.12 25.18
C ARG F 681 27.92 4.76 25.79
N GLN F 682 29.18 4.32 25.64
CA GLN F 682 29.61 3.09 26.29
C GLN F 682 29.94 3.33 27.77
N HIS F 683 30.52 4.48 28.08
CA HIS F 683 30.97 4.79 29.44
C HIS F 683 30.38 6.11 29.90
N GLY F 684 29.71 6.08 31.06
CA GLY F 684 29.16 7.26 31.67
C GLY F 684 29.92 7.66 32.93
N ASP F 685 29.35 8.64 33.64
CA ASP F 685 29.96 9.12 34.87
C ASP F 685 28.96 9.20 36.02
N PHE F 686 27.68 9.43 35.71
CA PHE F 686 26.66 9.59 36.74
C PHE F 686 25.77 8.35 36.84
#